data_9FJS
#
_entry.id   9FJS
#
_cell.length_a   1.00
_cell.length_b   1.00
_cell.length_c   1.00
_cell.angle_alpha   90.00
_cell.angle_beta   90.00
_cell.angle_gamma   90.00
#
_symmetry.space_group_name_H-M   'P 1'
#
loop_
_entity.id
_entity.type
_entity.pdbx_description
1 polymer 'DNA-directed RNA polymerase subunit alpha'
2 polymer 'DNA-directed RNA polymerase subunit beta'
3 polymer "DNA-directed RNA polymerase subunit beta'"
4 polymer 'DNA-directed RNA polymerase subunit omega'
5 polymer 'RNA polymerase sigma factor SigB'
6 polymer 'DNA (17-MER)'
7 non-polymer 'ZINC ION'
8 non-polymer 'MAGNESIUM ION'
#
loop_
_entity_poly.entity_id
_entity_poly.type
_entity_poly.pdbx_seq_one_letter_code
_entity_poly.pdbx_strand_id
1 'polypeptide(L)'
;MLISQRPTLSEDVLTDNRSQFVIEPLEPGFGYTLGNSLRRTLLSSIPGAAVTSIRIDGVLHEFTTVPGVKEDVTEIILNL
KSLVVSSEEDEPVTMYLRKQGPGEVTAGDIVPPAGVTVHNPGMHIATLNDKGKLEVELVVERGRGYVPAVQNRASGAEIG
RIPVDSIYSPVLKVTYKVDATRVEQRTDFDKLILDVETKNSISPRDALASAGKTLVELFGLARELNVEAEGIEIGPSPAE
ADHIASFALPIDDLDLTVRSYNCLKREGVHTVGELVARTESDLLDIRNFGQKSIDEVKIKLHQLGLSLKDSPPSFDPSEV
AGYDVATGTWSTEGAYDEQDYAETEQL
;
a,b
2 'polypeptide(L)'
;MVLADSRQSKTAASPSPSRPQSSSNNSVPGAPNRVSFAKLREPLEVPGLLDVQTDSFEWLIGSPRWRESAAERGDVNPVG
GLEEVLYELSPIEDFSGSMSLSFSDPRFDDVKAPVDECKDKDMTYAAPLFVTAEFINNNTGEIKSQTVFMGDFPMMTEKG
TFIINGTERVVVSQLVRSPGVYFDETIDKSTDKTLHSVKVIPSRGAWLEFDVDKRDTVGVRIDRKRRQPVTVLLKALGWT
SEQIVERFGFSEIMRSTLEKDNTVGTDEALLDIYRKLRPGEPPTKESAQTLLENLFFKEKRYDLARVGRYKVNKKLGLHV
GEPITSSTLTEEDVVATIEYLVRLHEGQTTMTVPGGVEVPVETDDIDHFGNRRLRTVGELIQNQIRVGMSRMERVVRERM
TTQDVEAITPQTLINIRPVVAAIKEFFGTSQLSQFMDQNNPLSGLTHKRRLSALGPGGLSRERAGLEVRDVHPSHYGRMC
PIETPEGPNIGLIGSLSVYARVNPFGFIETPYRKVVDGVVSDEIVYLTADEEDRHVVAQANSPIDADGRFVEPRVLVRRK
AGEVEYVPSSEVDYMDVSPRQMVSVATAMIPFLEHDDANRALMGANMQRQAVPLVRSEAPLVGTGMELRAAIDAGDVVVA
EESGVIEEVSADYITVMHDNGTRRTYRMRKFARSNHGTCANQCPIVDAGDRVEAGQVIADGPCTDDGEMALGKNLLVAIM
PWEGHNYEDAIILSNRLVEEDVLTSIHIEEHEIDARDTKLGAEEITRDIPNISDEVLADLDERGIVRIGAEVRDGDILVG
KVTPKGETELTPEERLLRAIFGEKAREVRDTSLKVPHGESGKVIGIRVFSREDEDELPAGVNELVRVYVAQKRKISDGDK
LAGRHGNKGVIGKILPVEDMPFLADGTPVDIILNTHGVPRRMNIGQILETHLGWCAHSGWKVDAAKGVPDWAARLPDELL
EAQPNAIVSTPVFDGAQEAELQGLLSCTLPNRDGDVLVDADGKAMLFDGRSGEPFPYPVTVGYMYIMKLHHLVDDKIHAR
STGPYSMITQQPLGGKAQFGGQRFGEMECWAMQAYGAAYTLQELLTIKSDDTVGRVKVYEAIVKGENIPEPGIPESFKVL
LKELQSLCLNVEVLSSDGAAIELREGEDEDLERAAANLGINLSRNESASVEDLA
;
c
3 'polypeptide(L)'
;VNFFDELRIGLATAEDIRQWSYGEVKKPETINYRTLKPEKDGLFCEKIFGPTRDWECYCGKYKRVRFKGIICERCGVEVT
RAKVRRERMGHIELAAPVTHIWYFKGVPSRLGYLLDLAPKDLEKIIYFAAYVITSVDEEMRHNELSTLEAEMAVERKAVE
DQRDGELEARAQKLEADLAELEAEGAKADARRKVRDGGEREMRQIRDRAQRELDRLEDIWSTFTKLAPKQLIVDENLYRE
LVDRYGEYFTGAMGAESIQKLIENFDIDAEAESLRDVIRNGKGQKKLRALKRLKVVAAFQQSGNSPMGMVLDAVPVIPPE
LRPMVQLDGGRFATSDLNDLYRRVINRNNRLKRLIDLGAPEIIVNNEKRMLQESVDALFDNGRRGRPVTGPGNRPLKSLS
DLLKGKQGRFRQNLLGKRVDYSGRSVIVVGPQLKLHQCGLPKLMALELFKPFVMKRLVDLNHAQNIKSAKRMVERQRPQV
WDVLEEVIAEHPVLLNRAPTLHRLGIQAFEPMLVEGKAIQLHPLVCEAFNADFDGDQMAVHLPLSAEAQAEARILMLSSN
NILSPASGRPLAMPRLDMVTGLYYLTTEVPGDTGEYQPASGDHPETGVYSSPAEAIMAADRGVLSVRAKIKVRLTQLRPP
VEIEAELFGHSGWQPGDAWMAETTLGRVMFNELLPLGYPFVNKQMHKKVQAAIINDLAERYPMIVVAQTVDKLKDAGFYW
ATRSGVTVSMADVLVPPRKKEILDHYEERADKVEKQFQRGALNHDERNEALVEIWKEATDEVGQALREHYPDDNPIITIV
DSGATGNFTQTRTLAGMKGLVTNPKGEFIPRPVKSSFREGLTVLEYFINTHGARKGLADTALRTADSGYLTRRLVDVSQD
VIVREHDCQTERGIVVELAERAPDGTLIRDPYIETSAYARTLGTDAVDEAGNVIVERGQDLGDPEIDALLAAGITQVKVR
SVLTCATSTGVCATCYGRSMATGKLVDIGEAVGIVAAQSIGEPGTQLTMRTFHQGGVGEDITGGLPRVQELFEARVPRGK
APIADVTGRVRLEDGERFYKITIVPDDGGEEVVYDKISKRQRLRVFKHEDGSERVLSDGDHVEVGQQLMEGSADPHEVLR
VQGPREVQIHLVREVQEVYRAQGVSIHDKHIEVIVRQMLRRVTIIDSGSTEFLPGSLIDRAEFEAENRRVVAEGGEPAAG
RPVLMGITKASLATDSWLSAASFQETTRVLTDAAINCRSDKLNGLKENVIIGKLIPAGTGINRYRNIAVQPTEEARAAAY
TIPSYEDQYYSPDFGAATGAAVPLDDYGYSDYRHHHHHH
;
d
4 'polypeptide(L)'
;MSISQSDASLAAVPAVDQFDPSSGASGGYDTPLGITNPPIDELLDRVSSKYALVIYAAKRARQINDYYNQLGEGILEYVG
PLVEPGLQEKPLSIALREIHADLLEHTEGE
;
e
5 'polypeptide(L)'
;MGSSHHHHHHSSGLVPRGSHMADAPTRATTSRVDSDLDAQSPAADLVRVYLNGIGKTALLNAAGEVELAKRIEAGLYAEH
LLETRKRLGENRKRDLAAVVRDGEAARRHLLEANLRLVVSLAKRYTGRGMPLLDLIQEGNLGLIRAMEKFDYTKGFKFST
YATWWIRQAITRGMADQSRTIRLPVHLVEQVNKLARIKREMHQHLGREATDEELAAESGIPIDKINDLLEHSRDPVSLDM
PVGSEEEAPLGDFIEDAEAMSAENAVIAELLHTDIRSVLATLDEREHQVIRLRFGLDDGQPRTLDQIGKLFGLSRERVRQ
IERDVMSKLRHGERADRLRSYAS
;
f
6 'polydeoxyribonucleotide' (DT)(DG)(DC)(DG)(DT)(DA)(DT)(DA)(DA)(DT)(DG)(DT)(DG)(DT)(DG)(DG)(DA) O
#
loop_
_chem_comp.id
_chem_comp.type
_chem_comp.name
_chem_comp.formula
DA DNA linking 2'-DEOXYADENOSINE-5'-MONOPHOSPHATE 'C10 H14 N5 O6 P'
DC DNA linking 2'-DEOXYCYTIDINE-5'-MONOPHOSPHATE 'C9 H14 N3 O7 P'
DG DNA linking 2'-DEOXYGUANOSINE-5'-MONOPHOSPHATE 'C10 H14 N5 O7 P'
DT DNA linking THYMIDINE-5'-MONOPHOSPHATE 'C10 H15 N2 O8 P'
MG non-polymer 'MAGNESIUM ION' 'Mg 2'
ZN non-polymer 'ZINC ION' 'Zn 2'
#
# COMPACT_ATOMS: atom_id res chain seq x y z
N MET A 1 33.45 -15.26 -63.28
CA MET A 1 33.51 -16.32 -62.23
C MET A 1 32.21 -16.35 -61.44
N LEU A 2 31.14 -16.79 -62.08
CA LEU A 2 29.82 -16.91 -61.48
C LEU A 2 29.50 -18.39 -61.28
N ILE A 3 28.72 -18.68 -60.24
CA ILE A 3 28.21 -20.04 -60.06
C ILE A 3 26.95 -20.14 -60.90
N SER A 4 27.13 -20.47 -62.19
CA SER A 4 26.02 -20.39 -63.13
C SER A 4 24.91 -21.36 -62.78
N GLN A 5 25.22 -22.43 -62.06
CA GLN A 5 24.19 -23.41 -61.70
C GLN A 5 23.06 -22.74 -60.96
N ARG A 6 21.84 -22.91 -61.46
CA ARG A 6 20.67 -22.50 -60.71
C ARG A 6 20.36 -23.57 -59.66
N PRO A 7 19.78 -23.19 -58.54
CA PRO A 7 19.56 -24.16 -57.46
C PRO A 7 18.55 -25.22 -57.88
N THR A 8 18.60 -26.34 -57.16
CA THR A 8 17.71 -27.47 -57.40
C THR A 8 17.25 -28.04 -56.06
N LEU A 9 16.10 -28.69 -56.07
CA LEU A 9 15.45 -29.19 -54.86
C LEU A 9 15.17 -30.67 -55.01
N SER A 10 15.66 -31.46 -54.05
CA SER A 10 15.45 -32.91 -54.04
C SER A 10 14.88 -33.30 -52.69
N GLU A 11 13.90 -34.19 -52.69
CA GLU A 11 13.18 -34.56 -51.48
C GLU A 11 13.53 -35.99 -51.07
N ASP A 12 13.89 -36.16 -49.81
CA ASP A 12 14.19 -37.47 -49.23
C ASP A 12 13.16 -37.77 -48.15
N VAL A 13 12.55 -38.94 -48.20
CA VAL A 13 11.46 -39.30 -47.30
C VAL A 13 12.02 -40.26 -46.25
N LEU A 14 12.24 -39.73 -45.04
CA LEU A 14 12.64 -40.58 -43.93
C LEU A 14 11.46 -41.39 -43.40
N THR A 15 10.28 -40.78 -43.32
CA THR A 15 9.08 -41.45 -42.85
C THR A 15 7.88 -40.77 -43.50
N ASP A 16 6.72 -41.41 -43.38
CA ASP A 16 5.53 -40.89 -44.02
C ASP A 16 5.22 -39.47 -43.58
N ASN A 17 5.62 -39.10 -42.36
CA ASN A 17 5.36 -37.78 -41.82
C ASN A 17 6.57 -36.86 -41.84
N ARG A 18 7.75 -37.37 -42.18
CA ARG A 18 8.99 -36.62 -42.06
C ARG A 18 9.79 -36.74 -43.35
N SER A 19 10.31 -35.63 -43.85
CA SER A 19 11.10 -35.62 -45.07
C SER A 19 12.18 -34.55 -44.97
N GLN A 20 13.23 -34.73 -45.77
CA GLN A 20 14.33 -33.77 -45.86
C GLN A 20 14.44 -33.28 -47.29
N PHE A 21 14.58 -31.96 -47.44
CA PHE A 21 14.76 -31.34 -48.75
C PHE A 21 16.15 -30.72 -48.83
N VAL A 22 16.89 -31.05 -49.88
CA VAL A 22 18.25 -30.57 -50.07
C VAL A 22 18.25 -29.55 -51.19
N ILE A 23 18.80 -28.36 -50.91
CA ILE A 23 18.85 -27.27 -51.86
C ILE A 23 20.29 -26.80 -51.95
N GLU A 24 20.84 -26.79 -53.15
CA GLU A 24 22.20 -26.33 -53.38
C GLU A 24 22.43 -26.26 -54.89
N PRO A 25 23.43 -25.48 -55.33
CA PRO A 25 24.29 -24.58 -54.55
C PRO A 25 23.63 -23.23 -54.30
N LEU A 26 23.93 -22.60 -53.17
CA LEU A 26 23.47 -21.26 -52.84
C LEU A 26 24.66 -20.33 -52.67
N GLU A 27 24.37 -19.04 -52.57
CA GLU A 27 25.43 -18.07 -52.34
C GLU A 27 25.90 -18.15 -50.89
N PRO A 28 27.18 -17.86 -50.64
CA PRO A 28 27.70 -18.00 -49.28
C PRO A 28 26.96 -17.09 -48.31
N GLY A 29 26.80 -17.59 -47.08
CA GLY A 29 26.11 -16.82 -46.04
C GLY A 29 24.65 -16.59 -46.31
N PHE A 30 24.06 -17.30 -47.26
CA PHE A 30 22.66 -17.10 -47.65
C PHE A 30 21.77 -18.29 -47.31
N GLY A 31 22.34 -19.47 -47.06
CA GLY A 31 21.52 -20.63 -46.75
C GLY A 31 20.68 -20.44 -45.51
N TYR A 32 21.27 -19.85 -44.46
CA TYR A 32 20.55 -19.70 -43.20
C TYR A 32 19.29 -18.87 -43.37
N THR A 33 19.39 -17.75 -44.08
CA THR A 33 18.22 -16.88 -44.22
C THR A 33 17.12 -17.57 -45.01
N LEU A 34 17.48 -18.27 -46.08
CA LEU A 34 16.46 -18.97 -46.87
C LEU A 34 15.75 -20.02 -46.03
N GLY A 35 16.51 -20.81 -45.28
CA GLY A 35 15.89 -21.83 -44.46
C GLY A 35 14.91 -21.26 -43.46
N ASN A 36 15.32 -20.19 -42.77
CA ASN A 36 14.43 -19.59 -41.78
C ASN A 36 13.17 -19.03 -42.42
N SER A 37 13.30 -18.44 -43.61
CA SER A 37 12.13 -17.89 -44.29
C SER A 37 11.10 -18.97 -44.55
N LEU A 38 11.55 -20.14 -45.00
CA LEU A 38 10.63 -21.26 -45.20
C LEU A 38 10.05 -21.73 -43.88
N ARG A 39 10.88 -21.83 -42.83
CA ARG A 39 10.39 -22.31 -41.55
C ARG A 39 9.30 -21.39 -41.00
N ARG A 40 9.51 -20.08 -41.07
CA ARG A 40 8.55 -19.15 -40.49
C ARG A 40 7.20 -19.25 -41.19
N THR A 41 7.21 -19.41 -42.51
CA THR A 41 5.96 -19.51 -43.26
C THR A 41 5.36 -20.90 -43.22
N LEU A 42 6.14 -21.92 -42.88
CA LEU A 42 5.59 -23.27 -42.75
C LEU A 42 4.79 -23.42 -41.47
N LEU A 43 5.23 -22.78 -40.38
CA LEU A 43 4.59 -22.94 -39.09
C LEU A 43 3.41 -22.00 -38.87
N SER A 44 3.16 -21.05 -39.78
CA SER A 44 2.09 -20.09 -39.55
C SER A 44 1.24 -19.78 -40.77
N SER A 45 1.50 -20.34 -41.94
CA SER A 45 0.77 -19.98 -43.15
C SER A 45 0.46 -21.20 -44.00
N ILE A 46 0.18 -22.33 -43.34
CA ILE A 46 -0.20 -23.56 -44.04
C ILE A 46 -1.69 -23.81 -43.75
N PRO A 47 -2.57 -23.76 -44.75
CA PRO A 47 -3.99 -23.97 -44.48
C PRO A 47 -4.27 -25.39 -44.04
N GLY A 48 -5.31 -25.54 -43.22
CA GLY A 48 -5.70 -26.84 -42.73
C GLY A 48 -7.11 -26.82 -42.20
N ALA A 49 -7.50 -27.93 -41.58
CA ALA A 49 -8.83 -28.07 -41.01
C ALA A 49 -8.71 -28.64 -39.60
N ALA A 50 -9.61 -28.20 -38.72
CA ALA A 50 -9.62 -28.68 -37.35
C ALA A 50 -10.98 -28.37 -36.74
N VAL A 51 -11.33 -29.16 -35.72
CA VAL A 51 -12.63 -28.99 -35.07
C VAL A 51 -12.79 -27.56 -34.61
N THR A 52 -14.03 -27.07 -34.65
CA THR A 52 -14.34 -25.70 -34.27
C THR A 52 -15.27 -25.61 -33.07
N SER A 53 -16.29 -26.47 -33.01
CA SER A 53 -17.21 -26.49 -31.88
C SER A 53 -17.78 -27.88 -31.74
N ILE A 54 -18.08 -28.27 -30.50
CA ILE A 54 -18.66 -29.57 -30.20
C ILE A 54 -19.96 -29.35 -29.44
N ARG A 55 -20.83 -30.36 -29.52
CA ARG A 55 -22.14 -30.32 -28.88
C ARG A 55 -22.43 -31.68 -28.30
N ILE A 56 -22.56 -31.75 -26.97
CA ILE A 56 -22.78 -33.00 -26.25
C ILE A 56 -24.18 -32.95 -25.65
N ASP A 57 -25.00 -33.94 -25.98
CA ASP A 57 -26.37 -33.96 -25.49
C ASP A 57 -26.40 -34.06 -23.97
N GLY A 58 -27.33 -33.33 -23.36
CA GLY A 58 -27.43 -33.29 -21.92
C GLY A 58 -26.43 -32.40 -21.24
N VAL A 59 -25.58 -31.71 -21.99
CA VAL A 59 -24.55 -30.85 -21.44
C VAL A 59 -24.81 -29.43 -21.92
N LEU A 60 -24.99 -28.51 -20.97
CA LEU A 60 -25.24 -27.12 -21.29
C LEU A 60 -23.97 -26.28 -21.37
N HIS A 61 -22.89 -26.72 -20.74
CA HIS A 61 -21.63 -26.00 -20.76
C HIS A 61 -20.51 -26.98 -20.50
N GLU A 62 -19.28 -26.50 -20.66
CA GLU A 62 -18.10 -27.36 -20.56
C GLU A 62 -17.63 -27.57 -19.12
N PHE A 63 -18.22 -26.89 -18.15
CA PHE A 63 -17.87 -27.10 -16.74
C PHE A 63 -18.91 -28.02 -16.08
N THR A 64 -18.90 -29.28 -16.50
CA THR A 64 -19.87 -30.24 -15.96
C THR A 64 -19.40 -31.65 -16.27
N THR A 65 -20.25 -32.62 -15.95
CA THR A 65 -20.00 -34.03 -16.20
C THR A 65 -21.22 -34.67 -16.83
N VAL A 66 -20.99 -35.69 -17.63
CA VAL A 66 -22.06 -36.48 -18.25
C VAL A 66 -21.99 -37.88 -17.65
N PRO A 67 -23.08 -38.43 -17.11
CA PRO A 67 -22.97 -39.66 -16.34
C PRO A 67 -22.37 -40.80 -17.15
N GLY A 68 -21.51 -41.58 -16.50
CA GLY A 68 -20.91 -42.75 -17.08
C GLY A 68 -19.52 -42.55 -17.65
N VAL A 69 -19.13 -41.33 -17.95
CA VAL A 69 -17.81 -41.04 -18.46
C VAL A 69 -16.86 -40.85 -17.30
N LYS A 70 -15.65 -41.40 -17.42
CA LYS A 70 -14.66 -41.30 -16.36
C LYS A 70 -14.06 -39.91 -16.22
N GLU A 71 -14.27 -39.02 -17.18
CA GLU A 71 -13.66 -37.69 -17.14
C GLU A 71 -14.66 -36.62 -17.53
N ASP A 72 -14.59 -35.48 -16.85
CA ASP A 72 -15.55 -34.40 -17.06
C ASP A 72 -15.40 -33.83 -18.47
N VAL A 73 -16.28 -32.88 -18.78
CA VAL A 73 -16.35 -32.36 -20.15
C VAL A 73 -15.05 -31.64 -20.50
N THR A 74 -14.44 -30.97 -19.52
CA THR A 74 -13.22 -30.23 -19.80
C THR A 74 -12.11 -31.14 -20.31
N GLU A 75 -11.95 -32.32 -19.70
CA GLU A 75 -10.86 -33.21 -20.10
C GLU A 75 -11.10 -33.80 -21.47
N ILE A 76 -12.36 -34.14 -21.79
CA ILE A 76 -12.65 -34.71 -23.10
C ILE A 76 -12.44 -33.67 -24.19
N ILE A 77 -12.70 -32.40 -23.88
CA ILE A 77 -12.38 -31.34 -24.84
C ILE A 77 -10.89 -31.29 -25.09
N LEU A 78 -10.09 -31.38 -24.03
CA LEU A 78 -8.63 -31.39 -24.20
C LEU A 78 -8.19 -32.60 -25.02
N ASN A 79 -8.83 -33.76 -24.80
CA ASN A 79 -8.49 -34.93 -25.58
C ASN A 79 -8.79 -34.71 -27.06
N LEU A 80 -9.89 -34.03 -27.36
CA LEU A 80 -10.24 -33.75 -28.75
C LEU A 80 -9.32 -32.72 -29.38
N LYS A 81 -8.62 -31.91 -28.58
CA LYS A 81 -7.71 -30.92 -29.14
C LYS A 81 -6.62 -31.56 -29.98
N SER A 82 -6.26 -32.81 -29.68
CA SER A 82 -5.22 -33.49 -30.43
C SER A 82 -5.73 -34.11 -31.72
N LEU A 83 -7.04 -34.16 -31.92
CA LEU A 83 -7.59 -34.81 -33.11
C LEU A 83 -7.14 -34.08 -34.37
N VAL A 84 -6.72 -34.86 -35.37
CA VAL A 84 -6.26 -34.34 -36.65
C VAL A 84 -7.20 -34.84 -37.74
N VAL A 85 -7.75 -33.91 -38.53
CA VAL A 85 -8.66 -34.23 -39.61
C VAL A 85 -8.27 -33.43 -40.84
N SER A 86 -8.68 -33.95 -41.99
CA SER A 86 -8.49 -33.28 -43.28
C SER A 86 -9.85 -33.14 -43.95
N SER A 87 -10.26 -31.91 -44.21
CA SER A 87 -11.58 -31.60 -44.76
C SER A 87 -11.41 -31.06 -46.17
N GLU A 88 -11.82 -31.84 -47.17
CA GLU A 88 -11.74 -31.39 -48.55
C GLU A 88 -12.65 -30.19 -48.80
N GLU A 89 -13.87 -30.23 -48.26
CA GLU A 89 -14.80 -29.14 -48.46
C GLU A 89 -14.39 -27.91 -47.67
N ASP A 90 -14.79 -26.74 -48.18
CA ASP A 90 -14.46 -25.45 -47.58
C ASP A 90 -15.65 -24.84 -46.84
N GLU A 91 -16.53 -25.67 -46.29
CA GLU A 91 -17.70 -25.23 -45.57
C GLU A 91 -17.79 -25.98 -44.25
N PRO A 92 -18.47 -25.41 -43.25
CA PRO A 92 -18.61 -26.14 -41.97
C PRO A 92 -19.39 -27.43 -42.14
N VAL A 93 -18.72 -28.56 -41.95
CA VAL A 93 -19.35 -29.87 -42.03
C VAL A 93 -19.47 -30.43 -40.62
N THR A 94 -20.23 -31.51 -40.49
CA THR A 94 -20.57 -32.06 -39.18
C THR A 94 -20.22 -33.54 -39.13
N MET A 95 -19.75 -33.98 -37.96
CA MET A 95 -19.42 -35.37 -37.71
C MET A 95 -20.10 -35.81 -36.42
N TYR A 96 -20.42 -37.10 -36.34
CA TYR A 96 -21.15 -37.66 -35.21
C TYR A 96 -20.33 -38.76 -34.54
N LEU A 97 -20.47 -38.84 -33.21
CA LEU A 97 -19.77 -39.83 -32.41
C LEU A 97 -20.79 -40.43 -31.45
N ARG A 98 -21.28 -41.63 -31.77
CA ARG A 98 -22.29 -42.31 -30.98
C ARG A 98 -21.70 -43.59 -30.42
N LYS A 99 -21.79 -43.76 -29.11
CA LYS A 99 -21.28 -44.95 -28.43
C LYS A 99 -22.10 -45.16 -27.17
N GLN A 100 -22.24 -46.43 -26.78
CA GLN A 100 -23.01 -46.78 -25.60
C GLN A 100 -22.46 -48.07 -25.02
N GLY A 101 -22.71 -48.27 -23.73
CA GLY A 101 -22.27 -49.47 -23.06
C GLY A 101 -20.83 -49.38 -22.59
N PRO A 102 -20.39 -50.37 -21.82
CA PRO A 102 -19.02 -50.33 -21.28
C PRO A 102 -17.99 -50.44 -22.40
N GLY A 103 -16.84 -49.85 -22.16
CA GLY A 103 -15.73 -49.89 -23.08
C GLY A 103 -15.14 -48.51 -23.25
N GLU A 104 -14.14 -48.42 -24.12
CA GLU A 104 -13.46 -47.18 -24.43
C GLU A 104 -14.01 -46.61 -25.73
N VAL A 105 -13.99 -45.28 -25.84
CA VAL A 105 -14.41 -44.58 -27.04
C VAL A 105 -13.19 -43.91 -27.65
N THR A 106 -12.84 -44.31 -28.86
CA THR A 106 -11.67 -43.80 -29.55
C THR A 106 -12.08 -43.00 -30.77
N ALA A 107 -11.14 -42.18 -31.27
CA ALA A 107 -11.43 -41.31 -32.39
C ALA A 107 -11.91 -42.10 -33.60
N GLY A 108 -11.54 -43.37 -33.72
CA GLY A 108 -12.00 -44.18 -34.84
C GLY A 108 -13.48 -44.48 -34.82
N ASP A 109 -14.16 -44.22 -33.70
CA ASP A 109 -15.59 -44.46 -33.60
C ASP A 109 -16.41 -43.33 -34.23
N ILE A 110 -15.77 -42.24 -34.64
CA ILE A 110 -16.49 -41.18 -35.33
C ILE A 110 -16.83 -41.65 -36.73
N VAL A 111 -17.92 -41.12 -37.28
CA VAL A 111 -18.37 -41.46 -38.63
C VAL A 111 -18.32 -40.20 -39.49
N PRO A 112 -17.16 -39.86 -40.06
CA PRO A 112 -17.07 -38.63 -40.82
C PRO A 112 -17.91 -38.70 -42.08
N PRO A 113 -18.45 -37.57 -42.54
CA PRO A 113 -19.18 -37.55 -43.81
C PRO A 113 -18.22 -37.56 -44.98
N ALA A 114 -18.77 -37.45 -46.18
CA ALA A 114 -17.96 -37.42 -47.39
C ALA A 114 -17.04 -36.21 -47.39
N GLY A 115 -15.79 -36.42 -47.81
CA GLY A 115 -14.82 -35.35 -47.87
C GLY A 115 -14.05 -35.10 -46.59
N VAL A 116 -14.30 -35.88 -45.54
CA VAL A 116 -13.60 -35.74 -44.28
C VAL A 116 -13.09 -37.11 -43.84
N THR A 117 -11.99 -37.11 -43.10
CA THR A 117 -11.41 -38.34 -42.60
C THR A 117 -10.61 -38.05 -41.34
N VAL A 118 -10.40 -39.10 -40.54
CA VAL A 118 -9.60 -39.03 -39.32
C VAL A 118 -8.38 -39.91 -39.52
N HIS A 119 -7.20 -39.33 -39.30
CA HIS A 119 -5.95 -39.99 -39.67
C HIS A 119 -5.30 -40.76 -38.53
N ASN A 120 -5.78 -40.63 -37.30
CA ASN A 120 -5.27 -41.41 -36.16
C ASN A 120 -6.47 -41.97 -35.39
N PRO A 121 -7.11 -43.00 -35.92
CA PRO A 121 -8.30 -43.54 -35.24
C PRO A 121 -8.03 -44.06 -33.84
N GLY A 122 -6.78 -44.39 -33.51
CA GLY A 122 -6.46 -45.01 -32.25
C GLY A 122 -6.45 -44.10 -31.04
N MET A 123 -6.69 -42.81 -31.21
CA MET A 123 -6.66 -41.89 -30.08
C MET A 123 -7.75 -42.25 -29.08
N HIS A 124 -7.45 -42.02 -27.80
CA HIS A 124 -8.40 -42.25 -26.71
C HIS A 124 -9.07 -40.93 -26.36
N ILE A 125 -10.40 -40.93 -26.40
CA ILE A 125 -11.19 -39.73 -26.12
C ILE A 125 -11.77 -39.77 -24.71
N ALA A 126 -12.36 -40.90 -24.33
CA ALA A 126 -12.98 -41.03 -23.01
C ALA A 126 -13.16 -42.50 -22.70
N THR A 127 -13.60 -42.77 -21.48
CA THR A 127 -13.92 -44.11 -21.03
C THR A 127 -15.36 -44.13 -20.52
N LEU A 128 -16.09 -45.20 -20.82
CA LEU A 128 -17.50 -45.31 -20.50
C LEU A 128 -17.73 -46.51 -19.58
N ASN A 129 -18.56 -46.30 -18.56
CA ASN A 129 -19.13 -47.40 -17.81
C ASN A 129 -20.41 -47.86 -18.49
N ASP A 130 -20.85 -49.07 -18.13
CA ASP A 130 -22.07 -49.60 -18.73
C ASP A 130 -23.28 -48.74 -18.43
N LYS A 131 -23.21 -47.88 -17.41
CA LYS A 131 -24.38 -47.12 -16.99
C LYS A 131 -24.70 -45.99 -17.95
N GLY A 132 -23.68 -45.29 -18.46
CA GLY A 132 -23.86 -44.09 -19.25
C GLY A 132 -23.54 -44.28 -20.73
N LYS A 133 -23.79 -43.20 -21.47
CA LYS A 133 -23.57 -43.17 -22.91
C LYS A 133 -23.09 -41.79 -23.32
N LEU A 134 -22.36 -41.74 -24.42
CA LEU A 134 -21.80 -40.50 -24.94
C LEU A 134 -22.30 -40.28 -26.36
N GLU A 135 -22.68 -39.04 -26.67
CA GLU A 135 -23.18 -38.68 -27.99
C GLU A 135 -22.68 -37.28 -28.32
N VAL A 136 -21.69 -37.19 -29.21
CA VAL A 136 -21.02 -35.93 -29.52
C VAL A 136 -21.31 -35.58 -30.97
N GLU A 137 -21.72 -34.33 -31.19
CA GLU A 137 -21.92 -33.78 -32.52
C GLU A 137 -21.01 -32.57 -32.67
N LEU A 138 -20.02 -32.68 -33.56
CA LEU A 138 -18.95 -31.69 -33.67
C LEU A 138 -18.82 -31.21 -35.10
N VAL A 139 -18.20 -30.03 -35.25
CA VAL A 139 -18.09 -29.34 -36.53
C VAL A 139 -16.63 -29.30 -36.95
N VAL A 140 -16.42 -29.21 -38.26
CA VAL A 140 -15.08 -29.11 -38.85
C VAL A 140 -15.09 -27.97 -39.85
N GLU A 141 -14.06 -27.12 -39.80
CA GLU A 141 -13.92 -26.00 -40.70
C GLU A 141 -12.50 -25.95 -41.23
N ARG A 142 -12.31 -25.16 -42.29
CA ARG A 142 -11.01 -25.00 -42.93
C ARG A 142 -10.49 -23.60 -42.67
N GLY A 143 -9.24 -23.50 -42.22
CA GLY A 143 -8.65 -22.22 -41.92
C GLY A 143 -7.13 -22.33 -41.86
N ARG A 144 -6.53 -21.40 -41.12
CA ARG A 144 -5.09 -21.37 -40.97
C ARG A 144 -4.73 -20.70 -39.65
N GLY A 145 -3.48 -20.87 -39.24
CA GLY A 145 -3.02 -20.23 -38.02
C GLY A 145 -3.72 -20.80 -36.79
N TYR A 146 -4.04 -19.90 -35.85
CA TYR A 146 -4.68 -20.28 -34.60
C TYR A 146 -5.76 -19.26 -34.29
N VAL A 147 -7.00 -19.71 -34.24
CA VAL A 147 -8.17 -18.85 -34.02
C VAL A 147 -8.69 -19.14 -32.61
N PRO A 148 -8.74 -18.15 -31.71
CA PRO A 148 -9.24 -18.42 -30.37
C PRO A 148 -10.71 -18.84 -30.40
N ALA A 149 -11.10 -19.63 -29.40
CA ALA A 149 -12.45 -20.16 -29.35
C ALA A 149 -13.50 -19.06 -29.32
N VAL A 150 -13.12 -17.85 -28.91
CA VAL A 150 -14.06 -16.75 -28.87
C VAL A 150 -14.73 -16.52 -30.22
N GLN A 151 -14.14 -17.04 -31.30
CA GLN A 151 -14.72 -16.86 -32.63
C GLN A 151 -16.18 -17.29 -32.67
N ASN A 152 -16.52 -18.38 -31.97
CA ASN A 152 -17.90 -18.86 -31.92
C ASN A 152 -18.65 -18.34 -30.71
N ARG A 153 -18.00 -17.57 -29.85
CA ARG A 153 -18.68 -17.04 -28.67
C ARG A 153 -19.78 -16.05 -29.06
N ALA A 154 -19.50 -15.19 -30.03
CA ALA A 154 -20.44 -14.15 -30.45
C ALA A 154 -21.32 -14.58 -31.62
N SER A 155 -21.21 -15.83 -32.08
CA SER A 155 -22.06 -16.28 -33.18
C SER A 155 -23.53 -16.27 -32.81
N GLY A 156 -23.86 -16.22 -31.52
CA GLY A 156 -25.24 -16.21 -31.10
C GLY A 156 -25.98 -17.50 -31.37
N ALA A 157 -25.33 -18.65 -31.15
CA ALA A 157 -25.97 -19.93 -31.32
C ALA A 157 -26.68 -20.34 -30.02
N GLU A 158 -27.25 -21.54 -30.02
CA GLU A 158 -27.97 -22.01 -28.85
C GLU A 158 -27.00 -22.24 -27.68
N ILE A 159 -27.58 -22.47 -26.50
CA ILE A 159 -26.78 -22.74 -25.32
C ILE A 159 -25.98 -24.02 -25.46
N GLY A 160 -26.45 -24.97 -26.27
CA GLY A 160 -25.77 -26.24 -26.41
C GLY A 160 -24.37 -26.14 -26.95
N ARG A 161 -24.10 -25.13 -27.79
CA ARG A 161 -22.79 -25.03 -28.42
C ARG A 161 -21.70 -24.88 -27.37
N ILE A 162 -20.56 -25.50 -27.63
CA ILE A 162 -19.39 -25.43 -26.75
C ILE A 162 -18.19 -25.04 -27.60
N PRO A 163 -17.91 -23.75 -27.78
CA PRO A 163 -16.79 -23.36 -28.64
C PRO A 163 -15.48 -23.97 -28.17
N VAL A 164 -14.63 -24.34 -29.13
CA VAL A 164 -13.37 -25.00 -28.87
C VAL A 164 -12.28 -24.28 -29.65
N ASP A 165 -11.12 -24.10 -29.01
CA ASP A 165 -9.97 -23.53 -29.70
C ASP A 165 -9.60 -24.40 -30.90
N SER A 166 -9.33 -23.75 -32.03
CA SER A 166 -8.99 -24.45 -33.26
C SER A 166 -7.54 -24.16 -33.63
N ILE A 167 -6.85 -25.20 -34.07
CA ILE A 167 -5.43 -25.12 -34.43
C ILE A 167 -5.31 -25.68 -35.84
N TYR A 168 -5.41 -24.81 -36.84
CA TYR A 168 -5.26 -25.23 -38.24
C TYR A 168 -3.77 -25.18 -38.59
N SER A 169 -3.08 -26.26 -38.26
CA SER A 169 -1.66 -26.35 -38.60
C SER A 169 -1.25 -27.82 -38.71
N PRO A 170 -0.89 -28.29 -39.89
CA PRO A 170 -0.42 -29.68 -40.00
C PRO A 170 1.05 -29.84 -39.64
N VAL A 171 1.83 -28.77 -39.78
CA VAL A 171 3.26 -28.87 -39.55
C VAL A 171 3.55 -28.96 -38.06
N LEU A 172 4.51 -29.80 -37.70
CA LEU A 172 4.84 -30.07 -36.31
C LEU A 172 6.22 -29.55 -35.92
N LYS A 173 7.27 -29.97 -36.64
CA LYS A 173 8.62 -29.50 -36.38
C LYS A 173 9.31 -29.20 -37.70
N VAL A 174 10.10 -28.13 -37.73
CA VAL A 174 10.86 -27.73 -38.91
C VAL A 174 12.26 -27.36 -38.46
N THR A 175 13.26 -27.80 -39.22
CA THR A 175 14.64 -27.58 -38.86
C THR A 175 15.47 -27.50 -40.13
N TYR A 176 16.63 -26.85 -40.02
CA TYR A 176 17.56 -26.77 -41.14
C TYR A 176 18.98 -26.70 -40.60
N LYS A 177 19.92 -27.19 -41.39
CA LYS A 177 21.35 -27.12 -41.08
C LYS A 177 22.09 -26.86 -42.38
N VAL A 178 22.76 -25.72 -42.48
CA VAL A 178 23.46 -25.35 -43.70
C VAL A 178 24.86 -25.94 -43.69
N ASP A 179 25.18 -26.75 -44.70
CA ASP A 179 26.51 -27.35 -44.84
C ASP A 179 27.32 -26.48 -45.81
N ALA A 180 28.16 -25.61 -45.26
CA ALA A 180 28.97 -24.73 -46.08
C ALA A 180 30.08 -25.50 -46.76
N THR A 181 30.44 -25.07 -47.98
CA THR A 181 31.51 -25.67 -48.75
C THR A 181 32.60 -24.64 -49.06
N ARG A 182 32.73 -23.63 -48.21
CA ARG A 182 33.69 -22.56 -48.47
C ARG A 182 35.12 -23.11 -48.46
N VAL A 183 35.91 -22.68 -49.42
CA VAL A 183 37.29 -23.11 -49.59
C VAL A 183 38.16 -21.87 -49.79
N GLU A 184 39.47 -22.05 -49.64
CA GLU A 184 40.38 -20.91 -49.74
C GLU A 184 40.19 -20.18 -51.07
N GLN A 185 39.99 -20.92 -52.16
CA GLN A 185 39.60 -20.29 -53.41
C GLN A 185 38.12 -19.91 -53.35
N ARG A 186 37.76 -18.85 -54.06
CA ARG A 186 36.42 -18.29 -53.97
C ARG A 186 35.47 -19.05 -54.91
N THR A 187 35.20 -20.30 -54.51
CA THR A 187 34.20 -21.14 -55.16
C THR A 187 33.25 -21.65 -54.07
N ASP A 188 32.83 -20.72 -53.21
CA ASP A 188 32.08 -21.04 -52.01
C ASP A 188 30.59 -21.04 -52.31
N PHE A 189 29.88 -22.03 -51.76
CA PHE A 189 28.44 -22.10 -51.86
C PHE A 189 27.89 -22.75 -50.60
N ASP A 190 26.58 -22.87 -50.53
CA ASP A 190 25.91 -23.43 -49.37
C ASP A 190 24.91 -24.50 -49.78
N LYS A 191 24.52 -25.32 -48.81
CA LYS A 191 23.51 -26.35 -48.98
C LYS A 191 22.51 -26.21 -47.84
N LEU A 192 21.23 -26.39 -48.14
CA LEU A 192 20.16 -26.29 -47.15
C LEU A 192 19.46 -27.64 -47.05
N ILE A 193 19.35 -28.16 -45.83
CA ILE A 193 18.70 -29.43 -45.56
C ILE A 193 17.50 -29.14 -44.68
N LEU A 194 16.33 -28.92 -45.28
CA LEU A 194 15.15 -28.47 -44.55
C LEU A 194 14.34 -29.67 -44.09
N ASP A 195 14.70 -30.18 -42.91
CA ASP A 195 13.92 -31.24 -42.28
C ASP A 195 12.57 -30.69 -41.84
N VAL A 196 11.49 -31.38 -42.22
CA VAL A 196 10.13 -30.97 -41.88
C VAL A 196 9.35 -32.20 -41.45
N GLU A 197 8.57 -32.07 -40.38
CA GLU A 197 7.74 -33.15 -39.86
C GLU A 197 6.30 -32.66 -39.74
N THR A 198 5.36 -33.49 -40.17
CA THR A 198 3.96 -33.11 -40.25
C THR A 198 3.13 -33.98 -39.31
N LYS A 199 1.90 -33.52 -39.05
CA LYS A 199 0.99 -34.21 -38.14
C LYS A 199 0.26 -35.38 -38.79
N ASN A 200 0.69 -35.83 -39.95
CA ASN A 200 0.10 -36.92 -40.73
C ASN A 200 -1.15 -36.43 -41.47
N SER A 201 -1.57 -35.17 -41.29
CA SER A 201 -2.69 -34.66 -42.05
C SER A 201 -2.35 -34.52 -43.52
N ILE A 202 -1.16 -34.00 -43.83
CA ILE A 202 -0.68 -33.87 -45.20
C ILE A 202 0.76 -34.33 -45.25
N SER A 203 1.17 -34.80 -46.43
CA SER A 203 2.56 -35.18 -46.62
C SER A 203 3.45 -33.94 -46.61
N PRO A 204 4.71 -34.09 -46.22
CA PRO A 204 5.60 -32.92 -46.20
C PRO A 204 5.68 -32.21 -47.54
N ARG A 205 5.60 -32.95 -48.64
CA ARG A 205 5.74 -32.33 -49.96
C ARG A 205 4.69 -31.24 -50.17
N ASP A 206 3.44 -31.52 -49.79
CA ASP A 206 2.40 -30.51 -49.91
C ASP A 206 2.70 -29.31 -49.01
N ALA A 207 3.18 -29.56 -47.80
CA ALA A 207 3.44 -28.47 -46.87
C ALA A 207 4.49 -27.52 -47.42
N LEU A 208 5.59 -28.06 -47.95
CA LEU A 208 6.63 -27.21 -48.53
C LEU A 208 6.11 -26.51 -49.77
N ALA A 209 5.33 -27.21 -50.59
CA ALA A 209 4.79 -26.59 -51.80
C ALA A 209 3.91 -25.39 -51.46
N SER A 210 3.05 -25.53 -50.46
CA SER A 210 2.21 -24.40 -50.06
C SER A 210 3.05 -23.26 -49.52
N ALA A 211 4.07 -23.58 -48.72
CA ALA A 211 4.96 -22.55 -48.21
C ALA A 211 5.70 -21.84 -49.35
N GLY A 212 6.14 -22.61 -50.34
CA GLY A 212 6.78 -21.99 -51.49
C GLY A 212 5.84 -21.09 -52.26
N LYS A 213 4.60 -21.53 -52.44
CA LYS A 213 3.64 -20.72 -53.20
C LYS A 213 3.36 -19.39 -52.51
N THR A 214 3.20 -19.41 -51.20
CA THR A 214 2.91 -18.18 -50.47
C THR A 214 4.03 -17.17 -50.64
N LEU A 215 5.28 -17.61 -50.47
CA LEU A 215 6.40 -16.68 -50.60
C LEU A 215 6.55 -16.20 -52.03
N VAL A 216 6.32 -17.07 -53.01
CA VAL A 216 6.46 -16.66 -54.41
C VAL A 216 5.48 -15.54 -54.73
N GLU A 217 4.24 -15.68 -54.29
CA GLU A 217 3.27 -14.61 -54.52
C GLU A 217 3.55 -13.40 -53.64
N LEU A 218 4.11 -13.60 -52.46
CA LEU A 218 4.35 -12.48 -51.56
C LEU A 218 5.55 -11.64 -52.00
N PHE A 219 6.58 -12.28 -52.55
CA PHE A 219 7.69 -11.53 -53.13
C PHE A 219 7.37 -10.97 -54.50
N GLY A 220 6.24 -11.35 -55.10
CA GLY A 220 5.84 -10.78 -56.36
C GLY A 220 5.64 -9.28 -56.29
N LEU A 221 5.22 -8.77 -55.13
CA LEU A 221 5.03 -7.34 -54.99
C LEU A 221 6.34 -6.58 -55.14
N ALA A 222 7.46 -7.18 -54.70
CA ALA A 222 8.75 -6.57 -54.95
C ALA A 222 9.09 -6.60 -56.43
N ARG A 223 8.81 -7.71 -57.10
CA ARG A 223 9.17 -7.84 -58.51
C ARG A 223 8.45 -6.81 -59.36
N GLU A 224 7.15 -6.61 -59.12
CA GLU A 224 6.32 -5.79 -60.01
C GLU A 224 6.67 -4.31 -59.97
N LEU A 225 7.41 -3.86 -58.95
CA LEU A 225 7.66 -2.43 -58.80
C LEU A 225 8.30 -1.83 -60.05
N ASN A 226 9.52 -2.27 -60.35
CA ASN A 226 10.26 -1.79 -61.51
C ASN A 226 10.12 -0.29 -61.72
N MET B 1 -6.62 -19.72 -49.87
CA MET B 1 -7.08 -18.69 -48.90
C MET B 1 -6.99 -17.30 -49.55
N LEU B 2 -6.99 -16.25 -48.74
CA LEU B 2 -6.96 -14.90 -49.26
C LEU B 2 -6.36 -13.96 -48.23
N ILE B 3 -5.88 -12.82 -48.70
CA ILE B 3 -5.30 -11.79 -47.85
C ILE B 3 -6.39 -10.83 -47.39
N SER B 4 -6.32 -10.42 -46.12
CA SER B 4 -7.23 -9.39 -45.61
C SER B 4 -7.00 -8.05 -46.30
N GLN B 5 -5.75 -7.60 -46.35
CA GLN B 5 -5.38 -6.32 -46.97
C GLN B 5 -4.13 -6.52 -47.80
N ARG B 6 -4.24 -6.29 -49.09
CA ARG B 6 -3.12 -6.59 -49.98
C ARG B 6 -1.94 -5.69 -49.65
N PRO B 7 -0.75 -6.24 -49.43
CA PRO B 7 0.42 -5.38 -49.24
C PRO B 7 0.75 -4.62 -50.51
N THR B 8 1.28 -3.41 -50.33
CA THR B 8 1.68 -2.58 -51.45
C THR B 8 2.99 -1.88 -51.11
N LEU B 9 3.78 -1.60 -52.14
CA LEU B 9 5.11 -1.06 -51.98
C LEU B 9 5.14 0.38 -52.48
N SER B 10 5.47 1.31 -51.59
CA SER B 10 5.57 2.73 -51.91
C SER B 10 7.03 3.15 -51.75
N GLU B 11 7.61 3.69 -52.83
CA GLU B 11 9.00 4.09 -52.83
C GLU B 11 9.15 5.52 -52.35
N ASP B 12 10.21 5.77 -51.58
CA ASP B 12 10.64 7.12 -51.22
C ASP B 12 12.06 7.32 -51.71
N VAL B 13 12.39 8.55 -52.12
CA VAL B 13 13.68 8.85 -52.73
C VAL B 13 14.33 9.95 -51.89
N LEU B 14 15.19 9.57 -50.95
CA LEU B 14 15.93 10.55 -50.18
C LEU B 14 17.02 11.22 -51.03
N THR B 15 17.65 10.45 -51.91
CA THR B 15 18.68 10.97 -52.81
C THR B 15 18.66 10.11 -54.08
N ASP B 16 19.54 10.44 -55.01
CA ASP B 16 19.68 9.63 -56.22
C ASP B 16 20.10 8.20 -55.87
N ASN B 17 21.02 8.07 -54.92
CA ASN B 17 21.54 6.74 -54.57
C ASN B 17 20.63 6.02 -53.57
N ARG B 18 20.11 6.73 -52.57
CA ARG B 18 19.37 6.10 -51.49
C ARG B 18 17.88 6.04 -51.81
N SER B 19 17.16 5.27 -51.00
CA SER B 19 15.71 5.17 -51.07
C SER B 19 15.22 4.51 -49.79
N GLN B 20 13.92 4.67 -49.51
CA GLN B 20 13.30 4.05 -48.34
C GLN B 20 12.03 3.33 -48.79
N PHE B 21 12.20 2.13 -49.32
CA PHE B 21 11.06 1.32 -49.73
C PHE B 21 10.25 0.93 -48.50
N VAL B 22 8.93 1.01 -48.61
CA VAL B 22 8.02 0.69 -47.51
C VAL B 22 6.97 -0.28 -48.02
N ILE B 23 6.84 -1.41 -47.36
CA ILE B 23 5.87 -2.44 -47.72
C ILE B 23 4.89 -2.56 -46.55
N GLU B 24 3.63 -2.23 -46.78
CA GLU B 24 2.63 -2.26 -45.73
C GLU B 24 1.26 -2.44 -46.36
N PRO B 25 0.32 -3.09 -45.65
CA PRO B 25 0.46 -3.81 -44.38
C PRO B 25 0.84 -5.26 -44.62
N LEU B 26 1.40 -5.94 -43.62
CA LEU B 26 1.78 -7.34 -43.73
C LEU B 26 1.12 -8.13 -42.61
N GLU B 27 0.85 -9.40 -42.87
CA GLU B 27 0.26 -10.25 -41.84
C GLU B 27 1.23 -10.37 -40.67
N PRO B 28 0.72 -10.53 -39.45
CA PRO B 28 1.62 -10.52 -38.28
C PRO B 28 2.68 -11.60 -38.40
N GLY B 29 3.95 -11.16 -38.41
CA GLY B 29 5.07 -12.07 -38.47
C GLY B 29 5.72 -12.17 -39.83
N PHE B 30 5.12 -11.60 -40.87
CA PHE B 30 5.75 -11.63 -42.20
C PHE B 30 6.77 -10.53 -42.39
N GLY B 31 6.76 -9.51 -41.53
CA GLY B 31 7.73 -8.45 -41.64
C GLY B 31 9.15 -8.97 -41.75
N TYR B 32 9.63 -9.64 -40.70
CA TYR B 32 10.98 -10.18 -40.71
C TYR B 32 11.15 -11.21 -41.82
N THR B 33 10.15 -12.07 -42.00
CA THR B 33 10.23 -13.12 -43.01
C THR B 33 10.59 -12.53 -44.37
N LEU B 34 10.04 -11.36 -44.71
CA LEU B 34 10.50 -10.68 -45.91
C LEU B 34 11.85 -10.01 -45.66
N GLY B 35 11.88 -9.05 -44.75
CA GLY B 35 13.05 -8.21 -44.53
C GLY B 35 14.38 -8.92 -44.58
N ASN B 36 14.57 -9.96 -43.77
CA ASN B 36 15.91 -10.55 -43.65
C ASN B 36 16.34 -11.17 -44.98
N SER B 37 15.50 -12.02 -45.55
CA SER B 37 15.85 -12.68 -46.80
C SER B 37 15.99 -11.67 -47.93
N LEU B 38 15.12 -10.67 -47.98
CA LEU B 38 15.21 -9.67 -49.03
C LEU B 38 16.52 -8.89 -48.94
N ARG B 39 16.91 -8.49 -47.73
CA ARG B 39 18.19 -7.81 -47.56
C ARG B 39 19.35 -8.70 -47.98
N ARG B 40 19.33 -9.96 -47.56
CA ARG B 40 20.45 -10.84 -47.89
C ARG B 40 20.54 -11.07 -49.40
N THR B 41 19.39 -11.17 -50.06
CA THR B 41 19.40 -11.31 -51.52
C THR B 41 19.93 -10.05 -52.17
N LEU B 42 19.45 -8.89 -51.75
CA LEU B 42 19.94 -7.62 -52.32
C LEU B 42 21.45 -7.52 -52.18
N LEU B 43 21.98 -7.81 -50.99
CA LEU B 43 23.39 -7.61 -50.75
C LEU B 43 24.25 -8.52 -51.60
N SER B 44 23.85 -9.79 -51.77
CA SER B 44 24.72 -10.80 -52.34
C SER B 44 24.00 -11.66 -53.38
N SER B 45 23.22 -11.04 -54.27
CA SER B 45 22.61 -11.78 -55.36
C SER B 45 22.78 -11.10 -56.71
N ILE B 46 22.92 -9.78 -56.70
CA ILE B 46 22.93 -9.02 -57.95
C ILE B 46 24.32 -9.10 -58.58
N PRO B 47 24.42 -9.38 -59.88
CA PRO B 47 25.75 -9.47 -60.50
C PRO B 47 26.39 -8.11 -60.70
N GLY B 48 27.71 -8.13 -60.83
CA GLY B 48 28.45 -6.92 -61.06
C GLY B 48 29.90 -7.21 -61.35
N ALA B 49 30.71 -6.16 -61.38
CA ALA B 49 32.12 -6.28 -61.66
C ALA B 49 32.91 -5.27 -60.83
N ALA B 50 34.18 -5.56 -60.62
CA ALA B 50 35.06 -4.67 -59.87
C ALA B 50 36.50 -5.16 -60.04
N VAL B 51 37.45 -4.28 -59.75
CA VAL B 51 38.86 -4.64 -59.89
C VAL B 51 39.16 -5.82 -58.98
N THR B 52 39.92 -6.78 -59.49
CA THR B 52 40.24 -7.99 -58.74
C THR B 52 41.72 -8.15 -58.44
N SER B 53 42.60 -7.54 -59.23
CA SER B 53 44.02 -7.59 -58.97
C SER B 53 44.68 -6.37 -59.59
N ILE B 54 45.77 -5.92 -58.98
CA ILE B 54 46.51 -4.74 -59.44
C ILE B 54 48.00 -5.06 -59.40
N ARG B 55 48.72 -4.59 -60.42
CA ARG B 55 50.17 -4.79 -60.56
C ARG B 55 50.78 -3.42 -60.84
N ILE B 56 51.37 -2.82 -59.80
CA ILE B 56 52.11 -1.58 -59.97
C ILE B 56 53.45 -1.88 -60.63
N ASP B 57 53.93 -0.94 -61.44
CA ASP B 57 55.12 -1.19 -62.25
C ASP B 57 56.36 -1.44 -61.40
N GLY B 58 56.56 -0.64 -60.35
CA GLY B 58 57.82 -0.66 -59.64
C GLY B 58 57.81 -1.28 -58.26
N VAL B 59 56.67 -1.83 -57.83
CA VAL B 59 56.57 -2.40 -56.49
C VAL B 59 56.84 -3.90 -56.59
N LEU B 60 57.90 -4.34 -55.91
CA LEU B 60 58.21 -5.76 -55.76
C LEU B 60 58.02 -6.24 -54.33
N HIS B 61 58.49 -5.47 -53.36
CA HIS B 61 58.10 -5.66 -51.96
C HIS B 61 56.89 -4.77 -51.73
N GLU B 62 55.73 -5.40 -51.54
CA GLU B 62 54.47 -4.66 -51.61
C GLU B 62 54.48 -3.45 -50.68
N PHE B 63 55.01 -3.61 -49.47
CA PHE B 63 54.90 -2.55 -48.48
C PHE B 63 55.58 -1.26 -48.95
N THR B 64 56.66 -1.36 -49.71
CA THR B 64 57.40 -0.18 -50.14
C THR B 64 56.49 0.77 -50.91
N THR B 65 56.56 2.05 -50.56
CA THR B 65 55.78 3.06 -51.26
C THR B 65 56.34 3.26 -52.66
N VAL B 66 55.45 3.34 -53.64
CA VAL B 66 55.83 3.48 -55.05
C VAL B 66 56.60 4.79 -55.20
N PRO B 67 57.78 4.78 -55.84
CA PRO B 67 58.51 6.05 -56.00
C PRO B 67 57.74 7.06 -56.83
N GLY B 68 57.92 8.32 -56.50
CA GLY B 68 57.34 9.41 -57.26
C GLY B 68 55.90 9.72 -56.96
N VAL B 69 55.26 9.00 -56.04
CA VAL B 69 53.86 9.23 -55.68
C VAL B 69 53.81 9.49 -54.17
N LYS B 70 53.13 10.57 -53.78
CA LYS B 70 52.99 10.88 -52.36
C LYS B 70 52.19 9.80 -51.65
N GLU B 71 51.15 9.27 -52.30
CA GLU B 71 50.31 8.27 -51.67
C GLU B 71 51.02 6.93 -51.58
N ASP B 72 50.71 6.19 -50.52
CA ASP B 72 51.33 4.89 -50.32
C ASP B 72 50.64 3.83 -51.16
N VAL B 73 51.23 2.64 -51.18
CA VAL B 73 50.65 1.53 -51.95
C VAL B 73 49.26 1.20 -51.43
N THR B 74 49.10 1.17 -50.10
CA THR B 74 47.81 0.82 -49.52
C THR B 74 46.75 1.84 -49.88
N GLU B 75 47.12 3.13 -49.90
CA GLU B 75 46.16 4.15 -50.28
C GLU B 75 45.73 3.99 -51.73
N ILE B 76 46.67 3.66 -52.61
CA ILE B 76 46.34 3.40 -54.01
C ILE B 76 45.39 2.22 -54.11
N ILE B 77 45.67 1.15 -53.36
CA ILE B 77 44.79 -0.02 -53.39
C ILE B 77 43.39 0.34 -52.93
N LEU B 78 43.28 1.12 -51.86
CA LEU B 78 41.97 1.52 -51.37
C LEU B 78 41.24 2.39 -52.40
N ASN B 79 41.95 3.32 -53.02
CA ASN B 79 41.31 4.20 -54.01
C ASN B 79 40.80 3.40 -55.19
N LEU B 80 41.62 2.45 -55.69
CA LEU B 80 41.18 1.65 -56.83
C LEU B 80 40.06 0.70 -56.45
N LYS B 81 40.06 0.21 -55.21
CA LYS B 81 39.03 -0.74 -54.78
C LYS B 81 37.65 -0.11 -54.88
N SER B 82 37.52 1.16 -54.49
CA SER B 82 36.25 1.85 -54.57
C SER B 82 35.81 2.16 -55.99
N LEU B 83 36.68 1.96 -56.98
CA LEU B 83 36.34 2.26 -58.36
C LEU B 83 35.10 1.48 -58.78
N VAL B 84 34.21 2.14 -59.52
CA VAL B 84 32.98 1.55 -60.01
C VAL B 84 33.20 1.17 -61.47
N VAL B 85 33.16 -0.12 -61.76
CA VAL B 85 33.41 -0.64 -63.10
C VAL B 85 32.27 -1.60 -63.46
N SER B 86 31.74 -1.45 -64.67
CA SER B 86 30.73 -2.35 -65.20
C SER B 86 31.31 -3.09 -66.40
N SER B 87 31.30 -4.41 -66.36
CA SER B 87 31.86 -5.24 -67.41
C SER B 87 30.77 -6.10 -68.04
N GLU B 88 30.98 -6.44 -69.31
CA GLU B 88 30.01 -7.22 -70.07
C GLU B 88 30.60 -8.49 -70.67
N GLU B 89 31.81 -8.87 -70.28
CA GLU B 89 32.43 -10.11 -70.74
C GLU B 89 32.78 -10.97 -69.53
N ASP B 90 32.46 -12.25 -69.61
CA ASP B 90 32.73 -13.15 -68.49
C ASP B 90 34.22 -13.28 -68.23
N GLU B 91 35.02 -13.39 -69.28
CA GLU B 91 36.45 -13.57 -69.11
C GLU B 91 37.07 -12.34 -68.44
N PRO B 92 38.04 -12.52 -67.57
CA PRO B 92 38.74 -11.35 -67.01
C PRO B 92 39.43 -10.58 -68.12
N VAL B 93 39.41 -9.26 -67.99
CA VAL B 93 40.08 -8.37 -68.95
C VAL B 93 41.03 -7.47 -68.19
N THR B 94 42.25 -7.37 -68.70
CA THR B 94 43.24 -6.46 -68.15
C THR B 94 42.95 -5.03 -68.60
N MET B 95 43.38 -4.07 -67.78
CA MET B 95 43.33 -2.66 -68.13
C MET B 95 44.64 -2.04 -67.68
N TYR B 96 45.00 -0.93 -68.31
CA TYR B 96 46.25 -0.24 -68.01
C TYR B 96 45.97 1.21 -67.73
N LEU B 97 46.50 1.69 -66.61
CA LEU B 97 46.46 3.12 -66.26
C LEU B 97 47.91 3.60 -66.24
N ARG B 98 48.26 4.44 -67.21
CA ARG B 98 49.59 5.01 -67.32
C ARG B 98 49.50 6.52 -67.18
N LYS B 99 50.47 7.10 -66.46
CA LYS B 99 50.56 8.54 -66.35
C LYS B 99 52.02 8.93 -66.17
N GLN B 100 52.38 10.10 -66.69
CA GLN B 100 53.72 10.63 -66.62
C GLN B 100 53.66 12.13 -66.34
N GLY B 101 54.64 12.62 -65.59
CA GLY B 101 54.76 14.03 -65.31
C GLY B 101 53.99 14.45 -64.08
N PRO B 102 54.30 15.64 -63.55
CA PRO B 102 53.60 16.12 -62.36
C PRO B 102 52.13 16.39 -62.65
N GLY B 103 51.31 16.25 -61.62
CA GLY B 103 49.88 16.45 -61.76
C GLY B 103 49.08 15.50 -60.89
N GLU B 104 47.89 15.10 -61.34
CA GLU B 104 47.08 14.16 -60.60
C GLU B 104 46.50 13.11 -61.55
N VAL B 105 46.32 11.90 -61.02
CA VAL B 105 45.76 10.77 -61.76
C VAL B 105 44.38 10.50 -61.21
N THR B 106 43.39 10.49 -62.10
CA THR B 106 42.00 10.25 -61.77
C THR B 106 41.49 9.05 -62.56
N ALA B 107 40.36 8.51 -62.10
CA ALA B 107 39.81 7.31 -62.74
C ALA B 107 39.46 7.53 -64.20
N GLY B 108 39.25 8.78 -64.61
CA GLY B 108 38.94 9.05 -66.01
C GLY B 108 40.11 8.93 -66.95
N ASP B 109 41.32 8.79 -66.44
CA ASP B 109 42.51 8.71 -67.26
C ASP B 109 42.90 7.28 -67.63
N ILE B 110 42.12 6.28 -67.21
CA ILE B 110 42.38 4.89 -67.58
C ILE B 110 41.65 4.59 -68.87
N VAL B 111 42.34 3.98 -69.82
CA VAL B 111 41.77 3.63 -71.12
C VAL B 111 41.07 2.28 -70.97
N PRO B 112 39.75 2.21 -71.14
CA PRO B 112 39.06 0.93 -71.03
C PRO B 112 39.00 0.21 -72.37
N PRO B 113 39.31 -1.09 -72.41
CA PRO B 113 39.11 -1.84 -73.66
C PRO B 113 37.64 -2.04 -73.96
N ALA B 114 37.34 -2.77 -75.03
CA ALA B 114 35.95 -2.96 -75.44
C ALA B 114 35.14 -3.61 -74.32
N GLY B 115 33.90 -3.14 -74.15
CA GLY B 115 33.00 -3.70 -73.17
C GLY B 115 33.05 -3.00 -71.82
N VAL B 116 34.17 -3.16 -71.10
CA VAL B 116 34.28 -2.57 -69.78
C VAL B 116 34.09 -1.06 -69.86
N THR B 117 33.51 -0.50 -68.81
CA THR B 117 33.28 0.94 -68.74
C THR B 117 33.44 1.41 -67.31
N VAL B 118 33.64 2.72 -67.15
CA VAL B 118 33.84 3.35 -65.85
C VAL B 118 32.71 4.34 -65.62
N HIS B 119 32.10 4.30 -64.44
CA HIS B 119 30.95 5.13 -64.13
C HIS B 119 31.26 6.28 -63.17
N ASN B 120 32.54 6.57 -62.93
CA ASN B 120 32.94 7.70 -62.10
C ASN B 120 34.29 8.22 -62.56
N PRO B 121 34.35 8.82 -63.74
CA PRO B 121 35.64 9.36 -64.22
C PRO B 121 36.23 10.42 -63.31
N GLY B 122 35.39 11.10 -62.53
CA GLY B 122 35.86 12.17 -61.67
C GLY B 122 36.53 11.73 -60.39
N MET B 123 36.58 10.43 -60.11
CA MET B 123 37.23 9.93 -58.92
C MET B 123 38.73 10.19 -58.98
N HIS B 124 39.31 10.56 -57.85
CA HIS B 124 40.73 10.83 -57.73
C HIS B 124 41.46 9.60 -57.23
N ILE B 125 42.55 9.25 -57.90
CA ILE B 125 43.34 8.07 -57.56
C ILE B 125 44.62 8.46 -56.83
N ALA B 126 45.35 9.44 -57.34
CA ALA B 126 46.61 9.83 -56.68
C ALA B 126 47.12 11.13 -57.29
N THR B 127 48.29 11.55 -56.83
CA THR B 127 48.97 12.74 -57.33
C THR B 127 50.43 12.40 -57.61
N LEU B 128 50.95 12.90 -58.73
CA LEU B 128 52.31 12.67 -59.16
C LEU B 128 53.14 13.92 -58.97
N ASN B 129 54.31 13.76 -58.35
CA ASN B 129 55.23 14.86 -58.13
C ASN B 129 56.00 15.15 -59.42
N ASP B 130 57.05 15.97 -59.31
CA ASP B 130 57.82 16.33 -60.50
C ASP B 130 58.44 15.10 -61.12
N LYS B 131 58.33 14.99 -62.44
CA LYS B 131 58.90 13.88 -63.21
C LYS B 131 58.45 12.54 -62.64
N GLY B 132 57.19 12.49 -62.20
CA GLY B 132 56.61 11.27 -61.67
C GLY B 132 55.90 10.47 -62.74
N LYS B 133 55.84 9.15 -62.54
CA LYS B 133 55.18 8.28 -63.50
C LYS B 133 54.65 7.05 -62.75
N LEU B 134 53.67 6.40 -63.37
CA LEU B 134 53.19 5.12 -62.85
C LEU B 134 52.35 4.38 -63.88
N GLU B 135 52.67 3.11 -64.10
CA GLU B 135 51.89 2.21 -64.94
C GLU B 135 51.36 1.10 -64.05
N VAL B 136 50.04 0.95 -64.02
CA VAL B 136 49.40 -0.07 -63.19
C VAL B 136 48.50 -0.91 -64.09
N GLU B 137 48.67 -2.23 -64.00
CA GLU B 137 47.85 -3.19 -64.74
C GLU B 137 46.82 -3.76 -63.77
N LEU B 138 45.55 -3.50 -64.03
CA LEU B 138 44.48 -3.95 -63.14
C LEU B 138 43.48 -4.78 -63.91
N VAL B 139 43.16 -5.95 -63.36
CA VAL B 139 42.23 -6.88 -64.00
C VAL B 139 40.84 -6.65 -63.42
N VAL B 140 39.81 -6.77 -64.27
CA VAL B 140 38.42 -6.61 -63.83
C VAL B 140 37.67 -7.89 -64.16
N GLU B 141 36.95 -8.41 -63.17
CA GLU B 141 36.20 -9.65 -63.31
C GLU B 141 34.75 -9.43 -62.88
N ARG B 142 33.86 -10.23 -63.45
CA ARG B 142 32.43 -10.15 -63.17
C ARG B 142 32.05 -11.23 -62.16
N GLY B 143 31.28 -10.84 -61.15
CA GLY B 143 30.90 -11.77 -60.10
C GLY B 143 29.60 -11.40 -59.40
N ARG B 144 29.40 -11.91 -58.19
CA ARG B 144 28.18 -11.63 -57.43
C ARG B 144 28.51 -11.61 -55.95
N GLY B 145 28.25 -10.47 -55.30
CA GLY B 145 28.46 -10.35 -53.87
C GLY B 145 29.92 -10.14 -53.51
N TYR B 146 30.13 -9.71 -52.27
CA TYR B 146 31.47 -9.49 -51.75
C TYR B 146 32.22 -10.81 -51.63
N VAL B 147 33.46 -10.82 -52.10
CA VAL B 147 34.35 -11.97 -51.98
C VAL B 147 35.69 -11.46 -51.46
N PRO B 148 36.31 -12.10 -50.48
CA PRO B 148 37.65 -11.69 -50.07
C PRO B 148 38.67 -11.95 -51.18
N ALA B 149 39.83 -11.32 -51.04
CA ALA B 149 40.87 -11.43 -52.06
C ALA B 149 41.24 -12.88 -52.30
N VAL B 150 41.21 -13.28 -53.57
CA VAL B 150 41.56 -14.65 -53.98
C VAL B 150 43.08 -14.75 -54.12
N GLN B 151 43.58 -15.98 -54.25
CA GLN B 151 45.01 -16.20 -54.43
C GLN B 151 45.79 -15.72 -53.21
N ASN B 152 45.27 -16.02 -52.02
CA ASN B 152 45.92 -15.63 -50.77
C ASN B 152 45.89 -14.12 -50.60
N ILE B 159 53.39 -12.40 -61.23
CA ILE B 159 54.65 -12.58 -60.50
C ILE B 159 54.72 -11.57 -59.36
N GLY B 160 54.51 -10.29 -59.69
CA GLY B 160 54.42 -9.25 -58.70
C GLY B 160 52.98 -8.88 -58.41
N ARG B 161 52.11 -9.88 -58.47
CA ARG B 161 50.67 -9.65 -58.36
C ARG B 161 50.30 -9.17 -56.95
N ILE B 162 49.30 -8.29 -56.89
CA ILE B 162 48.76 -7.79 -55.63
C ILE B 162 47.25 -7.97 -55.64
N PRO B 163 46.74 -9.17 -55.35
CA PRO B 163 45.28 -9.35 -55.29
C PRO B 163 44.68 -8.46 -54.21
N VAL B 164 43.47 -7.98 -54.48
CA VAL B 164 42.77 -7.08 -53.58
C VAL B 164 41.37 -7.61 -53.34
N ASP B 165 40.80 -7.25 -52.18
CA ASP B 165 39.43 -7.62 -51.86
C ASP B 165 38.47 -6.96 -52.84
N SER B 166 37.81 -7.77 -53.67
CA SER B 166 36.90 -7.25 -54.67
C SER B 166 35.48 -7.17 -54.13
N ILE B 167 34.67 -6.31 -54.74
CA ILE B 167 33.28 -6.12 -54.36
C ILE B 167 32.44 -6.30 -55.62
N TYR B 168 31.97 -7.53 -55.87
CA TYR B 168 31.08 -7.81 -56.99
C TYR B 168 29.64 -7.55 -56.55
N SER B 169 29.28 -6.27 -56.48
CA SER B 169 27.92 -5.93 -56.11
C SER B 169 27.61 -4.47 -56.44
N PRO B 170 26.47 -4.18 -57.07
CA PRO B 170 26.10 -2.78 -57.30
C PRO B 170 25.42 -2.11 -56.13
N VAL B 171 25.04 -2.86 -55.09
CA VAL B 171 24.43 -2.31 -53.89
C VAL B 171 25.35 -2.63 -52.72
N LEU B 172 25.68 -1.61 -51.93
CA LEU B 172 26.74 -1.73 -50.94
C LEU B 172 26.28 -1.52 -49.50
N LYS B 173 25.07 -1.04 -49.26
CA LYS B 173 24.55 -0.95 -47.89
C LYS B 173 23.04 -1.05 -47.94
N VAL B 174 22.48 -1.82 -47.00
CA VAL B 174 21.05 -1.99 -46.89
C VAL B 174 20.69 -2.13 -45.41
N THR B 175 19.51 -1.65 -45.06
CA THR B 175 19.02 -1.75 -43.69
C THR B 175 17.52 -1.80 -43.72
N TYR B 176 16.95 -2.61 -42.82
CA TYR B 176 15.51 -2.81 -42.77
C TYR B 176 15.02 -2.66 -41.34
N LYS B 177 13.72 -2.38 -41.22
CA LYS B 177 13.08 -2.30 -39.90
C LYS B 177 11.67 -2.83 -40.02
N VAL B 178 11.08 -3.17 -38.87
CA VAL B 178 9.70 -3.61 -38.80
C VAL B 178 8.99 -2.78 -37.75
N ASP B 179 7.87 -2.18 -38.12
CA ASP B 179 7.09 -1.34 -37.22
C ASP B 179 5.67 -1.88 -37.09
N ALA B 180 5.03 -1.55 -35.98
CA ALA B 180 3.65 -1.99 -35.77
C ALA B 180 2.69 -1.14 -36.60
N THR B 181 1.57 -1.75 -36.98
CA THR B 181 0.53 -1.03 -37.69
C THR B 181 -0.80 -1.71 -37.43
N ARG B 182 -1.86 -0.92 -37.41
CA ARG B 182 -3.22 -1.40 -37.20
C ARG B 182 -4.00 -1.33 -38.51
N VAL B 183 -4.76 -2.37 -38.81
CA VAL B 183 -5.56 -2.42 -40.02
C VAL B 183 -6.96 -1.91 -39.72
N GLU B 184 -7.72 -2.67 -38.93
CA GLU B 184 -9.00 -2.22 -38.43
C GLU B 184 -8.99 -2.09 -36.91
N GLN B 185 -8.70 -3.17 -36.19
CA GLN B 185 -8.43 -3.07 -34.75
C GLN B 185 -7.40 -4.09 -34.28
N ARG B 186 -6.54 -4.59 -35.18
CA ARG B 186 -5.58 -5.63 -34.80
C ARG B 186 -4.32 -5.06 -34.18
N THR B 187 -3.90 -3.86 -34.62
CA THR B 187 -2.68 -3.22 -34.15
C THR B 187 -1.56 -4.24 -33.98
N ASP B 188 -1.42 -5.14 -34.94
CA ASP B 188 -0.37 -6.14 -34.93
C ASP B 188 0.32 -6.32 -36.27
N PHE B 189 -0.24 -5.79 -37.36
CA PHE B 189 0.33 -6.04 -38.68
C PHE B 189 1.71 -5.41 -38.79
N ASP B 190 2.66 -6.16 -39.36
CA ASP B 190 4.00 -5.66 -39.54
C ASP B 190 4.04 -4.66 -40.70
N LYS B 191 4.99 -3.73 -40.60
CA LYS B 191 5.24 -2.71 -41.62
C LYS B 191 6.75 -2.76 -41.88
N LEU B 192 7.12 -3.35 -43.01
CA LEU B 192 8.53 -3.41 -43.37
C LEU B 192 8.99 -2.08 -43.94
N ILE B 193 10.13 -1.59 -43.45
CA ILE B 193 10.72 -0.34 -43.90
C ILE B 193 12.12 -0.68 -44.37
N LEU B 194 12.28 -0.94 -45.66
CA LEU B 194 13.58 -1.20 -46.22
C LEU B 194 14.31 0.10 -46.47
N ASP B 195 15.62 0.00 -46.72
CA ASP B 195 16.44 1.18 -46.98
C ASP B 195 17.68 0.70 -47.70
N VAL B 196 17.86 1.15 -48.95
CA VAL B 196 18.94 0.67 -49.81
C VAL B 196 19.63 1.86 -50.44
N GLU B 197 20.96 1.86 -50.41
CA GLU B 197 21.77 2.80 -51.16
C GLU B 197 22.73 1.99 -52.03
N THR B 198 22.87 2.39 -53.29
CA THR B 198 23.63 1.64 -54.27
C THR B 198 24.74 2.52 -54.83
N LYS B 199 25.53 1.93 -55.72
CA LYS B 199 26.54 2.67 -56.47
C LYS B 199 25.83 3.46 -57.57
N ASN B 200 26.62 4.12 -58.42
CA ASN B 200 26.04 4.82 -59.57
C ASN B 200 25.65 3.87 -60.69
N SER B 201 26.05 2.59 -60.62
CA SER B 201 25.78 1.67 -61.71
C SER B 201 24.30 1.28 -61.77
N ILE B 202 23.69 0.99 -60.62
CA ILE B 202 22.34 0.45 -60.56
C ILE B 202 21.48 1.36 -59.69
N SER B 203 20.31 1.72 -60.19
CA SER B 203 19.36 2.48 -59.40
C SER B 203 18.71 1.58 -58.35
N PRO B 204 18.24 2.14 -57.23
CA PRO B 204 17.61 1.29 -56.21
C PRO B 204 16.44 0.48 -56.73
N ARG B 205 15.61 1.06 -57.60
CA ARG B 205 14.46 0.33 -58.12
C ARG B 205 14.91 -0.93 -58.86
N ASP B 206 15.89 -0.80 -59.74
CA ASP B 206 16.34 -1.95 -60.52
C ASP B 206 17.00 -3.00 -59.63
N ALA B 207 17.77 -2.57 -58.63
CA ALA B 207 18.40 -3.52 -57.72
C ALA B 207 17.35 -4.32 -56.97
N LEU B 208 16.34 -3.63 -56.42
CA LEU B 208 15.29 -4.34 -55.70
C LEU B 208 14.50 -5.25 -56.63
N ALA B 209 14.24 -4.80 -57.86
CA ALA B 209 13.51 -5.64 -58.81
C ALA B 209 14.29 -6.91 -59.13
N SER B 210 15.60 -6.78 -59.36
CA SER B 210 16.41 -7.96 -59.65
C SER B 210 16.46 -8.90 -58.45
N ALA B 211 16.57 -8.35 -57.24
CA ALA B 211 16.56 -9.20 -56.05
C ALA B 211 15.24 -9.95 -55.94
N GLY B 212 14.13 -9.26 -56.16
CA GLY B 212 12.83 -9.93 -56.13
C GLY B 212 12.70 -11.00 -57.19
N LYS B 213 13.20 -10.73 -58.40
CA LYS B 213 13.14 -11.71 -59.46
C LYS B 213 13.93 -12.96 -59.10
N THR B 214 15.15 -12.77 -58.57
CA THR B 214 15.96 -13.91 -58.19
C THR B 214 15.30 -14.70 -57.07
N LEU B 215 14.71 -14.01 -56.09
CA LEU B 215 14.06 -14.70 -54.99
C LEU B 215 12.84 -15.48 -55.46
N VAL B 216 12.05 -14.90 -56.36
CA VAL B 216 10.90 -15.60 -56.90
C VAL B 216 11.34 -16.85 -57.65
N GLU B 217 12.39 -16.72 -58.48
CA GLU B 217 12.90 -17.88 -59.19
C GLU B 217 13.37 -18.95 -58.22
N LEU B 218 14.03 -18.54 -57.14
CA LEU B 218 14.56 -19.50 -56.17
C LEU B 218 13.43 -20.25 -55.47
N PHE B 219 12.39 -19.53 -55.04
CA PHE B 219 11.25 -20.20 -54.40
C PHE B 219 10.39 -20.94 -55.41
N GLY B 220 10.60 -20.70 -56.71
CA GLY B 220 9.93 -21.51 -57.71
C GLY B 220 10.26 -22.98 -57.59
N LEU B 221 11.47 -23.30 -57.12
CA LEU B 221 11.81 -24.70 -56.88
C LEU B 221 10.86 -25.33 -55.88
N ALA B 222 10.65 -24.66 -54.75
CA ALA B 222 9.72 -25.18 -53.75
C ALA B 222 8.31 -25.23 -54.29
N ARG B 223 7.92 -24.21 -55.07
CA ARG B 223 6.56 -24.19 -55.61
C ARG B 223 6.32 -25.36 -56.56
N GLU B 224 7.33 -25.71 -57.36
CA GLU B 224 7.17 -26.73 -58.39
C GLU B 224 6.90 -28.11 -57.82
N LEU B 225 7.24 -28.37 -56.56
CA LEU B 225 7.03 -29.70 -56.00
C LEU B 225 5.59 -30.14 -56.16
N ASN B 226 4.65 -29.21 -56.03
CA ASN B 226 3.23 -29.52 -56.24
C ASN B 226 2.53 -28.21 -56.55
N VAL B 227 2.04 -28.07 -57.78
CA VAL B 227 1.42 -26.83 -58.23
C VAL B 227 -0.08 -26.85 -57.95
N GLU B 228 -0.53 -27.83 -57.17
CA GLU B 228 -1.93 -27.95 -56.80
C GLU B 228 -2.21 -27.58 -55.36
N ALA B 229 -1.18 -27.51 -54.51
CA ALA B 229 -1.39 -27.17 -53.11
C ALA B 229 -2.01 -25.79 -52.98
N GLU B 230 -3.00 -25.67 -52.09
CA GLU B 230 -3.57 -24.38 -51.77
C GLU B 230 -2.59 -23.56 -50.95
N GLY B 231 -2.56 -22.25 -51.19
CA GLY B 231 -1.64 -21.36 -50.52
C GLY B 231 -2.27 -20.08 -50.02
N ILE B 232 -1.48 -19.01 -49.98
CA ILE B 232 -1.94 -17.71 -49.54
C ILE B 232 -1.81 -16.75 -50.72
N GLU B 233 -2.95 -16.22 -51.19
CA GLU B 233 -3.00 -15.45 -52.43
C GLU B 233 -3.28 -13.98 -52.12
N ILE B 234 -2.38 -13.11 -52.59
CA ILE B 234 -2.63 -11.67 -52.48
C ILE B 234 -3.73 -11.24 -53.44
N GLY B 235 -3.72 -11.76 -54.66
CA GLY B 235 -4.71 -11.40 -55.64
C GLY B 235 -4.19 -10.38 -56.63
N PRO B 236 -4.85 -10.26 -57.78
CA PRO B 236 -4.41 -9.28 -58.78
C PRO B 236 -4.52 -7.86 -58.26
N SER B 237 -3.58 -7.02 -58.69
CA SER B 237 -3.55 -5.62 -58.30
C SER B 237 -4.87 -4.89 -58.56
N ASN C 25 10.66 -47.47 0.25
CA ASN C 25 10.25 -47.08 1.63
C ASN C 25 9.03 -46.16 1.62
N ASN C 26 8.47 -45.92 0.43
CA ASN C 26 7.31 -45.05 0.30
C ASN C 26 6.19 -45.51 1.23
N SER C 27 5.81 -44.65 2.17
CA SER C 27 4.79 -45.01 3.13
C SER C 27 3.45 -45.24 2.44
N VAL C 28 3.05 -44.34 1.57
CA VAL C 28 1.76 -44.48 0.88
C VAL C 28 1.92 -45.50 -0.25
N PRO C 29 1.06 -46.52 -0.33
CA PRO C 29 1.27 -47.56 -1.34
C PRO C 29 1.40 -47.05 -2.77
N GLY C 30 0.42 -46.30 -3.23
CA GLY C 30 0.39 -45.88 -4.63
C GLY C 30 1.19 -44.62 -4.89
N ALA C 31 2.48 -44.65 -4.58
CA ALA C 31 3.31 -43.47 -4.80
C ALA C 31 4.04 -43.57 -6.13
N PRO C 32 4.27 -42.45 -6.82
CA PRO C 32 5.12 -42.49 -8.02
C PRO C 32 6.58 -42.57 -7.62
N ASN C 33 7.25 -43.66 -7.99
CA ASN C 33 8.61 -43.91 -7.56
C ASN C 33 9.54 -42.91 -8.24
N ARG C 34 9.93 -41.86 -7.51
CA ARG C 34 10.88 -40.88 -7.99
C ARG C 34 12.21 -41.09 -7.27
N VAL C 35 13.20 -41.54 -8.01
CA VAL C 35 14.52 -41.77 -7.43
C VAL C 35 15.06 -40.46 -6.88
N SER C 36 15.61 -40.53 -5.67
CA SER C 36 16.06 -39.34 -4.95
C SER C 36 17.56 -39.41 -4.71
N PHE C 37 18.19 -38.24 -4.66
CA PHE C 37 19.62 -38.13 -4.39
C PHE C 37 19.97 -38.21 -2.92
N ALA C 38 18.99 -38.43 -2.05
CA ALA C 38 19.25 -38.44 -0.62
C ALA C 38 20.33 -39.46 -0.29
N LYS C 39 21.27 -39.05 0.57
CA LYS C 39 22.36 -39.91 0.99
C LYS C 39 22.31 -40.27 2.47
N LEU C 40 21.53 -39.56 3.28
CA LEU C 40 21.41 -39.81 4.70
C LEU C 40 20.03 -40.38 4.98
N ARG C 41 20.00 -41.57 5.60
CA ARG C 41 18.72 -42.18 5.96
C ARG C 41 18.05 -41.40 7.08
N GLU C 42 16.73 -41.23 6.94
CA GLU C 42 15.95 -40.51 7.95
C GLU C 42 15.42 -41.50 8.98
N PRO C 43 15.77 -41.35 10.27
CA PRO C 43 15.27 -42.31 11.26
C PRO C 43 13.83 -42.07 11.69
N LEU C 44 13.31 -40.87 11.51
CA LEU C 44 11.96 -40.52 11.93
C LEU C 44 11.16 -40.04 10.71
N GLU C 45 9.97 -40.60 10.53
CA GLU C 45 9.11 -40.18 9.44
C GLU C 45 8.40 -38.87 9.79
N VAL C 46 8.01 -38.15 8.75
CA VAL C 46 7.35 -36.86 8.97
C VAL C 46 6.06 -37.08 9.76
N PRO C 47 5.81 -36.33 10.83
CA PRO C 47 4.55 -36.50 11.56
C PRO C 47 3.37 -35.97 10.76
N GLY C 48 2.17 -36.38 11.17
CA GLY C 48 0.97 -35.83 10.58
C GLY C 48 1.02 -34.33 10.57
N LEU C 49 1.08 -33.73 9.38
CA LEU C 49 1.43 -32.32 9.28
C LEU C 49 0.41 -31.43 9.99
N LEU C 50 -0.87 -31.74 9.86
CA LEU C 50 -1.92 -30.90 10.42
C LEU C 50 -2.31 -31.31 11.84
N ASP C 51 -1.53 -32.17 12.49
CA ASP C 51 -1.85 -32.58 13.85
C ASP C 51 -1.71 -31.44 14.85
N VAL C 52 -1.08 -30.33 14.46
CA VAL C 52 -1.00 -29.18 15.36
C VAL C 52 -2.40 -28.67 15.66
N GLN C 53 -3.30 -28.72 14.69
CA GLN C 53 -4.64 -28.19 14.85
C GLN C 53 -5.60 -29.21 15.44
N THR C 54 -5.53 -30.45 14.97
CA THR C 54 -6.50 -31.46 15.39
C THR C 54 -6.26 -31.91 16.82
N ASP C 55 -5.00 -32.12 17.22
CA ASP C 55 -4.73 -32.58 18.57
C ASP C 55 -5.26 -31.61 19.61
N SER C 56 -5.09 -30.30 19.36
CA SER C 56 -5.53 -29.31 20.33
C SER C 56 -7.03 -29.42 20.58
N PHE C 57 -7.81 -29.52 19.50
CA PHE C 57 -9.26 -29.61 19.66
C PHE C 57 -9.65 -30.92 20.35
N GLU C 58 -9.02 -32.03 19.95
CA GLU C 58 -9.32 -33.30 20.61
C GLU C 58 -9.11 -33.20 22.11
N TRP C 59 -8.10 -32.44 22.53
CA TRP C 59 -7.91 -32.17 23.96
C TRP C 59 -9.08 -31.34 24.51
N LEU C 60 -9.54 -30.37 23.75
CA LEU C 60 -10.61 -29.49 24.23
C LEU C 60 -11.86 -30.28 24.57
N ILE C 61 -12.33 -31.13 23.64
CA ILE C 61 -13.58 -31.85 23.84
C ILE C 61 -13.39 -33.12 24.65
N GLY C 62 -12.18 -33.41 25.11
CA GLY C 62 -11.95 -34.64 25.86
C GLY C 62 -12.25 -35.88 25.07
N SER C 63 -11.84 -35.93 23.80
CA SER C 63 -12.13 -37.07 22.96
C SER C 63 -11.39 -38.30 23.47
N PRO C 64 -11.93 -39.50 23.22
CA PRO C 64 -11.24 -40.71 23.69
C PRO C 64 -9.83 -40.85 23.15
N ARG C 65 -9.59 -40.45 21.90
CA ARG C 65 -8.26 -40.60 21.32
C ARG C 65 -7.23 -39.77 22.08
N TRP C 66 -7.58 -38.54 22.44
CA TRP C 66 -6.65 -37.72 23.21
C TRP C 66 -6.32 -38.37 24.55
N ARG C 67 -7.34 -38.88 25.25
CA ARG C 67 -7.10 -39.52 26.54
C ARG C 67 -6.21 -40.74 26.37
N GLU C 68 -6.44 -41.53 25.32
CA GLU C 68 -5.58 -42.68 25.06
C GLU C 68 -4.15 -42.24 24.77
N SER C 69 -3.98 -41.18 23.98
CA SER C 69 -2.65 -40.67 23.71
C SER C 69 -1.99 -40.15 24.98
N ALA C 70 -2.74 -39.43 25.81
CA ALA C 70 -2.18 -38.92 27.06
C ALA C 70 -1.77 -40.04 27.99
N ALA C 71 -2.35 -41.23 27.84
CA ALA C 71 -1.91 -42.37 28.65
C ALA C 71 -0.45 -42.70 28.37
N GLU C 72 -0.05 -42.69 27.10
CA GLU C 72 1.34 -42.99 26.76
C GLU C 72 2.26 -41.85 27.17
N ARG C 73 1.81 -40.60 27.00
CA ARG C 73 2.69 -39.46 27.27
C ARG C 73 3.12 -39.41 28.73
N GLY C 74 2.35 -40.01 29.64
CA GLY C 74 2.77 -40.09 31.03
C GLY C 74 2.00 -39.17 31.97
N ASP C 75 0.69 -39.04 31.76
CA ASP C 75 -0.16 -38.26 32.64
C ASP C 75 -1.12 -39.21 33.35
N VAL C 76 -1.10 -39.16 34.68
CA VAL C 76 -1.92 -40.09 35.47
C VAL C 76 -3.39 -39.74 35.38
N ASN C 77 -3.73 -38.46 35.55
CA ASN C 77 -5.11 -37.99 35.59
C ASN C 77 -5.26 -36.81 34.64
N PRO C 78 -5.19 -37.06 33.33
CA PRO C 78 -5.40 -35.97 32.37
C PRO C 78 -6.83 -35.47 32.42
N VAL C 79 -7.00 -34.18 32.15
CA VAL C 79 -8.30 -33.52 32.16
C VAL C 79 -8.46 -32.75 30.85
N GLY C 80 -9.63 -32.86 30.25
CA GLY C 80 -9.90 -32.20 28.99
C GLY C 80 -10.09 -30.70 29.16
N GLY C 81 -10.33 -30.05 28.02
CA GLY C 81 -10.50 -28.60 28.02
C GLY C 81 -11.75 -28.18 28.74
N LEU C 82 -12.92 -28.58 28.22
CA LEU C 82 -14.18 -28.23 28.88
C LEU C 82 -14.22 -28.81 30.30
N GLU C 83 -13.78 -30.06 30.46
CA GLU C 83 -13.78 -30.67 31.78
C GLU C 83 -12.98 -29.86 32.79
N GLU C 84 -12.18 -28.89 32.33
CA GLU C 84 -11.41 -28.03 33.23
C GLU C 84 -12.11 -26.70 33.49
N VAL C 85 -12.66 -26.09 32.44
CA VAL C 85 -13.22 -24.75 32.58
C VAL C 85 -14.45 -24.77 33.47
N LEU C 86 -15.31 -25.78 33.32
CA LEU C 86 -16.52 -25.89 34.13
C LEU C 86 -16.33 -26.76 35.36
N TYR C 87 -15.14 -27.32 35.57
CA TYR C 87 -14.81 -28.01 36.81
C TYR C 87 -14.21 -27.04 37.82
N GLU C 88 -13.24 -26.23 37.38
CA GLU C 88 -12.64 -25.25 38.28
C GLU C 88 -13.66 -24.23 38.74
N LEU C 89 -14.56 -23.81 37.85
CA LEU C 89 -15.58 -22.84 38.22
C LEU C 89 -16.47 -23.39 39.33
N SER C 90 -16.91 -24.63 39.18
CA SER C 90 -17.75 -25.25 40.20
C SER C 90 -16.92 -25.54 41.45
N PRO C 91 -17.54 -25.50 42.63
CA PRO C 91 -18.93 -25.13 42.92
C PRO C 91 -19.10 -23.62 43.01
N ILE C 92 -20.32 -23.11 42.78
CA ILE C 92 -20.62 -21.68 42.92
C ILE C 92 -21.55 -21.52 44.12
N GLU C 93 -21.23 -20.56 44.98
CA GLU C 93 -21.98 -20.34 46.21
C GLU C 93 -22.88 -19.12 46.06
N ASP C 94 -23.67 -18.85 47.11
CA ASP C 94 -24.63 -17.76 47.12
C ASP C 94 -24.29 -16.70 48.15
N PHE C 95 -23.03 -16.61 48.56
CA PHE C 95 -22.54 -15.68 49.57
C PHE C 95 -22.96 -16.07 50.97
N SER C 96 -23.76 -17.13 51.13
CA SER C 96 -24.18 -17.59 52.45
C SER C 96 -23.92 -19.07 52.69
N GLY C 97 -23.68 -19.87 51.65
CA GLY C 97 -23.44 -21.28 51.83
C GLY C 97 -24.69 -22.13 51.93
N SER C 98 -25.88 -21.52 51.86
CA SER C 98 -27.12 -22.27 51.92
C SER C 98 -27.58 -22.78 50.57
N MET C 99 -26.98 -22.31 49.48
CA MET C 99 -27.31 -22.80 48.15
C MET C 99 -26.04 -22.86 47.32
N SER C 100 -25.80 -24.01 46.70
CA SER C 100 -24.62 -24.22 45.85
C SER C 100 -25.03 -25.01 44.61
N LEU C 101 -24.42 -24.64 43.48
CA LEU C 101 -24.68 -25.29 42.21
C LEU C 101 -23.36 -25.81 41.65
N SER C 102 -23.40 -27.03 41.11
CA SER C 102 -22.23 -27.67 40.55
C SER C 102 -22.62 -28.43 39.29
N PHE C 103 -21.79 -28.29 38.25
CA PHE C 103 -21.97 -29.04 37.02
C PHE C 103 -20.63 -29.62 36.57
N SER C 104 -20.71 -30.78 35.92
CA SER C 104 -19.52 -31.49 35.48
C SER C 104 -19.94 -32.49 34.41
N ASP C 105 -19.00 -33.31 33.95
CA ASP C 105 -19.27 -34.38 33.00
C ASP C 105 -19.87 -33.82 31.72
N PRO C 106 -19.09 -33.10 30.91
CA PRO C 106 -19.62 -32.60 29.63
C PRO C 106 -19.53 -33.63 28.53
N ARG C 107 -20.59 -33.79 27.75
CA ARG C 107 -20.64 -34.77 26.68
C ARG C 107 -21.28 -34.15 25.44
N PHE C 108 -20.81 -34.57 24.27
CA PHE C 108 -21.32 -34.08 23.01
C PHE C 108 -22.30 -35.10 22.40
N ASP C 109 -22.85 -34.74 21.25
CA ASP C 109 -23.79 -35.60 20.54
C ASP C 109 -23.43 -35.58 19.06
N ASP C 110 -24.00 -36.51 18.31
CA ASP C 110 -23.70 -36.62 16.89
C ASP C 110 -24.01 -35.30 16.19
N VAL C 111 -23.10 -34.88 15.31
CA VAL C 111 -23.22 -33.62 14.58
C VAL C 111 -24.57 -33.57 13.88
N LYS C 112 -25.14 -32.37 13.77
CA LYS C 112 -26.48 -32.24 13.21
C LYS C 112 -26.52 -32.67 11.76
N ALA C 113 -25.58 -32.17 10.95
CA ALA C 113 -25.52 -32.52 9.54
C ALA C 113 -24.06 -32.64 9.13
N PRO C 114 -23.77 -33.44 8.09
CA PRO C 114 -22.38 -33.57 7.63
C PRO C 114 -21.83 -32.23 7.12
N VAL C 115 -20.53 -32.25 6.81
CA VAL C 115 -19.87 -31.03 6.37
C VAL C 115 -20.46 -30.53 5.05
N ASP C 116 -20.68 -31.44 4.11
CA ASP C 116 -21.15 -31.01 2.79
C ASP C 116 -22.51 -30.33 2.88
N GLU C 117 -23.43 -30.90 3.66
CA GLU C 117 -24.75 -30.28 3.80
C GLU C 117 -24.62 -28.90 4.44
N CYS C 118 -23.82 -28.78 5.49
CA CYS C 118 -23.65 -27.49 6.15
C CYS C 118 -22.89 -26.50 5.28
N LYS C 119 -22.20 -26.97 4.24
CA LYS C 119 -21.52 -26.06 3.33
C LYS C 119 -22.46 -25.60 2.22
N ASP C 120 -23.33 -26.49 1.75
CA ASP C 120 -24.29 -26.12 0.71
C ASP C 120 -25.43 -25.27 1.26
N LYS C 121 -25.93 -25.61 2.45
CA LYS C 121 -27.09 -24.97 3.02
C LYS C 121 -26.74 -23.74 3.85
N ASP C 122 -25.47 -23.33 3.85
CA ASP C 122 -25.02 -22.19 4.65
C ASP C 122 -25.39 -22.36 6.12
N MET C 123 -25.22 -23.58 6.63
CA MET C 123 -25.41 -23.88 8.04
C MET C 123 -24.07 -23.82 8.75
N THR C 124 -24.04 -24.24 10.00
CA THR C 124 -22.83 -24.23 10.82
C THR C 124 -22.59 -25.62 11.38
N TYR C 125 -21.49 -26.25 10.95
CA TYR C 125 -21.12 -27.57 11.46
C TYR C 125 -20.96 -27.51 12.97
N ALA C 126 -21.83 -28.17 13.71
CA ALA C 126 -21.83 -28.07 15.15
C ALA C 126 -22.43 -29.34 15.76
N ALA C 127 -22.27 -29.47 17.06
CA ALA C 127 -22.88 -30.53 17.83
C ALA C 127 -23.42 -29.95 19.13
N PRO C 128 -24.53 -30.46 19.63
CA PRO C 128 -25.09 -29.93 20.89
C PRO C 128 -24.35 -30.47 22.10
N LEU C 129 -24.15 -29.61 23.08
CA LEU C 129 -23.38 -29.91 24.28
C LEU C 129 -24.31 -30.01 25.47
N PHE C 130 -24.22 -31.11 26.21
CA PHE C 130 -25.00 -31.34 27.41
C PHE C 130 -24.07 -31.52 28.60
N VAL C 131 -24.42 -30.89 29.72
CA VAL C 131 -23.66 -31.00 30.96
C VAL C 131 -24.61 -31.41 32.06
N THR C 132 -24.07 -32.06 33.10
CA THR C 132 -24.85 -32.59 34.20
C THR C 132 -24.69 -31.66 35.40
N ALA C 133 -25.67 -30.79 35.61
CA ALA C 133 -25.69 -29.88 36.73
C ALA C 133 -26.55 -30.44 37.85
N GLU C 134 -26.18 -30.14 39.09
CA GLU C 134 -26.93 -30.59 40.25
C GLU C 134 -27.00 -29.47 41.28
N PHE C 135 -28.17 -29.34 41.90
CA PHE C 135 -28.42 -28.35 42.95
C PHE C 135 -28.49 -29.06 44.28
N ILE C 136 -27.80 -28.52 45.29
CA ILE C 136 -27.59 -29.23 46.54
C ILE C 136 -28.62 -28.85 47.59
N ASN C 137 -28.97 -27.57 47.71
CA ASN C 137 -29.93 -27.11 48.70
C ASN C 137 -29.44 -27.45 50.12
N ASN C 138 -28.33 -26.81 50.48
CA ASN C 138 -27.65 -27.12 51.74
C ASN C 138 -28.62 -27.06 52.92
N ASN C 139 -29.49 -26.06 52.95
CA ASN C 139 -30.40 -25.91 54.08
C ASN C 139 -31.34 -27.11 54.20
N THR C 140 -32.16 -27.33 53.18
CA THR C 140 -33.11 -28.43 53.22
C THR C 140 -32.40 -29.77 53.14
N GLY C 141 -31.45 -29.91 52.21
CA GLY C 141 -30.68 -31.11 52.01
C GLY C 141 -31.01 -31.86 50.73
N GLU C 142 -32.25 -31.75 50.26
CA GLU C 142 -32.65 -32.42 49.03
C GLU C 142 -31.85 -31.88 47.85
N ILE C 143 -31.53 -32.75 46.90
CA ILE C 143 -30.75 -32.39 45.72
C ILE C 143 -31.56 -32.69 44.48
N LYS C 144 -31.25 -31.97 43.40
CA LYS C 144 -31.90 -32.16 42.11
C LYS C 144 -30.85 -32.03 41.03
N SER C 145 -30.73 -33.05 40.18
CA SER C 145 -29.70 -33.08 39.14
C SER C 145 -30.30 -33.60 37.85
N GLN C 146 -29.96 -32.95 36.74
CA GLN C 146 -30.36 -33.43 35.42
C GLN C 146 -29.52 -32.72 34.37
N THR C 147 -29.53 -33.28 33.16
CA THR C 147 -28.75 -32.71 32.07
C THR C 147 -29.30 -31.35 31.67
N VAL C 148 -28.41 -30.48 31.20
CA VAL C 148 -28.76 -29.13 30.81
C VAL C 148 -28.15 -28.83 29.46
N PHE C 149 -28.99 -28.53 28.47
CA PHE C 149 -28.49 -28.12 27.17
C PHE C 149 -27.65 -26.87 27.30
N MET C 150 -26.48 -26.88 26.66
CA MET C 150 -25.52 -25.80 26.79
C MET C 150 -25.26 -25.05 25.49
N GLY C 151 -25.74 -25.54 24.36
CA GLY C 151 -25.55 -24.90 23.08
C GLY C 151 -24.99 -25.85 22.05
N ASP C 152 -25.07 -25.41 20.80
CA ASP C 152 -24.53 -26.15 19.67
C ASP C 152 -23.07 -25.76 19.50
N PHE C 153 -22.17 -26.66 19.85
CA PHE C 153 -20.75 -26.35 19.84
C PHE C 153 -20.19 -26.52 18.43
N PRO C 154 -19.54 -25.50 17.87
CA PRO C 154 -18.94 -25.67 16.53
C PRO C 154 -17.82 -26.70 16.55
N MET C 155 -18.03 -27.82 15.88
CA MET C 155 -17.04 -28.89 15.86
C MET C 155 -16.05 -28.64 14.71
N MET C 156 -15.00 -29.46 14.69
CA MET C 156 -13.91 -29.33 13.74
C MET C 156 -13.91 -30.53 12.81
N THR C 157 -14.00 -30.26 11.51
CA THR C 157 -13.98 -31.34 10.54
C THR C 157 -12.63 -32.04 10.56
N GLU C 158 -12.55 -33.16 9.85
CA GLU C 158 -11.35 -34.00 9.90
C GLU C 158 -10.11 -33.25 9.40
N LYS C 159 -10.29 -32.20 8.61
CA LYS C 159 -9.18 -31.47 8.02
C LYS C 159 -8.73 -30.29 8.88
N GLY C 160 -9.31 -30.10 10.05
CA GLY C 160 -8.88 -29.01 10.91
C GLY C 160 -9.42 -27.65 10.53
N THR C 161 -10.60 -27.60 9.91
CA THR C 161 -11.23 -26.35 9.52
C THR C 161 -12.63 -26.27 10.13
N PHE C 162 -12.95 -25.12 10.71
CA PHE C 162 -14.28 -24.88 11.26
C PHE C 162 -15.19 -24.38 10.14
N ILE C 163 -16.32 -25.06 9.95
CA ILE C 163 -17.31 -24.64 8.94
C ILE C 163 -18.33 -23.78 9.69
N ILE C 164 -18.05 -22.48 9.76
CA ILE C 164 -18.90 -21.52 10.46
C ILE C 164 -19.71 -20.76 9.42
N ASN C 165 -21.03 -20.90 9.50
CA ASN C 165 -21.94 -20.15 8.63
C ASN C 165 -21.71 -20.46 7.16
N GLY C 166 -21.19 -21.66 6.87
CA GLY C 166 -20.99 -22.10 5.51
C GLY C 166 -19.62 -21.78 4.92
N THR C 167 -18.77 -21.06 5.64
CA THR C 167 -17.45 -20.69 5.17
C THR C 167 -16.39 -21.36 6.03
N GLU C 168 -15.48 -22.09 5.38
CA GLU C 168 -14.42 -22.78 6.12
C GLU C 168 -13.52 -21.76 6.78
N ARG C 169 -13.46 -21.80 8.11
CA ARG C 169 -12.62 -20.90 8.89
C ARG C 169 -11.53 -21.69 9.58
N VAL C 170 -10.33 -21.12 9.62
CA VAL C 170 -9.19 -21.70 10.32
C VAL C 170 -8.70 -20.69 11.34
N VAL C 171 -8.53 -21.14 12.58
CA VAL C 171 -8.02 -20.29 13.65
C VAL C 171 -6.52 -20.58 13.78
N VAL C 172 -5.71 -19.53 13.66
CA VAL C 172 -4.27 -19.68 13.67
C VAL C 172 -3.77 -19.65 15.11
N SER C 173 -2.89 -20.59 15.44
CA SER C 173 -2.26 -20.59 16.75
C SER C 173 -1.61 -19.24 17.02
N GLN C 174 -1.44 -18.93 18.30
CA GLN C 174 -0.96 -17.62 18.72
C GLN C 174 0.22 -17.75 19.67
N LEU C 175 1.19 -16.86 19.51
CA LEU C 175 2.37 -16.82 20.37
C LEU C 175 2.18 -15.73 21.42
N VAL C 176 2.41 -16.09 22.68
CA VAL C 176 2.19 -15.18 23.79
C VAL C 176 3.27 -15.42 24.85
N ARG C 177 3.56 -14.38 25.62
CA ARG C 177 4.50 -14.51 26.73
C ARG C 177 4.00 -15.53 27.74
N SER C 178 4.89 -16.38 28.21
CA SER C 178 4.51 -17.41 29.17
C SER C 178 4.40 -16.81 30.56
N PRO C 179 3.26 -16.97 31.25
CA PRO C 179 3.16 -16.46 32.61
C PRO C 179 4.21 -17.09 33.52
N GLY C 180 4.76 -16.28 34.41
CA GLY C 180 5.81 -16.76 35.31
C GLY C 180 6.60 -15.59 35.87
N VAL C 181 7.87 -15.86 36.15
CA VAL C 181 8.80 -14.86 36.69
C VAL C 181 9.96 -14.71 35.72
N TYR C 182 10.27 -13.47 35.38
CA TYR C 182 11.33 -13.15 34.41
C TYR C 182 12.32 -12.21 35.10
N PHE C 183 13.46 -12.76 35.54
CA PHE C 183 14.46 -11.98 36.27
C PHE C 183 15.21 -11.11 35.28
N ASP C 184 14.54 -10.04 34.86
CA ASP C 184 15.14 -9.07 33.96
C ASP C 184 16.17 -8.24 34.70
N GLU C 185 17.16 -7.75 33.96
CA GLU C 185 18.18 -6.87 34.51
C GLU C 185 18.55 -5.81 33.47
N THR C 186 19.04 -4.69 33.97
CA THR C 186 19.49 -3.60 33.11
C THR C 186 20.72 -2.95 33.75
N ILE C 187 21.53 -2.30 32.91
CA ILE C 187 22.76 -1.66 33.33
C ILE C 187 22.58 -0.16 33.23
N ASP C 188 22.92 0.55 34.31
CA ASP C 188 22.80 2.00 34.31
C ASP C 188 23.92 2.63 33.49
N LYS C 189 23.63 3.79 32.92
CA LYS C 189 24.61 4.51 32.10
C LYS C 189 25.38 5.55 32.90
N SER C 190 24.66 6.43 33.59
CA SER C 190 25.31 7.47 34.38
C SER C 190 26.11 6.86 35.54
N THR C 191 25.55 5.85 36.20
CA THR C 191 26.20 5.25 37.35
C THR C 191 27.03 4.01 37.00
N ASP C 192 26.75 3.37 35.87
CA ASP C 192 27.46 2.16 35.48
C ASP C 192 27.32 1.07 36.54
N LYS C 193 26.11 0.94 37.09
CA LYS C 193 25.80 -0.05 38.10
C LYS C 193 24.62 -0.89 37.63
N THR C 194 24.67 -2.19 37.93
CA THR C 194 23.66 -3.11 37.44
C THR C 194 22.38 -2.98 38.25
N LEU C 195 21.26 -2.83 37.55
CA LEU C 195 19.93 -2.77 38.16
C LEU C 195 19.14 -3.99 37.71
N HIS C 196 18.78 -4.84 38.65
CA HIS C 196 17.97 -6.02 38.37
C HIS C 196 16.51 -5.73 38.70
N SER C 197 15.61 -6.42 38.02
CA SER C 197 14.17 -6.22 38.22
C SER C 197 13.44 -7.49 37.81
N VAL C 198 12.94 -8.23 38.79
CA VAL C 198 12.05 -9.36 38.52
C VAL C 198 10.64 -8.84 38.33
N LYS C 199 9.90 -9.45 37.41
CA LYS C 199 8.57 -8.97 37.02
C LYS C 199 7.65 -10.17 36.91
N VAL C 200 6.94 -10.49 38.00
CA VAL C 200 6.04 -11.64 38.01
C VAL C 200 4.86 -11.35 37.10
N ILE C 201 4.66 -12.19 36.10
CA ILE C 201 3.60 -12.02 35.12
C ILE C 201 2.60 -13.16 35.26
N PRO C 202 1.45 -12.96 35.87
CA PRO C 202 0.44 -14.01 35.96
C PRO C 202 -0.52 -13.98 34.78
N SER C 203 -1.36 -15.01 34.71
CA SER C 203 -2.39 -15.05 33.67
C SER C 203 -3.37 -13.90 33.86
N ARG C 204 -3.77 -13.63 35.09
CA ARG C 204 -4.68 -12.52 35.38
C ARG C 204 -4.46 -12.09 36.82
N GLY C 205 -4.27 -10.79 37.02
CA GLY C 205 -4.04 -10.25 38.34
C GLY C 205 -3.16 -9.02 38.27
N ALA C 206 -2.43 -8.78 39.34
CA ALA C 206 -1.57 -7.61 39.47
C ALA C 206 -0.12 -7.96 39.14
N TRP C 207 0.70 -6.92 39.00
CA TRP C 207 2.12 -7.04 38.73
C TRP C 207 2.90 -6.74 40.01
N LEU C 208 4.00 -7.45 40.22
CA LEU C 208 4.77 -7.38 41.46
C LEU C 208 6.23 -7.09 41.17
N GLU C 209 6.49 -6.05 40.39
CA GLU C 209 7.86 -5.70 39.98
C GLU C 209 8.70 -5.38 41.20
N PHE C 210 9.66 -6.25 41.53
CA PHE C 210 10.62 -6.01 42.62
C PHE C 210 11.90 -5.44 42.01
N ASP C 211 11.85 -4.18 41.60
CA ASP C 211 13.01 -3.54 41.00
C ASP C 211 13.94 -3.00 42.07
N VAL C 212 15.24 -3.09 41.80
CA VAL C 212 16.27 -2.51 42.67
C VAL C 212 16.84 -1.29 41.97
N ASP C 213 17.05 -0.22 42.73
CA ASP C 213 17.50 1.05 42.19
C ASP C 213 18.89 1.39 42.71
N LYS C 214 19.57 2.28 41.99
CA LYS C 214 20.88 2.73 42.43
C LYS C 214 20.81 3.36 43.81
N ARG C 215 19.64 3.88 44.19
CA ARG C 215 19.42 4.38 45.54
C ARG C 215 19.36 3.26 46.57
N ASP C 216 19.36 2.01 46.13
CA ASP C 216 19.27 0.81 46.97
C ASP C 216 17.89 0.67 47.60
N THR C 217 16.90 1.43 47.14
CA THR C 217 15.54 1.31 47.64
C THR C 217 14.80 0.22 46.87
N VAL C 218 15.25 -1.02 47.11
CA VAL C 218 14.57 -2.17 46.53
C VAL C 218 13.13 -2.15 46.99
N GLY C 219 12.20 -1.99 46.06
CA GLY C 219 10.81 -1.75 46.40
C GLY C 219 9.86 -2.45 45.45
N VAL C 220 8.64 -2.63 45.94
CA VAL C 220 7.54 -3.19 45.17
C VAL C 220 6.83 -2.07 44.45
N ARG C 221 6.20 -2.40 43.33
CA ARG C 221 5.48 -1.43 42.51
C ARG C 221 4.14 -2.01 42.08
N ILE C 222 3.40 -2.57 43.04
CA ILE C 222 2.14 -3.25 42.73
C ILE C 222 1.30 -2.37 41.82
N ASP C 223 0.84 -2.95 40.72
CA ASP C 223 -0.01 -2.24 39.76
C ASP C 223 0.64 -0.96 39.27
N ARG C 224 1.97 -0.94 39.21
CA ARG C 224 2.72 0.25 38.79
C ARG C 224 2.42 1.44 39.70
N LYS C 225 2.18 1.17 40.98
CA LYS C 225 1.93 2.22 41.96
C LYS C 225 3.26 2.83 42.40
N ARG C 226 3.18 3.84 43.25
CA ARG C 226 4.40 4.48 43.75
C ARG C 226 5.30 3.44 44.41
N ARG C 227 6.58 3.45 44.03
CA ARG C 227 7.51 2.44 44.55
C ARG C 227 7.60 2.53 46.06
N GLN C 228 7.54 1.37 46.71
CA GLN C 228 7.66 1.26 48.15
C GLN C 228 8.66 0.16 48.48
N PRO C 229 9.56 0.38 49.44
CA PRO C 229 10.58 -0.64 49.73
C PRO C 229 9.95 -1.97 50.09
N VAL C 230 10.58 -3.05 49.63
CA VAL C 230 10.02 -4.39 49.80
C VAL C 230 9.92 -4.77 51.27
N THR C 231 10.76 -4.19 52.11
CA THR C 231 10.70 -4.52 53.54
C THR C 231 9.32 -4.23 54.11
N VAL C 232 8.66 -3.18 53.61
CA VAL C 232 7.31 -2.86 54.09
C VAL C 232 6.35 -3.99 53.74
N LEU C 233 6.34 -4.41 52.48
CA LEU C 233 5.45 -5.49 52.06
C LEU C 233 5.79 -6.79 52.78
N LEU C 234 7.08 -7.10 52.92
CA LEU C 234 7.48 -8.32 53.60
C LEU C 234 6.99 -8.34 55.04
N LYS C 235 7.13 -7.21 55.74
CA LYS C 235 6.60 -7.13 57.10
C LYS C 235 5.08 -7.25 57.09
N ALA C 236 4.41 -6.62 56.12
CA ALA C 236 2.96 -6.74 56.01
C ALA C 236 2.55 -8.19 55.85
N LEU C 237 3.40 -9.02 55.25
CA LEU C 237 3.14 -10.45 55.18
C LEU C 237 3.27 -11.13 56.53
N GLY C 238 3.78 -10.44 57.54
CA GLY C 238 3.90 -10.99 58.87
C GLY C 238 5.26 -11.52 59.24
N TRP C 239 6.23 -11.48 58.33
CA TRP C 239 7.56 -11.97 58.64
C TRP C 239 8.18 -11.17 59.79
N THR C 240 8.69 -11.89 60.78
CA THR C 240 9.28 -11.24 61.95
C THR C 240 10.65 -10.67 61.60
N SER C 241 11.04 -9.63 62.35
CA SER C 241 12.34 -9.01 62.12
C SER C 241 13.47 -10.00 62.34
N GLU C 242 13.39 -10.80 63.40
CA GLU C 242 14.45 -11.77 63.67
C GLU C 242 14.55 -12.80 62.56
N GLN C 243 13.40 -13.29 62.07
CA GLN C 243 13.42 -14.29 61.01
C GLN C 243 14.00 -13.72 59.73
N ILE C 244 13.68 -12.47 59.41
CA ILE C 244 14.23 -11.82 58.23
C ILE C 244 15.74 -11.69 58.34
N VAL C 245 16.22 -11.24 59.51
CA VAL C 245 17.65 -11.00 59.68
C VAL C 245 18.43 -12.30 59.57
N GLU C 246 17.97 -13.34 60.26
CA GLU C 246 18.70 -14.61 60.26
C GLU C 246 18.70 -15.24 58.88
N ARG C 247 17.59 -15.16 58.14
CA ARG C 247 17.53 -15.77 56.83
C ARG C 247 18.36 -14.99 55.82
N PHE C 248 18.32 -13.67 55.88
CA PHE C 248 19.03 -12.80 54.94
C PHE C 248 20.32 -12.25 55.51
N GLY C 249 20.90 -12.94 56.50
CA GLY C 249 22.15 -12.49 57.07
C GLY C 249 23.35 -12.58 56.15
N PHE C 250 23.21 -13.28 55.02
CA PHE C 250 24.28 -13.46 54.06
C PHE C 250 24.21 -12.47 52.91
N SER C 251 23.29 -11.50 52.97
CA SER C 251 23.10 -10.51 51.92
C SER C 251 23.33 -9.13 52.50
N GLU C 252 24.47 -8.52 52.15
CA GLU C 252 24.83 -7.22 52.72
C GLU C 252 23.82 -6.15 52.33
N ILE C 253 23.42 -6.12 51.06
CA ILE C 253 22.51 -5.05 50.62
C ILE C 253 21.17 -5.18 51.32
N MET C 254 20.71 -6.41 51.57
CA MET C 254 19.46 -6.60 52.29
C MET C 254 19.55 -6.01 53.70
N ARG C 255 20.65 -6.28 54.41
CA ARG C 255 20.80 -5.73 55.75
C ARG C 255 20.84 -4.21 55.72
N SER C 256 21.59 -3.64 54.78
CA SER C 256 21.66 -2.18 54.68
C SER C 256 20.29 -1.59 54.41
N THR C 257 19.53 -2.19 53.51
CA THR C 257 18.17 -1.73 53.26
C THR C 257 17.30 -1.91 54.50
N LEU C 258 17.46 -3.04 55.20
CA LEU C 258 16.68 -3.27 56.41
C LEU C 258 16.98 -2.21 57.46
N GLU C 259 18.25 -1.84 57.62
CA GLU C 259 18.62 -0.79 58.56
C GLU C 259 18.30 0.60 58.05
N LYS C 260 18.00 0.75 56.75
CA LYS C 260 17.70 2.05 56.17
C LYS C 260 16.20 2.30 56.03
N ASP C 261 15.36 1.28 56.21
CA ASP C 261 13.93 1.47 56.10
C ASP C 261 13.42 2.37 57.21
N ASN C 262 12.32 3.08 56.93
CA ASN C 262 11.72 3.99 57.88
C ASN C 262 10.44 3.42 58.49
N THR C 263 9.49 3.03 57.65
CA THR C 263 8.24 2.46 58.14
C THR C 263 8.48 1.03 58.62
N VAL C 264 8.01 0.72 59.83
CA VAL C 264 8.15 -0.61 60.40
C VAL C 264 6.86 -0.96 61.14
N GLY C 265 6.56 -2.25 61.20
CA GLY C 265 5.37 -2.74 61.87
C GLY C 265 4.40 -3.39 60.91
N THR C 266 3.94 -4.59 61.25
CA THR C 266 3.03 -5.31 60.35
C THR C 266 1.73 -4.53 60.17
N ASP C 267 1.16 -4.03 61.27
CA ASP C 267 -0.07 -3.24 61.15
C ASP C 267 0.17 -1.95 60.38
N GLU C 268 1.26 -1.26 60.69
CA GLU C 268 1.61 -0.05 59.95
C GLU C 268 1.89 -0.37 58.49
N ALA C 269 2.60 -1.47 58.23
CA ALA C 269 2.93 -1.83 56.86
C ALA C 269 1.67 -2.10 56.03
N LEU C 270 0.79 -2.96 56.54
CA LEU C 270 -0.41 -3.29 55.79
C LEU C 270 -1.30 -2.07 55.58
N LEU C 271 -1.37 -1.18 56.57
CA LEU C 271 -2.13 0.05 56.38
C LEU C 271 -1.53 0.90 55.26
N ASP C 272 -0.19 1.00 55.23
CA ASP C 272 0.46 1.73 54.14
C ASP C 272 0.17 1.04 52.81
N ILE C 273 0.23 -0.29 52.78
CA ILE C 273 -0.12 -1.03 51.56
C ILE C 273 -1.56 -0.73 51.17
N TYR C 274 -2.47 -0.73 52.15
CA TYR C 274 -3.87 -0.44 51.86
C TYR C 274 -4.04 0.98 51.31
N ARG C 275 -3.35 1.95 51.91
CA ARG C 275 -3.43 3.32 51.41
C ARG C 275 -2.85 3.43 50.00
N LYS C 276 -1.69 2.81 49.78
CA LYS C 276 -1.05 2.89 48.48
C LYS C 276 -1.92 2.24 47.40
N LEU C 277 -2.45 1.05 47.69
CA LEU C 277 -3.23 0.34 46.68
C LEU C 277 -4.55 1.04 46.41
N ARG C 278 -5.27 1.41 47.45
CA ARG C 278 -6.59 2.07 47.33
C ARG C 278 -6.62 3.27 48.26
N PRO C 279 -5.98 4.36 47.87
CA PRO C 279 -6.00 5.57 48.71
C PRO C 279 -7.40 6.19 48.77
N GLY C 280 -7.63 6.94 49.84
CA GLY C 280 -8.91 7.58 50.05
C GLY C 280 -9.96 6.69 50.64
N GLU C 281 -9.57 5.59 51.28
CA GLU C 281 -10.49 4.61 51.85
C GLU C 281 -10.19 4.46 53.33
N PRO C 282 -11.18 4.03 54.13
CA PRO C 282 -10.96 3.89 55.57
C PRO C 282 -9.83 2.93 55.85
N PRO C 283 -8.73 3.40 56.45
CA PRO C 283 -7.58 2.50 56.73
C PRO C 283 -7.81 1.61 57.97
N THR C 284 -8.53 0.52 57.75
CA THR C 284 -8.82 -0.46 58.79
C THR C 284 -8.00 -1.71 58.55
N LYS C 285 -7.53 -2.33 59.64
CA LYS C 285 -6.67 -3.50 59.51
C LYS C 285 -7.37 -4.63 58.78
N GLU C 286 -8.65 -4.88 59.11
CA GLU C 286 -9.37 -5.97 58.47
C GLU C 286 -9.49 -5.75 56.97
N SER C 287 -9.71 -4.51 56.55
CA SER C 287 -9.79 -4.21 55.12
C SER C 287 -8.48 -4.54 54.42
N ALA C 288 -7.35 -4.19 55.04
CA ALA C 288 -6.05 -4.48 54.43
C ALA C 288 -5.85 -5.98 54.27
N GLN C 289 -6.22 -6.76 55.28
CA GLN C 289 -6.06 -8.21 55.18
C GLN C 289 -6.90 -8.78 54.05
N THR C 290 -8.13 -8.28 53.88
CA THR C 290 -8.96 -8.73 52.78
C THR C 290 -8.31 -8.43 51.44
N LEU C 291 -7.74 -7.22 51.29
CA LEU C 291 -7.04 -6.89 50.06
C LEU C 291 -5.84 -7.80 49.85
N LEU C 292 -5.06 -8.04 50.90
CA LEU C 292 -3.89 -8.89 50.77
C LEU C 292 -4.28 -10.30 50.32
N GLU C 293 -5.25 -10.90 51.00
CA GLU C 293 -5.73 -12.22 50.59
C GLU C 293 -6.38 -12.16 49.22
N ASN C 294 -7.15 -11.11 48.95
CA ASN C 294 -7.83 -10.99 47.66
C ASN C 294 -6.83 -10.82 46.53
N LEU C 295 -5.60 -10.38 46.83
CA LEU C 295 -4.63 -10.08 45.79
C LEU C 295 -3.62 -11.21 45.56
N PHE C 296 -3.32 -12.02 46.58
CA PHE C 296 -2.30 -13.05 46.48
C PHE C 296 -2.84 -14.47 46.66
N PHE C 297 -3.88 -14.67 47.47
CA PHE C 297 -4.37 -16.00 47.77
C PHE C 297 -5.73 -16.31 47.18
N LYS C 298 -6.45 -15.31 46.65
CA LYS C 298 -7.74 -15.59 46.05
C LYS C 298 -7.55 -16.32 44.72
N GLU C 299 -8.19 -17.48 44.59
CA GLU C 299 -8.00 -18.34 43.43
C GLU C 299 -8.75 -17.84 42.20
N LYS C 300 -9.59 -16.82 42.33
CA LYS C 300 -10.32 -16.25 41.21
C LYS C 300 -9.74 -14.91 40.77
N ARG C 301 -9.50 -13.99 41.71
CA ARG C 301 -9.00 -12.67 41.35
C ARG C 301 -7.62 -12.75 40.72
N TYR C 302 -6.68 -13.42 41.40
CA TYR C 302 -5.31 -13.57 40.93
C TYR C 302 -5.08 -15.04 40.59
N ASP C 303 -4.69 -15.32 39.36
CA ASP C 303 -4.58 -16.69 38.89
C ASP C 303 -3.56 -16.79 37.78
N LEU C 304 -2.79 -17.88 37.80
CA LEU C 304 -1.89 -18.23 36.70
C LEU C 304 -2.17 -19.68 36.31
N ALA C 305 -2.13 -19.94 35.01
CA ALA C 305 -2.49 -21.26 34.53
C ALA C 305 -1.49 -22.30 35.03
N ARG C 306 -1.82 -23.58 34.79
CA ARG C 306 -0.92 -24.65 35.20
C ARG C 306 0.47 -24.45 34.59
N VAL C 307 0.53 -23.93 33.37
CA VAL C 307 1.82 -23.67 32.74
C VAL C 307 2.62 -22.65 33.54
N GLY C 308 1.94 -21.59 34.00
CA GLY C 308 2.63 -20.60 34.81
C GLY C 308 3.20 -21.17 36.08
N ARG C 309 2.42 -22.00 36.78
CA ARG C 309 2.91 -22.61 38.00
C ARG C 309 4.11 -23.51 37.71
N TYR C 310 4.07 -24.26 36.62
CA TYR C 310 5.19 -25.11 36.27
C TYR C 310 6.45 -24.29 36.03
N LYS C 311 6.32 -23.17 35.32
CA LYS C 311 7.48 -22.32 35.07
C LYS C 311 8.04 -21.75 36.36
N VAL C 312 7.17 -21.26 37.24
CA VAL C 312 7.64 -20.65 38.49
C VAL C 312 8.34 -21.69 39.36
N ASN C 313 7.75 -22.88 39.47
CA ASN C 313 8.37 -23.94 40.25
C ASN C 313 9.75 -24.29 39.69
N LYS C 314 9.83 -24.46 38.37
CA LYS C 314 11.10 -24.83 37.75
C LYS C 314 12.14 -23.72 37.94
N LYS C 315 11.73 -22.46 37.79
CA LYS C 315 12.68 -21.36 37.92
C LYS C 315 13.19 -21.25 39.36
N LEU C 316 12.28 -21.26 40.33
CA LEU C 316 12.64 -21.13 41.73
C LEU C 316 12.87 -22.47 42.42
N GLY C 317 12.61 -23.58 41.74
CA GLY C 317 12.84 -24.88 42.34
C GLY C 317 12.06 -25.12 43.62
N LEU C 318 10.82 -24.64 43.67
CA LEU C 318 9.95 -24.81 44.83
C LEU C 318 8.88 -25.85 44.53
N HIS C 319 8.69 -26.78 45.46
CA HIS C 319 7.70 -27.84 45.30
C HIS C 319 7.91 -28.58 43.98
N VAL C 320 9.18 -28.85 43.67
CA VAL C 320 9.52 -29.46 42.39
C VAL C 320 8.85 -30.82 42.25
N GLY C 321 8.82 -31.60 43.34
CA GLY C 321 8.19 -32.90 43.29
C GLY C 321 6.67 -32.82 43.25
N GLU C 322 6.09 -31.81 43.87
CA GLU C 322 4.64 -31.73 43.96
C GLU C 322 4.03 -31.57 42.57
N PRO C 323 2.89 -32.21 42.31
CA PRO C 323 2.19 -31.97 41.04
C PRO C 323 1.55 -30.59 41.00
N ILE C 324 1.20 -30.17 39.78
CA ILE C 324 0.71 -28.82 39.56
C ILE C 324 -0.67 -28.67 40.20
N THR C 325 -0.74 -27.83 41.23
CA THR C 325 -2.00 -27.52 41.91
C THR C 325 -1.85 -26.14 42.56
N SER C 326 -2.97 -25.60 43.02
CA SER C 326 -3.00 -24.31 43.70
C SER C 326 -2.33 -23.23 42.86
N SER C 327 -3.00 -22.94 41.73
CA SER C 327 -2.45 -22.01 40.75
C SER C 327 -2.07 -20.68 41.38
N THR C 328 -2.83 -20.23 42.38
CA THR C 328 -2.62 -18.91 42.95
C THR C 328 -1.22 -18.80 43.55
N LEU C 329 -0.65 -17.60 43.44
CA LEU C 329 0.67 -17.35 44.00
C LEU C 329 0.68 -17.62 45.49
N THR C 330 1.77 -18.20 45.98
CA THR C 330 1.97 -18.48 47.39
C THR C 330 3.10 -17.63 47.94
N GLU C 331 3.04 -17.35 49.24
CA GLU C 331 4.02 -16.45 49.85
C GLU C 331 5.42 -17.04 49.82
N GLU C 332 5.55 -18.36 49.98
CA GLU C 332 6.87 -18.97 49.93
C GLU C 332 7.54 -18.71 48.58
N ASP C 333 6.74 -18.55 47.52
CA ASP C 333 7.32 -18.17 46.24
C ASP C 333 7.85 -16.75 46.26
N VAL C 334 7.11 -15.83 46.88
CA VAL C 334 7.53 -14.44 46.91
C VAL C 334 8.85 -14.29 47.67
N VAL C 335 8.97 -14.96 48.81
CA VAL C 335 10.23 -14.88 49.57
C VAL C 335 11.35 -15.56 48.80
N ALA C 336 11.04 -16.65 48.09
CA ALA C 336 12.05 -17.27 47.25
C ALA C 336 12.48 -16.31 46.14
N THR C 337 11.53 -15.58 45.56
CA THR C 337 11.87 -14.61 44.52
C THR C 337 12.78 -13.53 45.07
N ILE C 338 12.48 -12.99 46.25
CA ILE C 338 13.31 -11.94 46.81
C ILE C 338 14.70 -12.47 47.12
N GLU C 339 14.79 -13.72 47.60
CA GLU C 339 16.08 -14.35 47.80
C GLU C 339 16.83 -14.48 46.48
N TYR C 340 16.13 -14.90 45.42
CA TYR C 340 16.76 -15.04 44.12
C TYR C 340 17.26 -13.70 43.61
N LEU C 341 16.45 -12.64 43.76
CA LEU C 341 16.85 -11.33 43.29
C LEU C 341 18.11 -10.84 44.00
N VAL C 342 18.10 -10.85 45.33
CA VAL C 342 19.25 -10.36 46.09
C VAL C 342 20.48 -11.22 45.81
N ARG C 343 20.30 -12.55 45.77
CA ARG C 343 21.43 -13.43 45.50
C ARG C 343 22.02 -13.15 44.13
N LEU C 344 21.16 -12.93 43.12
CA LEU C 344 21.66 -12.56 41.81
C LEU C 344 22.40 -11.24 41.85
N HIS C 345 21.84 -10.24 42.54
CA HIS C 345 22.49 -8.93 42.60
C HIS C 345 23.86 -9.02 43.26
N GLU C 346 24.02 -9.93 44.22
CA GLU C 346 25.33 -10.18 44.79
C GLU C 346 26.30 -10.68 43.73
N GLY C 347 25.81 -11.52 42.81
CA GLY C 347 26.64 -12.14 41.80
C GLY C 347 26.74 -13.65 41.92
N GLN C 348 26.02 -14.27 42.86
CA GLN C 348 26.12 -15.72 43.02
C GLN C 348 25.63 -16.42 41.76
N THR C 349 26.31 -17.52 41.42
CA THR C 349 25.94 -18.28 40.23
C THR C 349 24.88 -19.33 40.50
N THR C 350 24.82 -19.87 41.73
CA THR C 350 23.84 -20.87 42.08
C THR C 350 23.31 -20.58 43.48
N MET C 351 22.07 -21.00 43.72
CA MET C 351 21.43 -20.80 45.01
C MET C 351 20.45 -21.94 45.27
N THR C 352 20.20 -22.20 46.55
CA THR C 352 19.33 -23.29 46.97
C THR C 352 18.32 -22.76 47.98
N VAL C 353 17.06 -22.65 47.55
CA VAL C 353 16.00 -22.25 48.50
C VAL C 353 15.72 -23.42 49.43
N PRO C 354 15.65 -23.22 50.74
CA PRO C 354 15.38 -24.34 51.65
C PRO C 354 14.06 -25.01 51.31
N GLY C 355 14.03 -26.33 51.44
CA GLY C 355 12.88 -27.10 51.04
C GLY C 355 12.80 -27.38 49.55
N GLY C 356 13.83 -27.02 48.79
CA GLY C 356 13.82 -27.26 47.36
C GLY C 356 15.23 -27.49 46.84
N VAL C 357 15.30 -28.05 45.64
CA VAL C 357 16.58 -28.35 45.01
C VAL C 357 17.24 -27.05 44.59
N GLU C 358 18.53 -27.11 44.26
CA GLU C 358 19.26 -25.93 43.84
C GLU C 358 18.99 -25.65 42.37
N VAL C 359 19.00 -24.36 42.01
CA VAL C 359 18.77 -23.95 40.63
C VAL C 359 19.78 -22.86 40.26
N PRO C 360 20.12 -22.77 38.98
CA PRO C 360 21.08 -21.75 38.56
C PRO C 360 20.51 -20.35 38.69
N VAL C 361 21.41 -19.39 38.90
CA VAL C 361 21.05 -17.98 39.03
C VAL C 361 21.54 -17.27 37.78
N GLU C 362 20.61 -16.83 36.94
CA GLU C 362 20.98 -16.15 35.70
C GLU C 362 19.79 -15.35 35.19
N THR C 363 20.09 -14.34 34.38
CA THR C 363 19.06 -13.53 33.77
C THR C 363 18.30 -14.35 32.73
N ASP C 364 17.10 -13.90 32.40
CA ASP C 364 16.21 -14.61 31.47
C ASP C 364 15.79 -13.69 30.34
N ASP C 365 15.56 -14.28 29.17
CA ASP C 365 15.18 -13.56 27.96
C ASP C 365 13.81 -14.03 27.49
N ILE C 366 12.95 -13.08 27.14
CA ILE C 366 11.59 -13.44 26.73
C ILE C 366 11.59 -14.11 25.36
N ASP C 367 12.36 -13.56 24.41
CA ASP C 367 12.32 -14.09 23.05
C ASP C 367 12.68 -15.57 23.01
N HIS C 368 13.48 -16.05 23.96
CA HIS C 368 13.82 -17.46 24.01
C HIS C 368 12.56 -18.30 24.01
N PHE C 369 12.51 -19.28 23.11
CA PHE C 369 11.30 -20.09 22.96
C PHE C 369 11.01 -20.96 24.17
N GLY C 370 11.88 -20.95 25.18
CA GLY C 370 11.53 -21.55 26.44
C GLY C 370 10.52 -20.73 27.22
N ASN C 371 10.41 -19.44 26.90
CA ASN C 371 9.54 -18.52 27.60
C ASN C 371 8.36 -18.04 26.77
N ARG C 372 8.28 -18.43 25.49
CA ARG C 372 7.15 -18.09 24.63
C ARG C 372 6.38 -19.37 24.35
N ARG C 373 5.19 -19.48 24.93
CA ARG C 373 4.36 -20.66 24.76
C ARG C 373 3.45 -20.50 23.55
N LEU C 374 2.75 -21.57 23.21
CA LEU C 374 1.86 -21.62 22.07
C LEU C 374 0.48 -22.04 22.53
N ARG C 375 -0.53 -21.21 22.25
CA ARG C 375 -1.91 -21.49 22.62
C ARG C 375 -2.67 -21.87 21.34
N THR C 376 -2.90 -23.17 21.17
CA THR C 376 -3.51 -23.71 19.96
C THR C 376 -5.03 -23.51 20.02
N VAL C 377 -5.76 -24.18 19.13
CA VAL C 377 -7.19 -23.97 19.03
C VAL C 377 -7.86 -24.24 20.37
N GLY C 378 -7.45 -25.29 21.07
CA GLY C 378 -8.09 -25.62 22.34
C GLY C 378 -7.98 -24.49 23.35
N GLU C 379 -6.79 -23.90 23.47
CA GLU C 379 -6.60 -22.81 24.42
C GLU C 379 -7.44 -21.60 24.07
N LEU C 380 -7.51 -21.24 22.79
CA LEU C 380 -8.24 -20.04 22.40
C LEU C 380 -9.73 -20.19 22.67
N ILE C 381 -10.32 -21.31 22.25
CA ILE C 381 -11.74 -21.52 22.49
C ILE C 381 -12.02 -21.64 23.97
N GLN C 382 -11.14 -22.32 24.71
CA GLN C 382 -11.36 -22.52 26.13
C GLN C 382 -11.46 -21.18 26.87
N ASN C 383 -10.60 -20.23 26.51
CA ASN C 383 -10.67 -18.92 27.14
C ASN C 383 -12.00 -18.23 26.84
N GLN C 384 -12.47 -18.32 25.59
CA GLN C 384 -13.75 -17.71 25.25
C GLN C 384 -14.89 -18.37 26.00
N ILE C 385 -14.84 -19.69 26.13
CA ILE C 385 -15.84 -20.39 26.94
C ILE C 385 -15.73 -19.94 28.40
N ARG C 386 -14.50 -19.73 28.88
CA ARG C 386 -14.33 -19.31 30.27
C ARG C 386 -15.00 -17.97 30.51
N VAL C 387 -14.81 -17.02 29.59
CA VAL C 387 -15.47 -15.72 29.72
C VAL C 387 -16.98 -15.89 29.68
N GLY C 388 -17.47 -16.73 28.76
CA GLY C 388 -18.89 -16.99 28.70
C GLY C 388 -19.42 -17.58 30.00
N MET C 389 -18.72 -18.58 30.55
CA MET C 389 -19.13 -19.16 31.81
C MET C 389 -19.03 -18.15 32.95
N SER C 390 -18.02 -17.29 32.93
CA SER C 390 -17.89 -16.26 33.95
C SER C 390 -19.11 -15.34 33.94
N ARG C 391 -19.56 -14.96 32.75
CA ARG C 391 -20.76 -14.13 32.65
C ARG C 391 -21.99 -14.91 33.09
N MET C 392 -22.10 -16.17 32.70
CA MET C 392 -23.27 -16.96 33.06
C MET C 392 -23.38 -17.12 34.57
N GLU C 393 -22.28 -17.49 35.22
CA GLU C 393 -22.33 -17.70 36.67
C GLU C 393 -22.65 -16.40 37.40
N ARG C 394 -22.29 -15.26 36.82
CA ARG C 394 -22.70 -13.98 37.41
C ARG C 394 -24.21 -13.85 37.38
N VAL C 395 -24.83 -14.22 36.26
CA VAL C 395 -26.29 -14.16 36.17
C VAL C 395 -26.93 -15.18 37.10
N VAL C 396 -26.38 -16.39 37.14
CA VAL C 396 -26.98 -17.43 37.99
C VAL C 396 -26.82 -17.07 39.46
N ARG C 397 -25.70 -16.44 39.82
CA ARG C 397 -25.53 -15.99 41.20
C ARG C 397 -26.56 -14.92 41.56
N GLU C 398 -26.78 -13.95 40.67
CA GLU C 398 -27.81 -12.95 40.91
C GLU C 398 -29.18 -13.60 41.04
N ARG C 399 -29.50 -14.51 40.11
CA ARG C 399 -30.78 -15.20 40.16
C ARG C 399 -30.89 -16.04 41.43
N MET C 400 -29.81 -16.73 41.79
CA MET C 400 -29.84 -17.57 42.99
C MET C 400 -30.08 -16.74 44.24
N THR C 401 -29.42 -15.59 44.35
CA THR C 401 -29.58 -14.75 45.53
C THR C 401 -30.89 -13.99 45.55
N THR C 402 -31.63 -13.95 44.45
CA THR C 402 -32.89 -13.22 44.36
C THR C 402 -34.09 -14.10 44.08
N GLN C 403 -33.93 -15.17 43.31
CA GLN C 403 -35.06 -16.02 42.97
C GLN C 403 -35.51 -16.81 44.20
N ASP C 404 -36.70 -17.40 44.10
CA ASP C 404 -37.25 -18.18 45.20
C ASP C 404 -36.36 -19.39 45.48
N VAL C 405 -36.44 -19.88 46.71
CA VAL C 405 -35.59 -20.97 47.18
C VAL C 405 -36.31 -22.30 47.26
N GLU C 406 -37.64 -22.30 47.39
CA GLU C 406 -38.35 -23.57 47.59
C GLU C 406 -38.37 -24.40 46.32
N ALA C 407 -38.71 -23.78 45.19
CA ALA C 407 -38.92 -24.50 43.93
C ALA C 407 -37.93 -24.06 42.85
N ILE C 408 -36.69 -23.82 43.24
CA ILE C 408 -35.66 -23.42 42.28
C ILE C 408 -35.08 -24.67 41.63
N THR C 409 -35.09 -24.70 40.30
CA THR C 409 -34.53 -25.80 39.54
C THR C 409 -33.40 -25.29 38.65
N PRO C 410 -32.35 -26.10 38.42
CA PRO C 410 -31.20 -25.58 37.65
C PRO C 410 -31.58 -25.05 36.28
N GLN C 411 -32.57 -25.64 35.60
CA GLN C 411 -32.97 -25.13 34.30
C GLN C 411 -33.32 -23.64 34.40
N THR C 412 -34.12 -23.27 35.40
CA THR C 412 -34.46 -21.86 35.60
C THR C 412 -33.26 -21.04 36.04
N LEU C 413 -32.22 -21.68 36.57
CA LEU C 413 -31.02 -20.97 37.00
C LEU C 413 -30.02 -20.84 35.85
N ILE C 414 -29.58 -21.97 35.30
CA ILE C 414 -28.58 -21.93 34.24
C ILE C 414 -29.14 -21.19 33.04
N ASN C 415 -28.33 -20.28 32.49
CA ASN C 415 -28.66 -19.55 31.28
C ASN C 415 -27.66 -19.87 30.20
N ILE C 416 -28.10 -19.87 28.94
CA ILE C 416 -27.25 -20.24 27.82
C ILE C 416 -27.04 -19.09 26.84
N ARG C 417 -27.69 -17.96 27.05
CA ARG C 417 -27.46 -16.82 26.16
C ARG C 417 -26.01 -16.36 26.17
N PRO C 418 -25.36 -16.16 27.32
CA PRO C 418 -23.99 -15.62 27.28
C PRO C 418 -22.99 -16.56 26.62
N VAL C 419 -23.07 -17.86 26.90
CA VAL C 419 -22.12 -18.81 26.32
C VAL C 419 -22.25 -18.84 24.80
N VAL C 420 -23.48 -19.01 24.31
CA VAL C 420 -23.70 -19.07 22.87
C VAL C 420 -23.29 -17.76 22.21
N ALA C 421 -23.60 -16.63 22.87
CA ALA C 421 -23.17 -15.34 22.33
C ALA C 421 -21.65 -15.25 22.29
N ALA C 422 -20.99 -15.75 23.33
CA ALA C 422 -19.53 -15.64 23.38
C ALA C 422 -18.89 -16.46 22.27
N ILE C 423 -19.29 -17.72 22.10
CA ILE C 423 -18.67 -18.58 21.11
C ILE C 423 -18.92 -18.05 19.70
N LYS C 424 -20.16 -17.59 19.45
CA LYS C 424 -20.47 -17.03 18.14
C LYS C 424 -19.59 -15.83 17.83
N GLU C 425 -19.39 -14.95 18.81
CA GLU C 425 -18.57 -13.77 18.59
C GLU C 425 -17.14 -14.15 18.23
N PHE C 426 -16.60 -15.16 18.90
CA PHE C 426 -15.22 -15.55 18.65
C PHE C 426 -15.03 -16.02 17.22
N PHE C 427 -15.93 -16.85 16.71
CA PHE C 427 -15.81 -17.34 15.34
C PHE C 427 -16.24 -16.33 14.30
N GLY C 428 -16.91 -15.25 14.69
CA GLY C 428 -17.42 -14.29 13.74
C GLY C 428 -16.59 -13.04 13.61
N THR C 429 -15.87 -12.67 14.67
CA THR C 429 -15.13 -11.42 14.69
C THR C 429 -13.68 -11.54 15.14
N SER C 430 -13.32 -12.57 15.91
CA SER C 430 -11.99 -12.63 16.48
C SER C 430 -10.93 -12.58 15.39
N GLN C 431 -9.86 -11.82 15.65
CA GLN C 431 -8.77 -11.71 14.68
C GLN C 431 -8.10 -13.04 14.42
N LEU C 432 -8.26 -14.03 15.31
CA LEU C 432 -7.68 -15.34 15.14
C LEU C 432 -8.65 -16.35 14.56
N SER C 433 -9.71 -15.89 13.90
CA SER C 433 -10.64 -16.76 13.18
C SER C 433 -10.74 -16.19 11.77
N GLN C 434 -9.84 -16.64 10.89
CA GLN C 434 -9.64 -16.03 9.59
C GLN C 434 -10.21 -16.92 8.49
N PHE C 435 -10.66 -16.27 7.41
CA PHE C 435 -11.12 -17.00 6.25
C PHE C 435 -9.99 -17.87 5.69
N MET C 436 -10.17 -19.18 5.76
CA MET C 436 -9.17 -20.11 5.24
C MET C 436 -8.93 -19.82 3.76
N ASP C 437 -7.75 -19.32 3.42
CA ASP C 437 -7.45 -19.06 2.01
C ASP C 437 -7.17 -20.37 1.30
N GLN C 438 -7.88 -20.60 0.21
CA GLN C 438 -7.84 -21.87 -0.52
C GLN C 438 -7.40 -21.62 -1.96
N ASN C 439 -6.35 -20.81 -2.12
CA ASN C 439 -5.77 -20.64 -3.45
C ASN C 439 -5.30 -21.97 -4.01
N ASN C 440 -4.69 -22.80 -3.18
CA ASN C 440 -4.27 -24.14 -3.57
C ASN C 440 -4.06 -24.95 -2.31
N PRO C 441 -3.94 -26.28 -2.43
CA PRO C 441 -3.77 -27.10 -1.23
C PRO C 441 -2.61 -26.67 -0.34
N LEU C 442 -1.51 -26.21 -0.92
CA LEU C 442 -0.39 -25.75 -0.10
C LEU C 442 -0.77 -24.53 0.72
N SER C 443 -1.53 -23.61 0.13
CA SER C 443 -1.93 -22.41 0.87
C SER C 443 -2.80 -22.78 2.06
N GLY C 444 -3.72 -23.72 1.87
CA GLY C 444 -4.53 -24.18 2.99
C GLY C 444 -3.70 -24.83 4.07
N LEU C 445 -2.77 -25.71 3.69
CA LEU C 445 -1.97 -26.41 4.69
C LEU C 445 -1.13 -25.45 5.50
N THR C 446 -0.50 -24.48 4.84
CA THR C 446 0.37 -23.56 5.56
C THR C 446 -0.43 -22.65 6.48
N HIS C 447 -1.66 -22.33 6.11
CA HIS C 447 -2.48 -21.47 6.97
C HIS C 447 -2.80 -22.14 8.29
N LYS C 448 -3.02 -23.46 8.27
CA LYS C 448 -3.30 -24.16 9.51
C LYS C 448 -2.06 -24.20 10.41
N ARG C 449 -0.88 -24.27 9.82
CA ARG C 449 0.37 -24.35 10.56
C ARG C 449 0.86 -22.98 11.03
N ARG C 450 0.15 -21.92 10.71
CA ARG C 450 0.63 -20.58 11.01
C ARG C 450 0.88 -20.41 12.50
N LEU C 451 1.77 -19.47 12.84
CA LEU C 451 2.03 -19.08 14.23
C LEU C 451 1.94 -17.55 14.29
N SER C 452 0.73 -17.04 14.44
CA SER C 452 0.54 -15.61 14.55
C SER C 452 1.11 -15.11 15.88
N ALA C 453 1.66 -13.90 15.86
CA ALA C 453 2.16 -13.26 17.07
C ALA C 453 1.33 -12.07 17.50
N LEU C 454 0.62 -11.43 16.59
CA LEU C 454 -0.21 -10.28 16.91
C LEU C 454 -1.65 -10.73 17.11
N GLY C 455 -2.44 -9.84 17.72
CA GLY C 455 -3.83 -10.11 18.01
C GLY C 455 -4.15 -9.85 19.47
N PRO C 456 -5.40 -10.04 19.85
CA PRO C 456 -5.77 -9.87 21.27
C PRO C 456 -4.91 -10.74 22.17
N GLY C 457 -4.44 -10.16 23.26
CA GLY C 457 -3.54 -10.86 24.16
C GLY C 457 -2.11 -10.96 23.68
N GLY C 458 -1.77 -10.27 22.60
CA GLY C 458 -0.42 -10.31 22.07
C GLY C 458 0.03 -8.94 21.64
N LEU C 459 1.35 -8.81 21.45
CA LEU C 459 1.93 -7.54 21.06
C LEU C 459 1.33 -7.05 19.75
N SER C 460 1.00 -5.76 19.70
CA SER C 460 0.53 -5.13 18.48
C SER C 460 1.70 -4.77 17.59
N ARG C 461 1.40 -4.23 16.41
CA ARG C 461 2.45 -3.85 15.48
C ARG C 461 3.29 -2.71 16.05
N GLU C 462 2.63 -1.64 16.52
CA GLU C 462 3.38 -0.50 17.04
C GLU C 462 4.17 -0.87 18.29
N ARG C 463 3.55 -1.62 19.20
CA ARG C 463 4.24 -2.01 20.43
C ARG C 463 5.31 -3.06 20.17
N ALA C 464 5.30 -3.71 19.01
CA ALA C 464 6.26 -4.76 18.70
C ALA C 464 7.58 -4.10 18.30
N GLY C 465 8.52 -4.05 19.23
CA GLY C 465 9.83 -3.52 18.92
C GLY C 465 10.59 -4.42 17.96
N LEU C 466 11.57 -3.83 17.28
CA LEU C 466 12.34 -4.59 16.30
C LEU C 466 13.00 -5.80 16.92
N GLU C 467 13.24 -5.76 18.24
CA GLU C 467 13.95 -6.86 18.90
C GLU C 467 13.17 -8.17 18.86
N VAL C 468 11.85 -8.11 18.70
CA VAL C 468 11.05 -9.33 18.69
C VAL C 468 10.85 -9.90 17.30
N ARG C 469 11.08 -9.09 16.25
CA ARG C 469 10.93 -9.57 14.88
C ARG C 469 12.17 -10.31 14.39
N ASP C 470 13.26 -10.31 15.15
CA ASP C 470 14.48 -10.97 14.72
C ASP C 470 14.37 -12.48 14.91
N VAL C 471 15.38 -13.19 14.42
CA VAL C 471 15.49 -14.63 14.60
C VAL C 471 16.34 -14.91 15.83
N HIS C 472 16.05 -16.02 16.49
CA HIS C 472 16.74 -16.40 17.71
C HIS C 472 17.29 -17.81 17.55
N PRO C 473 18.43 -18.12 18.16
CA PRO C 473 19.00 -19.47 18.01
C PRO C 473 18.12 -20.57 18.57
N SER C 474 17.00 -20.22 19.20
CA SER C 474 16.06 -21.20 19.72
C SER C 474 14.95 -21.54 18.72
N HIS C 475 14.94 -20.92 17.55
CA HIS C 475 13.98 -21.26 16.50
C HIS C 475 14.37 -22.51 15.72
N TYR C 476 15.56 -23.04 15.94
CA TYR C 476 16.06 -24.16 15.15
C TYR C 476 15.25 -25.41 15.49
N GLY C 477 14.35 -25.81 14.60
CA GLY C 477 13.54 -26.99 14.79
C GLY C 477 12.17 -26.74 15.36
N ARG C 478 11.86 -25.50 15.76
CA ARG C 478 10.56 -25.16 16.32
C ARG C 478 9.76 -24.22 15.44
N MET C 479 10.42 -23.39 14.63
CA MET C 479 9.71 -22.38 13.85
C MET C 479 10.62 -21.97 12.69
N CYS C 480 10.14 -22.11 11.48
CA CYS C 480 10.98 -21.91 10.31
C CYS C 480 11.48 -20.46 10.26
N PRO C 481 12.76 -20.23 9.98
CA PRO C 481 13.26 -18.86 9.88
C PRO C 481 13.12 -18.23 8.50
N ILE C 482 12.86 -19.02 7.47
CA ILE C 482 12.81 -18.50 6.11
C ILE C 482 11.42 -18.01 5.73
N GLU C 483 10.38 -18.75 6.09
CA GLU C 483 9.03 -18.44 5.64
C GLU C 483 8.39 -17.43 6.59
N THR C 484 7.99 -16.29 6.04
CA THR C 484 7.28 -15.26 6.79
C THR C 484 6.83 -14.17 5.82
N PRO C 485 5.72 -13.48 6.09
CA PRO C 485 5.26 -12.45 5.15
C PRO C 485 6.32 -11.38 4.95
N GLU C 486 6.46 -10.94 3.69
CA GLU C 486 7.45 -9.93 3.36
C GLU C 486 6.99 -8.53 3.68
N GLY C 487 5.69 -8.30 3.84
CA GLY C 487 5.17 -6.99 4.12
C GLY C 487 5.49 -6.54 5.53
N PRO C 488 4.68 -5.62 6.07
CA PRO C 488 4.95 -5.14 7.44
C PRO C 488 4.90 -6.25 8.48
N ASN C 489 4.03 -7.25 8.30
CA ASN C 489 3.92 -8.37 9.23
C ASN C 489 5.08 -9.35 8.96
N ILE C 490 6.29 -8.88 9.22
CA ILE C 490 7.49 -9.66 9.03
C ILE C 490 8.06 -9.97 10.40
N GLY C 491 8.17 -11.26 10.71
CA GLY C 491 8.65 -11.72 11.99
C GLY C 491 7.56 -11.97 13.02
N LEU C 492 6.39 -11.37 12.84
CA LEU C 492 5.27 -11.63 13.72
C LEU C 492 4.45 -12.85 13.29
N ILE C 493 4.74 -13.40 12.12
CA ILE C 493 4.04 -14.57 11.59
C ILE C 493 5.08 -15.56 11.09
N GLY C 494 4.97 -16.81 11.53
CA GLY C 494 5.92 -17.84 11.15
C GLY C 494 5.22 -19.10 10.69
N SER C 495 5.80 -20.24 11.06
CA SER C 495 5.24 -21.54 10.71
C SER C 495 6.00 -22.63 11.45
N LEU C 496 5.28 -23.64 11.90
CA LEU C 496 5.92 -24.80 12.52
C LEU C 496 6.88 -25.45 11.53
N SER C 497 7.99 -25.97 12.04
CA SER C 497 8.85 -26.78 11.21
C SER C 497 8.16 -28.09 10.90
N VAL C 498 8.82 -28.94 10.11
CA VAL C 498 8.19 -30.19 9.70
C VAL C 498 7.99 -31.12 10.89
N TYR C 499 9.02 -31.24 11.73
CA TYR C 499 9.02 -32.19 12.83
C TYR C 499 8.54 -31.61 14.15
N ALA C 500 8.25 -30.31 14.21
CA ALA C 500 7.92 -29.70 15.48
C ALA C 500 6.62 -30.29 16.04
N ARG C 501 6.58 -30.39 17.37
CA ARG C 501 5.41 -30.90 18.07
C ARG C 501 5.17 -30.04 19.31
N VAL C 502 3.92 -29.92 19.71
CA VAL C 502 3.51 -29.02 20.79
C VAL C 502 3.22 -29.85 22.03
N ASN C 503 3.99 -29.61 23.10
CA ASN C 503 3.79 -30.32 24.35
C ASN C 503 2.52 -29.83 25.04
N PRO C 504 1.99 -30.60 26.00
CA PRO C 504 0.68 -30.23 26.55
C PRO C 504 0.64 -28.83 27.17
N PHE C 505 1.73 -28.38 27.78
CA PHE C 505 1.73 -27.05 28.37
C PHE C 505 1.64 -25.98 27.30
N GLY C 506 2.34 -26.15 26.18
CA GLY C 506 2.27 -25.19 25.10
C GLY C 506 3.62 -24.90 24.47
N PHE C 507 4.70 -25.36 25.08
CA PHE C 507 6.03 -25.14 24.53
C PHE C 507 6.27 -26.08 23.37
N ILE C 508 6.89 -25.56 22.31
CA ILE C 508 7.08 -26.32 21.08
C ILE C 508 8.27 -27.24 21.24
N GLU C 509 8.05 -28.54 21.05
CA GLU C 509 9.09 -29.54 21.14
C GLU C 509 9.67 -29.85 19.76
N THR C 510 10.76 -30.60 19.76
CA THR C 510 11.46 -30.94 18.53
C THR C 510 12.19 -32.26 18.77
N PRO C 511 12.15 -33.20 17.84
CA PRO C 511 12.79 -34.49 18.08
C PRO C 511 14.30 -34.43 18.01
N TYR C 512 14.93 -35.21 18.87
CA TYR C 512 16.36 -35.49 18.79
C TYR C 512 16.56 -36.95 19.15
N ARG C 513 17.66 -37.52 18.68
CA ARG C 513 18.04 -38.89 19.01
C ARG C 513 19.31 -38.84 19.86
N LYS C 514 19.24 -39.43 21.04
CA LYS C 514 20.33 -39.33 21.99
C LYS C 514 21.51 -40.22 21.56
N VAL C 515 22.67 -39.90 22.11
CA VAL C 515 23.89 -40.68 21.93
C VAL C 515 24.30 -41.21 23.29
N VAL C 516 24.25 -42.54 23.46
CA VAL C 516 24.55 -43.12 24.76
C VAL C 516 26.03 -42.93 25.11
N ASP C 517 26.93 -43.32 24.20
CA ASP C 517 28.36 -43.02 24.37
C ASP C 517 28.98 -42.91 22.99
N GLY C 518 29.06 -41.68 22.48
CA GLY C 518 29.68 -41.42 21.19
C GLY C 518 29.15 -42.27 20.06
N VAL C 519 27.99 -42.88 20.23
CA VAL C 519 27.38 -43.74 19.23
C VAL C 519 25.92 -43.32 19.08
N VAL C 520 25.50 -43.09 17.84
CA VAL C 520 24.12 -42.66 17.59
C VAL C 520 23.15 -43.79 17.93
N SER C 521 21.97 -43.40 18.39
CA SER C 521 20.96 -44.35 18.85
C SER C 521 19.68 -44.16 18.03
N ASP C 522 18.94 -45.25 17.86
CA ASP C 522 17.73 -45.20 17.04
C ASP C 522 16.60 -44.45 17.74
N GLU C 523 16.37 -44.75 19.02
CA GLU C 523 15.24 -44.15 19.71
C GLU C 523 15.46 -42.65 19.87
N ILE C 524 14.36 -41.90 19.79
CA ILE C 524 14.38 -40.44 19.84
C ILE C 524 13.68 -39.98 21.10
N VAL C 525 14.00 -38.75 21.51
CA VAL C 525 13.35 -38.10 22.65
C VAL C 525 13.07 -36.65 22.26
N TYR C 526 11.86 -36.19 22.55
CA TYR C 526 11.46 -34.83 22.24
C TYR C 526 11.95 -33.87 23.32
N LEU C 527 12.63 -32.81 22.91
CA LEU C 527 13.22 -31.85 23.83
C LEU C 527 12.70 -30.45 23.52
N THR C 528 12.36 -29.70 24.57
CA THR C 528 11.97 -28.31 24.42
C THR C 528 13.20 -27.42 24.58
N ALA C 529 12.98 -26.10 24.48
CA ALA C 529 14.11 -25.17 24.55
C ALA C 529 14.83 -25.26 25.88
N ASP C 530 14.08 -25.35 26.99
CA ASP C 530 14.70 -25.39 28.30
C ASP C 530 15.61 -26.59 28.44
N GLU C 531 15.16 -27.76 27.98
CA GLU C 531 15.96 -28.97 28.08
C GLU C 531 17.07 -29.02 27.04
N GLU C 532 17.00 -28.18 26.01
CA GLU C 532 18.05 -28.17 25.00
C GLU C 532 19.31 -27.48 25.52
N ASP C 533 19.15 -26.36 26.24
CA ASP C 533 20.31 -25.59 26.66
C ASP C 533 21.24 -26.42 27.53
N ARG C 534 20.69 -27.21 28.46
CA ARG C 534 21.53 -27.99 29.35
C ARG C 534 22.37 -29.00 28.58
N HIS C 535 21.80 -29.63 27.56
CA HIS C 535 22.47 -30.69 26.82
C HIS C 535 23.27 -30.08 25.67
N VAL C 536 23.84 -30.95 24.84
CA VAL C 536 24.68 -30.56 23.71
C VAL C 536 24.13 -31.25 22.46
N VAL C 537 23.91 -30.46 21.40
CA VAL C 537 23.21 -30.93 20.21
C VAL C 537 24.19 -30.97 19.05
N ALA C 538 24.31 -32.12 18.41
CA ALA C 538 25.15 -32.29 17.24
C ALA C 538 24.39 -31.83 16.00
N GLN C 539 24.91 -32.15 14.82
CA GLN C 539 24.31 -31.76 13.55
C GLN C 539 24.07 -33.00 12.70
N ALA C 540 23.04 -32.93 11.85
CA ALA C 540 22.64 -34.10 11.09
C ALA C 540 23.65 -34.45 10.00
N ASN C 541 24.16 -33.44 9.29
CA ASN C 541 25.08 -33.68 8.19
C ASN C 541 26.41 -34.26 8.63
N SER C 542 26.72 -34.23 9.92
CA SER C 542 27.98 -34.75 10.40
C SER C 542 28.09 -36.23 10.03
N PRO C 543 29.21 -36.66 9.43
CA PRO C 543 29.30 -38.06 9.00
C PRO C 543 29.35 -39.00 10.19
N ILE C 544 28.75 -40.18 10.01
CA ILE C 544 28.71 -41.21 11.04
C ILE C 544 28.99 -42.55 10.39
N ASP C 545 29.75 -43.38 11.09
CA ASP C 545 30.03 -44.73 10.59
C ASP C 545 28.76 -45.56 10.57
N ALA C 546 28.79 -46.65 9.80
CA ALA C 546 27.62 -47.51 9.69
C ALA C 546 27.19 -48.06 11.05
N ASP C 547 28.12 -48.20 11.98
CA ASP C 547 27.82 -48.71 13.31
C ASP C 547 27.48 -47.60 14.31
N GLY C 548 27.46 -46.34 13.87
CA GLY C 548 27.14 -45.22 14.72
C GLY C 548 28.33 -44.47 15.25
N ARG C 549 29.55 -44.99 15.06
CA ARG C 549 30.74 -44.29 15.54
C ARG C 549 30.92 -42.98 14.76
N PHE C 550 31.30 -41.93 15.49
CA PHE C 550 31.63 -40.65 14.86
C PHE C 550 32.98 -40.78 14.18
N VAL C 551 32.99 -40.68 12.84
CA VAL C 551 34.24 -40.85 12.10
C VAL C 551 35.23 -39.76 12.48
N GLU C 552 34.78 -38.51 12.54
CA GLU C 552 35.66 -37.41 12.85
C GLU C 552 35.98 -37.40 14.35
N PRO C 553 37.08 -36.73 14.74
CA PRO C 553 37.35 -36.59 16.17
C PRO C 553 36.54 -35.46 16.79
N ARG C 554 36.20 -34.46 15.99
CA ARG C 554 35.42 -33.32 16.43
C ARG C 554 34.30 -33.08 15.42
N VAL C 555 33.13 -32.68 15.92
CA VAL C 555 31.95 -32.47 15.10
C VAL C 555 31.36 -31.10 15.44
N LEU C 556 30.88 -30.40 14.41
CA LEU C 556 30.24 -29.11 14.65
C LEU C 556 29.02 -29.29 15.53
N VAL C 557 28.86 -28.39 16.51
CA VAL C 557 27.88 -28.54 17.56
C VAL C 557 27.22 -27.18 17.82
N ARG C 558 26.02 -27.23 18.42
CA ARG C 558 25.30 -26.03 18.82
C ARG C 558 25.23 -26.00 20.34
N ARG C 559 25.98 -25.07 20.95
CA ARG C 559 26.12 -25.01 22.39
C ARG C 559 24.97 -24.21 23.01
N LYS C 560 25.12 -23.86 24.29
CA LYS C 560 23.99 -23.36 25.07
C LYS C 560 23.26 -22.23 24.37
N ALA C 561 23.93 -21.11 24.12
CA ALA C 561 23.28 -19.89 23.65
C ALA C 561 23.83 -19.51 22.28
N GLY C 562 23.25 -20.08 21.23
CA GLY C 562 23.60 -19.69 19.88
C GLY C 562 25.08 -19.77 19.57
N GLU C 563 25.83 -20.58 20.31
CA GLU C 563 27.27 -20.71 20.12
C GLU C 563 27.55 -22.06 19.48
N VAL C 564 28.35 -22.05 18.42
CA VAL C 564 28.70 -23.25 17.67
C VAL C 564 30.21 -23.37 17.64
N GLU C 565 30.73 -24.54 18.01
CA GLU C 565 32.16 -24.78 18.07
C GLU C 565 32.40 -26.27 18.18
N TYR C 566 33.52 -26.72 17.63
CA TYR C 566 33.85 -28.13 17.65
C TYR C 566 34.03 -28.61 19.09
N VAL C 567 33.66 -29.87 19.33
CA VAL C 567 33.81 -30.50 20.63
C VAL C 567 34.23 -31.95 20.44
N PRO C 568 34.83 -32.56 21.45
CA PRO C 568 35.19 -33.98 21.34
C PRO C 568 33.96 -34.83 21.10
N SER C 569 34.14 -35.88 20.29
CA SER C 569 33.02 -36.71 19.90
C SER C 569 32.34 -37.38 21.08
N SER C 570 33.01 -37.48 22.22
CA SER C 570 32.40 -38.10 23.40
C SER C 570 31.47 -37.14 24.13
N GLU C 571 31.77 -35.84 24.12
CA GLU C 571 30.96 -34.88 24.85
C GLU C 571 29.58 -34.68 24.24
N VAL C 572 29.40 -35.06 22.97
CA VAL C 572 28.12 -34.87 22.32
C VAL C 572 27.05 -35.69 23.03
N ASP C 573 25.88 -35.08 23.24
CA ASP C 573 24.79 -35.70 23.96
C ASP C 573 23.52 -35.89 23.13
N TYR C 574 23.31 -35.08 22.10
CA TYR C 574 22.12 -35.19 21.27
C TYR C 574 22.47 -34.85 19.82
N MET C 575 21.74 -35.48 18.90
CA MET C 575 21.96 -35.29 17.47
C MET C 575 20.61 -35.10 16.79
N ASP C 576 20.61 -34.28 15.74
CA ASP C 576 19.38 -34.01 15.00
C ASP C 576 18.90 -35.28 14.31
N VAL C 577 17.74 -35.19 13.67
CA VAL C 577 17.11 -36.33 12.99
C VAL C 577 17.34 -36.27 11.49
N SER C 578 17.05 -35.13 10.86
CA SER C 578 17.27 -34.95 9.43
C SER C 578 17.66 -33.51 9.18
N PRO C 579 18.43 -33.25 8.12
CA PRO C 579 18.85 -31.86 7.85
C PRO C 579 17.69 -30.92 7.57
N ARG C 580 16.53 -31.45 7.19
CA ARG C 580 15.37 -30.64 6.83
C ARG C 580 14.54 -30.24 8.04
N GLN C 581 15.13 -30.26 9.23
CA GLN C 581 14.36 -30.06 10.46
C GLN C 581 13.99 -28.60 10.70
N MET C 582 14.78 -27.66 10.19
CA MET C 582 14.59 -26.25 10.49
C MET C 582 13.66 -25.53 9.51
N VAL C 583 13.22 -26.18 8.44
CA VAL C 583 12.49 -25.55 7.37
C VAL C 583 11.02 -25.94 7.45
N SER C 584 10.15 -24.98 7.13
CA SER C 584 8.71 -25.22 7.15
C SER C 584 8.30 -26.09 5.97
N VAL C 585 6.99 -26.29 5.84
CA VAL C 585 6.47 -27.14 4.76
C VAL C 585 6.70 -26.48 3.41
N ALA C 586 6.35 -25.20 3.29
CA ALA C 586 6.54 -24.50 2.02
C ALA C 586 8.01 -24.45 1.64
N THR C 587 8.87 -24.12 2.59
CA THR C 587 10.30 -24.01 2.30
C THR C 587 10.95 -25.35 2.07
N ALA C 588 10.30 -26.45 2.48
CA ALA C 588 10.90 -27.76 2.34
C ALA C 588 10.75 -28.33 0.94
N MET C 589 10.03 -27.65 0.05
CA MET C 589 9.85 -28.10 -1.33
C MET C 589 10.40 -27.08 -2.31
N ILE C 590 11.57 -26.54 -2.01
CA ILE C 590 12.33 -25.70 -2.92
C ILE C 590 13.64 -26.42 -3.22
N PRO C 591 13.74 -27.09 -4.36
CA PRO C 591 14.98 -27.84 -4.64
C PRO C 591 16.17 -26.90 -4.67
N PHE C 592 17.31 -27.40 -4.19
CA PHE C 592 18.53 -26.60 -4.10
C PHE C 592 18.28 -25.33 -3.29
N LEU C 593 17.55 -25.45 -2.18
CA LEU C 593 17.42 -24.34 -1.26
C LEU C 593 18.75 -24.02 -0.60
N GLU C 594 19.67 -24.98 -0.54
CA GLU C 594 20.97 -24.77 0.08
C GLU C 594 21.86 -23.83 -0.74
N HIS C 595 21.44 -23.45 -1.95
CA HIS C 595 22.21 -22.56 -2.80
C HIS C 595 21.61 -21.18 -2.94
N ASP C 596 20.40 -20.94 -2.42
CA ASP C 596 19.77 -19.64 -2.51
C ASP C 596 20.10 -18.80 -1.28
N ASP C 597 19.77 -17.52 -1.34
CA ASP C 597 19.89 -16.63 -0.21
C ASP C 597 18.59 -16.61 0.58
N ALA C 598 18.66 -16.07 1.80
CA ALA C 598 17.48 -16.06 2.65
C ALA C 598 16.37 -15.21 2.06
N ASN C 599 16.72 -14.07 1.46
CA ASN C 599 15.70 -13.20 0.90
C ASN C 599 14.94 -13.90 -0.22
N ARG C 600 15.66 -14.48 -1.18
CA ARG C 600 15.00 -15.15 -2.29
C ARG C 600 14.17 -16.33 -1.81
N ALA C 601 14.73 -17.16 -0.93
CA ALA C 601 13.98 -18.31 -0.43
C ALA C 601 12.72 -17.86 0.28
N LEU C 602 12.79 -16.73 0.98
CA LEU C 602 11.60 -16.19 1.63
C LEU C 602 10.54 -15.82 0.60
N MET C 603 10.95 -15.20 -0.50
CA MET C 603 9.99 -14.90 -1.57
C MET C 603 9.54 -16.17 -2.27
N GLY C 604 10.45 -17.13 -2.45
CA GLY C 604 10.05 -18.39 -3.04
C GLY C 604 9.04 -19.14 -2.20
N ALA C 605 9.24 -19.13 -0.87
CA ALA C 605 8.29 -19.78 0.01
C ALA C 605 6.93 -19.09 -0.02
N ASN C 606 6.92 -17.75 -0.05
CA ASN C 606 5.68 -16.99 0.02
C ASN C 606 4.96 -16.91 -1.32
N MET C 607 5.54 -17.41 -2.40
CA MET C 607 4.87 -17.42 -3.69
C MET C 607 4.29 -18.78 -4.06
N GLN C 608 4.82 -19.87 -3.49
CA GLN C 608 4.18 -21.16 -3.66
C GLN C 608 2.80 -21.19 -3.03
N ARG C 609 2.51 -20.27 -2.11
CA ARG C 609 1.19 -20.15 -1.52
C ARG C 609 0.29 -19.20 -2.29
N GLN C 610 0.77 -18.64 -3.41
CA GLN C 610 -0.03 -17.79 -4.28
C GLN C 610 -0.28 -18.40 -5.65
N ALA C 611 0.29 -19.57 -5.93
CA ALA C 611 0.04 -20.22 -7.20
C ALA C 611 -1.45 -20.46 -7.38
N VAL C 612 -1.86 -20.69 -8.62
CA VAL C 612 -3.26 -20.84 -9.00
C VAL C 612 -3.40 -22.20 -9.68
N PRO C 613 -4.39 -23.01 -9.32
CA PRO C 613 -4.54 -24.31 -9.98
C PRO C 613 -4.93 -24.15 -11.45
N LEU C 614 -4.28 -24.93 -12.30
CA LEU C 614 -4.49 -24.88 -13.74
C LEU C 614 -5.51 -25.94 -14.15
N VAL C 615 -5.78 -26.00 -15.45
CA VAL C 615 -6.72 -26.99 -15.96
C VAL C 615 -6.15 -28.39 -15.84
N ARG C 616 -4.91 -28.57 -16.26
CA ARG C 616 -4.23 -29.86 -16.20
C ARG C 616 -2.90 -29.66 -15.48
N SER C 617 -2.65 -30.48 -14.46
CA SER C 617 -1.49 -30.31 -13.59
C SER C 617 -0.44 -31.36 -13.90
N GLU C 618 0.82 -30.96 -13.82
CA GLU C 618 1.95 -31.84 -14.11
C GLU C 618 2.92 -31.82 -12.95
N ALA C 619 3.31 -32.99 -12.47
CA ALA C 619 4.25 -33.07 -11.36
C ALA C 619 5.61 -32.54 -11.78
N PRO C 620 6.30 -31.80 -10.92
CA PRO C 620 7.61 -31.25 -11.31
C PRO C 620 8.61 -32.35 -11.61
N LEU C 621 9.46 -32.12 -12.62
CA LEU C 621 10.51 -33.08 -12.94
C LEU C 621 11.50 -33.18 -11.79
N VAL C 622 11.89 -32.06 -11.20
CA VAL C 622 12.81 -32.03 -10.08
C VAL C 622 12.08 -31.38 -8.90
N GLY C 623 11.99 -32.11 -7.80
CA GLY C 623 11.33 -31.59 -6.62
C GLY C 623 11.63 -32.43 -5.40
N THR C 624 11.62 -31.81 -4.22
CA THR C 624 12.01 -32.53 -3.01
C THR C 624 10.97 -33.60 -2.67
N GLY C 625 11.31 -34.43 -1.70
CA GLY C 625 10.41 -35.49 -1.29
C GLY C 625 9.16 -35.00 -0.58
N MET C 626 9.15 -33.75 -0.13
CA MET C 626 8.00 -33.20 0.59
C MET C 626 6.80 -32.98 -0.31
N GLU C 627 6.94 -33.14 -1.62
CA GLU C 627 5.82 -32.95 -2.52
C GLU C 627 4.67 -33.88 -2.17
N LEU C 628 4.96 -35.18 -2.03
CA LEU C 628 3.90 -36.17 -1.86
C LEU C 628 3.19 -36.02 -0.53
N ARG C 629 3.95 -35.91 0.56
CA ARG C 629 3.32 -35.87 1.88
C ARG C 629 2.47 -34.62 2.05
N ALA C 630 2.93 -33.48 1.55
CA ALA C 630 2.17 -32.24 1.70
C ALA C 630 0.81 -32.36 1.00
N ALA C 631 0.76 -33.06 -0.13
CA ALA C 631 -0.50 -33.20 -0.84
C ALA C 631 -1.45 -34.13 -0.09
N ILE C 632 -0.93 -35.24 0.43
CA ILE C 632 -1.79 -36.21 1.10
C ILE C 632 -2.42 -35.59 2.34
N ASP C 633 -1.64 -34.85 3.12
CA ASP C 633 -2.12 -34.28 4.38
C ASP C 633 -2.90 -32.99 4.20
N ALA C 634 -2.84 -32.37 3.01
CA ALA C 634 -3.58 -31.13 2.80
C ALA C 634 -5.08 -31.35 2.78
N GLY C 635 -5.53 -32.59 2.59
CA GLY C 635 -6.95 -32.89 2.56
C GLY C 635 -7.62 -32.69 1.23
N ASP C 636 -6.91 -32.17 0.22
CA ASP C 636 -7.53 -32.00 -1.09
C ASP C 636 -7.85 -33.34 -1.74
N VAL C 637 -6.93 -34.29 -1.67
CA VAL C 637 -7.13 -35.59 -2.29
C VAL C 637 -7.95 -36.47 -1.37
N VAL C 638 -8.76 -37.35 -1.96
CA VAL C 638 -9.51 -38.35 -1.20
C VAL C 638 -8.71 -39.64 -1.20
N VAL C 639 -8.52 -40.22 -0.01
CA VAL C 639 -7.70 -41.40 0.18
C VAL C 639 -8.58 -42.53 0.67
N ALA C 640 -8.44 -43.71 0.06
CA ALA C 640 -9.26 -44.85 0.42
C ALA C 640 -9.07 -45.20 1.90
N GLU C 641 -10.18 -45.42 2.60
CA GLU C 641 -10.11 -45.71 4.02
C GLU C 641 -9.62 -47.13 4.28
N GLU C 642 -10.10 -48.10 3.50
CA GLU C 642 -9.73 -49.49 3.68
C GLU C 642 -9.46 -50.12 2.32
N SER C 643 -8.68 -51.21 2.34
CA SER C 643 -8.35 -51.91 1.11
C SER C 643 -9.61 -52.47 0.45
N GLY C 644 -9.57 -52.59 -0.87
CA GLY C 644 -10.71 -53.10 -1.60
C GLY C 644 -10.43 -53.05 -3.08
N VAL C 645 -11.44 -53.46 -3.85
CA VAL C 645 -11.39 -53.46 -5.30
C VAL C 645 -12.49 -52.55 -5.82
N ILE C 646 -12.14 -51.64 -6.70
CA ILE C 646 -13.07 -50.61 -7.17
C ILE C 646 -14.04 -51.25 -8.14
N GLU C 647 -15.31 -51.35 -7.75
CA GLU C 647 -16.30 -52.00 -8.60
C GLU C 647 -16.74 -51.09 -9.74
N GLU C 648 -16.84 -49.78 -9.50
CA GLU C 648 -17.27 -48.86 -10.52
C GLU C 648 -16.71 -47.48 -10.22
N VAL C 649 -16.18 -46.82 -11.24
CA VAL C 649 -15.62 -45.48 -11.14
C VAL C 649 -16.27 -44.59 -12.18
N SER C 650 -16.61 -43.37 -11.78
CA SER C 650 -17.22 -42.41 -12.68
C SER C 650 -16.64 -41.03 -12.40
N ALA C 651 -16.91 -40.09 -13.30
CA ALA C 651 -16.41 -38.74 -13.13
C ALA C 651 -16.99 -38.05 -11.91
N ASP C 652 -18.11 -38.54 -11.38
CA ASP C 652 -18.76 -37.96 -10.22
C ASP C 652 -18.41 -38.69 -8.93
N TYR C 653 -18.50 -40.01 -8.92
CA TYR C 653 -18.28 -40.79 -7.70
C TYR C 653 -17.49 -42.05 -8.04
N ILE C 654 -16.81 -42.58 -7.03
CA ILE C 654 -16.09 -43.84 -7.13
C ILE C 654 -16.44 -44.68 -5.91
N THR C 655 -16.82 -45.94 -6.14
CA THR C 655 -17.21 -46.86 -5.08
C THR C 655 -16.18 -47.98 -4.99
N VAL C 656 -15.68 -48.21 -3.78
CA VAL C 656 -14.67 -49.24 -3.52
C VAL C 656 -15.33 -50.37 -2.75
N MET C 657 -15.14 -51.60 -3.21
CA MET C 657 -15.69 -52.78 -2.57
C MET C 657 -14.69 -53.26 -1.52
N HIS C 658 -15.03 -53.07 -0.25
CA HIS C 658 -14.13 -53.48 0.81
C HIS C 658 -14.03 -55.00 0.86
N ASP C 659 -13.05 -55.49 1.62
CA ASP C 659 -12.88 -56.92 1.83
C ASP C 659 -13.90 -57.50 2.78
N ASN C 660 -14.61 -56.67 3.54
CA ASN C 660 -15.63 -57.14 4.47
C ASN C 660 -17.02 -57.20 3.85
N GLY C 661 -17.14 -56.90 2.55
CA GLY C 661 -18.42 -56.91 1.88
C GLY C 661 -19.25 -55.65 2.04
N THR C 662 -18.73 -54.64 2.72
CA THR C 662 -19.44 -53.39 2.93
C THR C 662 -19.01 -52.37 1.87
N ARG C 663 -19.99 -51.75 1.23
CA ARG C 663 -19.74 -50.79 0.17
C ARG C 663 -19.54 -49.39 0.74
N ARG C 664 -18.75 -48.58 0.02
CA ARG C 664 -18.57 -47.19 0.37
C ARG C 664 -18.44 -46.38 -0.92
N THR C 665 -19.08 -45.22 -0.96
CA THR C 665 -19.09 -44.35 -2.13
C THR C 665 -18.40 -43.04 -1.78
N TYR C 666 -17.42 -42.66 -2.60
CA TYR C 666 -16.66 -41.42 -2.40
C TYR C 666 -17.21 -40.36 -3.36
N ARG C 667 -18.17 -39.58 -2.89
CA ARG C 667 -18.65 -38.45 -3.67
C ARG C 667 -17.56 -37.38 -3.72
N MET C 668 -17.16 -36.98 -4.92
CA MET C 668 -16.08 -36.02 -5.11
C MET C 668 -16.60 -34.81 -5.87
N ARG C 669 -16.28 -33.62 -5.35
CA ARG C 669 -16.84 -32.40 -5.89
C ARG C 669 -16.15 -31.99 -7.19
N LYS C 670 -16.93 -31.47 -8.13
CA LYS C 670 -16.43 -30.99 -9.40
C LYS C 670 -16.79 -29.52 -9.57
N PHE C 671 -15.81 -28.72 -10.00
CA PHE C 671 -16.02 -27.31 -10.29
C PHE C 671 -16.76 -26.61 -9.15
N ALA C 672 -16.13 -26.63 -7.98
CA ALA C 672 -16.66 -25.98 -6.80
C ALA C 672 -15.78 -24.79 -6.45
N ARG C 673 -16.41 -23.63 -6.26
CA ARG C 673 -15.67 -22.40 -6.02
C ARG C 673 -14.98 -22.45 -4.66
N SER C 674 -13.67 -22.19 -4.65
CA SER C 674 -12.94 -22.07 -3.40
C SER C 674 -13.24 -20.71 -2.77
N ASN C 675 -12.60 -20.43 -1.63
CA ASN C 675 -12.84 -19.17 -0.95
C ASN C 675 -12.38 -17.99 -1.79
N HIS C 676 -11.22 -18.11 -2.43
CA HIS C 676 -10.61 -16.97 -3.13
C HIS C 676 -10.97 -16.88 -4.59
N GLY C 677 -11.76 -17.83 -5.12
CA GLY C 677 -12.26 -17.76 -6.48
C GLY C 677 -11.84 -18.94 -7.35
N THR C 678 -10.65 -19.46 -7.12
CA THR C 678 -10.15 -20.54 -7.98
C THR C 678 -11.02 -21.77 -7.84
N CYS C 679 -11.07 -22.56 -8.90
CA CYS C 679 -11.94 -23.73 -8.91
C CYS C 679 -11.24 -24.93 -8.26
N ALA C 680 -12.06 -25.91 -7.87
CA ALA C 680 -11.56 -27.13 -7.25
C ALA C 680 -12.20 -28.32 -7.95
N ASN C 681 -11.38 -29.26 -8.40
CA ASN C 681 -11.85 -30.46 -9.06
C ASN C 681 -11.13 -31.67 -8.47
N GLN C 682 -11.79 -32.82 -8.54
CA GLN C 682 -11.23 -34.08 -8.07
C GLN C 682 -11.54 -35.14 -9.12
N CYS C 683 -10.59 -35.38 -10.01
CA CYS C 683 -10.77 -36.36 -11.08
C CYS C 683 -10.16 -37.69 -10.66
N PRO C 684 -10.92 -38.79 -10.65
CA PRO C 684 -10.34 -40.06 -10.21
C PRO C 684 -9.19 -40.50 -11.11
N ILE C 685 -8.20 -41.15 -10.49
CA ILE C 685 -7.06 -41.68 -11.22
C ILE C 685 -7.10 -43.19 -11.35
N VAL C 686 -7.86 -43.88 -10.50
CA VAL C 686 -7.91 -45.34 -10.51
C VAL C 686 -8.88 -45.81 -11.58
N ASP C 687 -8.83 -47.10 -11.90
CA ASP C 687 -9.65 -47.68 -12.94
C ASP C 687 -10.47 -48.83 -12.38
N ALA C 688 -11.61 -49.09 -13.02
CA ALA C 688 -12.50 -50.14 -12.55
C ALA C 688 -11.80 -51.49 -12.54
N GLY C 689 -12.06 -52.29 -11.51
CA GLY C 689 -11.46 -53.59 -11.39
C GLY C 689 -10.04 -53.60 -10.86
N ASP C 690 -9.56 -52.47 -10.35
CA ASP C 690 -8.19 -52.35 -9.88
C ASP C 690 -8.15 -52.36 -8.36
N ARG C 691 -7.31 -53.22 -7.79
CA ARG C 691 -7.17 -53.29 -6.35
C ARG C 691 -6.48 -52.04 -5.82
N VAL C 692 -6.98 -51.52 -4.70
CA VAL C 692 -6.43 -50.34 -4.05
C VAL C 692 -6.20 -50.66 -2.58
N GLU C 693 -5.03 -50.32 -2.07
CA GLU C 693 -4.69 -50.57 -0.68
C GLU C 693 -5.06 -49.39 0.19
N ALA C 694 -5.27 -49.67 1.48
CA ALA C 694 -5.70 -48.63 2.40
C ALA C 694 -4.67 -47.51 2.48
N GLY C 695 -5.14 -46.27 2.48
CA GLY C 695 -4.28 -45.11 2.54
C GLY C 695 -3.83 -44.59 1.20
N GLN C 696 -4.09 -45.31 0.11
CA GLN C 696 -3.70 -44.85 -1.20
C GLN C 696 -4.58 -43.69 -1.65
N VAL C 697 -4.04 -42.84 -2.50
CA VAL C 697 -4.78 -41.71 -3.04
C VAL C 697 -5.70 -42.21 -4.15
N ILE C 698 -6.93 -41.69 -4.17
CA ILE C 698 -7.96 -42.14 -5.09
C ILE C 698 -8.23 -41.10 -6.18
N ALA C 699 -8.29 -39.83 -5.82
CA ALA C 699 -8.54 -38.77 -6.78
C ALA C 699 -7.64 -37.58 -6.47
N ASP C 700 -7.32 -36.81 -7.49
CA ASP C 700 -6.40 -35.68 -7.38
C ASP C 700 -7.19 -34.38 -7.32
N GLY C 701 -7.10 -33.69 -6.19
CA GLY C 701 -7.71 -32.39 -6.04
C GLY C 701 -7.02 -31.37 -6.92
N PRO C 702 -7.29 -30.09 -6.70
CA PRO C 702 -6.57 -29.06 -7.46
C PRO C 702 -5.10 -29.09 -7.13
N CYS C 703 -4.27 -28.72 -8.11
CA CYS C 703 -2.82 -28.73 -7.96
C CYS C 703 -2.35 -30.06 -7.40
N THR C 704 -2.58 -31.12 -8.18
CA THR C 704 -2.15 -32.45 -7.78
C THR C 704 -2.09 -33.35 -9.00
N ASP C 705 -1.08 -34.20 -9.04
CA ASP C 705 -0.91 -35.17 -10.12
C ASP C 705 -0.40 -36.47 -9.51
N ASP C 706 -1.22 -37.51 -9.56
CA ASP C 706 -0.89 -38.82 -8.99
C ASP C 706 -0.69 -38.74 -7.48
N GLY C 707 -1.18 -37.68 -6.84
CA GLY C 707 -1.12 -37.56 -5.39
C GLY C 707 0.01 -36.73 -4.84
N GLU C 708 0.83 -36.12 -5.70
CA GLU C 708 1.94 -35.28 -5.27
C GLU C 708 1.72 -33.86 -5.74
N MET C 709 1.94 -32.90 -4.85
CA MET C 709 1.63 -31.50 -5.13
C MET C 709 2.30 -31.05 -6.43
N ALA C 710 1.52 -30.38 -7.26
CA ALA C 710 2.02 -29.88 -8.55
C ALA C 710 1.34 -28.54 -8.81
N LEU C 711 2.05 -27.45 -8.51
CA LEU C 711 1.50 -26.11 -8.60
C LEU C 711 1.74 -25.43 -9.95
N GLY C 712 2.43 -26.10 -10.87
CA GLY C 712 2.78 -25.45 -12.12
C GLY C 712 3.25 -26.45 -13.15
N LYS C 713 3.75 -25.91 -14.26
CA LYS C 713 4.18 -26.71 -15.40
C LYS C 713 5.69 -26.67 -15.56
N ASN C 714 6.17 -27.45 -16.52
CA ASN C 714 7.57 -27.48 -16.91
C ASN C 714 7.73 -26.75 -18.23
N LEU C 715 8.64 -25.77 -18.28
CA LEU C 715 8.84 -24.96 -19.47
C LEU C 715 10.31 -24.98 -19.85
N LEU C 716 10.58 -25.09 -21.15
CA LEU C 716 11.95 -25.15 -21.65
C LEU C 716 12.55 -23.75 -21.60
N VAL C 717 13.32 -23.48 -20.56
CA VAL C 717 13.85 -22.14 -20.31
C VAL C 717 15.14 -21.96 -21.11
N ALA C 718 15.33 -20.75 -21.62
CA ALA C 718 16.62 -20.30 -22.16
C ALA C 718 16.98 -19.00 -21.47
N ILE C 719 18.20 -18.94 -20.94
CA ILE C 719 18.64 -17.84 -20.10
C ILE C 719 19.53 -16.93 -20.95
N MET C 720 18.95 -15.85 -21.48
CA MET C 720 19.68 -14.87 -22.26
C MET C 720 18.83 -13.62 -22.45
N PRO C 721 19.44 -12.44 -22.60
CA PRO C 721 18.65 -11.22 -22.83
C PRO C 721 18.24 -11.14 -24.30
N TRP C 722 16.93 -11.11 -24.55
CA TRP C 722 16.38 -11.21 -25.90
C TRP C 722 15.68 -9.90 -26.26
N GLU C 723 16.34 -9.09 -27.09
CA GLU C 723 15.73 -7.92 -27.72
C GLU C 723 15.04 -7.00 -26.73
N GLY C 724 15.42 -7.07 -25.45
CA GLY C 724 14.88 -6.16 -24.47
C GLY C 724 13.46 -6.45 -24.04
N HIS C 725 12.79 -7.44 -24.64
CA HIS C 725 11.44 -7.76 -24.22
C HIS C 725 11.39 -8.45 -22.87
N ASN C 726 12.53 -8.92 -22.36
CA ASN C 726 12.65 -9.47 -21.02
C ASN C 726 13.57 -8.59 -20.17
N TYR C 727 13.38 -7.28 -20.28
CA TYR C 727 14.27 -6.33 -19.62
C TYR C 727 13.82 -6.09 -18.19
N GLU C 728 14.72 -6.32 -17.24
CA GLU C 728 14.50 -6.02 -15.83
C GLU C 728 13.30 -6.80 -15.29
N ASP C 729 13.47 -8.12 -15.27
CA ASP C 729 12.59 -9.09 -14.62
C ASP C 729 11.32 -9.39 -15.41
N ALA C 730 11.14 -8.82 -16.60
CA ALA C 730 10.03 -9.24 -17.43
C ALA C 730 10.32 -10.62 -18.03
N ILE C 731 9.29 -11.23 -18.61
CA ILE C 731 9.39 -12.59 -19.15
C ILE C 731 8.79 -12.62 -20.54
N ILE C 732 9.33 -13.50 -21.37
CA ILE C 732 8.86 -13.71 -22.74
C ILE C 732 8.39 -15.15 -22.85
N LEU C 733 7.18 -15.36 -23.37
CA LEU C 733 6.57 -16.67 -23.45
C LEU C 733 6.28 -17.03 -24.90
N SER C 734 6.51 -18.29 -25.24
CA SER C 734 6.10 -18.81 -26.53
C SER C 734 4.58 -18.81 -26.63
N ASN C 735 4.08 -18.72 -27.85
CA ASN C 735 2.64 -18.79 -28.06
C ASN C 735 2.10 -20.20 -27.87
N ARG C 736 2.97 -21.20 -27.72
CA ARG C 736 2.49 -22.55 -27.47
C ARG C 736 1.70 -22.63 -26.17
N LEU C 737 2.15 -21.89 -25.15
CA LEU C 737 1.47 -21.94 -23.85
C LEU C 737 0.04 -21.42 -23.96
N VAL C 738 -0.16 -20.37 -24.76
CA VAL C 738 -1.50 -19.81 -24.90
C VAL C 738 -2.39 -20.74 -25.70
N GLU C 739 -1.87 -21.33 -26.77
CA GLU C 739 -2.74 -22.07 -27.70
C GLU C 739 -2.95 -23.51 -27.27
N GLU C 740 -2.05 -24.08 -26.49
CA GLU C 740 -2.20 -25.45 -26.01
C GLU C 740 -2.69 -25.53 -24.57
N ASP C 741 -3.15 -24.40 -24.01
CA ASP C 741 -3.73 -24.39 -22.66
C ASP C 741 -2.76 -24.96 -21.63
N VAL C 742 -1.47 -24.66 -21.80
CA VAL C 742 -0.49 -25.09 -20.82
C VAL C 742 -0.71 -24.37 -19.49
N LEU C 743 -0.95 -23.06 -19.53
CA LEU C 743 -1.15 -22.26 -18.34
C LEU C 743 -2.53 -21.60 -18.34
N THR C 744 -3.55 -22.37 -18.70
CA THR C 744 -4.92 -21.90 -18.65
C THR C 744 -5.53 -22.24 -17.30
N SER C 745 -6.28 -21.30 -16.73
CA SER C 745 -6.85 -21.45 -15.40
C SER C 745 -8.32 -21.07 -15.42
N ILE C 746 -9.10 -21.71 -14.53
CA ILE C 746 -10.52 -21.45 -14.38
C ILE C 746 -10.72 -20.62 -13.12
N HIS C 747 -11.68 -19.70 -13.18
CA HIS C 747 -12.02 -18.86 -12.04
C HIS C 747 -13.53 -18.75 -11.92
N ILE C 748 -14.04 -18.85 -10.71
CA ILE C 748 -15.47 -18.87 -10.44
C ILE C 748 -15.83 -17.62 -9.63
N GLU C 749 -16.82 -16.88 -10.11
CA GLU C 749 -17.35 -15.73 -9.40
C GLU C 749 -18.76 -16.03 -8.92
N GLU C 750 -19.10 -15.55 -7.72
CA GLU C 750 -20.41 -15.75 -7.13
C GLU C 750 -21.11 -14.40 -6.99
N HIS C 751 -22.28 -14.27 -7.59
CA HIS C 751 -23.15 -13.11 -7.44
C HIS C 751 -24.43 -13.55 -6.75
N GLU C 752 -24.88 -12.77 -5.77
CA GLU C 752 -26.09 -13.11 -5.02
C GLU C 752 -26.92 -11.86 -4.77
N ILE C 753 -28.23 -12.01 -4.90
CA ILE C 753 -29.19 -10.96 -4.57
C ILE C 753 -30.32 -11.59 -3.80
N ASP C 754 -30.96 -10.80 -2.94
CA ASP C 754 -32.01 -11.29 -2.06
C ASP C 754 -33.23 -10.38 -2.15
N ALA C 755 -34.40 -10.98 -1.97
CA ALA C 755 -35.67 -10.27 -2.01
C ALA C 755 -36.18 -10.09 -0.58
N ARG C 756 -36.36 -8.85 -0.17
CA ARG C 756 -36.75 -8.52 1.19
C ARG C 756 -38.04 -7.72 1.19
N ASP C 757 -38.85 -7.91 2.23
CA ASP C 757 -40.13 -7.23 2.35
C ASP C 757 -39.92 -5.81 2.85
N THR C 758 -40.36 -4.83 2.09
CA THR C 758 -40.20 -3.42 2.43
C THR C 758 -41.47 -2.88 3.08
N LYS C 759 -41.40 -1.63 3.53
CA LYS C 759 -42.57 -0.97 4.09
C LYS C 759 -43.68 -0.86 3.05
N LEU C 760 -43.32 -0.43 1.83
CA LEU C 760 -44.31 -0.30 0.77
C LEU C 760 -44.91 -1.65 0.39
N GLY C 761 -44.07 -2.67 0.27
CA GLY C 761 -44.56 -3.96 -0.15
C GLY C 761 -43.47 -4.99 -0.11
N ALA C 762 -43.74 -6.13 -0.74
CA ALA C 762 -42.82 -7.26 -0.77
C ALA C 762 -42.13 -7.30 -2.13
N GLU C 763 -40.80 -7.26 -2.12
CA GLU C 763 -40.03 -7.39 -3.34
C GLU C 763 -40.17 -8.80 -3.88
N GLU C 764 -40.24 -8.92 -5.21
CA GLU C 764 -40.42 -10.21 -5.87
C GLU C 764 -39.49 -10.29 -7.07
N ILE C 765 -38.85 -11.44 -7.25
CA ILE C 765 -38.05 -11.71 -8.43
C ILE C 765 -38.98 -12.19 -9.53
N THR C 766 -38.94 -11.51 -10.67
CA THR C 766 -39.88 -11.81 -11.75
C THR C 766 -39.24 -11.47 -13.08
N ARG C 767 -39.79 -12.08 -14.13
CA ARG C 767 -39.25 -11.92 -15.48
C ARG C 767 -39.69 -10.63 -16.15
N ASP C 768 -40.67 -9.93 -15.60
CA ASP C 768 -41.19 -8.70 -16.20
C ASP C 768 -40.57 -7.49 -15.52
N ILE C 769 -39.99 -6.60 -16.32
CA ILE C 769 -39.34 -5.39 -15.82
C ILE C 769 -39.84 -4.22 -16.65
N PRO C 770 -39.95 -3.02 -16.07
CA PRO C 770 -40.52 -1.89 -16.84
C PRO C 770 -39.60 -1.45 -17.97
N ASN C 771 -40.19 -1.29 -19.15
CA ASN C 771 -39.54 -0.64 -20.29
C ASN C 771 -38.14 -1.22 -20.56
N ILE C 772 -38.11 -2.49 -20.92
CA ILE C 772 -36.89 -3.15 -21.38
C ILE C 772 -37.25 -4.04 -22.55
N SER C 773 -36.38 -4.07 -23.56
CA SER C 773 -36.63 -4.85 -24.76
C SER C 773 -36.63 -6.35 -24.43
N ASP C 774 -37.27 -7.12 -25.31
CA ASP C 774 -37.32 -8.56 -25.13
C ASP C 774 -35.97 -9.21 -25.40
N GLU C 775 -35.09 -8.56 -26.14
CA GLU C 775 -33.77 -9.13 -26.41
C GLU C 775 -32.92 -9.14 -25.14
N VAL C 776 -32.96 -8.06 -24.36
CA VAL C 776 -32.19 -8.01 -23.12
C VAL C 776 -32.68 -9.06 -22.14
N LEU C 777 -33.95 -9.43 -22.22
CA LEU C 777 -34.53 -10.46 -21.38
C LEU C 777 -34.64 -11.80 -22.08
N ALA C 778 -33.93 -11.98 -23.20
CA ALA C 778 -34.02 -13.23 -23.94
C ALA C 778 -33.50 -14.40 -23.11
N ASP C 779 -32.39 -14.20 -22.40
CA ASP C 779 -31.76 -15.30 -21.69
C ASP C 779 -32.39 -15.60 -20.34
N LEU C 780 -33.20 -14.68 -19.80
CA LEU C 780 -33.84 -14.93 -18.51
C LEU C 780 -34.88 -16.04 -18.63
N ASP C 781 -34.90 -16.91 -17.62
CA ASP C 781 -35.81 -18.04 -17.61
C ASP C 781 -37.20 -17.57 -17.17
N GLU C 782 -38.13 -18.53 -17.01
CA GLU C 782 -39.45 -18.18 -16.53
C GLU C 782 -39.41 -17.58 -15.13
N ARG C 783 -38.60 -18.18 -14.24
CA ARG C 783 -38.52 -17.70 -12.88
C ARG C 783 -37.94 -16.29 -12.79
N GLY C 784 -37.28 -15.82 -13.84
CA GLY C 784 -36.65 -14.52 -13.84
C GLY C 784 -35.17 -14.53 -13.53
N ILE C 785 -34.54 -15.69 -13.50
CA ILE C 785 -33.11 -15.83 -13.24
C ILE C 785 -32.47 -16.53 -14.42
N VAL C 786 -31.34 -15.99 -14.88
CA VAL C 786 -30.72 -16.47 -16.11
C VAL C 786 -30.58 -17.98 -16.07
N ARG C 787 -30.77 -18.61 -17.22
CA ARG C 787 -30.74 -20.06 -17.32
C ARG C 787 -29.31 -20.57 -17.39
N ILE C 788 -29.11 -21.77 -16.84
CA ILE C 788 -27.78 -22.37 -16.85
C ILE C 788 -27.26 -22.46 -18.27
N GLY C 789 -25.97 -22.21 -18.44
CA GLY C 789 -25.33 -22.29 -19.73
C GLY C 789 -25.40 -21.02 -20.56
N ALA C 790 -26.08 -19.99 -20.08
CA ALA C 790 -26.17 -18.74 -20.82
C ALA C 790 -24.92 -17.91 -20.62
N GLU C 791 -24.30 -17.50 -21.73
CA GLU C 791 -23.07 -16.72 -21.68
C GLU C 791 -23.42 -15.26 -21.46
N VAL C 792 -23.00 -14.72 -20.32
CA VAL C 792 -23.29 -13.34 -19.96
C VAL C 792 -22.05 -12.50 -20.18
N ARG C 793 -22.24 -11.18 -20.15
CA ARG C 793 -21.17 -10.23 -20.25
C ARG C 793 -21.45 -9.07 -19.30
N ASP C 794 -20.53 -8.12 -19.25
CA ASP C 794 -20.64 -7.03 -18.29
C ASP C 794 -21.85 -6.16 -18.59
N GLY C 795 -22.89 -6.26 -17.76
CA GLY C 795 -24.09 -5.46 -17.89
C GLY C 795 -25.37 -6.25 -18.01
N ASP C 796 -25.31 -7.48 -18.54
CA ASP C 796 -26.52 -8.26 -18.73
C ASP C 796 -27.22 -8.51 -17.39
N ILE C 797 -28.49 -8.86 -17.48
CA ILE C 797 -29.33 -9.07 -16.31
C ILE C 797 -29.22 -10.53 -15.88
N LEU C 798 -28.88 -10.74 -14.62
CA LEU C 798 -28.79 -12.09 -14.06
C LEU C 798 -30.06 -12.49 -13.33
N VAL C 799 -30.58 -11.60 -12.49
CA VAL C 799 -31.77 -11.86 -11.68
C VAL C 799 -32.77 -10.74 -11.93
N GLY C 800 -33.98 -11.10 -12.36
CA GLY C 800 -35.00 -10.11 -12.59
C GLY C 800 -35.73 -9.76 -11.31
N LYS C 801 -35.38 -8.63 -10.71
CA LYS C 801 -35.89 -8.21 -9.42
C LYS C 801 -36.60 -6.88 -9.56
N VAL C 802 -37.85 -6.81 -9.08
CA VAL C 802 -38.64 -5.60 -9.10
C VAL C 802 -39.03 -5.26 -7.67
N THR C 803 -38.78 -4.03 -7.26
CA THR C 803 -39.11 -3.57 -5.91
C THR C 803 -40.29 -2.60 -5.97
N PRO C 804 -41.12 -2.55 -4.93
CA PRO C 804 -42.35 -1.77 -5.00
C PRO C 804 -42.12 -0.30 -4.66
N LYS C 805 -42.65 0.59 -5.49
CA LYS C 805 -42.66 2.03 -5.23
C LYS C 805 -44.08 2.57 -5.20
N GLY C 806 -45.03 1.74 -4.75
CA GLY C 806 -46.43 2.12 -4.83
C GLY C 806 -46.75 3.36 -4.02
N GLU C 807 -46.29 3.40 -2.76
CA GLU C 807 -46.56 4.54 -1.88
C GLU C 807 -45.49 5.62 -2.05
N THR C 808 -45.35 6.07 -3.28
CA THR C 808 -44.40 7.12 -3.65
C THR C 808 -45.14 8.24 -4.36
N GLU C 809 -44.65 9.46 -4.18
CA GLU C 809 -45.27 10.61 -4.81
C GLU C 809 -45.33 10.42 -6.32
N LEU C 810 -46.47 10.79 -6.91
CA LEU C 810 -46.68 10.65 -8.35
C LEU C 810 -47.01 12.02 -8.92
N THR C 811 -46.23 12.43 -9.91
CA THR C 811 -46.40 13.76 -10.49
C THR C 811 -47.79 13.87 -11.11
N PRO C 812 -48.50 15.00 -10.93
CA PRO C 812 -49.84 15.13 -11.51
C PRO C 812 -49.86 14.82 -12.99
N GLU C 813 -48.87 15.32 -13.73
CA GLU C 813 -48.81 15.04 -15.16
C GLU C 813 -48.55 13.56 -15.42
N GLU C 814 -47.78 12.91 -14.54
CA GLU C 814 -47.40 11.52 -14.78
C GLU C 814 -48.57 10.56 -14.65
N ARG C 815 -49.35 10.68 -13.57
CA ARG C 815 -50.52 9.82 -13.42
C ARG C 815 -51.61 10.18 -14.43
N LEU C 816 -51.61 11.41 -14.95
CA LEU C 816 -52.49 11.75 -16.06
C LEU C 816 -52.09 10.96 -17.31
N LEU C 817 -50.78 10.90 -17.58
CA LEU C 817 -50.30 10.04 -18.65
C LEU C 817 -50.73 8.59 -18.43
N ARG C 818 -50.65 8.12 -17.18
CA ARG C 818 -51.07 6.76 -16.89
C ARG C 818 -52.52 6.53 -17.32
N ALA C 819 -53.39 7.49 -17.02
CA ALA C 819 -54.79 7.35 -17.39
C ALA C 819 -55.00 7.52 -18.89
N ILE C 820 -54.17 8.34 -19.54
CA ILE C 820 -54.36 8.61 -20.97
C ILE C 820 -54.19 7.33 -21.78
N PHE C 821 -53.10 6.60 -21.56
CA PHE C 821 -52.86 5.37 -22.29
C PHE C 821 -53.53 4.16 -21.64
N GLY C 822 -54.13 4.33 -20.46
CA GLY C 822 -54.46 3.17 -19.67
C GLY C 822 -53.23 2.45 -19.16
N GLU C 823 -52.07 3.08 -19.26
CA GLU C 823 -50.81 2.45 -18.88
C GLU C 823 -50.82 2.08 -17.40
N LYS C 824 -50.36 0.88 -17.10
CA LYS C 824 -50.28 0.44 -15.71
C LYS C 824 -49.39 1.39 -14.92
N ALA C 825 -49.83 1.71 -13.69
CA ALA C 825 -49.02 2.57 -12.84
C ALA C 825 -47.59 2.05 -12.75
N ARG C 826 -47.44 0.74 -12.58
CA ARG C 826 -46.13 0.09 -12.65
C ARG C 826 -45.11 0.81 -11.76
N GLU C 827 -45.55 1.19 -10.56
CA GLU C 827 -44.66 1.90 -9.65
C GLU C 827 -43.41 1.10 -9.37
N VAL C 828 -43.50 -0.23 -9.42
CA VAL C 828 -42.38 -1.09 -9.05
C VAL C 828 -41.13 -0.65 -9.79
N ARG C 829 -40.05 -0.47 -9.05
CA ARG C 829 -38.76 -0.14 -9.65
C ARG C 829 -38.12 -1.42 -10.16
N ASP C 830 -36.85 -1.35 -10.55
CA ASP C 830 -36.13 -2.53 -11.05
C ASP C 830 -34.69 -2.46 -10.53
N THR C 831 -34.47 -3.02 -9.34
CA THR C 831 -33.12 -3.21 -8.81
C THR C 831 -32.67 -4.62 -9.15
N SER C 832 -32.47 -4.84 -10.45
CA SER C 832 -32.17 -6.16 -10.97
C SER C 832 -30.68 -6.41 -10.94
N LEU C 833 -30.28 -7.56 -10.40
CA LEU C 833 -28.86 -7.90 -10.36
C LEU C 833 -28.29 -7.90 -11.76
N LYS C 834 -27.12 -7.29 -11.91
CA LYS C 834 -26.44 -7.21 -13.19
C LYS C 834 -24.97 -7.58 -13.00
N VAL C 835 -24.36 -8.09 -14.06
CA VAL C 835 -22.96 -8.50 -14.01
C VAL C 835 -22.11 -7.25 -13.79
N PRO C 836 -21.34 -7.17 -12.71
CA PRO C 836 -20.48 -5.99 -12.53
C PRO C 836 -19.44 -5.90 -13.64
N HIS C 837 -19.03 -4.67 -13.93
CA HIS C 837 -18.16 -4.42 -15.07
C HIS C 837 -16.90 -5.28 -14.99
N GLY C 838 -16.60 -5.96 -16.09
CA GLY C 838 -15.41 -6.79 -16.19
C GLY C 838 -15.60 -8.28 -15.99
N GLU C 839 -16.84 -8.74 -15.81
CA GLU C 839 -17.13 -10.14 -15.60
C GLU C 839 -17.87 -10.72 -16.79
N SER C 840 -17.63 -11.99 -17.06
CA SER C 840 -18.23 -12.69 -18.19
C SER C 840 -18.21 -14.18 -17.89
N GLY C 841 -18.47 -14.98 -18.93
CA GLY C 841 -18.36 -16.42 -18.83
C GLY C 841 -19.69 -17.10 -18.59
N LYS C 842 -19.68 -18.42 -18.78
CA LYS C 842 -20.88 -19.23 -18.65
C LYS C 842 -21.44 -19.12 -17.22
N VAL C 843 -22.67 -19.62 -17.05
CA VAL C 843 -23.33 -19.69 -15.76
C VAL C 843 -23.39 -21.15 -15.33
N ILE C 844 -22.38 -21.59 -14.56
CA ILE C 844 -22.25 -23.02 -14.28
C ILE C 844 -23.43 -23.53 -13.46
N GLY C 845 -23.89 -22.77 -12.47
CA GLY C 845 -24.95 -23.23 -11.62
C GLY C 845 -25.54 -22.09 -10.80
N ILE C 846 -26.79 -22.29 -10.40
CA ILE C 846 -27.53 -21.31 -9.61
C ILE C 846 -28.24 -22.04 -8.48
N ARG C 847 -28.23 -21.44 -7.29
CA ARG C 847 -28.95 -21.96 -6.14
C ARG C 847 -29.94 -20.91 -5.66
N VAL C 848 -31.15 -21.36 -5.34
CA VAL C 848 -32.23 -20.49 -4.91
C VAL C 848 -32.73 -20.98 -3.55
N PHE C 849 -32.60 -20.14 -2.53
CA PHE C 849 -33.13 -20.42 -1.20
C PHE C 849 -34.43 -19.65 -1.05
N SER C 850 -35.52 -20.35 -0.76
CA SER C 850 -36.83 -19.76 -0.64
C SER C 850 -37.41 -20.05 0.74
N ARG C 851 -37.89 -19.00 1.40
CA ARG C 851 -38.52 -19.17 2.71
C ARG C 851 -39.84 -19.92 2.60
N GLU C 852 -40.48 -19.92 1.43
CA GLU C 852 -41.73 -20.64 1.27
C GLU C 852 -41.53 -22.14 1.52
N ASP C 853 -40.33 -22.65 1.25
CA ASP C 853 -40.00 -24.04 1.52
C ASP C 853 -39.21 -24.22 2.81
N GLU C 854 -39.10 -23.16 3.62
CA GLU C 854 -38.45 -23.23 4.93
C GLU C 854 -36.97 -23.62 4.78
N ASP C 855 -36.24 -22.76 4.08
CA ASP C 855 -34.81 -22.95 3.86
C ASP C 855 -33.95 -22.21 4.88
N GLU C 856 -34.55 -21.62 5.91
CA GLU C 856 -33.82 -20.96 6.98
C GLU C 856 -33.01 -19.78 6.44
N LEU C 857 -33.71 -18.81 5.86
CA LEU C 857 -33.10 -17.58 5.39
C LEU C 857 -32.99 -16.56 6.51
N PRO C 858 -32.16 -15.54 6.33
CA PRO C 858 -32.07 -14.49 7.36
C PRO C 858 -33.38 -13.74 7.50
N ALA C 859 -33.62 -13.21 8.70
CA ALA C 859 -34.85 -12.49 8.96
C ALA C 859 -34.98 -11.30 8.02
N GLY C 860 -36.16 -11.17 7.40
CA GLY C 860 -36.46 -10.04 6.54
C GLY C 860 -36.37 -10.32 5.05
N VAL C 861 -35.93 -11.51 4.65
CA VAL C 861 -35.81 -11.85 3.24
C VAL C 861 -36.63 -13.09 2.96
N ASN C 862 -37.06 -13.23 1.70
CA ASN C 862 -37.86 -14.36 1.26
C ASN C 862 -37.16 -15.18 0.19
N GLU C 863 -36.68 -14.54 -0.87
CA GLU C 863 -35.99 -15.22 -1.96
C GLU C 863 -34.54 -14.77 -1.98
N LEU C 864 -33.62 -15.74 -2.00
CA LEU C 864 -32.19 -15.46 -2.06
C LEU C 864 -31.58 -16.39 -3.10
N VAL C 865 -31.18 -15.83 -4.24
CA VAL C 865 -30.59 -16.57 -5.33
C VAL C 865 -29.16 -16.11 -5.51
N ARG C 866 -28.23 -17.05 -5.61
CA ARG C 866 -26.84 -16.76 -5.92
C ARG C 866 -26.47 -17.45 -7.21
N VAL C 867 -25.85 -16.71 -8.12
CA VAL C 867 -25.54 -17.19 -9.47
C VAL C 867 -24.03 -17.28 -9.60
N TYR C 868 -23.54 -18.45 -10.00
CA TYR C 868 -22.11 -18.68 -10.20
C TYR C 868 -21.79 -18.56 -11.68
N VAL C 869 -20.85 -17.69 -12.01
CA VAL C 869 -20.42 -17.48 -13.39
C VAL C 869 -18.94 -17.83 -13.48
N ALA C 870 -18.58 -18.67 -14.43
CA ALA C 870 -17.23 -19.19 -14.57
C ALA C 870 -16.60 -18.69 -15.86
N GLN C 871 -15.36 -18.25 -15.77
CA GLN C 871 -14.60 -17.79 -16.92
C GLN C 871 -13.25 -18.50 -16.95
N LYS C 872 -12.84 -18.92 -18.15
CA LYS C 872 -11.60 -19.64 -18.36
C LYS C 872 -10.54 -18.65 -18.83
N ARG C 873 -9.66 -18.24 -17.92
CA ARG C 873 -8.64 -17.25 -18.22
C ARG C 873 -7.39 -17.93 -18.77
N LYS C 874 -6.92 -17.45 -19.92
CA LYS C 874 -5.64 -17.86 -20.45
C LYS C 874 -4.54 -16.99 -19.85
N ILE C 875 -3.32 -17.07 -20.37
CA ILE C 875 -2.21 -16.26 -19.90
C ILE C 875 -1.93 -15.19 -20.95
N SER C 876 -1.82 -13.94 -20.49
CA SER C 876 -1.63 -12.80 -21.38
C SER C 876 -0.67 -11.82 -20.72
N ASP C 877 -0.39 -10.73 -21.41
CA ASP C 877 0.50 -9.71 -20.88
C ASP C 877 -0.02 -9.21 -19.54
N GLY C 878 0.90 -9.03 -18.59
CA GLY C 878 0.58 -8.52 -17.28
C GLY C 878 0.44 -9.57 -16.19
N ASP C 879 0.22 -10.82 -16.57
CA ASP C 879 0.14 -11.88 -15.58
C ASP C 879 1.52 -12.11 -14.97
N LYS C 880 1.52 -12.61 -13.73
CA LYS C 880 2.75 -12.83 -12.99
C LYS C 880 3.07 -14.32 -12.98
N LEU C 881 4.29 -14.67 -13.41
CA LEU C 881 4.84 -16.00 -13.26
C LEU C 881 6.01 -15.94 -12.28
N ALA C 882 6.43 -17.12 -11.82
CA ALA C 882 7.56 -17.18 -10.90
C ALA C 882 7.97 -18.62 -10.71
N GLY C 883 9.27 -18.84 -10.60
CA GLY C 883 9.79 -20.15 -10.25
C GLY C 883 9.68 -20.39 -8.76
N ARG C 884 10.36 -21.43 -8.30
CA ARG C 884 10.36 -21.77 -6.89
C ARG C 884 11.44 -21.04 -6.11
N HIS C 885 12.34 -20.31 -6.77
CA HIS C 885 13.45 -19.65 -6.13
C HIS C 885 13.26 -18.14 -6.00
N GLY C 886 12.02 -17.67 -6.00
CA GLY C 886 11.77 -16.25 -5.85
C GLY C 886 12.06 -15.43 -7.07
N ASN C 887 12.13 -16.04 -8.25
CA ASN C 887 12.39 -15.32 -9.50
C ASN C 887 11.06 -14.91 -10.09
N LYS C 888 10.54 -13.77 -9.65
CA LYS C 888 9.24 -13.28 -10.10
C LYS C 888 9.37 -12.74 -11.52
N GLY C 889 8.25 -12.23 -12.03
CA GLY C 889 8.25 -11.63 -13.36
C GLY C 889 6.85 -11.35 -13.83
N VAL C 890 6.79 -10.60 -14.91
CA VAL C 890 5.52 -10.24 -15.56
C VAL C 890 5.68 -10.50 -17.04
N ILE C 891 4.62 -11.00 -17.68
CA ILE C 891 4.72 -11.43 -19.07
C ILE C 891 4.87 -10.21 -19.95
N GLY C 892 6.11 -9.89 -20.32
CA GLY C 892 6.34 -8.72 -21.16
C GLY C 892 5.78 -8.87 -22.55
N LYS C 893 5.97 -10.04 -23.16
CA LYS C 893 5.49 -10.27 -24.51
C LYS C 893 5.24 -11.76 -24.70
N ILE C 894 4.33 -12.08 -25.60
CA ILE C 894 4.00 -13.46 -25.96
C ILE C 894 4.23 -13.59 -27.45
N LEU C 895 5.43 -14.04 -27.81
CA LEU C 895 5.82 -14.10 -29.21
C LEU C 895 5.17 -15.30 -29.89
N PRO C 896 4.97 -15.25 -31.20
CA PRO C 896 4.54 -16.45 -31.93
C PRO C 896 5.59 -17.54 -31.84
N VAL C 897 5.16 -18.78 -32.10
CA VAL C 897 6.03 -19.93 -31.90
C VAL C 897 7.27 -19.83 -32.80
N GLU C 898 7.09 -19.34 -34.03
CA GLU C 898 8.21 -19.32 -34.96
C GLU C 898 9.26 -18.27 -34.60
N ASP C 899 8.91 -17.26 -33.82
CA ASP C 899 9.87 -16.23 -33.44
C ASP C 899 10.77 -16.67 -32.29
N MET C 900 10.39 -17.71 -31.56
CA MET C 900 11.19 -18.13 -30.41
C MET C 900 12.46 -18.83 -30.87
N PRO C 901 13.60 -18.57 -30.22
CA PRO C 901 14.81 -19.33 -30.55
C PRO C 901 14.57 -20.81 -30.32
N PHE C 902 15.11 -21.64 -31.22
CA PHE C 902 14.88 -23.07 -31.18
C PHE C 902 16.20 -23.82 -31.18
N LEU C 903 16.20 -24.96 -30.50
CA LEU C 903 17.38 -25.82 -30.46
C LEU C 903 17.70 -26.31 -31.87
N ALA C 904 18.83 -27.00 -32.03
CA ALA C 904 19.21 -27.48 -33.34
C ALA C 904 18.22 -28.49 -33.90
N ASP C 905 17.33 -29.04 -33.07
CA ASP C 905 16.38 -30.05 -33.49
C ASP C 905 15.00 -29.49 -33.77
N GLY C 906 14.85 -28.17 -33.83
CA GLY C 906 13.58 -27.56 -34.16
C GLY C 906 12.66 -27.30 -32.98
N THR C 907 13.05 -27.71 -31.78
CA THR C 907 12.22 -27.46 -30.60
C THR C 907 12.33 -26.00 -30.19
N PRO C 908 11.24 -25.24 -30.16
CA PRO C 908 11.34 -23.83 -29.75
C PRO C 908 11.25 -23.67 -28.23
N VAL C 909 12.18 -22.91 -27.65
CA VAL C 909 12.15 -22.67 -26.21
C VAL C 909 10.85 -21.98 -25.84
N ASP C 910 10.23 -22.43 -24.75
CA ASP C 910 8.92 -21.97 -24.35
C ASP C 910 8.95 -20.77 -23.41
N ILE C 911 10.12 -20.31 -22.99
CA ILE C 911 10.22 -19.16 -22.13
C ILE C 911 11.66 -18.67 -22.11
N ILE C 912 11.85 -17.38 -21.86
CA ILE C 912 13.18 -16.78 -21.83
C ILE C 912 13.29 -15.93 -20.57
N LEU C 913 14.41 -16.06 -19.86
CA LEU C 913 14.68 -15.31 -18.65
C LEU C 913 15.94 -14.50 -18.82
N ASN C 914 15.88 -13.24 -18.38
CA ASN C 914 17.06 -12.37 -18.47
C ASN C 914 18.16 -12.91 -17.57
N THR C 915 19.39 -12.80 -18.02
CA THR C 915 20.53 -13.31 -17.25
C THR C 915 21.17 -12.26 -16.37
N HIS C 916 20.72 -11.01 -16.43
CA HIS C 916 21.29 -9.98 -15.56
C HIS C 916 20.73 -10.07 -14.14
N GLY C 917 19.60 -10.73 -13.96
CA GLY C 917 18.99 -10.86 -12.66
C GLY C 917 19.33 -12.12 -11.91
N VAL C 918 20.10 -13.03 -12.49
CA VAL C 918 20.46 -14.27 -11.82
C VAL C 918 21.58 -14.05 -10.82
N PRO C 919 22.73 -13.47 -11.23
CA PRO C 919 23.85 -13.36 -10.30
C PRO C 919 23.67 -12.26 -9.25
N ARG C 920 23.06 -11.14 -9.65
CA ARG C 920 22.89 -10.04 -8.71
C ARG C 920 21.99 -10.44 -7.55
N ARG C 921 20.90 -11.13 -7.84
CA ARG C 921 19.99 -11.57 -6.78
C ARG C 921 20.57 -12.73 -5.98
N MET C 922 21.56 -13.43 -6.53
CA MET C 922 22.25 -14.51 -5.83
C MET C 922 21.29 -15.63 -5.48
N ASN C 923 20.62 -16.16 -6.50
CA ASN C 923 19.77 -17.34 -6.41
C ASN C 923 20.19 -18.34 -7.46
N ILE C 924 21.50 -18.63 -7.49
CA ILE C 924 22.10 -19.55 -8.46
C ILE C 924 21.38 -20.89 -8.45
N GLY C 925 20.60 -21.16 -7.40
CA GLY C 925 19.89 -22.41 -7.34
C GLY C 925 19.05 -22.67 -8.57
N GLN C 926 18.44 -21.64 -9.14
CA GLN C 926 17.57 -21.85 -10.30
C GLN C 926 18.37 -22.34 -11.50
N ILE C 927 19.60 -21.86 -11.67
CA ILE C 927 20.47 -22.40 -12.70
C ILE C 927 20.70 -23.89 -12.47
N LEU C 928 20.97 -24.27 -11.22
CA LEU C 928 21.15 -25.68 -10.90
C LEU C 928 19.89 -26.47 -11.19
N GLU C 929 18.73 -25.91 -10.86
CA GLU C 929 17.47 -26.59 -11.15
C GLU C 929 17.29 -26.80 -12.65
N THR C 930 17.64 -25.79 -13.44
CA THR C 930 17.51 -25.92 -14.89
C THR C 930 18.39 -27.05 -15.42
N HIS C 931 19.64 -27.11 -14.95
CA HIS C 931 20.53 -28.17 -15.40
C HIS C 931 19.99 -29.54 -15.02
N LEU C 932 19.66 -29.75 -13.75
CA LEU C 932 19.14 -31.04 -13.34
C LEU C 932 17.79 -31.33 -13.98
N GLY C 933 17.03 -30.28 -14.31
CA GLY C 933 15.77 -30.50 -15.00
C GLY C 933 15.98 -31.12 -16.37
N TRP C 934 16.93 -30.60 -17.13
CA TRP C 934 17.21 -31.16 -18.45
C TRP C 934 17.71 -32.60 -18.33
N CYS C 935 18.66 -32.84 -17.42
CA CYS C 935 19.16 -34.20 -17.26
C CYS C 935 18.02 -35.16 -16.90
N ALA C 936 17.04 -34.68 -16.12
CA ALA C 936 15.91 -35.53 -15.78
C ALA C 936 15.00 -35.74 -16.99
N HIS C 937 14.88 -34.72 -17.85
CA HIS C 937 14.02 -34.85 -19.02
C HIS C 937 14.66 -35.71 -20.10
N SER C 938 15.96 -35.55 -20.33
CA SER C 938 16.62 -36.30 -21.39
C SER C 938 16.89 -37.75 -20.99
N GLY C 939 17.14 -38.00 -19.71
CA GLY C 939 17.51 -39.32 -19.26
C GLY C 939 18.98 -39.59 -19.49
N TRP C 940 19.65 -40.18 -18.50
CA TRP C 940 21.10 -40.38 -18.56
C TRP C 940 21.43 -41.84 -18.36
N LYS C 941 22.66 -42.19 -18.76
CA LYS C 941 23.18 -43.56 -18.62
C LYS C 941 24.65 -43.43 -18.21
N VAL C 942 24.90 -43.48 -16.90
CA VAL C 942 26.26 -43.34 -16.41
C VAL C 942 27.12 -44.48 -16.95
N ASP C 943 28.32 -44.14 -17.40
CA ASP C 943 29.25 -45.13 -17.91
C ASP C 943 29.64 -46.12 -16.81
N ALA C 944 29.20 -47.37 -16.93
CA ALA C 944 29.43 -48.37 -15.91
C ALA C 944 30.34 -49.50 -16.36
N ALA C 945 30.71 -49.56 -17.65
CA ALA C 945 31.55 -50.66 -18.12
C ALA C 945 32.90 -50.67 -17.42
N LYS C 946 33.49 -49.48 -17.21
CA LYS C 946 34.76 -49.34 -16.51
C LYS C 946 34.56 -49.04 -15.03
N GLY C 947 33.43 -49.46 -14.46
CA GLY C 947 33.13 -49.18 -13.07
C GLY C 947 32.51 -47.79 -12.91
N VAL C 948 32.03 -47.54 -11.70
CA VAL C 948 31.41 -46.24 -11.40
C VAL C 948 32.49 -45.16 -11.46
N PRO C 949 32.29 -44.09 -12.23
CA PRO C 949 33.26 -42.99 -12.19
C PRO C 949 33.33 -42.39 -10.79
N ASP C 950 34.52 -41.86 -10.46
CA ASP C 950 34.77 -41.39 -9.10
C ASP C 950 33.67 -40.47 -8.60
N TRP C 951 33.20 -39.55 -9.45
CA TRP C 951 32.17 -38.61 -9.03
C TRP C 951 30.84 -39.29 -8.73
N ALA C 952 30.62 -40.49 -9.26
CA ALA C 952 29.37 -41.21 -9.06
C ALA C 952 29.45 -42.26 -7.98
N ALA C 953 30.53 -42.28 -7.20
CA ALA C 953 30.67 -43.30 -6.16
C ALA C 953 29.54 -43.20 -5.15
N ARG C 954 29.16 -41.98 -4.75
CA ARG C 954 28.14 -41.79 -3.73
C ARG C 954 26.71 -41.88 -4.28
N LEU C 955 26.53 -41.86 -5.59
CA LEU C 955 25.19 -41.95 -6.14
C LEU C 955 24.58 -43.31 -5.79
N PRO C 956 23.31 -43.37 -5.40
CA PRO C 956 22.69 -44.68 -5.15
C PRO C 956 22.76 -45.56 -6.38
N ASP C 957 22.97 -46.86 -6.15
CA ASP C 957 23.21 -47.78 -7.25
C ASP C 957 22.07 -47.78 -8.26
N GLU C 958 20.87 -47.43 -7.85
CA GLU C 958 19.71 -47.43 -8.73
C GLU C 958 19.46 -46.07 -9.37
N LEU C 959 20.36 -45.11 -9.15
CA LEU C 959 20.28 -43.80 -9.77
C LEU C 959 21.25 -43.63 -10.93
N LEU C 960 21.89 -44.71 -11.37
CA LEU C 960 22.86 -44.67 -12.45
C LEU C 960 22.23 -44.77 -13.83
N GLU C 961 20.91 -44.91 -13.91
CA GLU C 961 20.24 -45.07 -15.20
C GLU C 961 18.80 -44.60 -15.07
N ALA C 962 18.40 -43.66 -15.91
CA ALA C 962 17.05 -43.11 -15.88
C ALA C 962 16.56 -42.90 -17.30
N GLN C 963 15.29 -43.22 -17.52
CA GLN C 963 14.66 -43.07 -18.82
C GLN C 963 14.25 -41.62 -19.06
N PRO C 964 13.98 -41.24 -20.30
CA PRO C 964 13.51 -39.88 -20.55
C PRO C 964 12.21 -39.57 -19.83
N ASN C 965 12.03 -38.30 -19.48
CA ASN C 965 10.89 -37.83 -18.69
C ASN C 965 10.87 -38.50 -17.32
N ALA C 966 12.03 -38.89 -16.82
CA ALA C 966 12.12 -39.40 -15.46
C ALA C 966 11.88 -38.27 -14.47
N ILE C 967 11.48 -38.65 -13.26
CA ILE C 967 11.24 -37.71 -12.16
C ILE C 967 12.28 -37.98 -11.08
N VAL C 968 12.91 -36.91 -10.59
CA VAL C 968 13.99 -37.03 -9.62
C VAL C 968 13.69 -36.11 -8.45
N SER C 969 14.34 -36.38 -7.32
CA SER C 969 14.13 -35.61 -6.10
C SER C 969 15.47 -35.26 -5.47
N THR C 970 15.58 -34.03 -4.99
CA THR C 970 16.78 -33.53 -4.32
C THR C 970 16.37 -32.89 -3.00
N PRO C 971 16.27 -33.67 -1.93
CA PRO C 971 15.77 -33.13 -0.66
C PRO C 971 16.61 -31.95 -0.20
N VAL C 972 15.93 -31.00 0.45
CA VAL C 972 16.59 -29.77 0.90
C VAL C 972 17.74 -30.11 1.84
N PHE C 973 18.86 -29.43 1.64
CA PHE C 973 20.07 -29.54 2.45
C PHE C 973 20.75 -30.90 2.34
N ASP C 974 20.23 -31.82 1.54
CA ASP C 974 20.92 -33.07 1.25
C ASP C 974 20.44 -33.53 -0.12
N GLY C 975 21.24 -33.27 -1.14
CA GLY C 975 20.83 -33.58 -2.49
C GLY C 975 21.99 -33.62 -3.44
N ALA C 976 21.67 -33.40 -4.71
CA ALA C 976 22.70 -33.47 -5.75
C ALA C 976 23.79 -32.45 -5.50
N GLN C 977 25.03 -32.92 -5.51
CA GLN C 977 26.20 -32.06 -5.34
C GLN C 977 26.63 -31.50 -6.70
N GLU C 978 27.54 -30.52 -6.65
CA GLU C 978 28.03 -29.92 -7.89
C GLU C 978 28.75 -30.95 -8.74
N ALA C 979 29.55 -31.82 -8.12
CA ALA C 979 30.23 -32.86 -8.88
C ALA C 979 29.22 -33.77 -9.56
N GLU C 980 28.13 -34.10 -8.89
CA GLU C 980 27.14 -35.02 -9.46
C GLU C 980 26.47 -34.41 -10.68
N LEU C 981 26.07 -33.14 -10.60
CA LEU C 981 25.43 -32.52 -11.75
C LEU C 981 26.38 -32.46 -12.94
N GLN C 982 27.63 -32.08 -12.71
CA GLN C 982 28.60 -32.03 -13.80
C GLN C 982 28.74 -33.40 -14.45
N GLY C 983 28.73 -34.46 -13.64
CA GLY C 983 28.81 -35.80 -14.20
C GLY C 983 27.59 -36.16 -15.02
N LEU C 984 26.39 -35.87 -14.51
CA LEU C 984 25.18 -36.24 -15.23
C LEU C 984 25.06 -35.49 -16.55
N LEU C 985 25.40 -34.19 -16.55
CA LEU C 985 25.24 -33.40 -17.77
C LEU C 985 26.08 -33.94 -18.91
N SER C 986 27.20 -34.59 -18.61
CA SER C 986 28.04 -35.18 -19.64
C SER C 986 27.65 -36.61 -19.96
N CYS C 987 26.58 -37.13 -19.36
CA CYS C 987 26.15 -38.51 -19.58
C CYS C 987 24.69 -38.58 -20.00
N THR C 988 24.11 -37.48 -20.47
CA THR C 988 22.72 -37.51 -20.91
C THR C 988 22.57 -38.33 -22.18
N LEU C 989 21.39 -38.94 -22.34
CA LEU C 989 21.14 -39.77 -23.50
C LEU C 989 20.91 -38.91 -24.74
N PRO C 990 21.26 -39.42 -25.92
CA PRO C 990 21.09 -38.63 -27.14
C PRO C 990 19.63 -38.51 -27.53
N ASN C 991 19.35 -37.50 -28.35
CA ASN C 991 18.01 -37.28 -28.87
C ASN C 991 17.62 -38.41 -29.81
N ARG C 992 16.32 -38.48 -30.13
CA ARG C 992 15.84 -39.53 -31.03
C ARG C 992 16.52 -39.46 -32.39
N ASP C 993 17.06 -38.30 -32.76
CA ASP C 993 17.82 -38.18 -34.00
C ASP C 993 19.26 -38.65 -33.86
N GLY C 994 19.71 -38.97 -32.65
CA GLY C 994 21.05 -39.46 -32.44
C GLY C 994 22.08 -38.42 -32.08
N ASP C 995 21.66 -37.22 -31.69
CA ASP C 995 22.58 -36.14 -31.35
C ASP C 995 22.27 -35.60 -29.96
N VAL C 996 23.32 -35.29 -29.21
CA VAL C 996 23.19 -34.70 -27.89
C VAL C 996 23.13 -33.19 -28.05
N LEU C 997 22.07 -32.58 -27.55
CA LEU C 997 21.86 -31.15 -27.77
C LEU C 997 22.78 -30.31 -26.89
N VAL C 998 22.64 -30.43 -25.58
CA VAL C 998 23.44 -29.63 -24.66
C VAL C 998 24.81 -30.25 -24.50
N ASP C 999 25.84 -29.41 -24.44
CA ASP C 999 27.21 -29.88 -24.30
C ASP C 999 27.49 -30.14 -22.81
N ALA C 1000 28.75 -30.46 -22.50
CA ALA C 1000 29.10 -30.83 -21.14
C ALA C 1000 28.85 -29.70 -20.14
N ASP C 1001 28.81 -28.45 -20.59
CA ASP C 1001 28.63 -27.31 -19.71
C ASP C 1001 27.16 -26.95 -19.52
N GLY C 1002 26.24 -27.62 -20.20
CA GLY C 1002 24.83 -27.30 -20.10
C GLY C 1002 24.34 -26.29 -21.09
N LYS C 1003 25.21 -25.72 -21.92
CA LYS C 1003 24.83 -24.75 -22.93
C LYS C 1003 24.58 -25.42 -24.26
N ALA C 1004 23.69 -24.81 -25.06
CA ALA C 1004 23.33 -25.35 -26.37
C ALA C 1004 23.37 -24.23 -27.40
N MET C 1005 23.52 -24.62 -28.66
CA MET C 1005 23.57 -23.66 -29.76
C MET C 1005 22.15 -23.40 -30.26
N LEU C 1006 21.65 -22.20 -30.02
CA LEU C 1006 20.30 -21.81 -30.43
C LEU C 1006 20.32 -21.09 -31.77
N PHE C 1007 19.26 -21.27 -32.54
CA PHE C 1007 19.06 -20.55 -33.79
C PHE C 1007 18.10 -19.39 -33.53
N ASP C 1008 18.46 -18.21 -34.03
CA ASP C 1008 17.58 -17.07 -33.90
C ASP C 1008 16.30 -17.31 -34.68
N GLY C 1009 15.17 -16.94 -34.09
CA GLY C 1009 13.89 -17.17 -34.73
C GLY C 1009 13.60 -16.22 -35.86
N ARG C 1010 14.08 -14.97 -35.76
CA ARG C 1010 13.80 -13.95 -36.76
C ARG C 1010 14.92 -13.87 -37.80
N SER C 1011 16.15 -13.60 -37.34
CA SER C 1011 17.27 -13.50 -38.27
C SER C 1011 17.52 -14.84 -38.95
N GLY C 1012 17.43 -15.94 -38.20
CA GLY C 1012 17.63 -17.27 -38.75
C GLY C 1012 19.05 -17.78 -38.65
N GLU C 1013 20.00 -16.96 -38.20
CA GLU C 1013 21.38 -17.39 -38.08
C GLU C 1013 21.71 -17.72 -36.63
N PRO C 1014 22.57 -18.70 -36.37
CA PRO C 1014 22.83 -19.11 -34.99
C PRO C 1014 23.43 -17.98 -34.18
N PHE C 1015 23.10 -17.94 -32.90
CA PHE C 1015 23.71 -16.97 -32.02
C PHE C 1015 25.21 -17.25 -31.92
N PRO C 1016 26.04 -16.22 -31.82
CA PRO C 1016 27.50 -16.46 -31.87
C PRO C 1016 28.00 -17.41 -30.79
N TYR C 1017 27.38 -17.41 -29.61
CA TYR C 1017 27.87 -18.22 -28.50
C TYR C 1017 26.76 -19.13 -27.98
N PRO C 1018 27.11 -20.27 -27.38
CA PRO C 1018 26.09 -21.17 -26.85
C PRO C 1018 25.37 -20.55 -25.66
N VAL C 1019 24.16 -21.03 -25.42
CA VAL C 1019 23.29 -20.49 -24.39
C VAL C 1019 22.74 -21.63 -23.54
N THR C 1020 22.39 -21.31 -22.30
CA THR C 1020 21.84 -22.30 -21.38
C THR C 1020 20.42 -22.67 -21.79
N VAL C 1021 20.07 -23.94 -21.57
CA VAL C 1021 18.73 -24.43 -21.85
C VAL C 1021 18.41 -25.56 -20.88
N GLY C 1022 17.16 -25.62 -20.45
CA GLY C 1022 16.71 -26.68 -19.57
C GLY C 1022 15.27 -26.43 -19.18
N TYR C 1023 14.73 -27.36 -18.40
CA TYR C 1023 13.34 -27.30 -17.96
C TYR C 1023 13.28 -26.76 -16.55
N MET C 1024 12.65 -25.61 -16.38
CA MET C 1024 12.41 -25.01 -15.07
C MET C 1024 10.93 -25.09 -14.75
N TYR C 1025 10.61 -25.32 -13.48
CA TYR C 1025 9.23 -25.46 -13.03
C TYR C 1025 8.67 -24.08 -12.75
N ILE C 1026 7.72 -23.63 -13.58
CA ILE C 1026 7.19 -22.28 -13.53
C ILE C 1026 5.73 -22.34 -13.09
N MET C 1027 5.42 -21.64 -12.00
CA MET C 1027 4.06 -21.55 -11.50
C MET C 1027 3.34 -20.39 -12.20
N LYS C 1028 2.12 -20.08 -11.74
CA LYS C 1028 1.36 -18.95 -12.24
C LYS C 1028 0.71 -18.25 -11.05
N LEU C 1029 1.25 -17.10 -10.67
CA LEU C 1029 0.79 -16.41 -9.48
C LEU C 1029 -0.58 -15.77 -9.73
N HIS C 1030 -1.23 -15.38 -8.64
CA HIS C 1030 -2.61 -14.93 -8.66
C HIS C 1030 -2.76 -13.41 -8.79
N HIS C 1031 -1.68 -12.70 -9.11
CA HIS C 1031 -1.75 -11.26 -9.36
C HIS C 1031 -2.00 -10.99 -10.84
N LEU C 1032 -3.12 -11.52 -11.32
CA LEU C 1032 -3.42 -11.47 -12.74
C LEU C 1032 -3.75 -10.04 -13.17
N VAL C 1033 -3.56 -9.77 -14.47
CA VAL C 1033 -3.81 -8.43 -14.99
C VAL C 1033 -5.30 -8.13 -15.01
N ASP C 1034 -6.12 -9.12 -15.34
CA ASP C 1034 -7.56 -8.89 -15.47
C ASP C 1034 -8.15 -8.29 -14.19
N ASP C 1035 -7.58 -8.63 -13.04
CA ASP C 1035 -8.06 -8.05 -11.79
C ASP C 1035 -7.61 -6.60 -11.64
N LYS C 1036 -6.38 -6.29 -12.07
CA LYS C 1036 -5.78 -4.97 -11.89
C LYS C 1036 -5.94 -4.17 -13.18
N ILE C 1037 -7.15 -3.64 -13.39
CA ILE C 1037 -7.40 -2.71 -14.48
C ILE C 1037 -8.56 -1.81 -14.09
N HIS C 1038 -8.33 -0.50 -14.08
CA HIS C 1038 -9.34 0.46 -13.68
C HIS C 1038 -9.34 1.64 -14.65
N ALA C 1039 -10.52 2.24 -14.82
CA ALA C 1039 -10.67 3.44 -15.61
C ALA C 1039 -11.95 4.14 -15.18
N ARG C 1040 -11.95 5.47 -15.21
CA ARG C 1040 -13.09 6.23 -14.71
C ARG C 1040 -13.13 7.59 -15.40
N SER C 1041 -14.04 7.73 -16.37
CA SER C 1041 -14.28 9.05 -16.95
C SER C 1041 -15.21 9.87 -16.07
N THR C 1042 -16.24 9.25 -15.52
CA THR C 1042 -17.14 9.88 -14.56
C THR C 1042 -18.04 8.81 -13.99
N GLY C 1043 -18.34 8.91 -12.71
CA GLY C 1043 -19.07 7.87 -12.02
C GLY C 1043 -19.74 8.37 -10.76
N PRO C 1044 -20.24 7.45 -9.95
CA PRO C 1044 -20.90 7.86 -8.70
C PRO C 1044 -19.93 8.56 -7.76
N TYR C 1045 -20.47 9.48 -6.97
CA TYR C 1045 -19.71 10.29 -6.04
C TYR C 1045 -20.17 9.99 -4.61
N SER C 1046 -19.34 10.41 -3.66
CA SER C 1046 -19.64 10.18 -2.25
C SER C 1046 -20.80 11.08 -1.82
N MET C 1047 -21.14 11.01 -0.53
CA MET C 1047 -22.24 11.79 0.03
C MET C 1047 -21.77 12.85 1.01
N ILE C 1048 -20.83 12.53 1.89
CA ILE C 1048 -20.33 13.51 2.85
C ILE C 1048 -19.22 14.35 2.24
N THR C 1049 -18.31 13.73 1.48
CA THR C 1049 -17.16 14.42 0.95
C THR C 1049 -17.30 14.87 -0.50
N GLN C 1050 -18.27 14.31 -1.23
CA GLN C 1050 -18.46 14.64 -2.65
C GLN C 1050 -17.20 14.35 -3.46
N GLN C 1051 -16.68 13.13 -3.28
CA GLN C 1051 -15.51 12.68 -4.02
C GLN C 1051 -15.83 11.40 -4.79
N PRO C 1052 -15.09 11.12 -5.86
CA PRO C 1052 -15.39 9.92 -6.66
C PRO C 1052 -15.29 8.64 -5.85
N LEU C 1053 -16.20 7.71 -6.14
CA LEU C 1053 -16.15 6.35 -5.63
C LEU C 1053 -17.26 5.54 -6.29
N GLY C 1054 -16.99 4.26 -6.51
CA GLY C 1054 -17.96 3.40 -7.17
C GLY C 1054 -17.66 1.92 -7.02
N GLY C 1055 -18.71 1.12 -6.81
CA GLY C 1055 -18.54 -0.31 -6.62
C GLY C 1055 -18.62 -1.12 -7.89
N LYS C 1056 -17.61 -0.96 -8.76
CA LYS C 1056 -17.48 -1.72 -9.99
C LYS C 1056 -18.48 -1.27 -11.06
N ALA C 1057 -19.41 -0.38 -10.70
CA ALA C 1057 -20.19 0.31 -11.73
C ALA C 1057 -19.31 1.33 -12.45
N GLN C 1058 -18.55 2.11 -11.67
CA GLN C 1058 -17.41 2.85 -12.16
C GLN C 1058 -16.27 2.59 -11.21
N PHE C 1059 -15.09 2.29 -11.76
CA PHE C 1059 -14.03 1.68 -10.96
C PHE C 1059 -13.62 2.55 -9.79
N GLY C 1060 -13.82 3.85 -9.86
CA GLY C 1060 -13.41 4.72 -8.78
C GLY C 1060 -12.08 5.39 -9.07
N GLY C 1061 -11.93 6.59 -8.55
CA GLY C 1061 -10.74 7.38 -8.85
C GLY C 1061 -9.50 6.87 -8.14
N GLN C 1062 -8.36 7.39 -8.57
CA GLN C 1062 -7.06 7.03 -8.01
C GLN C 1062 -6.55 8.20 -7.18
N ARG C 1063 -6.15 7.91 -5.95
CA ARG C 1063 -5.79 8.98 -5.03
C ARG C 1063 -4.61 9.80 -5.56
N PHE C 1064 -4.69 11.11 -5.37
CA PHE C 1064 -3.64 12.04 -5.75
C PHE C 1064 -3.09 12.63 -4.46
N GLY C 1065 -2.14 11.94 -3.86
CA GLY C 1065 -1.69 12.26 -2.53
C GLY C 1065 -0.95 13.58 -2.44
N GLU C 1066 -0.32 13.79 -1.28
CA GLU C 1066 0.51 14.98 -1.09
C GLU C 1066 1.80 14.87 -1.89
N MET C 1067 2.38 13.67 -1.96
CA MET C 1067 3.65 13.53 -2.65
C MET C 1067 3.52 13.85 -4.14
N GLU C 1068 2.39 13.47 -4.74
CA GLU C 1068 2.14 13.89 -6.11
C GLU C 1068 1.97 15.39 -6.21
N CYS C 1069 1.35 16.00 -5.20
CA CYS C 1069 1.16 17.44 -5.21
C CYS C 1069 2.51 18.16 -5.19
N TRP C 1070 3.48 17.63 -4.43
CA TRP C 1070 4.81 18.24 -4.42
C TRP C 1070 5.45 18.14 -5.80
N ALA C 1071 5.29 17.02 -6.48
CA ALA C 1071 5.88 16.87 -7.81
C ALA C 1071 5.33 17.91 -8.78
N MET C 1072 4.01 18.12 -8.75
CA MET C 1072 3.42 19.12 -9.64
C MET C 1072 3.92 20.51 -9.31
N GLN C 1073 4.07 20.83 -8.02
CA GLN C 1073 4.59 22.14 -7.63
C GLN C 1073 6.02 22.31 -8.09
N ALA C 1074 6.83 21.25 -8.01
CA ALA C 1074 8.22 21.35 -8.42
C ALA C 1074 8.34 21.71 -9.89
N TYR C 1075 7.52 21.10 -10.74
CA TYR C 1075 7.50 21.45 -12.15
C TYR C 1075 7.09 22.89 -12.40
N GLY C 1076 6.49 23.56 -11.42
CA GLY C 1076 5.88 24.84 -11.67
C GLY C 1076 4.57 24.75 -12.42
N ALA C 1077 3.92 23.59 -12.40
CA ALA C 1077 2.67 23.38 -13.12
C ALA C 1077 1.52 23.77 -12.19
N ALA C 1078 1.06 25.01 -12.30
CA ALA C 1078 0.01 25.52 -11.44
C ALA C 1078 -1.38 25.20 -11.98
N TYR C 1079 -1.57 25.26 -13.30
CA TYR C 1079 -2.90 24.99 -13.86
C TYR C 1079 -3.26 23.52 -13.74
N THR C 1080 -2.32 22.62 -14.02
CA THR C 1080 -2.62 21.20 -13.96
C THR C 1080 -2.99 20.77 -12.55
N LEU C 1081 -2.27 21.31 -11.56
CA LEU C 1081 -2.57 20.96 -10.17
C LEU C 1081 -3.96 21.43 -9.79
N GLN C 1082 -4.36 22.63 -10.22
CA GLN C 1082 -5.67 23.13 -9.88
C GLN C 1082 -6.77 22.23 -10.46
N GLU C 1083 -6.61 21.78 -11.69
CA GLU C 1083 -7.59 20.88 -12.29
C GLU C 1083 -7.71 19.60 -11.49
N LEU C 1084 -6.57 19.01 -11.10
CA LEU C 1084 -6.59 17.72 -10.45
C LEU C 1084 -7.29 17.77 -9.09
N LEU C 1085 -7.34 18.94 -8.46
CA LEU C 1085 -7.94 19.07 -7.13
C LEU C 1085 -9.32 19.71 -7.16
N THR C 1086 -9.54 20.71 -8.01
CA THR C 1086 -10.78 21.47 -7.98
C THR C 1086 -11.82 20.97 -8.97
N ILE C 1087 -11.50 20.98 -10.27
CA ILE C 1087 -12.53 20.80 -11.28
C ILE C 1087 -13.05 19.37 -11.30
N LYS C 1088 -12.15 18.40 -11.15
CA LYS C 1088 -12.51 16.99 -11.36
C LYS C 1088 -12.49 16.18 -10.08
N SER C 1089 -12.50 16.80 -8.91
CA SER C 1089 -12.57 16.05 -7.67
C SER C 1089 -13.68 16.52 -6.73
N ASP C 1090 -13.90 17.83 -6.62
CA ASP C 1090 -14.78 18.37 -5.59
C ASP C 1090 -15.74 19.45 -6.10
N ASP C 1091 -15.29 20.27 -7.04
CA ASP C 1091 -16.09 21.42 -7.46
C ASP C 1091 -17.33 20.93 -8.21
N THR C 1092 -18.44 20.79 -7.51
CA THR C 1092 -19.61 20.12 -8.08
C THR C 1092 -20.08 20.81 -9.35
N VAL C 1093 -20.29 22.12 -9.30
CA VAL C 1093 -20.70 22.84 -10.50
C VAL C 1093 -19.61 22.75 -11.56
N GLY C 1094 -18.35 22.73 -11.14
CA GLY C 1094 -17.27 22.54 -12.09
C GLY C 1094 -17.37 21.22 -12.82
N ARG C 1095 -17.67 20.14 -12.10
CA ARG C 1095 -17.72 18.82 -12.73
C ARG C 1095 -18.80 18.77 -13.80
N VAL C 1096 -19.97 19.33 -13.50
CA VAL C 1096 -21.05 19.30 -14.48
C VAL C 1096 -20.70 20.16 -15.69
N LYS C 1097 -20.18 21.36 -15.45
CA LYS C 1097 -19.85 22.25 -16.56
C LYS C 1097 -18.76 21.68 -17.44
N VAL C 1098 -17.72 21.08 -16.84
CA VAL C 1098 -16.62 20.57 -17.64
C VAL C 1098 -17.07 19.40 -18.49
N TYR C 1099 -17.95 18.55 -17.96
CA TYR C 1099 -18.44 17.43 -18.74
C TYR C 1099 -19.37 17.89 -19.86
N GLU C 1100 -20.06 19.01 -19.67
CA GLU C 1100 -20.86 19.56 -20.77
C GLU C 1100 -19.99 20.27 -21.78
N ALA C 1101 -18.87 20.86 -21.34
CA ALA C 1101 -17.97 21.53 -22.27
C ALA C 1101 -17.20 20.53 -23.11
N ILE C 1102 -16.72 19.44 -22.50
CA ILE C 1102 -15.94 18.44 -23.24
C ILE C 1102 -16.83 17.76 -24.28
N VAL C 1103 -18.03 17.35 -23.89
CA VAL C 1103 -18.92 16.69 -24.83
C VAL C 1103 -19.22 17.60 -26.01
N LYS C 1104 -19.49 18.88 -25.73
CA LYS C 1104 -19.58 19.88 -26.78
C LYS C 1104 -18.16 20.29 -27.18
N GLY C 1105 -18.04 21.30 -28.03
CA GLY C 1105 -16.73 21.81 -28.42
C GLY C 1105 -16.21 22.96 -27.58
N GLU C 1106 -17.01 23.44 -26.64
CA GLU C 1106 -16.63 24.60 -25.86
C GLU C 1106 -15.36 24.32 -25.04
N ASN C 1107 -14.60 25.38 -24.80
CA ASN C 1107 -13.42 25.28 -23.95
C ASN C 1107 -13.82 24.96 -22.51
N ILE C 1108 -12.97 24.19 -21.84
CA ILE C 1108 -13.25 23.83 -20.45
C ILE C 1108 -13.28 25.09 -19.60
N PRO C 1109 -14.33 25.34 -18.80
CA PRO C 1109 -14.40 26.60 -18.05
C PRO C 1109 -13.38 26.69 -16.93
N GLU C 1110 -13.41 27.80 -16.19
CA GLU C 1110 -12.49 27.99 -15.08
C GLU C 1110 -12.99 27.24 -13.84
N PRO C 1111 -12.07 26.74 -13.01
CA PRO C 1111 -12.51 26.02 -11.80
C PRO C 1111 -13.11 26.95 -10.76
N GLY C 1112 -13.83 26.35 -9.83
CA GLY C 1112 -14.45 27.08 -8.73
C GLY C 1112 -13.74 26.85 -7.42
N ILE C 1113 -14.47 26.99 -6.31
CA ILE C 1113 -13.92 26.80 -4.97
C ILE C 1113 -14.12 25.35 -4.56
N PRO C 1114 -13.09 24.64 -4.09
CA PRO C 1114 -13.27 23.22 -3.74
C PRO C 1114 -14.33 23.05 -2.67
N GLU C 1115 -15.10 21.97 -2.79
CA GLU C 1115 -16.07 21.64 -1.75
C GLU C 1115 -15.39 21.30 -0.45
N SER C 1116 -14.14 20.81 -0.50
CA SER C 1116 -13.43 20.48 0.73
C SER C 1116 -13.21 21.72 1.58
N PHE C 1117 -12.83 22.83 0.97
CA PHE C 1117 -12.61 24.05 1.73
C PHE C 1117 -13.90 24.56 2.35
N LYS C 1118 -14.98 24.61 1.57
CA LYS C 1118 -16.26 25.09 2.11
C LYS C 1118 -16.72 24.23 3.27
N VAL C 1119 -16.54 22.91 3.17
CA VAL C 1119 -16.88 22.05 4.29
C VAL C 1119 -16.02 22.38 5.50
N LEU C 1120 -14.72 22.60 5.29
CA LEU C 1120 -13.84 22.96 6.40
C LEU C 1120 -14.29 24.28 7.02
N LEU C 1121 -14.68 25.24 6.18
CA LEU C 1121 -15.11 26.54 6.71
C LEU C 1121 -16.43 26.42 7.47
N LYS C 1122 -17.37 25.65 6.93
CA LYS C 1122 -18.67 25.53 7.58
C LYS C 1122 -18.63 24.59 8.78
N GLU C 1123 -17.53 23.89 8.98
CA GLU C 1123 -17.34 23.06 10.16
C GLU C 1123 -16.40 23.70 11.18
N LEU C 1124 -15.56 24.64 10.74
CA LEU C 1124 -14.79 25.45 11.67
C LEU C 1124 -15.64 26.52 12.31
N GLN C 1125 -16.64 27.04 11.60
CA GLN C 1125 -17.56 28.00 12.18
C GLN C 1125 -18.40 27.38 13.28
N SER C 1126 -18.65 26.07 13.21
CA SER C 1126 -19.54 25.42 14.17
C SER C 1126 -18.90 25.29 15.55
N LEU C 1127 -17.58 25.42 15.65
CA LEU C 1127 -16.91 25.43 16.94
C LEU C 1127 -16.88 26.82 17.56
N CYS C 1128 -17.69 27.74 17.04
CA CYS C 1128 -17.74 29.12 17.54
C CYS C 1128 -16.43 29.86 17.27
N LEU C 1129 -15.87 29.65 16.08
CA LEU C 1129 -14.70 30.37 15.61
C LEU C 1129 -15.11 31.16 14.37
N ASN C 1130 -15.29 32.47 14.54
CA ASN C 1130 -15.67 33.32 13.42
C ASN C 1130 -14.55 33.31 12.38
N VAL C 1131 -14.81 32.72 11.22
CA VAL C 1131 -13.85 32.63 10.13
C VAL C 1131 -14.38 33.44 8.96
N GLU C 1132 -13.56 34.36 8.46
CA GLU C 1132 -13.92 35.22 7.34
C GLU C 1132 -12.83 35.16 6.28
N VAL C 1133 -13.24 35.16 5.02
CA VAL C 1133 -12.31 35.19 3.90
C VAL C 1133 -12.24 36.65 3.45
N LEU C 1134 -11.29 37.38 4.02
CA LEU C 1134 -11.15 38.79 3.70
C LEU C 1134 -10.62 38.99 2.29
N SER C 1135 -10.87 40.18 1.75
CA SER C 1135 -10.33 40.57 0.46
C SER C 1135 -9.59 41.89 0.60
N SER C 1136 -9.19 42.48 -0.53
CA SER C 1136 -8.56 43.80 -0.48
C SER C 1136 -9.54 44.81 0.13
N ASP C 1137 -8.98 45.75 0.90
CA ASP C 1137 -9.73 46.71 1.70
C ASP C 1137 -10.21 46.09 3.01
N GLY C 1138 -9.76 44.88 3.34
CA GLY C 1138 -10.17 44.26 4.59
C GLY C 1138 -11.67 44.02 4.69
N ALA C 1139 -12.31 43.69 3.58
CA ALA C 1139 -13.74 43.42 3.54
C ALA C 1139 -13.97 41.93 3.33
N ALA C 1140 -14.87 41.35 4.12
CA ALA C 1140 -15.17 39.94 4.00
C ALA C 1140 -15.84 39.63 2.67
N ILE C 1141 -15.52 38.47 2.11
CA ILE C 1141 -16.15 37.99 0.88
C ILE C 1141 -17.19 36.95 1.28
N GLU C 1142 -18.44 37.19 0.89
CA GLU C 1142 -19.52 36.27 1.21
C GLU C 1142 -19.35 35.00 0.39
N LEU C 1143 -18.85 33.94 1.04
CA LEU C 1143 -18.56 32.71 0.31
C LEU C 1143 -19.83 32.06 -0.23
N ARG C 1144 -20.95 32.19 0.48
CA ARG C 1144 -22.21 31.68 -0.03
C ARG C 1144 -22.57 32.39 -1.33
N GLU C 1145 -22.95 31.62 -2.34
CA GLU C 1145 -23.30 32.18 -3.63
C GLU C 1145 -24.22 31.20 -4.35
N GLY C 1146 -25.13 31.75 -5.15
CA GLY C 1146 -26.05 30.93 -5.92
C GLY C 1146 -26.39 31.53 -7.27
N GLU C 1147 -26.15 30.76 -8.33
CA GLU C 1147 -26.47 31.16 -9.69
C GLU C 1147 -27.16 30.00 -10.39
N ASP C 1148 -28.25 30.30 -11.09
CA ASP C 1148 -29.06 29.30 -11.76
C ASP C 1148 -28.64 29.21 -13.22
N GLU C 1149 -28.10 28.07 -13.62
CA GLU C 1149 -27.72 27.86 -15.01
C GLU C 1149 -28.95 27.80 -15.90
N ASP C 1150 -28.79 28.25 -17.14
CA ASP C 1150 -29.88 28.30 -18.10
C ASP C 1150 -30.99 29.21 -17.60
N VAL D 1 -14.35 36.95 -7.82
CA VAL D 1 -14.02 35.65 -8.46
C VAL D 1 -13.30 34.75 -7.46
N ASN D 2 -11.97 34.79 -7.45
CA ASN D 2 -11.17 33.94 -6.57
C ASN D 2 -10.04 34.75 -5.94
N PHE D 3 -10.33 35.96 -5.46
CA PHE D 3 -9.35 36.79 -4.78
C PHE D 3 -9.64 36.73 -3.28
N PHE D 4 -8.74 36.08 -2.54
CA PHE D 4 -8.85 35.89 -1.09
C PHE D 4 -7.52 36.27 -0.43
N ASP D 5 -7.14 37.54 -0.58
CA ASP D 5 -5.82 38.00 -0.15
C ASP D 5 -5.38 37.41 1.20
N GLU D 6 -6.28 37.42 2.20
CA GLU D 6 -5.94 36.89 3.52
C GLU D 6 -7.14 36.13 4.08
N LEU D 7 -6.95 35.57 5.28
CA LEU D 7 -7.94 34.72 5.91
C LEU D 7 -7.85 34.90 7.42
N ARG D 8 -8.94 35.33 8.04
CA ARG D 8 -8.97 35.69 9.45
C ARG D 8 -9.80 34.71 10.25
N ILE D 9 -9.32 34.36 11.44
CA ILE D 9 -10.03 33.49 12.37
C ILE D 9 -10.10 34.20 13.71
N GLY D 10 -11.32 34.40 14.21
CA GLY D 10 -11.52 35.13 15.44
C GLY D 10 -12.65 34.53 16.25
N LEU D 11 -12.61 34.81 17.56
CA LEU D 11 -13.63 34.31 18.47
C LEU D 11 -15.00 34.83 18.06
N ALA D 12 -15.98 33.92 18.07
CA ALA D 12 -17.34 34.22 17.60
C ALA D 12 -18.18 34.66 18.78
N THR D 13 -18.52 35.95 18.82
CA THR D 13 -19.40 36.46 19.85
C THR D 13 -20.82 35.95 19.64
N ALA D 14 -21.59 35.85 20.73
CA ALA D 14 -22.92 35.28 20.65
C ALA D 14 -23.76 35.99 19.60
N GLU D 15 -23.56 37.30 19.42
CA GLU D 15 -24.28 38.02 18.39
C GLU D 15 -23.98 37.46 17.01
N ASP D 16 -22.70 37.11 16.76
CA ASP D 16 -22.34 36.55 15.46
C ASP D 16 -23.08 35.25 15.20
N ILE D 17 -23.16 34.37 16.21
CA ILE D 17 -23.76 33.06 16.01
C ILE D 17 -25.21 33.19 15.58
N ARG D 18 -25.94 34.15 16.17
CA ARG D 18 -27.32 34.37 15.75
C ARG D 18 -27.39 34.89 14.33
N GLN D 19 -26.42 35.72 13.93
CA GLN D 19 -26.42 36.25 12.58
C GLN D 19 -26.27 35.14 11.54
N TRP D 20 -25.36 34.20 11.80
CA TRP D 20 -25.16 33.09 10.86
C TRP D 20 -26.43 32.26 10.74
N SER D 21 -27.08 31.98 11.86
CA SER D 21 -28.20 31.03 11.87
C SER D 21 -29.34 31.55 10.99
N TYR D 22 -29.99 30.61 10.30
CA TYR D 22 -31.21 30.89 9.56
C TYR D 22 -32.45 30.54 10.36
N GLY D 23 -32.29 30.14 11.62
CA GLY D 23 -33.43 29.78 12.44
C GLY D 23 -32.96 29.28 13.79
N GLU D 24 -33.88 28.68 14.53
CA GLU D 24 -33.58 28.12 15.84
C GLU D 24 -34.06 26.68 15.88
N VAL D 25 -33.23 25.79 16.42
CA VAL D 25 -33.58 24.40 16.62
C VAL D 25 -34.15 24.24 18.02
N LYS D 26 -35.39 23.75 18.11
CA LYS D 26 -36.14 23.76 19.35
C LYS D 26 -36.63 22.39 19.80
N LYS D 27 -36.50 21.35 18.97
CA LYS D 27 -36.96 20.02 19.33
C LYS D 27 -35.86 19.01 19.08
N PRO D 28 -35.80 17.94 19.88
CA PRO D 28 -34.78 16.91 19.67
C PRO D 28 -35.14 15.85 18.65
N GLU D 29 -36.35 15.87 18.10
CA GLU D 29 -36.73 14.87 17.11
C GLU D 29 -35.88 15.03 15.86
N THR D 30 -35.66 13.92 15.16
CA THR D 30 -34.81 13.89 13.98
C THR D 30 -35.60 13.67 12.70
N ILE D 31 -36.38 12.60 12.62
CA ILE D 31 -37.22 12.34 11.46
C ILE D 31 -38.43 11.53 11.90
N ASN D 32 -39.54 11.70 11.18
CA ASN D 32 -40.73 10.95 11.47
C ASN D 32 -40.53 9.47 11.16
N TYR D 33 -41.15 8.60 11.97
CA TYR D 33 -40.94 7.17 11.85
C TYR D 33 -41.78 6.52 10.76
N ARG D 34 -42.72 7.25 10.16
CA ARG D 34 -43.56 6.71 9.10
C ARG D 34 -43.29 7.38 7.76
N THR D 35 -43.39 8.70 7.69
CA THR D 35 -43.16 9.40 6.44
C THR D 35 -41.68 9.53 6.10
N LEU D 36 -40.80 9.30 7.07
CA LEU D 36 -39.36 9.46 6.85
C LEU D 36 -39.05 10.87 6.33
N LYS D 37 -39.76 11.86 6.86
CA LYS D 37 -39.57 13.26 6.52
C LYS D 37 -39.06 14.01 7.73
N PRO D 38 -38.20 15.01 7.55
CA PRO D 38 -37.75 15.80 8.70
C PRO D 38 -38.93 16.44 9.42
N GLU D 39 -38.89 16.41 10.74
CA GLU D 39 -40.02 16.89 11.53
C GLU D 39 -39.92 18.40 11.73
N LYS D 40 -41.08 19.00 12.02
CA LYS D 40 -41.14 20.45 12.14
C LYS D 40 -40.25 20.95 13.26
N ASP D 41 -39.47 22.00 12.96
CA ASP D 41 -38.64 22.68 13.95
C ASP D 41 -37.73 21.70 14.68
N GLY D 42 -37.42 20.57 14.05
CA GLY D 42 -36.55 19.57 14.63
C GLY D 42 -35.11 19.74 14.19
N LEU D 43 -34.30 18.75 14.54
CA LEU D 43 -32.88 18.79 14.23
C LEU D 43 -32.60 18.67 12.73
N PHE D 44 -33.61 18.31 11.93
CA PHE D 44 -33.48 18.25 10.48
C PHE D 44 -34.51 19.14 9.79
N CYS D 45 -35.08 20.10 10.53
CA CYS D 45 -36.23 20.84 10.03
C CYS D 45 -35.96 21.41 8.65
N GLU D 46 -36.93 21.24 7.74
CA GLU D 46 -36.78 21.79 6.40
C GLU D 46 -36.94 23.31 6.41
N LYS D 47 -37.66 23.86 7.39
CA LYS D 47 -37.83 25.30 7.45
C LYS D 47 -36.51 26.00 7.71
N ILE D 48 -35.67 25.44 8.59
CA ILE D 48 -34.44 26.10 9.01
C ILE D 48 -33.34 25.84 7.99
N PHE D 49 -33.00 24.57 7.79
CA PHE D 49 -31.83 24.25 6.99
C PHE D 49 -32.13 24.35 5.49
N GLY D 50 -33.20 23.72 5.02
CA GLY D 50 -33.58 23.82 3.64
C GLY D 50 -34.45 22.67 3.18
N PRO D 51 -35.01 22.79 1.98
CA PRO D 51 -35.86 21.71 1.45
C PRO D 51 -35.06 20.45 1.17
N THR D 52 -35.73 19.31 1.33
CA THR D 52 -35.06 18.03 1.14
C THR D 52 -34.82 17.75 -0.35
N ARG D 53 -35.88 17.70 -1.13
CA ARG D 53 -35.78 17.44 -2.56
C ARG D 53 -35.88 18.75 -3.34
N ASP D 54 -35.18 18.78 -4.47
CA ASP D 54 -35.07 20.01 -5.25
C ASP D 54 -36.44 20.57 -5.60
N TRP D 55 -36.62 21.87 -5.34
CA TRP D 55 -37.83 22.59 -5.70
C TRP D 55 -39.09 21.86 -5.20
N GLU D 56 -39.01 21.36 -3.98
CA GLU D 56 -40.17 20.93 -3.22
C GLU D 56 -40.39 21.92 -2.09
N CYS D 57 -41.52 21.75 -1.39
CA CYS D 57 -41.93 22.76 -0.43
C CYS D 57 -42.43 22.19 0.91
N TYR D 58 -42.50 20.87 1.06
CA TYR D 58 -43.02 20.17 2.24
C TYR D 58 -44.54 20.16 2.26
N CYS D 59 -45.22 20.85 1.34
CA CYS D 59 -46.67 20.79 1.22
C CYS D 59 -47.14 20.35 -0.14
N GLY D 60 -46.40 20.65 -1.20
CA GLY D 60 -46.79 20.31 -2.56
C GLY D 60 -47.33 21.46 -3.37
N LYS D 61 -47.63 22.60 -2.74
CA LYS D 61 -48.16 23.75 -3.45
C LYS D 61 -47.13 24.42 -4.35
N TYR D 62 -45.85 24.09 -4.22
CA TYR D 62 -44.79 24.71 -5.00
C TYR D 62 -43.79 23.66 -5.49
N LYS D 63 -44.30 22.54 -6.01
CA LYS D 63 -43.41 21.46 -6.46
C LYS D 63 -42.65 21.81 -7.73
N ARG D 64 -43.01 22.88 -8.43
CA ARG D 64 -42.44 23.19 -9.73
C ARG D 64 -41.46 24.33 -9.63
N VAL D 65 -40.37 24.24 -10.41
CA VAL D 65 -39.35 25.28 -10.43
C VAL D 65 -39.89 26.61 -10.90
N ARG D 66 -41.07 26.63 -11.52
CA ARG D 66 -41.66 27.91 -11.92
C ARG D 66 -41.81 28.85 -10.74
N PHE D 67 -42.03 28.29 -9.54
CA PHE D 67 -42.01 29.06 -8.30
C PHE D 67 -40.67 28.79 -7.62
N LYS D 68 -39.76 29.76 -7.69
CA LYS D 68 -38.47 29.64 -7.02
C LYS D 68 -38.16 30.94 -6.31
N GLY D 69 -37.34 30.84 -5.26
CA GLY D 69 -37.07 31.99 -4.43
C GLY D 69 -38.28 32.52 -3.71
N ILE D 70 -39.22 31.63 -3.36
CA ILE D 70 -40.49 32.01 -2.75
C ILE D 70 -40.65 31.19 -1.48
N ILE D 71 -40.89 31.86 -0.37
CA ILE D 71 -41.14 31.18 0.90
C ILE D 71 -42.64 30.95 1.04
N CYS D 72 -43.02 29.73 1.37
CA CYS D 72 -44.41 29.31 1.37
C CYS D 72 -45.07 29.61 2.71
N GLU D 73 -46.33 30.04 2.66
CA GLU D 73 -47.07 30.35 3.88
C GLU D 73 -47.39 29.08 4.66
N ARG D 74 -47.72 28.00 3.97
CA ARG D 74 -48.15 26.78 4.66
C ARG D 74 -47.04 26.22 5.55
N CYS D 75 -45.81 26.22 5.05
CA CYS D 75 -44.69 25.60 5.76
C CYS D 75 -43.53 26.56 6.05
N GLY D 76 -43.31 27.57 5.21
CA GLY D 76 -42.20 28.46 5.41
C GLY D 76 -40.88 27.95 4.87
N VAL D 77 -40.90 26.88 4.08
CA VAL D 77 -39.69 26.31 3.51
C VAL D 77 -39.42 26.99 2.17
N GLU D 78 -38.26 27.64 2.06
CA GLU D 78 -37.91 28.28 0.80
C GLU D 78 -37.83 27.25 -0.31
N VAL D 79 -38.46 27.55 -1.43
CA VAL D 79 -38.42 26.69 -2.61
C VAL D 79 -37.17 27.06 -3.39
N THR D 80 -36.13 26.23 -3.29
CA THR D 80 -34.87 26.53 -3.94
C THR D 80 -34.06 25.23 -4.07
N ARG D 81 -32.80 25.39 -4.45
CA ARG D 81 -31.93 24.25 -4.69
C ARG D 81 -31.79 23.40 -3.44
N ALA D 82 -31.75 22.07 -3.63
CA ALA D 82 -31.65 21.15 -2.51
C ALA D 82 -30.26 21.16 -1.86
N LYS D 83 -29.22 21.48 -2.61
CA LYS D 83 -27.87 21.49 -2.05
C LYS D 83 -27.66 22.63 -1.06
N VAL D 84 -28.60 23.57 -0.97
CA VAL D 84 -28.53 24.60 0.07
C VAL D 84 -28.60 23.96 1.45
N ARG D 85 -29.04 22.71 1.53
CA ARG D 85 -29.07 21.98 2.80
C ARG D 85 -27.68 21.74 3.36
N ARG D 86 -26.64 21.94 2.56
CA ARG D 86 -25.27 21.66 2.95
C ARG D 86 -24.55 22.88 3.52
N GLU D 87 -25.18 24.04 3.54
CA GLU D 87 -24.47 25.27 3.90
C GLU D 87 -25.20 26.10 4.95
N ARG D 88 -26.51 25.98 5.04
CA ARG D 88 -27.27 26.76 6.00
C ARG D 88 -27.18 26.16 7.39
N MET D 89 -27.14 27.03 8.39
CA MET D 89 -26.89 26.63 9.77
C MET D 89 -27.98 27.15 10.69
N GLY D 90 -28.12 26.49 11.84
CA GLY D 90 -29.01 26.93 12.88
C GLY D 90 -28.29 26.96 14.21
N HIS D 91 -28.98 27.49 15.23
CA HIS D 91 -28.39 27.65 16.55
C HIS D 91 -29.36 27.20 17.62
N ILE D 92 -28.81 26.70 18.71
CA ILE D 92 -29.57 26.28 19.89
C ILE D 92 -29.41 27.36 20.94
N GLU D 93 -30.49 28.06 21.26
CA GLU D 93 -30.43 29.20 22.18
C GLU D 93 -30.56 28.66 23.60
N LEU D 94 -29.42 28.57 24.30
CA LEU D 94 -29.39 28.00 25.63
C LEU D 94 -30.10 28.90 26.64
N ALA D 95 -30.58 28.29 27.72
CA ALA D 95 -31.21 29.01 28.82
C ALA D 95 -30.27 29.28 29.97
N ALA D 96 -29.05 28.76 29.91
CA ALA D 96 -28.03 29.00 30.93
C ALA D 96 -26.67 29.06 30.27
N PRO D 97 -25.93 30.17 30.41
CA PRO D 97 -24.65 30.28 29.69
C PRO D 97 -23.71 29.16 30.07
N VAL D 98 -22.90 28.75 29.09
CA VAL D 98 -21.92 27.68 29.25
C VAL D 98 -20.58 28.19 28.76
N THR D 99 -19.52 27.47 29.13
CA THR D 99 -18.15 27.85 28.80
C THR D 99 -17.58 26.88 27.78
N HIS D 100 -16.92 27.43 26.77
CA HIS D 100 -16.31 26.61 25.73
C HIS D 100 -15.21 25.73 26.33
N ILE D 101 -15.20 24.46 25.92
CA ILE D 101 -14.30 23.50 26.54
C ILE D 101 -12.85 23.83 26.24
N TRP D 102 -12.57 24.36 25.05
CA TRP D 102 -11.18 24.54 24.64
C TRP D 102 -10.43 25.48 25.57
N TYR D 103 -11.06 26.59 25.96
CA TYR D 103 -10.30 27.65 26.63
C TYR D 103 -9.99 27.32 28.08
N PHE D 104 -10.85 26.58 28.77
CA PHE D 104 -10.54 26.05 30.09
C PHE D 104 -10.22 24.57 29.95
N LYS D 105 -9.66 23.99 31.01
CA LYS D 105 -9.20 22.60 30.97
C LYS D 105 -8.18 22.42 29.85
N GLY D 106 -7.22 23.36 29.79
CA GLY D 106 -6.20 23.34 28.78
C GLY D 106 -4.82 23.49 29.40
N VAL D 107 -3.81 23.31 28.56
CA VAL D 107 -2.41 23.41 28.97
C VAL D 107 -1.69 24.41 28.07
N PRO D 108 -1.69 25.70 28.42
CA PRO D 108 -2.33 26.34 29.58
C PRO D 108 -3.82 26.58 29.37
N SER D 109 -4.55 26.90 30.43
CA SER D 109 -5.97 27.24 30.33
C SER D 109 -6.09 28.75 30.14
N ARG D 110 -6.46 29.17 28.93
CA ARG D 110 -6.51 30.59 28.62
C ARG D 110 -7.45 31.33 29.55
N LEU D 111 -8.58 30.71 29.89
CA LEU D 111 -9.52 31.35 30.79
C LEU D 111 -8.92 31.53 32.18
N GLY D 112 -8.14 30.55 32.64
CA GLY D 112 -7.53 30.65 33.95
C GLY D 112 -6.57 31.84 34.06
N TYR D 113 -5.69 31.97 33.07
CA TYR D 113 -4.73 33.07 33.09
C TYR D 113 -5.43 34.42 33.01
N LEU D 114 -6.48 34.52 32.19
CA LEU D 114 -7.20 35.79 32.09
C LEU D 114 -7.79 36.19 33.43
N LEU D 115 -8.35 35.23 34.17
CA LEU D 115 -8.86 35.47 35.51
C LEU D 115 -7.80 35.25 36.59
N ASP D 116 -6.61 34.76 36.22
CA ASP D 116 -5.57 34.45 37.20
C ASP D 116 -6.06 33.42 38.21
N LEU D 117 -6.72 32.38 37.72
CA LEU D 117 -7.28 31.33 38.56
C LEU D 117 -6.64 30.00 38.20
N ALA D 118 -6.31 29.21 39.22
CA ALA D 118 -5.77 27.88 39.00
C ALA D 118 -6.86 26.99 38.40
N PRO D 119 -6.47 25.93 37.70
CA PRO D 119 -7.48 25.05 37.08
C PRO D 119 -8.46 24.48 38.09
N LYS D 120 -8.01 24.19 39.31
CA LYS D 120 -8.91 23.63 40.30
C LYS D 120 -10.04 24.60 40.63
N ASP D 121 -9.70 25.86 40.89
CA ASP D 121 -10.72 26.85 41.20
C ASP D 121 -11.70 27.04 40.04
N LEU D 122 -11.17 27.15 38.82
CA LEU D 122 -12.02 27.38 37.67
C LEU D 122 -12.97 26.20 37.44
N GLU D 123 -12.46 24.97 37.59
CA GLU D 123 -13.31 23.80 37.39
C GLU D 123 -14.44 23.77 38.42
N LYS D 124 -14.14 24.11 39.67
CA LYS D 124 -15.17 24.08 40.70
C LYS D 124 -16.29 25.06 40.39
N ILE D 125 -15.94 26.25 39.89
CA ILE D 125 -16.96 27.24 39.56
C ILE D 125 -17.82 26.76 38.40
N ILE D 126 -17.21 26.09 37.42
CA ILE D 126 -17.94 25.71 36.22
C ILE D 126 -19.00 24.66 36.53
N TYR D 127 -18.62 23.60 37.24
CA TYR D 127 -19.53 22.49 37.54
C TYR D 127 -20.33 22.70 38.82
N PHE D 128 -20.46 23.95 39.28
CA PHE D 128 -21.28 24.27 40.44
C PHE D 128 -20.84 23.46 41.66
N ALA D 129 -19.53 23.23 41.78
CA ALA D 129 -18.99 22.51 42.93
C ALA D 129 -18.67 23.44 44.10
N ALA D 130 -18.73 24.75 43.91
CA ALA D 130 -18.42 25.69 44.97
C ALA D 130 -18.80 27.09 44.50
N TYR D 131 -19.26 27.91 45.45
CA TYR D 131 -19.63 29.27 45.14
C TYR D 131 -18.39 30.11 44.86
N VAL D 132 -18.63 31.28 44.25
CA VAL D 132 -17.58 32.25 44.02
C VAL D 132 -18.21 33.64 44.04
N ILE D 133 -17.47 34.60 44.57
CA ILE D 133 -17.97 35.95 44.75
C ILE D 133 -17.68 36.76 43.50
N THR D 134 -18.71 37.45 42.99
CA THR D 134 -18.59 38.22 41.76
C THR D 134 -18.15 39.65 42.04
N SER D 135 -18.87 40.37 42.89
CA SER D 135 -18.52 41.74 43.24
C SER D 135 -19.06 42.04 44.63
N VAL D 136 -18.26 42.77 45.41
CA VAL D 136 -18.62 43.15 46.77
C VAL D 136 -18.51 44.66 46.88
N ASP D 137 -19.54 45.29 47.45
CA ASP D 137 -19.59 46.75 47.58
C ASP D 137 -18.69 47.15 48.74
N GLU D 138 -17.42 47.40 48.42
CA GLU D 138 -16.44 47.73 49.47
C GLU D 138 -16.82 49.02 50.19
N GLU D 139 -17.25 50.04 49.45
CA GLU D 139 -17.55 51.32 50.06
C GLU D 139 -18.67 51.20 51.09
N MET D 140 -19.73 50.47 50.75
CA MET D 140 -20.83 50.29 51.70
C MET D 140 -20.36 49.51 52.92
N ARG D 141 -19.52 48.49 52.72
CA ARG D 141 -19.00 47.74 53.85
C ARG D 141 -18.18 48.64 54.78
N HIS D 142 -17.35 49.50 54.21
CA HIS D 142 -16.57 50.42 55.03
C HIS D 142 -17.47 51.40 55.75
N ASN D 143 -18.49 51.93 55.07
CA ASN D 143 -19.32 52.98 55.65
C ASN D 143 -20.08 52.48 56.87
N GLU D 144 -20.62 51.26 56.80
CA GLU D 144 -21.43 50.70 57.87
C GLU D 144 -20.69 49.60 58.63
N LEU D 145 -19.36 49.59 58.59
CA LEU D 145 -18.61 48.57 59.30
C LEU D 145 -18.87 48.64 60.80
N SER D 146 -18.90 49.85 61.36
CA SER D 146 -19.08 50.00 62.80
C SER D 146 -20.41 49.41 63.26
N THR D 147 -21.50 49.72 62.54
CA THR D 147 -22.81 49.20 62.92
C THR D 147 -22.83 47.68 62.84
N LEU D 148 -22.26 47.12 61.78
CA LEU D 148 -22.24 45.66 61.63
C LEU D 148 -21.40 45.02 62.73
N GLU D 149 -20.28 45.65 63.10
CA GLU D 149 -19.48 45.13 64.19
C GLU D 149 -20.25 45.18 65.51
N ALA D 150 -21.00 46.28 65.74
CA ALA D 150 -21.74 46.41 66.98
C ALA D 150 -22.82 45.35 67.10
N GLU D 151 -23.60 45.13 66.04
CA GLU D 151 -24.65 44.12 66.10
C GLU D 151 -24.06 42.72 66.23
N MET D 152 -22.89 42.50 65.63
CA MET D 152 -22.20 41.22 65.83
C MET D 152 -21.78 41.05 67.28
N ALA D 153 -21.30 42.12 67.92
CA ALA D 153 -20.86 42.01 69.30
C ALA D 153 -22.03 41.71 70.24
N VAL D 154 -23.14 42.43 70.09
CA VAL D 154 -24.25 42.25 71.02
C VAL D 154 -24.82 40.84 70.92
N GLU D 155 -24.98 40.32 69.69
CA GLU D 155 -25.48 38.96 69.54
C GLU D 155 -24.47 37.94 70.05
N ARG D 156 -23.17 38.24 69.93
CA ARG D 156 -22.17 37.39 70.56
C ARG D 156 -22.34 37.36 72.07
N LYS D 157 -22.62 38.52 72.68
CA LYS D 157 -22.89 38.56 74.11
C LYS D 157 -24.15 37.77 74.45
N ALA D 158 -25.17 37.86 73.60
CA ALA D 158 -26.43 37.15 73.87
C ALA D 158 -26.20 35.65 73.90
N VAL D 159 -25.47 35.11 72.91
CA VAL D 159 -25.20 33.68 72.90
C VAL D 159 -24.30 33.31 74.08
N GLU D 160 -23.37 34.19 74.43
CA GLU D 160 -22.54 33.96 75.62
C GLU D 160 -23.39 33.97 76.89
N ASP D 161 -24.36 34.89 76.97
CA ASP D 161 -25.19 34.99 78.16
C ASP D 161 -26.01 33.72 78.37
N GLN D 162 -26.67 33.23 77.32
CA GLN D 162 -27.46 32.00 77.45
C GLN D 162 -26.56 30.82 77.80
N ARG D 163 -25.34 30.79 77.24
CA ARG D 163 -24.39 29.75 77.61
C ARG D 163 -24.05 29.82 79.09
N ASP D 164 -23.83 31.03 79.60
CA ASP D 164 -23.54 31.19 81.03
C ASP D 164 -24.73 30.75 81.88
N GLY D 165 -25.94 31.08 81.45
CA GLY D 165 -27.12 30.66 82.20
C GLY D 165 -27.23 29.15 82.28
N GLU D 166 -27.02 28.47 81.16
CA GLU D 166 -27.07 27.01 81.16
C GLU D 166 -25.98 26.42 82.04
N LEU D 167 -24.77 26.94 81.93
CA LEU D 167 -23.67 26.42 82.77
C LEU D 167 -23.96 26.65 84.24
N GLU D 168 -24.46 27.83 84.60
CA GLU D 168 -24.78 28.10 86.00
C GLU D 168 -25.86 27.16 86.51
N ALA D 169 -26.91 26.93 85.70
CA ALA D 169 -27.98 26.04 86.13
C ALA D 169 -27.47 24.62 86.31
N ARG D 170 -26.69 24.12 85.35
CA ARG D 170 -26.15 22.78 85.46
C ARG D 170 -25.19 22.66 86.64
N ALA D 171 -24.32 23.66 86.82
CA ALA D 171 -23.39 23.64 87.94
C ALA D 171 -24.12 23.66 89.27
N GLN D 172 -25.19 24.48 89.37
CA GLN D 172 -25.97 24.51 90.60
C GLN D 172 -26.58 23.15 90.89
N LYS D 173 -27.13 22.50 89.86
CA LYS D 173 -27.68 21.16 90.06
C LYS D 173 -26.61 20.17 90.49
N LEU D 174 -25.43 20.24 89.85
CA LEU D 174 -24.34 19.34 90.24
C LEU D 174 -23.90 19.60 91.67
N GLU D 175 -23.77 20.88 92.04
CA GLU D 175 -23.37 21.20 93.41
C GLU D 175 -24.41 20.74 94.41
N ALA D 176 -25.70 20.95 94.10
CA ALA D 176 -26.76 20.51 95.00
C ALA D 176 -26.74 19.00 95.17
N ASP D 177 -26.56 18.26 94.07
CA ASP D 177 -26.52 16.80 94.15
C ASP D 177 -25.34 16.35 95.02
N LEU D 178 -24.17 16.95 94.83
CA LEU D 178 -23.01 16.57 95.63
C LEU D 178 -23.23 16.90 97.11
N ALA D 179 -23.81 18.07 97.41
CA ALA D 179 -24.05 18.43 98.79
C ALA D 179 -25.03 17.47 99.45
N GLU D 180 -26.11 17.12 98.73
CA GLU D 180 -27.05 16.14 99.26
C GLU D 180 -26.38 14.79 99.48
N LEU D 181 -25.57 14.35 98.52
CA LEU D 181 -24.87 13.08 98.66
C LEU D 181 -23.89 13.11 99.82
N GLU D 182 -23.18 14.23 99.99
CA GLU D 182 -22.28 14.37 101.12
C GLU D 182 -23.03 14.28 102.44
N ALA D 183 -24.20 14.92 102.52
CA ALA D 183 -25.01 14.82 103.72
C ALA D 183 -25.44 13.38 103.98
N GLU D 184 -25.73 12.63 102.92
CA GLU D 184 -26.12 11.23 103.06
C GLU D 184 -24.95 10.34 103.46
N GLY D 185 -23.73 10.86 103.48
CA GLY D 185 -22.59 10.08 103.91
C GLY D 185 -22.25 8.92 102.98
N ALA D 186 -22.25 9.16 101.68
CA ALA D 186 -21.89 8.12 100.73
C ALA D 186 -20.38 7.86 100.79
N LYS D 187 -19.96 6.76 100.16
CA LYS D 187 -18.57 6.33 100.17
C LYS D 187 -17.73 7.06 99.12
N ALA D 188 -18.23 8.17 98.57
CA ALA D 188 -17.50 8.99 97.62
C ALA D 188 -17.43 8.34 96.24
N ASP D 189 -17.91 7.10 96.11
CA ASP D 189 -17.99 6.47 94.81
C ASP D 189 -19.07 7.12 93.96
N ALA D 190 -20.24 7.36 94.55
CA ALA D 190 -21.30 8.05 93.83
C ALA D 190 -21.01 9.54 93.67
N ARG D 191 -20.28 10.13 94.62
CA ARG D 191 -19.86 11.52 94.47
C ARG D 191 -18.98 11.70 93.24
N ARG D 192 -17.99 10.81 93.08
CA ARG D 192 -17.14 10.88 91.90
C ARG D 192 -17.94 10.64 90.63
N LYS D 193 -18.86 9.66 90.65
CA LYS D 193 -19.66 9.37 89.47
C LYS D 193 -20.48 10.58 89.05
N VAL D 194 -21.14 11.24 90.01
CA VAL D 194 -21.93 12.43 89.68
C VAL D 194 -21.02 13.55 89.22
N ARG D 195 -19.88 13.74 89.89
CA ARG D 195 -18.95 14.79 89.50
C ARG D 195 -18.43 14.56 88.09
N ASP D 196 -18.03 13.32 87.78
CA ASP D 196 -17.55 13.02 86.44
C ASP D 196 -18.64 13.22 85.39
N GLY D 197 -19.86 12.78 85.69
CA GLY D 197 -20.95 12.98 84.75
C GLY D 197 -21.21 14.45 84.48
N GLY D 198 -21.22 15.27 85.54
CA GLY D 198 -21.39 16.69 85.35
C GLY D 198 -20.25 17.32 84.57
N GLU D 199 -19.01 16.93 84.89
CA GLU D 199 -17.86 17.49 84.20
C GLU D 199 -17.91 17.21 82.71
N ARG D 200 -18.27 15.98 82.35
CA ARG D 200 -18.44 15.66 80.92
C ARG D 200 -19.52 16.54 80.30
N GLU D 201 -20.61 16.77 81.03
CA GLU D 201 -21.65 17.65 80.52
C GLU D 201 -21.13 19.08 80.35
N MET D 202 -20.34 19.56 81.31
CA MET D 202 -19.78 20.90 81.20
C MET D 202 -18.87 21.01 79.98
N ARG D 203 -18.02 20.00 79.77
CA ARG D 203 -17.16 20.02 78.59
C ARG D 203 -17.98 20.03 77.32
N GLN D 204 -19.02 19.20 77.24
CA GLN D 204 -19.83 19.12 76.02
C GLN D 204 -20.52 20.45 75.75
N ILE D 205 -21.09 21.08 76.78
CA ILE D 205 -21.76 22.36 76.58
C ILE D 205 -20.75 23.41 76.10
N ARG D 206 -19.60 23.48 76.77
CA ARG D 206 -18.58 24.43 76.34
C ARG D 206 -18.06 24.10 74.94
N ASP D 207 -17.95 22.82 74.61
CA ASP D 207 -17.53 22.44 73.26
C ASP D 207 -18.50 22.99 72.22
N ARG D 208 -19.80 22.85 72.47
CA ARG D 208 -20.79 23.41 71.56
C ARG D 208 -20.70 24.93 71.53
N ALA D 209 -20.47 25.56 72.69
CA ALA D 209 -20.38 27.00 72.74
C ALA D 209 -19.22 27.52 71.89
N GLN D 210 -18.05 26.89 72.00
CA GLN D 210 -16.92 27.31 71.19
C GLN D 210 -17.15 27.02 69.72
N ARG D 211 -17.84 25.92 69.41
CA ARG D 211 -18.21 25.65 68.02
C ARG D 211 -19.00 26.82 67.45
N GLU D 212 -19.99 27.30 68.19
CA GLU D 212 -20.75 28.48 67.77
C GLU D 212 -19.85 29.70 67.73
N LEU D 213 -18.99 29.88 68.75
CA LEU D 213 -18.15 31.06 68.81
C LEU D 213 -17.21 31.14 67.60
N ASP D 214 -16.55 30.03 67.26
CA ASP D 214 -15.67 30.04 66.10
C ASP D 214 -16.45 30.20 64.81
N ARG D 215 -17.68 29.68 64.76
CA ARG D 215 -18.51 29.87 63.58
C ARG D 215 -18.74 31.36 63.32
N LEU D 216 -19.05 32.11 64.38
CA LEU D 216 -19.16 33.56 64.24
C LEU D 216 -17.83 34.18 63.86
N GLU D 217 -16.74 33.71 64.45
CA GLU D 217 -15.42 34.25 64.13
C GLU D 217 -15.09 34.04 62.66
N ASP D 218 -15.37 32.85 62.13
CA ASP D 218 -15.15 32.60 60.72
C ASP D 218 -16.02 33.52 59.85
N ILE D 219 -17.27 33.71 60.26
CA ILE D 219 -18.18 34.54 59.48
C ILE D 219 -17.65 35.97 59.41
N TRP D 220 -17.27 36.53 60.56
CA TRP D 220 -16.76 37.90 60.57
C TRP D 220 -15.45 38.01 59.81
N SER D 221 -14.55 37.05 60.00
CA SER D 221 -13.25 37.11 59.32
C SER D 221 -13.43 37.09 57.81
N THR D 222 -14.28 36.21 57.30
CA THR D 222 -14.53 36.16 55.87
C THR D 222 -15.13 37.47 55.37
N PHE D 223 -16.07 38.03 56.13
CA PHE D 223 -16.69 39.29 55.71
C PHE D 223 -15.66 40.40 55.61
N THR D 224 -14.81 40.53 56.63
CA THR D 224 -13.85 41.64 56.65
C THR D 224 -12.90 41.57 55.46
N LYS D 225 -12.38 40.39 55.16
CA LYS D 225 -11.44 40.21 54.06
C LYS D 225 -12.11 39.85 52.75
N LEU D 226 -13.43 39.80 52.71
CA LEU D 226 -14.14 39.38 51.50
C LEU D 226 -13.76 40.28 50.34
N ALA D 227 -13.16 39.68 49.31
CA ALA D 227 -12.67 40.39 48.13
C ALA D 227 -13.24 39.75 46.89
N PRO D 228 -13.32 40.48 45.79
CA PRO D 228 -13.86 39.90 44.55
C PRO D 228 -12.99 38.73 44.10
N LYS D 229 -13.63 37.75 43.49
CA LYS D 229 -13.01 36.55 42.94
C LYS D 229 -12.65 35.55 44.04
N GLN D 230 -12.99 35.82 45.29
CA GLN D 230 -12.76 34.87 46.37
C GLN D 230 -13.78 33.74 46.29
N LEU D 231 -13.37 32.57 46.76
CA LEU D 231 -14.15 31.35 46.60
C LEU D 231 -14.53 30.77 47.96
N ILE D 232 -15.75 30.27 48.07
CA ILE D 232 -16.24 29.59 49.27
C ILE D 232 -16.29 28.10 48.94
N VAL D 233 -15.47 27.32 49.65
CA VAL D 233 -15.35 25.90 49.34
C VAL D 233 -16.68 25.18 49.58
N ASP D 234 -17.34 25.49 50.70
CA ASP D 234 -18.54 24.78 51.13
C ASP D 234 -19.77 25.64 50.92
N GLU D 235 -20.81 25.04 50.33
CA GLU D 235 -22.07 25.78 50.16
C GLU D 235 -22.72 26.09 51.50
N ASN D 236 -22.52 25.23 52.50
CA ASN D 236 -23.11 25.50 53.82
C ASN D 236 -22.57 26.79 54.40
N LEU D 237 -21.27 27.04 54.23
CA LEU D 237 -20.71 28.31 54.69
C LEU D 237 -21.34 29.48 53.94
N TYR D 238 -21.53 29.33 52.62
CA TYR D 238 -22.08 30.43 51.83
C TYR D 238 -23.50 30.77 52.26
N ARG D 239 -24.35 29.75 52.47
CA ARG D 239 -25.71 30.02 52.90
C ARG D 239 -25.71 30.69 54.27
N GLU D 240 -24.84 30.24 55.18
CA GLU D 240 -24.73 30.89 56.47
C GLU D 240 -24.26 32.34 56.32
N LEU D 241 -23.28 32.56 55.45
CA LEU D 241 -22.75 33.91 55.27
C LEU D 241 -23.80 34.85 54.70
N VAL D 242 -24.55 34.40 53.69
CA VAL D 242 -25.57 35.25 53.10
C VAL D 242 -26.73 35.44 54.06
N ASP D 243 -27.13 34.37 54.75
CA ASP D 243 -28.23 34.50 55.70
C ASP D 243 -27.89 35.49 56.81
N ARG D 244 -26.70 35.37 57.38
CA ARG D 244 -26.27 36.33 58.39
C ARG D 244 -26.15 37.73 57.81
N TYR D 245 -25.52 37.84 56.63
CA TYR D 245 -25.37 39.12 55.93
C TYR D 245 -25.45 38.86 54.44
N GLY D 246 -26.50 39.36 53.80
CA GLY D 246 -26.65 39.23 52.36
C GLY D 246 -26.81 40.56 51.67
N GLU D 247 -26.07 41.56 52.15
CA GLU D 247 -26.27 42.94 51.72
C GLU D 247 -25.28 43.41 50.66
N TYR D 248 -23.98 43.24 50.91
CA TYR D 248 -22.96 43.80 50.03
C TYR D 248 -22.51 42.81 48.96
N PHE D 249 -21.98 41.66 49.39
CA PHE D 249 -21.40 40.72 48.46
C PHE D 249 -22.49 39.92 47.76
N THR D 250 -22.37 39.78 46.44
CA THR D 250 -23.31 39.01 45.62
C THR D 250 -22.53 37.89 44.95
N GLY D 251 -22.63 36.68 45.52
CA GLY D 251 -21.88 35.55 45.01
C GLY D 251 -22.73 34.57 44.23
N ALA D 252 -22.49 34.46 42.94
CA ALA D 252 -23.17 33.50 42.08
C ALA D 252 -22.27 32.30 41.84
N MET D 253 -22.89 31.20 41.41
CA MET D 253 -22.19 29.96 41.13
C MET D 253 -22.57 29.47 39.74
N GLY D 254 -21.57 29.20 38.92
CA GLY D 254 -21.77 28.66 37.60
C GLY D 254 -21.12 29.50 36.53
N ALA D 255 -21.20 28.99 35.29
CA ALA D 255 -20.66 29.72 34.15
C ALA D 255 -21.27 31.12 34.04
N GLU D 256 -22.50 31.29 34.50
CA GLU D 256 -23.10 32.62 34.51
C GLU D 256 -22.31 33.55 35.41
N SER D 257 -21.82 33.03 36.55
CA SER D 257 -20.98 33.85 37.42
C SER D 257 -19.71 34.29 36.71
N ILE D 258 -19.06 33.37 35.99
CA ILE D 258 -17.85 33.73 35.26
C ILE D 258 -18.16 34.76 34.19
N GLN D 259 -19.30 34.62 33.52
CA GLN D 259 -19.67 35.59 32.50
C GLN D 259 -19.82 36.98 33.09
N LYS D 260 -20.49 37.09 34.23
CA LYS D 260 -20.65 38.39 34.87
C LYS D 260 -19.31 38.92 35.38
N LEU D 261 -18.43 38.02 35.83
CA LEU D 261 -17.12 38.46 36.28
C LEU D 261 -16.30 39.06 35.14
N ILE D 262 -16.37 38.44 33.96
CA ILE D 262 -15.60 38.93 32.81
C ILE D 262 -16.12 40.29 32.37
N GLU D 263 -17.44 40.43 32.24
CA GLU D 263 -17.99 41.69 31.75
C GLU D 263 -17.69 42.83 32.71
N ASN D 264 -17.77 42.57 34.02
CA ASN D 264 -17.39 43.58 35.00
C ASN D 264 -15.89 43.83 34.98
N PHE D 265 -15.10 42.76 34.81
CA PHE D 265 -13.65 42.89 34.80
C PHE D 265 -13.20 43.75 33.63
N ASP D 266 -12.29 44.67 33.92
CA ASP D 266 -11.70 45.55 32.91
C ASP D 266 -10.29 45.08 32.57
N ILE D 267 -9.86 45.44 31.36
CA ILE D 267 -8.57 44.99 30.86
C ILE D 267 -7.51 46.10 30.89
N ASP D 268 -7.90 47.37 30.77
CA ASP D 268 -6.90 48.43 30.75
C ASP D 268 -6.12 48.48 32.06
N ALA D 269 -6.83 48.44 33.19
CA ALA D 269 -6.16 48.52 34.49
C ALA D 269 -5.30 47.28 34.73
N GLU D 270 -5.83 46.10 34.39
CA GLU D 270 -5.05 44.88 34.58
C GLU D 270 -3.79 44.89 33.73
N ALA D 271 -3.91 45.32 32.47
CA ALA D 271 -2.74 45.37 31.61
C ALA D 271 -1.68 46.31 32.16
N GLU D 272 -2.09 47.50 32.59
CA GLU D 272 -1.12 48.46 33.13
C GLU D 272 -0.42 47.90 34.36
N SER D 273 -1.18 47.27 35.26
CA SER D 273 -0.58 46.69 36.45
C SER D 273 0.41 45.60 36.09
N LEU D 274 0.05 44.72 35.15
CA LEU D 274 0.95 43.65 34.74
C LEU D 274 2.22 44.21 34.12
N ARG D 275 2.10 45.24 33.28
CA ARG D 275 3.29 45.85 32.69
C ARG D 275 4.19 46.44 33.77
N ASP D 276 3.60 47.10 34.77
CA ASP D 276 4.39 47.66 35.85
C ASP D 276 5.09 46.55 36.64
N VAL D 277 4.39 45.44 36.86
CA VAL D 277 5.01 44.31 37.58
C VAL D 277 6.14 43.72 36.76
N ILE D 278 6.00 43.71 35.43
CA ILE D 278 7.05 43.18 34.57
C ILE D 278 8.32 44.01 34.71
N ARG D 279 8.17 45.34 34.80
CA ARG D 279 9.35 46.19 34.97
C ARG D 279 10.14 45.79 36.19
N ASN D 280 9.48 45.30 37.23
CA ASN D 280 10.13 44.93 38.48
C ASN D 280 10.73 43.53 38.35
N GLY D 281 11.21 42.97 39.46
CA GLY D 281 11.85 41.67 39.44
C GLY D 281 10.91 40.54 39.82
N LYS D 282 11.25 39.79 40.86
CA LYS D 282 10.44 38.67 41.33
C LYS D 282 10.30 37.62 40.21
N GLY D 283 11.45 37.03 39.88
CA GLY D 283 11.58 36.12 38.74
C GLY D 283 10.42 35.16 38.54
N GLN D 284 10.16 34.30 39.53
CA GLN D 284 9.10 33.31 39.36
C GLN D 284 7.75 34.00 39.15
N LYS D 285 7.47 35.05 39.92
CA LYS D 285 6.26 35.82 39.68
C LYS D 285 6.41 36.70 38.44
N LYS D 286 7.65 36.99 38.04
CA LYS D 286 7.86 37.78 36.84
C LYS D 286 7.41 37.02 35.59
N LEU D 287 7.79 35.75 35.49
CA LEU D 287 7.38 34.95 34.33
C LEU D 287 5.89 34.62 34.38
N ARG D 288 5.33 34.43 35.57
CA ARG D 288 3.89 34.25 35.68
C ARG D 288 3.15 35.48 35.15
N ALA D 289 3.61 36.67 35.55
CA ALA D 289 3.03 37.89 34.99
C ALA D 289 3.29 38.00 33.50
N LEU D 290 4.44 37.51 33.04
CA LEU D 290 4.75 37.53 31.61
C LEU D 290 3.71 36.75 30.82
N LYS D 291 3.44 35.51 31.22
CA LYS D 291 2.45 34.70 30.53
C LYS D 291 1.08 35.34 30.59
N ARG D 292 0.69 35.83 31.76
CA ARG D 292 -0.59 36.51 31.88
C ARG D 292 -0.64 37.75 31.01
N LEU D 293 0.43 38.56 31.03
CA LEU D 293 0.46 39.76 30.20
C LEU D 293 0.37 39.40 28.72
N LYS D 294 0.96 38.28 28.33
CA LYS D 294 0.86 37.86 26.94
C LYS D 294 -0.59 37.61 26.54
N VAL D 295 -1.33 36.89 27.38
CA VAL D 295 -2.75 36.64 27.10
C VAL D 295 -3.53 37.93 27.20
N VAL D 296 -3.30 38.70 28.27
CA VAL D 296 -4.04 39.95 28.46
C VAL D 296 -3.76 40.91 27.32
N ALA D 297 -2.49 41.04 26.91
CA ALA D 297 -2.17 41.87 25.76
C ALA D 297 -2.85 41.35 24.51
N ALA D 298 -2.88 40.02 24.33
CA ALA D 298 -3.53 39.45 23.17
C ALA D 298 -4.97 39.93 23.06
N PHE D 299 -5.69 39.92 24.18
CA PHE D 299 -7.03 40.50 24.19
C PHE D 299 -7.00 42.03 24.15
N GLN D 300 -5.93 42.65 24.63
CA GLN D 300 -5.86 44.10 24.68
C GLN D 300 -5.99 44.71 23.29
N GLN D 301 -5.53 44.01 22.26
CA GLN D 301 -5.75 44.49 20.90
C GLN D 301 -7.23 44.65 20.61
N SER D 302 -8.08 43.94 21.37
CA SER D 302 -9.50 44.22 21.47
C SER D 302 -10.25 44.04 20.15
N GLY D 303 -9.66 43.29 19.22
CA GLY D 303 -10.42 42.93 18.02
C GLY D 303 -11.66 42.12 18.36
N ASN D 304 -11.55 41.26 19.37
CA ASN D 304 -12.68 40.50 19.88
C ASN D 304 -12.65 40.54 21.41
N SER D 305 -13.79 40.83 22.00
CA SER D 305 -13.88 40.91 23.45
C SER D 305 -13.73 39.53 24.08
N PRO D 306 -13.32 39.46 25.35
CA PRO D 306 -13.22 38.15 26.02
C PRO D 306 -14.57 37.48 26.26
N MET D 307 -15.69 38.17 25.99
CA MET D 307 -17.00 37.57 26.24
C MET D 307 -17.23 36.33 25.39
N GLY D 308 -16.49 36.15 24.30
CA GLY D 308 -16.67 34.99 23.46
C GLY D 308 -16.35 33.68 24.16
N MET D 309 -15.63 33.74 25.27
CA MET D 309 -15.25 32.52 25.97
C MET D 309 -16.44 31.81 26.59
N VAL D 310 -17.54 32.52 26.84
CA VAL D 310 -18.76 31.95 27.39
C VAL D 310 -19.87 32.09 26.35
N LEU D 311 -20.58 31.00 26.09
CA LEU D 311 -21.55 30.94 25.01
C LEU D 311 -22.96 31.13 25.53
N ASP D 312 -23.80 31.77 24.71
CA ASP D 312 -25.24 31.83 24.95
C ASP D 312 -26.04 31.14 23.87
N ALA D 313 -25.41 30.70 22.78
CA ALA D 313 -26.10 29.98 21.72
C ALA D 313 -25.07 29.20 20.91
N VAL D 314 -25.16 27.88 20.93
CA VAL D 314 -24.26 27.03 20.17
C VAL D 314 -24.84 26.83 18.78
N PRO D 315 -24.03 26.78 17.72
CA PRO D 315 -24.55 26.51 16.39
C PRO D 315 -24.54 25.02 16.06
N VAL D 316 -25.38 24.65 15.09
CA VAL D 316 -25.51 23.27 14.64
C VAL D 316 -25.12 23.22 13.17
N ILE D 317 -24.23 22.30 12.82
CA ILE D 317 -23.75 22.17 11.45
C ILE D 317 -24.92 21.74 10.57
N PRO D 318 -24.88 22.02 9.27
CA PRO D 318 -26.00 21.65 8.41
C PRO D 318 -26.17 20.14 8.39
N PRO D 319 -27.40 19.66 8.17
CA PRO D 319 -27.63 18.21 8.26
C PRO D 319 -26.81 17.40 7.29
N GLU D 320 -26.42 17.98 6.14
CA GLU D 320 -25.71 17.20 5.13
C GLU D 320 -24.35 16.75 5.65
N LEU D 321 -23.66 17.61 6.42
CA LEU D 321 -22.37 17.24 6.97
C LEU D 321 -22.48 16.19 8.08
N ARG D 322 -23.69 15.91 8.56
CA ARG D 322 -23.96 14.83 9.51
C ARG D 322 -25.18 14.07 9.03
N PRO D 323 -25.07 13.38 7.90
CA PRO D 323 -26.26 12.86 7.23
C PRO D 323 -26.95 11.75 8.01
N MET D 324 -28.22 11.60 7.72
CA MET D 324 -29.06 10.52 8.26
C MET D 324 -29.50 9.68 7.06
N VAL D 325 -28.69 8.71 6.69
CA VAL D 325 -28.92 7.89 5.50
C VAL D 325 -29.47 6.55 5.92
N GLN D 326 -30.22 5.93 5.00
CA GLN D 326 -30.84 4.62 5.21
C GLN D 326 -30.13 3.64 4.28
N LEU D 327 -29.05 3.03 4.76
CA LEU D 327 -28.28 2.12 3.93
C LEU D 327 -29.11 0.91 3.55
N ASP D 328 -28.71 0.26 2.45
CA ASP D 328 -29.49 -0.86 1.92
C ASP D 328 -29.68 -1.92 2.99
N GLY D 329 -30.91 -2.41 3.11
CA GLY D 329 -31.27 -3.38 4.12
C GLY D 329 -32.24 -2.88 5.17
N GLY D 330 -32.76 -1.66 5.03
CA GLY D 330 -33.71 -1.13 5.98
C GLY D 330 -33.12 -0.70 7.30
N ARG D 331 -31.80 -0.64 7.40
CA ARG D 331 -31.12 -0.24 8.63
C ARG D 331 -30.72 1.23 8.52
N PHE D 332 -31.06 2.01 9.54
CA PHE D 332 -30.78 3.44 9.55
C PHE D 332 -29.40 3.71 10.12
N ALA D 333 -28.67 4.61 9.48
CA ALA D 333 -27.33 5.01 9.89
C ALA D 333 -27.30 6.51 10.13
N THR D 334 -26.66 6.92 11.22
CA THR D 334 -26.53 8.33 11.58
C THR D 334 -25.14 8.60 12.11
N SER D 335 -24.69 9.83 11.93
CA SER D 335 -23.42 10.26 12.47
C SER D 335 -23.57 10.63 13.95
N ASP D 336 -22.48 10.47 14.69
CA ASP D 336 -22.54 10.68 16.13
C ASP D 336 -22.94 12.11 16.48
N LEU D 337 -22.70 13.06 15.57
CA LEU D 337 -23.06 14.45 15.85
C LEU D 337 -24.54 14.58 16.19
N ASN D 338 -25.39 13.78 15.52
CA ASN D 338 -26.81 13.83 15.82
C ASN D 338 -27.08 13.45 17.27
N ASP D 339 -26.41 12.41 17.75
CA ASP D 339 -26.59 11.99 19.13
C ASP D 339 -26.19 13.09 20.11
N LEU D 340 -25.02 13.69 19.89
CA LEU D 340 -24.52 14.68 20.83
C LEU D 340 -25.43 15.91 20.85
N TYR D 341 -25.92 16.33 19.69
CA TYR D 341 -26.84 17.47 19.65
C TYR D 341 -28.13 17.15 20.37
N ARG D 342 -28.64 15.93 20.23
CA ARG D 342 -29.89 15.57 20.89
C ARG D 342 -29.76 15.73 22.40
N ARG D 343 -28.62 15.31 22.97
CA ARG D 343 -28.43 15.45 24.40
C ARG D 343 -28.46 16.91 24.82
N VAL D 344 -27.81 17.78 24.02
CA VAL D 344 -27.77 19.20 24.36
C VAL D 344 -29.17 19.80 24.26
N ILE D 345 -29.87 19.53 23.16
CA ILE D 345 -31.19 20.11 22.97
C ILE D 345 -32.15 19.60 24.04
N ASN D 346 -32.12 18.29 24.30
CA ASN D 346 -33.05 17.73 25.27
C ASN D 346 -32.80 18.27 26.67
N ARG D 347 -31.54 18.30 27.10
CA ARG D 347 -31.24 18.79 28.44
C ARG D 347 -31.59 20.26 28.56
N ASN D 348 -31.32 21.05 27.52
CA ASN D 348 -31.66 22.47 27.55
C ASN D 348 -33.17 22.66 27.66
N ASN D 349 -33.94 21.89 26.88
CA ASN D 349 -35.39 22.01 26.94
C ASN D 349 -35.92 21.63 28.32
N ARG D 350 -35.38 20.57 28.90
CA ARG D 350 -35.79 20.18 30.24
C ARG D 350 -35.49 21.29 31.24
N LEU D 351 -34.34 21.95 31.09
CA LEU D 351 -34.01 23.07 31.97
C LEU D 351 -34.98 24.23 31.77
N LYS D 352 -35.34 24.53 30.52
CA LYS D 352 -36.31 25.59 30.28
C LYS D 352 -37.63 25.27 30.96
N ARG D 353 -38.09 24.03 30.84
CA ARG D 353 -39.29 23.60 31.54
C ARG D 353 -39.08 23.63 33.05
N LEU D 354 -37.93 23.17 33.51
CA LEU D 354 -37.70 23.04 34.94
C LEU D 354 -37.57 24.40 35.61
N ILE D 355 -36.92 25.35 34.95
CA ILE D 355 -36.78 26.68 35.53
C ILE D 355 -38.14 27.37 35.61
N ASP D 356 -39.00 27.14 34.63
CA ASP D 356 -40.34 27.70 34.67
C ASP D 356 -41.17 27.09 35.80
N LEU D 357 -41.01 25.79 36.02
CA LEU D 357 -41.77 25.12 37.09
C LEU D 357 -41.44 25.69 38.45
N GLY D 358 -40.16 25.94 38.71
CA GLY D 358 -39.73 26.50 39.99
C GLY D 358 -39.16 25.44 40.91
N ALA D 359 -38.33 24.56 40.38
CA ALA D 359 -37.73 23.51 41.17
C ALA D 359 -36.74 24.10 42.18
N PRO D 360 -36.44 23.38 43.25
CA PRO D 360 -35.49 23.90 44.24
C PRO D 360 -34.13 24.16 43.64
N GLU D 361 -33.26 24.79 44.43
CA GLU D 361 -31.96 25.22 43.93
C GLU D 361 -31.11 24.04 43.47
N ILE D 362 -31.13 22.96 44.23
CA ILE D 362 -30.28 21.81 43.89
C ILE D 362 -30.67 21.24 42.52
N ILE D 363 -31.96 21.20 42.24
CA ILE D 363 -32.42 20.63 40.97
C ILE D 363 -31.90 21.46 39.80
N VAL D 364 -32.11 22.78 39.84
CA VAL D 364 -31.66 23.64 38.75
C VAL D 364 -30.14 23.58 38.63
N ASN D 365 -29.43 23.58 39.76
CA ASN D 365 -27.98 23.51 39.72
C ASN D 365 -27.52 22.22 39.05
N ASN D 366 -28.14 21.10 39.39
CA ASN D 366 -27.76 19.84 38.75
C ASN D 366 -28.05 19.88 37.26
N GLU D 367 -29.20 20.44 36.88
CA GLU D 367 -29.54 20.50 35.47
C GLU D 367 -28.53 21.31 34.67
N LYS D 368 -28.16 22.49 35.19
CA LYS D 368 -27.16 23.30 34.51
C LYS D 368 -25.84 22.56 34.41
N ARG D 369 -25.50 21.78 35.43
CA ARG D 369 -24.28 20.96 35.35
C ARG D 369 -24.40 19.96 34.20
N MET D 370 -25.57 19.34 34.03
CA MET D 370 -25.75 18.43 32.91
C MET D 370 -25.62 19.16 31.58
N LEU D 371 -26.20 20.35 31.49
CA LEU D 371 -26.11 21.13 30.25
C LEU D 371 -24.67 21.46 29.92
N GLN D 372 -23.90 21.91 30.92
CA GLN D 372 -22.50 22.25 30.69
C GLN D 372 -21.71 21.02 30.26
N GLU D 373 -21.98 19.87 30.89
CA GLU D 373 -21.30 18.65 30.50
C GLU D 373 -21.64 18.26 29.07
N SER D 374 -22.91 18.41 28.68
CA SER D 374 -23.30 18.03 27.32
C SER D 374 -22.62 18.90 26.28
N VAL D 375 -22.53 20.21 26.54
CA VAL D 375 -21.81 21.10 25.63
C VAL D 375 -20.33 20.74 25.61
N ASP D 376 -19.78 20.36 26.76
CA ASP D 376 -18.40 19.91 26.79
C ASP D 376 -18.18 18.71 25.89
N ALA D 377 -19.08 17.73 25.97
CA ALA D 377 -18.95 16.54 25.13
C ALA D 377 -19.10 16.89 23.65
N LEU D 378 -20.04 17.78 23.34
CA LEU D 378 -20.30 18.12 21.94
C LEU D 378 -19.05 18.70 21.28
N PHE D 379 -18.45 19.71 21.89
CA PHE D 379 -17.30 20.38 21.27
C PHE D 379 -16.03 19.55 21.36
N ASP D 380 -15.91 18.70 22.38
CA ASP D 380 -14.78 17.78 22.44
C ASP D 380 -15.13 16.64 23.39
N ASN D 381 -15.21 15.43 22.85
CA ASN D 381 -15.50 14.24 23.63
C ASN D 381 -14.19 13.56 24.00
N GLY D 382 -14.03 13.23 25.28
CA GLY D 382 -12.80 12.67 25.77
C GLY D 382 -11.78 13.70 26.22
N ARG D 383 -12.05 14.98 26.01
CA ARG D 383 -11.15 16.02 26.50
C ARG D 383 -11.07 15.98 28.02
N ARG D 384 -12.19 15.77 28.68
CA ARG D 384 -12.26 15.69 30.14
C ARG D 384 -13.13 14.51 30.53
N GLY D 385 -12.73 13.81 31.59
CA GLY D 385 -13.51 12.70 32.09
C GLY D 385 -13.52 11.52 31.15
N ARG D 386 -14.41 10.58 31.45
CA ARG D 386 -14.56 9.39 30.63
C ARG D 386 -15.41 9.72 29.41
N PRO D 387 -14.91 9.53 28.19
CA PRO D 387 -15.69 9.93 27.02
C PRO D 387 -17.01 9.17 26.93
N VAL D 388 -18.04 9.87 26.43
CA VAL D 388 -19.32 9.22 26.21
C VAL D 388 -19.15 8.14 25.15
N THR D 389 -19.66 6.95 25.43
CA THR D 389 -19.42 5.79 24.59
C THR D 389 -20.69 5.41 23.84
N GLY D 390 -20.50 4.66 22.75
CA GLY D 390 -21.58 4.20 21.93
C GLY D 390 -22.05 2.82 22.32
N PRO D 391 -22.83 2.18 21.44
CA PRO D 391 -23.32 0.82 21.77
C PRO D 391 -22.22 -0.18 22.03
N GLY D 392 -21.10 -0.08 21.33
CA GLY D 392 -20.00 -1.02 21.52
C GLY D 392 -18.86 -0.43 22.33
N ASN D 393 -19.18 0.45 23.27
CA ASN D 393 -18.20 1.12 24.11
C ASN D 393 -17.23 1.97 23.29
N ARG D 394 -17.63 2.33 22.07
CA ARG D 394 -16.79 3.12 21.19
C ARG D 394 -17.02 4.60 21.47
N PRO D 395 -15.99 5.39 21.77
CA PRO D 395 -16.22 6.82 22.03
C PRO D 395 -16.81 7.51 20.81
N LEU D 396 -17.73 8.44 21.06
CA LEU D 396 -18.38 9.17 19.98
C LEU D 396 -17.42 10.18 19.37
N LYS D 397 -17.57 10.41 18.06
CA LYS D 397 -16.73 11.35 17.33
C LYS D 397 -17.32 12.74 17.49
N SER D 398 -16.76 13.52 18.42
CA SER D 398 -17.31 14.82 18.74
C SER D 398 -17.03 15.82 17.60
N LEU D 399 -17.46 17.06 17.82
CA LEU D 399 -17.37 18.06 16.77
C LEU D 399 -15.92 18.36 16.41
N SER D 400 -15.04 18.44 17.41
CA SER D 400 -13.64 18.72 17.16
C SER D 400 -12.86 17.49 16.71
N ASP D 401 -13.43 16.30 16.81
CA ASP D 401 -12.78 15.11 16.30
C ASP D 401 -12.75 15.07 14.77
N LEU D 402 -13.47 15.97 14.11
CA LEU D 402 -13.39 16.10 12.66
C LEU D 402 -12.14 16.82 12.20
N LEU D 403 -11.39 17.44 13.12
CA LEU D 403 -10.19 18.18 12.80
C LEU D 403 -8.91 17.61 13.39
N LYS D 404 -9.00 16.68 14.33
CA LYS D 404 -7.87 16.21 15.10
C LYS D 404 -7.59 14.74 14.82
N GLY D 405 -6.32 14.36 14.90
CA GLY D 405 -5.91 13.00 14.70
C GLY D 405 -5.58 12.69 13.25
N LYS D 406 -5.27 11.42 13.00
CA LYS D 406 -4.98 10.99 11.64
C LYS D 406 -6.21 11.12 10.76
N GLN D 407 -7.39 10.82 11.31
CA GLN D 407 -8.65 10.93 10.56
C GLN D 407 -9.30 12.26 10.94
N GLY D 408 -8.76 13.34 10.35
CA GLY D 408 -9.32 14.66 10.54
C GLY D 408 -9.31 15.41 9.22
N ARG D 409 -9.99 16.56 9.21
CA ARG D 409 -10.06 17.35 7.99
C ARG D 409 -8.68 17.80 7.54
N PHE D 410 -7.84 18.21 8.48
CA PHE D 410 -6.50 18.68 8.11
C PHE D 410 -5.61 17.53 7.67
N ARG D 411 -5.60 16.44 8.44
CA ARG D 411 -4.80 15.28 8.06
C ARG D 411 -5.30 14.68 6.75
N GLN D 412 -6.63 14.61 6.58
CA GLN D 412 -7.18 14.06 5.34
C GLN D 412 -6.75 14.90 4.14
N ASN D 413 -6.77 16.22 4.28
CA ASN D 413 -6.29 17.08 3.21
C ASN D 413 -4.85 16.75 2.85
N LEU D 414 -4.03 16.43 3.85
CA LEU D 414 -2.67 15.96 3.57
C LEU D 414 -2.69 14.67 2.77
N LEU D 415 -3.56 13.73 3.15
CA LEU D 415 -3.55 12.41 2.51
C LEU D 415 -3.87 12.52 1.02
N GLY D 416 -4.61 13.53 0.61
CA GLY D 416 -4.91 13.78 -0.78
C GLY D 416 -6.36 13.47 -1.11
N LYS D 417 -6.78 14.02 -2.25
CA LYS D 417 -8.16 13.89 -2.74
C LYS D 417 -8.19 12.94 -3.92
N ARG D 418 -9.26 12.14 -3.99
CA ARG D 418 -9.39 11.09 -5.00
C ARG D 418 -9.86 11.71 -6.31
N VAL D 419 -8.94 11.82 -7.27
CA VAL D 419 -9.21 12.56 -8.51
C VAL D 419 -9.96 11.68 -9.50
N ASP D 420 -10.48 12.30 -10.55
CA ASP D 420 -11.26 11.63 -11.58
C ASP D 420 -10.41 11.47 -12.84
N TYR D 421 -11.01 10.91 -13.88
CA TYR D 421 -10.34 10.72 -15.17
C TYR D 421 -8.98 10.06 -14.99
N SER D 422 -8.97 8.90 -14.34
CA SER D 422 -7.72 8.25 -13.97
C SER D 422 -7.86 6.74 -14.19
N GLY D 423 -6.88 6.00 -13.68
CA GLY D 423 -6.84 4.56 -13.82
C GLY D 423 -5.44 4.03 -13.59
N ARG D 424 -5.37 2.77 -13.20
CA ARG D 424 -4.10 2.12 -12.89
C ARG D 424 -4.07 0.74 -13.53
N SER D 425 -2.87 0.23 -13.77
CA SER D 425 -2.70 -1.09 -14.36
C SER D 425 -1.24 -1.51 -14.23
N VAL D 426 -0.99 -2.80 -14.45
CA VAL D 426 0.37 -3.31 -14.42
C VAL D 426 1.17 -2.73 -15.58
N ILE D 427 2.49 -2.67 -15.40
CA ILE D 427 3.40 -2.15 -16.42
C ILE D 427 4.26 -3.29 -16.93
N VAL D 428 4.58 -3.25 -18.22
CA VAL D 428 5.49 -4.19 -18.85
C VAL D 428 6.40 -3.43 -19.80
N VAL D 429 7.67 -3.79 -19.81
CA VAL D 429 8.65 -3.05 -20.60
C VAL D 429 8.34 -3.21 -22.08
N GLY D 430 8.30 -2.09 -22.80
CA GLY D 430 8.17 -2.11 -24.22
C GLY D 430 9.32 -1.38 -24.88
N PRO D 431 10.21 -2.10 -25.57
CA PRO D 431 11.37 -1.47 -26.20
C PRO D 431 11.13 -0.90 -27.59
N GLN D 432 9.92 -1.06 -28.14
CA GLN D 432 9.61 -0.53 -29.46
C GLN D 432 9.08 0.89 -29.42
N LEU D 433 8.98 1.49 -28.24
CA LEU D 433 8.48 2.84 -28.08
C LEU D 433 9.61 3.85 -28.19
N LYS D 434 9.25 5.07 -28.58
CA LYS D 434 10.18 6.19 -28.49
C LYS D 434 10.19 6.74 -27.07
N LEU D 435 11.14 7.62 -26.78
CA LEU D 435 11.30 8.11 -25.42
C LEU D 435 10.12 8.95 -24.95
N HIS D 436 9.24 9.38 -25.86
CA HIS D 436 8.11 10.24 -25.51
C HIS D 436 6.77 9.55 -25.78
N GLN D 437 6.72 8.23 -25.60
CA GLN D 437 5.50 7.48 -25.84
C GLN D 437 5.27 6.48 -24.72
N CYS D 438 4.02 6.11 -24.54
CA CYS D 438 3.64 5.06 -23.60
C CYS D 438 2.43 4.33 -24.16
N GLY D 439 2.44 3.01 -24.03
CA GLY D 439 1.35 2.22 -24.57
C GLY D 439 0.22 2.03 -23.60
N LEU D 440 -0.98 2.48 -23.96
CA LEU D 440 -2.15 2.29 -23.12
C LEU D 440 -2.99 1.14 -23.63
N PRO D 441 -3.54 0.29 -22.75
CA PRO D 441 -4.47 -0.73 -23.24
C PRO D 441 -5.69 -0.07 -23.88
N LYS D 442 -6.19 -0.70 -24.95
CA LYS D 442 -7.27 -0.07 -25.71
C LYS D 442 -8.59 -0.07 -24.95
N LEU D 443 -8.67 -0.76 -23.81
CA LEU D 443 -9.86 -0.70 -22.96
C LEU D 443 -9.80 0.48 -22.01
N MET D 444 -8.66 0.70 -21.36
CA MET D 444 -8.51 1.86 -20.50
C MET D 444 -8.60 3.15 -21.30
N ALA D 445 -8.02 3.18 -22.50
CA ALA D 445 -8.03 4.40 -23.29
C ALA D 445 -9.45 4.80 -23.66
N LEU D 446 -10.30 3.81 -23.97
CA LEU D 446 -11.68 4.13 -24.35
C LEU D 446 -12.46 4.63 -23.14
N GLU D 447 -12.36 3.93 -22.01
CA GLU D 447 -13.09 4.33 -20.82
C GLU D 447 -12.56 5.62 -20.22
N LEU D 448 -11.35 6.03 -20.60
CA LEU D 448 -10.72 7.23 -20.06
C LEU D 448 -10.96 8.45 -20.94
N PHE D 449 -10.93 8.28 -22.26
CA PHE D 449 -11.20 9.35 -23.21
C PHE D 449 -12.66 9.37 -23.67
N LYS D 450 -13.58 8.86 -22.85
CA LYS D 450 -14.94 8.65 -23.35
C LYS D 450 -15.61 9.95 -23.79
N PRO D 451 -15.66 11.01 -22.98
CA PRO D 451 -16.37 12.22 -23.44
C PRO D 451 -15.80 12.80 -24.72
N PHE D 452 -14.48 12.71 -24.92
CA PHE D 452 -13.91 13.15 -26.18
C PHE D 452 -14.36 12.24 -27.32
N VAL D 453 -14.42 10.94 -27.07
CA VAL D 453 -14.84 9.99 -28.10
C VAL D 453 -16.29 10.25 -28.49
N MET D 454 -17.16 10.47 -27.50
CA MET D 454 -18.57 10.70 -27.81
C MET D 454 -18.75 11.93 -28.68
N LYS D 455 -18.03 13.01 -28.37
CA LYS D 455 -18.16 14.22 -29.17
C LYS D 455 -17.76 13.95 -30.62
N ARG D 456 -16.64 13.27 -30.82
CA ARG D 456 -16.17 13.02 -32.18
C ARG D 456 -17.10 12.09 -32.93
N LEU D 457 -17.67 11.10 -32.24
CA LEU D 457 -18.58 10.17 -32.89
C LEU D 457 -19.79 10.91 -33.47
N VAL D 458 -20.37 11.83 -32.70
CA VAL D 458 -21.48 12.62 -33.21
C VAL D 458 -21.03 13.54 -34.33
N ASP D 459 -19.78 13.99 -34.29
CA ASP D 459 -19.27 14.84 -35.36
C ASP D 459 -19.25 14.10 -36.69
N LEU D 460 -18.79 12.86 -36.69
CA LEU D 460 -18.76 12.06 -37.90
C LEU D 460 -20.13 11.53 -38.30
N ASN D 461 -21.14 11.70 -37.45
CA ASN D 461 -22.52 11.30 -37.68
C ASN D 461 -22.73 9.80 -37.46
N HIS D 462 -21.75 9.08 -36.92
CA HIS D 462 -21.98 7.69 -36.56
C HIS D 462 -23.17 7.56 -35.62
N ALA D 463 -23.37 8.54 -34.75
CA ALA D 463 -24.55 8.62 -33.90
C ALA D 463 -25.08 10.05 -33.92
N GLN D 464 -26.37 10.20 -33.64
CA GLN D 464 -27.01 11.50 -33.70
C GLN D 464 -27.06 12.19 -32.35
N ASN D 465 -27.53 11.49 -31.32
CA ASN D 465 -27.62 12.05 -29.98
C ASN D 465 -26.44 11.60 -29.14
N ILE D 466 -26.14 12.39 -28.11
CA ILE D 466 -25.09 12.01 -27.17
C ILE D 466 -25.45 10.71 -26.48
N LYS D 467 -26.73 10.53 -26.15
CA LYS D 467 -27.16 9.27 -25.54
C LYS D 467 -26.92 8.10 -26.48
N SER D 468 -27.18 8.28 -27.78
CA SER D 468 -26.85 7.25 -28.74
C SER D 468 -25.35 6.99 -28.77
N ALA D 469 -24.54 8.07 -28.75
CA ALA D 469 -23.09 7.90 -28.74
C ALA D 469 -22.63 7.17 -27.48
N LYS D 470 -23.17 7.55 -26.33
CA LYS D 470 -22.76 6.90 -25.09
C LYS D 470 -23.06 5.41 -25.13
N ARG D 471 -24.24 5.04 -25.60
CA ARG D 471 -24.59 3.62 -25.69
C ARG D 471 -23.68 2.89 -26.66
N MET D 472 -23.35 3.53 -27.79
CA MET D 472 -22.46 2.89 -28.75
C MET D 472 -21.10 2.60 -28.12
N VAL D 473 -20.59 3.53 -27.31
CA VAL D 473 -19.33 3.30 -26.62
C VAL D 473 -19.47 2.13 -25.65
N GLU D 474 -20.60 2.06 -24.93
CA GLU D 474 -20.78 0.95 -23.99
C GLU D 474 -20.77 -0.39 -24.71
N ARG D 475 -21.42 -0.47 -25.87
CA ARG D 475 -21.43 -1.70 -26.64
C ARG D 475 -20.13 -1.93 -27.41
N GLN D 476 -19.34 -0.89 -27.61
CA GLN D 476 -18.04 -1.00 -28.27
C GLN D 476 -18.18 -1.55 -29.69
N ARG D 477 -18.99 -0.85 -30.48
CA ARG D 477 -19.14 -1.21 -31.88
C ARG D 477 -17.83 -0.96 -32.62
N PRO D 478 -17.62 -1.66 -33.75
CA PRO D 478 -16.32 -1.55 -34.43
C PRO D 478 -15.98 -0.14 -34.88
N GLN D 479 -16.95 0.76 -34.99
CA GLN D 479 -16.67 2.10 -35.46
C GLN D 479 -15.91 2.94 -34.44
N VAL D 480 -16.07 2.64 -33.15
CA VAL D 480 -15.48 3.48 -32.11
C VAL D 480 -13.97 3.47 -32.20
N TRP D 481 -13.38 2.31 -32.50
CA TRP D 481 -11.92 2.20 -32.46
C TRP D 481 -11.26 3.12 -33.49
N ASP D 482 -11.83 3.21 -34.68
CA ASP D 482 -11.23 4.06 -35.70
C ASP D 482 -11.19 5.52 -35.25
N VAL D 483 -12.25 5.98 -34.58
CA VAL D 483 -12.27 7.33 -34.05
C VAL D 483 -11.28 7.47 -32.92
N LEU D 484 -11.24 6.50 -32.00
CA LEU D 484 -10.39 6.60 -30.83
C LEU D 484 -8.93 6.79 -31.22
N GLU D 485 -8.50 6.15 -32.31
CA GLU D 485 -7.12 6.33 -32.76
C GLU D 485 -6.85 7.78 -33.14
N GLU D 486 -7.90 8.54 -33.45
CA GLU D 486 -7.74 9.93 -33.87
C GLU D 486 -7.98 10.91 -32.74
N VAL D 487 -8.61 10.48 -31.65
CA VAL D 487 -8.90 11.39 -30.54
C VAL D 487 -7.69 11.62 -29.65
N ILE D 488 -6.70 10.72 -29.67
CA ILE D 488 -5.55 10.82 -28.79
C ILE D 488 -4.28 10.99 -29.61
N ALA D 489 -4.39 11.62 -30.78
CA ALA D 489 -3.23 11.74 -31.66
C ALA D 489 -2.12 12.54 -30.98
N GLU D 490 -2.46 13.64 -30.33
CA GLU D 490 -1.48 14.54 -29.72
C GLU D 490 -1.92 14.94 -28.33
N HIS D 491 -2.53 14.01 -27.59
CA HIS D 491 -3.10 14.32 -26.28
C HIS D 491 -2.29 13.64 -25.19
N PRO D 492 -1.44 14.36 -24.46
CA PRO D 492 -0.58 13.70 -23.47
C PRO D 492 -1.34 13.26 -22.24
N VAL D 493 -0.80 12.23 -21.58
CA VAL D 493 -1.34 11.73 -20.32
C VAL D 493 -0.20 11.66 -19.32
N LEU D 494 -0.55 11.71 -18.04
CA LEU D 494 0.42 11.69 -16.95
C LEU D 494 0.48 10.30 -16.33
N LEU D 495 1.67 9.75 -16.24
CA LEU D 495 1.91 8.46 -15.59
C LEU D 495 2.60 8.70 -14.27
N ASN D 496 2.11 8.06 -13.21
CA ASN D 496 2.63 8.25 -11.87
C ASN D 496 2.73 6.90 -11.17
N ARG D 497 3.88 6.64 -10.54
CA ARG D 497 4.12 5.39 -9.82
C ARG D 497 4.23 5.71 -8.34
N ALA D 498 3.19 5.43 -7.58
CA ALA D 498 3.25 5.62 -6.14
C ALA D 498 4.25 4.63 -5.55
N PRO D 499 5.12 5.08 -4.62
CA PRO D 499 5.22 6.41 -4.03
C PRO D 499 6.05 7.36 -4.88
N THR D 500 5.44 8.38 -5.48
CA THR D 500 6.22 9.40 -6.16
C THR D 500 7.17 10.03 -5.15
N LEU D 501 8.45 10.08 -5.51
CA LEU D 501 9.49 10.44 -4.55
C LEU D 501 10.30 11.66 -4.94
N HIS D 502 10.30 12.06 -6.21
CA HIS D 502 10.96 13.30 -6.61
C HIS D 502 10.29 13.83 -7.87
N ARG D 503 10.80 14.96 -8.36
CA ARG D 503 10.14 15.69 -9.43
C ARG D 503 9.87 14.80 -10.64
N LEU D 504 10.75 13.85 -10.90
CA LEU D 504 10.66 13.01 -12.10
C LEU D 504 9.81 11.77 -11.88
N GLY D 505 8.88 11.83 -10.93
CA GLY D 505 8.03 10.70 -10.65
C GLY D 505 6.67 10.84 -11.30
N ILE D 506 6.42 12.00 -11.91
CA ILE D 506 5.26 12.22 -12.75
C ILE D 506 5.75 12.79 -14.07
N GLN D 507 5.53 12.07 -15.16
CA GLN D 507 5.94 12.50 -16.47
C GLN D 507 4.79 12.31 -17.45
N ALA D 508 4.80 13.09 -18.52
CA ALA D 508 3.71 13.10 -19.49
C ALA D 508 4.18 12.39 -20.76
N PHE D 509 3.43 11.37 -21.18
CA PHE D 509 3.70 10.60 -22.37
C PHE D 509 2.57 10.75 -23.38
N GLU D 510 2.93 10.70 -24.66
CA GLU D 510 1.92 10.64 -25.71
C GLU D 510 1.40 9.20 -25.79
N PRO D 511 0.11 8.96 -25.58
CA PRO D 511 -0.38 7.58 -25.55
C PRO D 511 -0.38 6.94 -26.93
N MET D 512 -0.30 5.61 -26.93
CA MET D 512 -0.44 4.80 -28.13
C MET D 512 -1.31 3.60 -27.80
N LEU D 513 -2.23 3.28 -28.70
CA LEU D 513 -3.07 2.10 -28.52
C LEU D 513 -2.22 0.84 -28.59
N VAL D 514 -2.63 -0.18 -27.84
CA VAL D 514 -1.94 -1.46 -27.85
C VAL D 514 -2.87 -2.50 -27.25
N GLU D 515 -2.81 -3.71 -27.77
CA GLU D 515 -3.61 -4.81 -27.25
C GLU D 515 -3.16 -5.16 -25.83
N GLY D 516 -3.90 -6.07 -25.21
CA GLY D 516 -3.58 -6.49 -23.86
C GLY D 516 -4.17 -5.57 -22.81
N LYS D 517 -3.68 -5.74 -21.58
CA LYS D 517 -4.17 -4.97 -20.44
C LYS D 517 -3.03 -4.45 -19.57
N ALA D 518 -1.90 -4.09 -20.18
CA ALA D 518 -0.74 -3.61 -19.44
C ALA D 518 -0.24 -2.32 -20.06
N ILE D 519 0.18 -1.39 -19.20
CA ILE D 519 0.68 -0.09 -19.63
C ILE D 519 2.12 -0.29 -20.05
N GLN D 520 2.37 -0.40 -21.35
CA GLN D 520 3.74 -0.49 -21.84
C GLN D 520 4.49 0.80 -21.51
N LEU D 521 5.74 0.65 -21.10
CA LEU D 521 6.56 1.77 -20.66
C LEU D 521 7.91 1.71 -21.36
N HIS D 522 8.55 2.87 -21.50
CA HIS D 522 9.84 2.89 -22.16
C HIS D 522 10.92 2.35 -21.21
N PRO D 523 11.92 1.62 -21.72
CA PRO D 523 12.95 1.08 -20.83
C PRO D 523 13.74 2.15 -20.09
N LEU D 524 13.92 3.33 -20.68
CA LEU D 524 14.82 4.32 -20.11
C LEU D 524 14.20 5.04 -18.91
N VAL D 525 12.89 5.30 -18.95
CA VAL D 525 12.25 6.02 -17.86
C VAL D 525 12.01 5.15 -16.64
N CYS D 526 12.42 3.88 -16.67
CA CYS D 526 12.27 3.04 -15.49
C CYS D 526 13.13 3.54 -14.35
N GLU D 527 14.34 4.00 -14.65
CA GLU D 527 15.23 4.50 -13.60
C GLU D 527 14.62 5.70 -12.89
N ALA D 528 14.07 6.65 -13.65
CA ALA D 528 13.44 7.81 -13.04
C ALA D 528 12.30 7.38 -12.13
N PHE D 529 11.40 6.54 -12.64
CA PHE D 529 10.30 6.03 -11.84
C PHE D 529 10.75 5.07 -10.75
N ASN D 530 11.97 4.55 -10.84
CA ASN D 530 12.43 3.50 -9.93
C ASN D 530 11.55 2.26 -10.05
N ALA D 531 11.00 2.02 -11.24
CA ALA D 531 10.08 0.92 -11.45
C ALA D 531 10.84 -0.33 -11.89
N ASP D 532 10.39 -1.47 -11.39
CA ASP D 532 10.86 -2.78 -11.82
C ASP D 532 9.65 -3.60 -12.25
N PHE D 533 9.73 -4.20 -13.43
CA PHE D 533 8.58 -4.88 -14.03
C PHE D 533 8.44 -6.27 -13.43
N ASP D 534 8.05 -6.32 -12.16
CA ASP D 534 7.78 -7.56 -11.46
C ASP D 534 6.49 -7.45 -10.66
N GLY D 535 5.47 -6.84 -11.25
CA GLY D 535 4.18 -6.67 -10.61
C GLY D 535 3.86 -5.26 -10.18
N ASP D 536 4.73 -4.29 -10.48
CA ASP D 536 4.48 -2.91 -10.08
C ASP D 536 3.35 -2.31 -10.90
N GLN D 537 2.67 -1.32 -10.33
CA GLN D 537 1.55 -0.65 -10.98
C GLN D 537 1.73 0.86 -10.87
N MET D 538 1.21 1.58 -11.86
CA MET D 538 1.28 3.03 -11.89
C MET D 538 -0.01 3.60 -12.45
N ALA D 539 -0.47 4.70 -11.87
CA ALA D 539 -1.72 5.32 -12.28
C ALA D 539 -1.53 6.13 -13.55
N VAL D 540 -2.66 6.45 -14.20
CA VAL D 540 -2.65 7.22 -15.43
C VAL D 540 -3.69 8.32 -15.38
N HIS D 541 -3.28 9.54 -15.04
CA HIS D 541 -4.21 10.66 -15.01
C HIS D 541 -4.39 11.21 -16.42
N LEU D 542 -5.08 12.34 -16.56
CA LEU D 542 -5.37 12.89 -17.88
C LEU D 542 -5.62 14.39 -17.79
N PRO D 543 -4.77 15.24 -18.39
CA PRO D 543 -5.05 16.67 -18.38
C PRO D 543 -6.17 17.03 -19.34
N LEU D 544 -7.05 17.93 -18.91
CA LEU D 544 -8.25 18.27 -19.66
C LEU D 544 -8.16 19.63 -20.34
N SER D 545 -7.91 20.70 -19.58
CA SER D 545 -8.00 22.04 -20.13
C SER D 545 -6.84 22.33 -21.07
N ALA D 546 -7.03 23.36 -21.90
CA ALA D 546 -6.00 23.73 -22.86
C ALA D 546 -4.70 24.09 -22.16
N GLU D 547 -4.78 24.72 -20.99
CA GLU D 547 -3.58 25.05 -20.23
C GLU D 547 -3.00 23.82 -19.56
N ALA D 548 -3.86 22.90 -19.10
CA ALA D 548 -3.35 21.68 -18.49
C ALA D 548 -2.56 20.84 -19.49
N GLN D 549 -3.06 20.72 -20.71
CA GLN D 549 -2.32 19.99 -21.74
C GLN D 549 -1.00 20.68 -22.06
N ALA D 550 -1.02 22.00 -22.18
CA ALA D 550 0.20 22.71 -22.56
C ALA D 550 1.30 22.49 -21.55
N GLU D 551 0.96 22.38 -20.27
CA GLU D 551 1.97 22.08 -19.26
C GLU D 551 2.45 20.64 -19.39
N ALA D 552 1.52 19.70 -19.56
CA ALA D 552 1.90 18.30 -19.71
C ALA D 552 2.54 18.01 -21.06
N ARG D 553 2.71 19.03 -21.92
CA ARG D 553 3.36 18.85 -23.20
C ARG D 553 4.66 19.64 -23.31
N ILE D 554 4.87 20.63 -22.44
CA ILE D 554 6.06 21.47 -22.51
C ILE D 554 6.89 21.41 -21.24
N LEU D 555 6.31 21.06 -20.09
CA LEU D 555 7.02 21.00 -18.82
C LEU D 555 7.30 19.58 -18.36
N MET D 556 6.38 18.64 -18.60
CA MET D 556 6.46 17.31 -18.04
C MET D 556 6.78 16.24 -19.07
N LEU D 557 6.90 16.59 -20.35
CA LEU D 557 7.15 15.59 -21.37
C LEU D 557 8.42 14.83 -21.02
N SER D 558 8.36 13.49 -21.12
CA SER D 558 9.49 12.67 -20.71
C SER D 558 10.74 13.00 -21.51
N SER D 559 10.58 13.46 -22.75
CA SER D 559 11.72 13.78 -23.59
C SER D 559 12.48 15.02 -23.11
N ASN D 560 11.91 15.80 -22.20
CA ASN D 560 12.51 17.03 -21.73
C ASN D 560 13.11 16.91 -20.33
N ASN D 561 13.22 15.70 -19.81
CA ASN D 561 13.68 15.46 -18.45
C ASN D 561 14.79 14.41 -18.43
N ILE D 562 15.75 14.57 -19.34
CA ILE D 562 16.87 13.63 -19.38
C ILE D 562 17.71 13.74 -18.11
N LEU D 563 17.96 14.96 -17.65
CA LEU D 563 18.85 15.20 -16.53
C LEU D 563 18.06 15.33 -15.23
N SER D 564 18.59 14.75 -14.17
CA SER D 564 17.92 14.80 -12.88
C SER D 564 18.14 16.17 -12.23
N PRO D 565 17.14 16.70 -11.50
CA PRO D 565 17.33 18.00 -10.84
C PRO D 565 18.38 17.97 -9.76
N ALA D 566 18.57 16.83 -9.09
CA ALA D 566 19.52 16.78 -7.98
C ALA D 566 20.93 17.11 -8.46
N SER D 567 21.34 16.52 -9.58
CA SER D 567 22.64 16.81 -10.15
C SER D 567 22.58 16.56 -11.65
N GLY D 568 23.54 17.15 -12.37
CA GLY D 568 23.50 17.12 -13.82
C GLY D 568 23.64 15.74 -14.43
N ARG D 569 24.01 14.75 -13.65
CA ARG D 569 24.24 13.42 -14.22
C ARG D 569 22.94 12.91 -14.85
N PRO D 570 22.96 12.49 -16.11
CA PRO D 570 21.70 12.13 -16.78
C PRO D 570 21.02 10.97 -16.07
N LEU D 571 19.69 11.03 -16.03
CA LEU D 571 18.89 10.01 -15.36
C LEU D 571 18.22 9.04 -16.33
N ALA D 572 18.32 9.28 -17.63
CA ALA D 572 17.76 8.39 -18.64
C ALA D 572 18.88 8.05 -19.63
N MET D 573 19.49 6.89 -19.46
CA MET D 573 20.63 6.48 -20.27
C MET D 573 20.72 4.97 -20.24
N PRO D 574 21.48 4.36 -21.16
CA PRO D 574 21.69 2.91 -21.09
C PRO D 574 22.07 2.46 -19.69
N ARG D 575 21.23 1.65 -19.07
CA ARG D 575 21.31 1.41 -17.63
C ARG D 575 21.69 -0.03 -17.27
N LEU D 576 20.91 -1.03 -17.70
CA LEU D 576 21.08 -2.39 -17.18
C LEU D 576 21.45 -3.39 -18.27
N ASP D 577 20.61 -3.55 -19.29
CA ASP D 577 20.89 -4.49 -20.37
C ASP D 577 21.58 -3.83 -21.55
N MET D 578 21.29 -2.56 -21.79
CA MET D 578 21.93 -1.84 -22.88
C MET D 578 23.43 -1.72 -22.66
N VAL D 579 23.84 -1.47 -21.42
CA VAL D 579 25.25 -1.25 -21.14
C VAL D 579 26.07 -2.47 -21.50
N THR D 580 25.56 -3.67 -21.19
CA THR D 580 26.27 -4.88 -21.56
C THR D 580 26.38 -5.01 -23.07
N GLY D 581 25.35 -4.61 -23.80
CA GLY D 581 25.42 -4.66 -25.25
C GLY D 581 26.51 -3.76 -25.80
N LEU D 582 26.58 -2.53 -25.30
CA LEU D 582 27.56 -1.58 -25.82
C LEU D 582 28.97 -1.92 -25.37
N TYR D 583 29.12 -2.42 -24.15
CA TYR D 583 30.44 -2.82 -23.68
C TYR D 583 30.99 -3.97 -24.51
N TYR D 584 30.10 -4.86 -24.98
CA TYR D 584 30.53 -5.94 -25.86
C TYR D 584 30.80 -5.44 -27.27
N LEU D 585 29.99 -4.49 -27.75
CA LEU D 585 30.16 -4.00 -29.11
C LEU D 585 31.50 -3.28 -29.28
N THR D 586 31.87 -2.44 -28.32
CA THR D 586 33.02 -1.57 -28.47
C THR D 586 34.31 -2.18 -27.93
N THR D 587 34.25 -3.35 -27.30
CA THR D 587 35.47 -3.98 -26.82
C THR D 587 36.38 -4.32 -28.01
N GLU D 588 37.68 -4.25 -27.77
CA GLU D 588 38.69 -4.52 -28.79
C GLU D 588 39.48 -5.76 -28.34
N VAL D 589 38.99 -6.93 -28.73
CA VAL D 589 39.64 -8.18 -28.36
C VAL D 589 40.85 -8.40 -29.28
N PRO D 590 42.04 -8.61 -28.74
CA PRO D 590 43.21 -8.82 -29.61
C PRO D 590 43.23 -10.23 -30.19
N GLY D 591 43.82 -10.34 -31.38
CA GLY D 591 43.98 -11.63 -32.01
C GLY D 591 42.67 -12.26 -32.45
N ASP D 592 41.88 -11.51 -33.22
CA ASP D 592 40.58 -11.97 -33.71
C ASP D 592 40.59 -12.00 -35.22
N THR D 593 39.51 -12.55 -35.78
CA THR D 593 39.43 -12.72 -37.23
C THR D 593 39.50 -11.38 -37.94
N GLY D 594 40.18 -11.35 -39.08
CA GLY D 594 40.29 -10.14 -39.87
C GLY D 594 41.02 -9.01 -39.18
N GLU D 595 41.96 -9.32 -38.29
CA GLU D 595 42.73 -8.30 -37.63
C GLU D 595 43.78 -7.72 -38.58
N TYR D 596 44.07 -6.44 -38.41
CA TYR D 596 45.07 -5.78 -39.24
C TYR D 596 46.43 -6.41 -39.02
N GLN D 597 47.05 -6.89 -40.11
CA GLN D 597 48.35 -7.53 -40.06
C GLN D 597 49.36 -6.70 -40.84
N PRO D 598 50.50 -6.36 -40.26
CA PRO D 598 51.51 -5.62 -41.02
C PRO D 598 51.95 -6.41 -42.24
N ALA D 599 52.27 -5.69 -43.32
CA ALA D 599 52.67 -6.33 -44.56
C ALA D 599 53.87 -7.23 -44.34
N SER D 600 53.81 -8.44 -44.87
CA SER D 600 54.91 -9.39 -44.80
C SER D 600 55.84 -9.14 -45.99
N GLY D 601 56.77 -10.06 -46.23
CA GLY D 601 57.70 -9.89 -47.33
C GLY D 601 56.99 -9.73 -48.67
N ASP D 602 55.96 -10.54 -48.91
CA ASP D 602 55.20 -10.49 -50.15
C ASP D 602 53.73 -10.16 -49.93
N HIS D 603 53.13 -10.64 -48.86
CA HIS D 603 51.72 -10.38 -48.59
C HIS D 603 51.55 -8.94 -48.10
N PRO D 604 50.82 -8.09 -48.80
CA PRO D 604 50.65 -6.71 -48.32
C PRO D 604 49.79 -6.66 -47.07
N GLU D 605 49.80 -5.50 -46.43
CA GLU D 605 49.03 -5.32 -45.21
C GLU D 605 47.56 -5.62 -45.46
N THR D 606 46.97 -6.42 -44.58
CA THR D 606 45.60 -6.89 -44.72
C THR D 606 44.72 -6.31 -43.62
N GLY D 607 43.44 -6.16 -43.93
CA GLY D 607 42.49 -5.61 -42.99
C GLY D 607 42.15 -4.15 -43.20
N VAL D 608 42.61 -3.54 -44.28
CA VAL D 608 42.29 -2.16 -44.59
C VAL D 608 41.05 -2.15 -45.48
N TYR D 609 39.98 -1.50 -45.00
CA TYR D 609 38.69 -1.49 -45.68
C TYR D 609 38.36 -0.08 -46.14
N SER D 610 37.83 0.02 -47.36
CA SER D 610 37.64 1.32 -47.99
C SER D 610 36.65 2.18 -47.22
N SER D 611 35.55 1.58 -46.75
CA SER D 611 34.50 2.34 -46.11
C SER D 611 33.73 1.42 -45.18
N PRO D 612 32.95 1.96 -44.24
CA PRO D 612 32.19 1.09 -43.34
C PRO D 612 31.27 0.13 -44.07
N ALA D 613 30.75 0.51 -45.24
CA ALA D 613 29.86 -0.38 -45.98
C ALA D 613 30.58 -1.67 -46.35
N GLU D 614 31.81 -1.56 -46.83
CA GLU D 614 32.58 -2.77 -47.14
C GLU D 614 32.85 -3.59 -45.89
N ALA D 615 33.20 -2.92 -44.79
CA ALA D 615 33.47 -3.64 -43.56
C ALA D 615 32.25 -4.43 -43.10
N ILE D 616 31.06 -3.82 -43.21
CA ILE D 616 29.84 -4.52 -42.81
C ILE D 616 29.63 -5.75 -43.69
N MET D 617 29.82 -5.60 -45.00
CA MET D 617 29.63 -6.74 -45.89
C MET D 617 30.59 -7.87 -45.55
N ALA D 618 31.85 -7.54 -45.27
CA ALA D 618 32.79 -8.58 -44.84
C ALA D 618 32.35 -9.23 -43.56
N ALA D 619 31.81 -8.44 -42.62
CA ALA D 619 31.34 -9.00 -41.36
C ALA D 619 30.20 -9.98 -41.58
N ASP D 620 29.27 -9.65 -42.48
CA ASP D 620 28.15 -10.54 -42.74
C ASP D 620 28.62 -11.86 -43.35
N ARG D 621 29.57 -11.79 -44.29
CA ARG D 621 30.03 -13.02 -44.93
C ARG D 621 30.69 -13.95 -43.92
N GLY D 622 31.51 -13.41 -43.03
CA GLY D 622 32.10 -14.19 -41.96
C GLY D 622 33.61 -14.17 -41.92
N VAL D 623 34.23 -13.14 -42.46
CA VAL D 623 35.69 -12.99 -42.44
C VAL D 623 36.15 -11.91 -41.48
N LEU D 624 35.24 -11.12 -40.90
CA LEU D 624 35.58 -10.08 -39.96
C LEU D 624 34.66 -10.16 -38.75
N SER D 625 35.24 -10.04 -37.57
CA SER D 625 34.47 -9.99 -36.34
C SER D 625 34.15 -8.53 -36.01
N VAL D 626 32.93 -8.31 -35.51
CA VAL D 626 32.48 -6.95 -35.26
C VAL D 626 33.44 -6.17 -34.38
N ARG D 627 34.28 -6.86 -33.61
CA ARG D 627 35.24 -6.21 -32.72
C ARG D 627 36.63 -6.80 -33.00
N ALA D 628 37.32 -6.20 -33.96
CA ALA D 628 38.68 -6.60 -34.30
C ALA D 628 39.40 -5.40 -34.89
N LYS D 629 40.63 -5.15 -34.44
CA LYS D 629 41.36 -3.98 -34.89
C LYS D 629 41.49 -3.98 -36.41
N ILE D 630 41.10 -2.88 -37.04
CA ILE D 630 41.21 -2.69 -38.48
C ILE D 630 41.54 -1.23 -38.75
N LYS D 631 41.76 -0.91 -40.03
CA LYS D 631 42.01 0.46 -40.46
C LYS D 631 41.02 0.78 -41.58
N VAL D 632 39.83 1.23 -41.21
CA VAL D 632 38.82 1.67 -42.17
C VAL D 632 39.18 3.08 -42.61
N ARG D 633 38.53 3.55 -43.67
CA ARG D 633 38.69 4.92 -44.16
C ARG D 633 37.33 5.60 -44.04
N LEU D 634 37.06 6.14 -42.86
CA LEU D 634 35.78 6.78 -42.61
C LEU D 634 35.63 8.02 -43.48
N THR D 635 34.38 8.29 -43.88
CA THR D 635 34.10 9.42 -44.76
C THR D 635 33.15 10.45 -44.17
N GLN D 636 32.22 10.04 -43.30
CA GLN D 636 31.37 11.00 -42.58
C GLN D 636 31.41 10.65 -41.09
N LEU D 637 32.46 11.11 -40.42
CA LEU D 637 32.57 11.02 -38.96
C LEU D 637 33.67 11.99 -38.55
N ARG D 638 33.32 13.02 -37.78
CA ARG D 638 34.30 14.02 -37.40
C ARG D 638 35.44 13.35 -36.63
N PRO D 639 36.70 13.51 -37.06
CA PRO D 639 37.79 12.83 -36.38
C PRO D 639 38.08 13.47 -35.03
N PRO D 640 38.83 12.79 -34.16
CA PRO D 640 39.20 13.39 -32.88
C PRO D 640 40.13 14.57 -33.08
N VAL D 641 40.15 15.45 -32.07
CA VAL D 641 40.93 16.68 -32.16
C VAL D 641 42.40 16.37 -32.43
N GLU D 642 42.93 15.32 -31.78
CA GLU D 642 44.34 14.99 -31.97
C GLU D 642 44.65 14.74 -33.44
N ILE D 643 43.80 13.99 -34.13
CA ILE D 643 44.05 13.71 -35.54
C ILE D 643 43.57 14.85 -36.43
N GLU D 644 42.51 15.54 -36.02
CA GLU D 644 41.98 16.62 -36.86
C GLU D 644 43.00 17.75 -37.01
N ALA D 645 43.66 18.13 -35.92
CA ALA D 645 44.61 19.24 -35.98
C ALA D 645 45.87 18.87 -36.75
N GLU D 646 46.18 17.58 -36.87
CA GLU D 646 47.41 17.16 -37.55
C GLU D 646 47.16 16.83 -39.01
N LEU D 647 46.28 15.86 -39.28
CA LEU D 647 46.06 15.41 -40.65
C LEU D 647 45.48 16.53 -41.51
N PHE D 648 44.48 17.24 -40.98
CA PHE D 648 43.85 18.32 -41.71
C PHE D 648 44.48 19.68 -41.43
N GLY D 649 44.96 19.89 -40.22
CA GLY D 649 45.26 21.23 -39.76
C GLY D 649 44.02 21.94 -39.27
N HIS D 650 44.24 23.00 -38.48
CA HIS D 650 43.13 23.74 -37.89
C HIS D 650 42.47 24.60 -38.96
N SER D 651 41.84 23.91 -39.91
CA SER D 651 41.14 24.56 -41.01
C SER D 651 39.66 24.21 -41.08
N GLY D 652 39.22 23.15 -40.43
CA GLY D 652 37.81 22.81 -40.38
C GLY D 652 37.46 21.57 -41.18
N TRP D 653 37.24 20.46 -40.48
CA TRP D 653 36.79 19.23 -41.14
C TRP D 653 35.38 19.42 -41.65
N GLN D 654 35.07 18.78 -42.78
CA GLN D 654 33.76 18.84 -43.38
C GLN D 654 33.30 17.45 -43.76
N PRO D 655 31.99 17.21 -43.86
CA PRO D 655 31.51 15.91 -44.33
C PRO D 655 31.91 15.68 -45.78
N GLY D 656 32.79 14.71 -45.99
CA GLY D 656 33.24 14.38 -47.33
C GLY D 656 34.74 14.26 -47.45
N ASP D 657 35.45 14.36 -46.34
CA ASP D 657 36.90 14.20 -46.31
C ASP D 657 37.24 12.87 -45.66
N ALA D 658 38.07 12.09 -46.33
CA ALA D 658 38.42 10.74 -45.89
C ALA D 658 39.66 10.78 -45.02
N TRP D 659 39.61 10.11 -43.87
CA TRP D 659 40.75 9.97 -42.98
C TRP D 659 40.86 8.51 -42.54
N MET D 660 42.08 8.09 -42.25
CA MET D 660 42.36 6.69 -41.90
C MET D 660 42.17 6.52 -40.41
N ALA D 661 41.20 5.67 -40.02
CA ALA D 661 40.88 5.42 -38.62
C ALA D 661 41.35 4.02 -38.25
N GLU D 662 42.23 3.93 -37.26
CA GLU D 662 42.74 2.66 -36.77
C GLU D 662 41.89 2.24 -35.58
N THR D 663 40.75 1.62 -35.87
CA THR D 663 39.78 1.28 -34.85
C THR D 663 39.16 -0.08 -35.20
N THR D 664 38.09 -0.43 -34.49
CA THR D 664 37.36 -1.66 -34.70
C THR D 664 35.99 -1.35 -35.30
N LEU D 665 35.48 -2.27 -36.11
CA LEU D 665 34.18 -2.03 -36.74
C LEU D 665 33.11 -1.73 -35.73
N GLY D 666 33.21 -2.28 -34.52
CA GLY D 666 32.21 -2.00 -33.51
C GLY D 666 32.18 -0.53 -33.12
N ARG D 667 33.35 0.06 -32.88
CA ARG D 667 33.40 1.48 -32.52
C ARG D 667 32.89 2.35 -33.65
N VAL D 668 33.08 1.92 -34.89
CA VAL D 668 32.57 2.69 -36.03
C VAL D 668 31.04 2.66 -36.05
N MET D 669 30.45 1.49 -35.83
CA MET D 669 29.00 1.39 -35.81
C MET D 669 28.42 2.19 -34.65
N PHE D 670 29.07 2.16 -33.49
CA PHE D 670 28.58 2.90 -32.35
C PHE D 670 28.58 4.40 -32.62
N ASN D 671 29.66 4.92 -33.21
CA ASN D 671 29.77 6.35 -33.44
C ASN D 671 28.72 6.85 -34.42
N GLU D 672 28.19 5.99 -35.29
CA GLU D 672 27.12 6.41 -36.19
C GLU D 672 25.84 6.73 -35.43
N LEU D 673 25.71 6.25 -34.19
CA LEU D 673 24.54 6.61 -33.40
C LEU D 673 24.62 8.04 -32.90
N LEU D 674 25.81 8.47 -32.47
CA LEU D 674 25.98 9.83 -31.98
C LEU D 674 25.76 10.84 -33.10
N PRO D 675 25.28 12.04 -32.78
CA PRO D 675 24.94 12.99 -33.83
C PRO D 675 26.18 13.41 -34.63
N LEU D 676 25.95 13.74 -35.89
CA LEU D 676 27.05 14.18 -36.75
C LEU D 676 27.68 15.44 -36.16
N GLY D 677 29.00 15.52 -36.25
CA GLY D 677 29.74 16.62 -35.67
C GLY D 677 30.33 16.31 -34.30
N TYR D 678 29.88 15.25 -33.65
CA TYR D 678 30.49 14.82 -32.41
C TYR D 678 31.77 14.06 -32.72
N PRO D 679 32.92 14.47 -32.18
CA PRO D 679 34.18 13.83 -32.59
C PRO D 679 34.17 12.33 -32.33
N PHE D 680 34.84 11.60 -33.22
CA PHE D 680 34.91 10.14 -33.12
C PHE D 680 35.43 9.74 -31.75
N VAL D 681 34.71 8.83 -31.10
CA VAL D 681 35.07 8.33 -29.78
C VAL D 681 35.57 6.91 -29.95
N ASN D 682 36.82 6.66 -29.56
CA ASN D 682 37.52 5.43 -29.86
C ASN D 682 38.05 4.78 -28.59
N LYS D 683 37.20 4.68 -27.58
CA LYS D 683 37.57 4.03 -26.33
C LYS D 683 36.41 3.17 -25.85
N GLN D 684 36.75 2.12 -25.10
CA GLN D 684 35.73 1.15 -24.66
C GLN D 684 34.65 1.86 -23.86
N MET D 685 33.41 1.40 -24.04
CA MET D 685 32.24 2.10 -23.51
C MET D 685 31.81 1.50 -22.18
N HIS D 686 32.68 1.68 -21.18
CA HIS D 686 32.29 1.38 -19.82
C HIS D 686 31.09 2.24 -19.42
N LYS D 687 30.47 1.90 -18.30
CA LYS D 687 29.30 2.64 -17.85
C LYS D 687 29.63 4.12 -17.66
N LYS D 688 30.75 4.41 -16.98
CA LYS D 688 31.11 5.79 -16.71
C LYS D 688 31.37 6.56 -18.00
N VAL D 689 31.98 5.89 -18.99
CA VAL D 689 32.28 6.57 -20.24
C VAL D 689 30.99 7.08 -20.90
N GLN D 690 29.96 6.24 -20.92
CA GLN D 690 28.70 6.66 -21.53
C GLN D 690 28.09 7.85 -20.80
N ALA D 691 28.16 7.85 -19.47
CA ALA D 691 27.62 8.99 -18.72
C ALA D 691 28.35 10.28 -19.10
N ALA D 692 29.68 10.20 -19.24
CA ALA D 692 30.44 11.38 -19.67
C ALA D 692 30.03 11.81 -21.07
N ILE D 693 29.84 10.84 -21.97
CA ILE D 693 29.46 11.17 -23.34
C ILE D 693 28.13 11.88 -23.37
N ILE D 694 27.15 11.36 -22.62
CA ILE D 694 25.83 11.98 -22.61
C ILE D 694 25.90 13.38 -22.01
N ASN D 695 26.62 13.54 -20.90
CA ASN D 695 26.75 14.85 -20.28
C ASN D 695 27.41 15.83 -21.25
N ASP D 696 28.53 15.43 -21.85
CA ASP D 696 29.17 16.26 -22.84
C ASP D 696 28.27 16.48 -24.05
N LEU D 697 27.28 15.62 -24.25
CA LEU D 697 26.40 15.71 -25.40
C LEU D 697 25.15 16.55 -25.12
N ALA D 698 24.75 16.64 -23.86
CA ALA D 698 23.62 17.50 -23.47
C ALA D 698 24.07 18.87 -22.99
N GLU D 699 25.37 19.06 -22.75
CA GLU D 699 25.90 20.36 -22.38
C GLU D 699 26.14 21.28 -23.56
N ARG D 700 26.10 20.75 -24.79
CA ARG D 700 26.39 21.53 -25.97
C ARG D 700 25.29 21.51 -27.03
N TYR D 701 24.45 20.49 -27.06
CA TYR D 701 23.46 20.30 -28.10
C TYR D 701 22.05 20.51 -27.58
N PRO D 702 21.10 20.83 -28.46
CA PRO D 702 19.72 21.01 -28.01
C PRO D 702 19.14 19.70 -27.49
N MET D 703 18.18 19.84 -26.58
CA MET D 703 17.65 18.68 -25.88
C MET D 703 17.02 17.67 -26.82
N ILE D 704 16.53 18.13 -27.98
CA ILE D 704 15.92 17.20 -28.93
C ILE D 704 16.96 16.23 -29.47
N VAL D 705 18.19 16.70 -29.66
CA VAL D 705 19.26 15.83 -30.13
C VAL D 705 19.61 14.81 -29.06
N VAL D 706 19.60 15.23 -27.79
CA VAL D 706 19.93 14.31 -26.70
C VAL D 706 18.88 13.21 -26.61
N ALA D 707 17.61 13.57 -26.76
CA ALA D 707 16.55 12.55 -26.68
C ALA D 707 16.70 11.53 -27.80
N GLN D 708 17.01 11.98 -29.01
CA GLN D 708 17.11 11.06 -30.14
C GLN D 708 18.33 10.16 -30.02
N THR D 709 19.49 10.73 -29.71
CA THR D 709 20.70 9.91 -29.60
C THR D 709 20.56 8.89 -28.49
N VAL D 710 19.86 9.22 -27.42
CA VAL D 710 19.68 8.28 -26.33
C VAL D 710 18.81 7.10 -26.77
N ASP D 711 17.81 7.36 -27.62
CA ASP D 711 17.02 6.27 -28.16
C ASP D 711 17.86 5.35 -29.02
N LYS D 712 18.62 5.91 -29.95
CA LYS D 712 19.43 5.09 -30.84
C LYS D 712 20.47 4.30 -30.06
N LEU D 713 21.01 4.89 -28.99
CA LEU D 713 21.91 4.13 -28.12
C LEU D 713 21.19 2.98 -27.45
N LYS D 714 19.94 3.21 -27.02
CA LYS D 714 19.16 2.13 -26.42
C LYS D 714 18.89 1.02 -27.42
N ASP D 715 18.50 1.38 -28.65
CA ASP D 715 18.16 0.38 -29.64
C ASP D 715 19.37 -0.50 -29.96
N ALA D 716 20.54 0.12 -30.13
CA ALA D 716 21.74 -0.66 -30.40
C ALA D 716 22.12 -1.52 -29.22
N GLY D 717 21.92 -1.02 -28.00
CA GLY D 717 22.28 -1.79 -26.82
C GLY D 717 21.50 -3.08 -26.70
N PHE D 718 20.17 -3.02 -26.86
CA PHE D 718 19.36 -4.22 -26.76
C PHE D 718 19.69 -5.22 -27.85
N TYR D 719 19.87 -4.76 -29.08
CA TYR D 719 20.15 -5.66 -30.19
C TYR D 719 21.45 -6.41 -29.95
N TRP D 720 22.50 -5.70 -29.53
CA TRP D 720 23.80 -6.32 -29.36
C TRP D 720 23.99 -7.00 -28.02
N ALA D 721 23.07 -6.82 -27.08
CA ALA D 721 23.12 -7.60 -25.84
C ALA D 721 22.88 -9.08 -26.14
N THR D 722 21.93 -9.37 -27.03
CA THR D 722 21.57 -10.75 -27.33
C THR D 722 22.73 -11.49 -27.97
N ARG D 723 23.51 -10.80 -28.80
CA ARG D 723 24.61 -11.42 -29.55
C ARG D 723 25.93 -11.29 -28.79
N SER D 724 25.86 -11.22 -27.45
CA SER D 724 27.05 -11.03 -26.64
C SER D 724 27.43 -12.26 -25.82
N GLY D 725 26.69 -13.36 -25.94
CA GLY D 725 27.07 -14.58 -25.25
C GLY D 725 27.16 -14.43 -23.75
N VAL D 726 26.22 -13.72 -23.15
CA VAL D 726 26.18 -13.51 -21.70
C VAL D 726 25.12 -14.46 -21.14
N THR D 727 25.56 -15.44 -20.37
CA THR D 727 24.67 -16.44 -19.78
C THR D 727 25.24 -16.84 -18.43
N VAL D 728 24.69 -17.91 -17.86
CA VAL D 728 25.13 -18.42 -16.56
C VAL D 728 24.99 -19.94 -16.56
N SER D 729 25.96 -20.61 -15.95
CA SER D 729 25.95 -22.06 -15.84
C SER D 729 27.12 -22.46 -14.97
N MET D 730 27.09 -23.70 -14.50
CA MET D 730 28.14 -24.17 -13.58
C MET D 730 29.52 -24.06 -14.21
N ALA D 731 29.61 -24.13 -15.54
CA ALA D 731 30.91 -23.94 -16.19
C ALA D 731 31.42 -22.53 -16.00
N ASP D 732 30.53 -21.54 -16.07
CA ASP D 732 30.93 -20.14 -16.02
C ASP D 732 31.13 -19.62 -14.60
N VAL D 733 30.81 -20.41 -13.58
CA VAL D 733 31.06 -20.01 -12.21
C VAL D 733 32.17 -20.89 -11.65
N LEU D 734 33.41 -20.42 -11.75
CA LEU D 734 34.56 -21.19 -11.30
C LEU D 734 34.92 -20.82 -9.87
N VAL D 735 35.69 -21.71 -9.24
CA VAL D 735 36.14 -21.51 -7.86
C VAL D 735 37.65 -21.28 -7.89
N PRO D 736 38.23 -20.62 -6.89
CA PRO D 736 39.67 -20.38 -6.90
C PRO D 736 40.44 -21.69 -6.97
N PRO D 737 41.58 -21.71 -7.68
CA PRO D 737 42.30 -22.99 -7.84
C PRO D 737 42.74 -23.60 -6.52
N ARG D 738 43.13 -22.78 -5.55
CA ARG D 738 43.53 -23.26 -4.23
C ARG D 738 42.79 -22.45 -3.18
N LYS D 739 41.81 -23.06 -2.53
CA LYS D 739 41.12 -22.46 -1.40
C LYS D 739 41.32 -23.21 -0.10
N LYS D 740 41.62 -24.51 -0.16
CA LYS D 740 41.94 -25.24 1.06
C LYS D 740 43.21 -24.71 1.71
N GLU D 741 44.22 -24.37 0.90
CA GLU D 741 45.46 -23.85 1.46
C GLU D 741 45.21 -22.57 2.25
N ILE D 742 44.45 -21.64 1.68
CA ILE D 742 44.18 -20.40 2.38
C ILE D 742 43.35 -20.66 3.63
N LEU D 743 42.30 -21.48 3.50
CA LEU D 743 41.45 -21.78 4.65
C LEU D 743 42.24 -22.48 5.75
N ASP D 744 43.06 -23.48 5.39
CA ASP D 744 43.82 -24.20 6.40
C ASP D 744 44.80 -23.28 7.12
N HIS D 745 45.48 -22.41 6.37
CA HIS D 745 46.42 -21.49 6.99
C HIS D 745 45.73 -20.57 7.98
N TYR D 746 44.59 -19.98 7.58
CA TYR D 746 43.89 -19.08 8.48
C TYR D 746 43.12 -19.84 9.56
N GLU D 747 42.70 -21.07 9.28
CA GLU D 747 42.13 -21.90 10.33
C GLU D 747 43.16 -22.20 11.41
N GLU D 748 44.41 -22.45 10.99
CA GLU D 748 45.46 -22.69 11.97
C GLU D 748 45.68 -21.49 12.86
N ARG D 749 45.68 -20.29 12.28
CA ARG D 749 45.82 -19.08 13.10
C ARG D 749 44.68 -18.96 14.09
N ALA D 750 43.45 -19.22 13.66
CA ALA D 750 42.32 -19.16 14.58
C ALA D 750 42.48 -20.18 15.70
N ASP D 751 42.95 -21.39 15.37
CA ASP D 751 43.20 -22.40 16.39
C ASP D 751 44.22 -21.89 17.40
N LYS D 752 45.26 -21.20 16.91
CA LYS D 752 46.26 -20.66 17.83
C LYS D 752 45.63 -19.68 18.80
N VAL D 753 44.75 -18.82 18.30
CA VAL D 753 44.05 -17.87 19.18
C VAL D 753 43.13 -18.62 20.14
N GLU D 754 42.45 -19.65 19.65
CA GLU D 754 41.53 -20.40 20.51
C GLU D 754 42.29 -21.06 21.66
N LYS D 755 43.43 -21.69 21.37
CA LYS D 755 44.23 -22.28 22.44
C LYS D 755 44.70 -21.22 23.41
N GLN D 756 45.14 -20.07 22.90
CA GLN D 756 45.59 -19.00 23.78
C GLN D 756 44.49 -18.54 24.72
N PHE D 757 43.27 -18.38 24.20
CA PHE D 757 42.16 -17.99 25.06
C PHE D 757 41.84 -19.08 26.08
N GLN D 758 41.84 -20.34 25.65
CA GLN D 758 41.56 -21.44 26.57
C GLN D 758 42.53 -21.43 27.74
N ARG D 759 43.79 -21.08 27.49
CA ARG D 759 44.77 -20.96 28.56
C ARG D 759 44.45 -19.82 29.52
N GLY D 760 43.55 -18.92 29.15
CA GLY D 760 43.16 -17.81 30.01
C GLY D 760 43.86 -16.50 29.71
N ALA D 761 44.74 -16.45 28.71
CA ALA D 761 45.43 -15.21 28.41
C ALA D 761 44.45 -14.13 27.99
N LEU D 762 43.44 -14.49 27.18
CA LEU D 762 42.46 -13.55 26.66
C LEU D 762 41.12 -13.76 27.34
N ASN D 763 40.31 -12.70 27.32
CA ASN D 763 38.93 -12.79 27.77
C ASN D 763 38.03 -12.95 26.54
N HIS D 764 36.72 -12.97 26.78
CA HIS D 764 35.77 -13.24 25.70
C HIS D 764 35.87 -12.17 24.61
N ASP D 765 35.94 -10.90 25.01
CA ASP D 765 35.95 -9.82 24.03
C ASP D 765 37.20 -9.88 23.16
N GLU D 766 38.37 -10.10 23.77
CA GLU D 766 39.59 -10.14 22.99
C GLU D 766 39.58 -11.30 22.00
N ARG D 767 39.07 -12.45 22.42
CA ARG D 767 38.98 -13.59 21.51
C ARG D 767 38.10 -13.25 20.31
N ASN D 768 36.95 -12.60 20.55
CA ASN D 768 36.09 -12.22 19.45
C ASN D 768 36.77 -11.25 18.52
N GLU D 769 37.48 -10.25 19.07
CA GLU D 769 38.17 -9.29 18.22
C GLU D 769 39.26 -9.97 17.41
N ALA D 770 40.00 -10.89 18.01
CA ALA D 770 41.06 -11.58 17.27
C ALA D 770 40.47 -12.43 16.16
N LEU D 771 39.38 -13.15 16.43
CA LEU D 771 38.78 -13.99 15.40
C LEU D 771 38.21 -13.15 14.26
N VAL D 772 37.50 -12.07 14.60
CA VAL D 772 36.91 -11.23 13.56
C VAL D 772 37.99 -10.66 12.66
N GLU D 773 39.12 -10.27 13.23
CA GLU D 773 40.18 -9.65 12.43
C GLU D 773 40.78 -10.64 11.45
N ILE D 774 41.11 -11.85 11.91
CA ILE D 774 41.77 -12.81 11.04
C ILE D 774 40.84 -13.26 9.93
N TRP D 775 39.55 -13.43 10.23
CA TRP D 775 38.60 -13.84 9.20
C TRP D 775 38.35 -12.72 8.20
N LYS D 776 38.38 -11.47 8.65
CA LYS D 776 38.31 -10.35 7.71
C LYS D 776 39.44 -10.42 6.70
N GLU D 777 40.66 -10.68 7.19
CA GLU D 777 41.79 -10.87 6.29
C GLU D 777 41.60 -12.10 5.41
N ALA D 778 41.08 -13.19 5.99
CA ALA D 778 40.89 -14.40 5.22
C ALA D 778 39.92 -14.18 4.07
N THR D 779 38.82 -13.46 4.33
CA THR D 779 37.88 -13.14 3.25
C THR D 779 38.54 -12.30 2.18
N ASP D 780 39.35 -11.32 2.58
CA ASP D 780 40.02 -10.47 1.61
C ASP D 780 40.95 -11.28 0.72
N GLU D 781 41.72 -12.19 1.31
CA GLU D 781 42.67 -12.98 0.52
C GLU D 781 41.94 -13.86 -0.49
N VAL D 782 40.86 -14.51 -0.06
CA VAL D 782 40.11 -15.37 -0.98
C VAL D 782 39.51 -14.54 -2.11
N GLY D 783 39.01 -13.35 -1.79
CA GLY D 783 38.52 -12.47 -2.83
C GLY D 783 39.62 -12.07 -3.80
N GLN D 784 40.81 -11.80 -3.27
CA GLN D 784 41.95 -11.45 -4.13
C GLN D 784 42.30 -12.61 -5.05
N ALA D 785 42.32 -13.83 -4.52
CA ALA D 785 42.65 -14.99 -5.33
C ALA D 785 41.58 -15.25 -6.38
N LEU D 786 40.31 -15.07 -6.00
CA LEU D 786 39.22 -15.31 -6.95
C LEU D 786 39.31 -14.34 -8.13
N ARG D 787 39.57 -13.07 -7.86
CA ARG D 787 39.71 -12.10 -8.94
C ARG D 787 40.88 -12.46 -9.84
N GLU D 788 42.00 -12.88 -9.25
CA GLU D 788 43.18 -13.20 -10.05
C GLU D 788 42.92 -14.37 -10.99
N HIS D 789 41.92 -15.19 -10.70
CA HIS D 789 41.73 -16.43 -11.47
C HIS D 789 40.77 -16.25 -12.63
N TYR D 790 39.65 -15.56 -12.42
CA TYR D 790 38.64 -15.48 -13.45
C TYR D 790 39.21 -14.81 -14.71
N PRO D 791 38.91 -15.30 -15.90
CA PRO D 791 39.31 -14.60 -17.12
C PRO D 791 38.40 -13.41 -17.39
N ASP D 792 38.86 -12.54 -18.28
CA ASP D 792 38.17 -11.28 -18.54
C ASP D 792 36.89 -11.45 -19.35
N ASP D 793 36.74 -12.55 -20.08
CA ASP D 793 35.55 -12.77 -20.90
C ASP D 793 34.45 -13.51 -20.17
N ASN D 794 34.68 -13.93 -18.93
CA ASN D 794 33.66 -14.66 -18.19
C ASN D 794 32.43 -13.78 -18.01
N PRO D 795 31.22 -14.30 -18.26
CA PRO D 795 30.03 -13.45 -18.10
C PRO D 795 29.85 -12.89 -16.70
N ILE D 796 30.28 -13.63 -15.68
CA ILE D 796 30.11 -13.14 -14.31
C ILE D 796 30.93 -11.87 -14.11
N ILE D 797 32.14 -11.82 -14.66
CA ILE D 797 32.99 -10.65 -14.51
C ILE D 797 32.58 -9.55 -15.48
N THR D 798 32.10 -9.92 -16.67
CA THR D 798 31.76 -8.90 -17.67
C THR D 798 30.52 -8.11 -17.28
N ILE D 799 29.66 -8.67 -16.43
CA ILE D 799 28.46 -7.94 -16.02
C ILE D 799 28.74 -6.96 -14.90
N VAL D 800 29.80 -7.16 -14.12
CA VAL D 800 30.16 -6.25 -13.05
C VAL D 800 31.25 -5.27 -13.48
N ASP D 801 32.26 -5.74 -14.21
CA ASP D 801 33.31 -4.85 -14.67
C ASP D 801 32.79 -3.83 -15.68
N SER D 802 31.74 -4.18 -16.41
CA SER D 802 31.16 -3.29 -17.40
C SER D 802 30.24 -2.25 -16.79
N GLY D 803 30.09 -2.24 -15.46
CA GLY D 803 29.21 -1.28 -14.83
C GLY D 803 27.74 -1.53 -15.07
N ALA D 804 27.38 -2.65 -15.70
CA ALA D 804 25.98 -2.92 -15.97
C ALA D 804 25.19 -3.04 -14.67
N THR D 805 25.71 -3.77 -13.70
CA THR D 805 25.04 -3.95 -12.43
C THR D 805 25.93 -4.78 -11.51
N GLY D 806 25.64 -4.70 -10.21
CA GLY D 806 26.33 -5.51 -9.24
C GLY D 806 27.66 -4.93 -8.80
N ASN D 807 28.36 -5.74 -8.00
CA ASN D 807 29.68 -5.40 -7.50
C ASN D 807 30.42 -6.69 -7.20
N PHE D 808 31.73 -6.58 -6.94
CA PHE D 808 32.54 -7.77 -6.77
C PHE D 808 32.31 -8.45 -5.42
N THR D 809 31.72 -7.77 -4.45
CA THR D 809 31.42 -8.42 -3.18
C THR D 809 30.45 -9.59 -3.39
N GLN D 810 29.42 -9.39 -4.22
CA GLN D 810 28.50 -10.48 -4.51
C GLN D 810 29.20 -11.59 -5.28
N THR D 811 30.06 -11.24 -6.23
CA THR D 811 30.72 -12.25 -7.05
C THR D 811 31.65 -13.14 -6.23
N ARG D 812 32.06 -12.71 -5.03
CA ARG D 812 32.81 -13.59 -4.15
C ARG D 812 31.91 -14.29 -3.14
N THR D 813 30.80 -13.67 -2.76
CA THR D 813 29.79 -14.37 -1.98
C THR D 813 29.26 -15.58 -2.75
N LEU D 814 29.41 -15.56 -4.06
CA LEU D 814 29.06 -16.68 -4.93
C LEU D 814 30.35 -17.19 -5.55
N ALA D 815 30.64 -18.48 -5.34
CA ALA D 815 31.84 -19.17 -5.81
C ALA D 815 33.06 -18.88 -4.95
N GLY D 816 32.98 -18.00 -3.96
CA GLY D 816 34.14 -17.69 -3.14
C GLY D 816 33.96 -18.07 -1.69
N MET D 817 33.83 -17.06 -0.82
CA MET D 817 33.58 -17.27 0.60
C MET D 817 32.55 -16.24 1.05
N LYS D 818 31.50 -16.71 1.70
CA LYS D 818 30.47 -15.79 2.20
C LYS D 818 31.06 -14.79 3.17
N GLY D 819 32.01 -15.22 4.01
CA GLY D 819 32.67 -14.34 4.93
C GLY D 819 31.96 -14.28 6.27
N LEU D 820 32.29 -13.25 7.04
CA LEU D 820 31.67 -13.04 8.33
C LEU D 820 30.24 -12.59 8.15
N VAL D 821 29.39 -12.97 9.11
CA VAL D 821 27.96 -12.72 9.04
C VAL D 821 27.49 -12.13 10.36
N THR D 822 26.41 -11.35 10.30
CA THR D 822 25.94 -10.59 11.43
C THR D 822 24.97 -11.40 12.28
N ASN D 823 25.06 -11.21 13.60
CA ASN D 823 24.13 -11.81 14.55
C ASN D 823 22.90 -10.91 14.65
N PRO D 824 21.92 -11.28 15.46
CA PRO D 824 20.66 -10.52 15.45
C PRO D 824 20.82 -9.04 15.74
N LYS D 825 21.77 -8.65 16.59
CA LYS D 825 21.89 -7.27 17.00
C LYS D 825 22.83 -6.45 16.12
N GLY D 826 23.89 -7.07 15.59
CA GLY D 826 24.85 -6.34 14.78
C GLY D 826 26.27 -6.81 14.98
N GLU D 827 26.52 -7.48 16.10
CA GLU D 827 27.86 -7.99 16.40
C GLU D 827 28.22 -9.12 15.45
N PHE D 828 29.41 -9.03 14.84
CA PHE D 828 29.86 -10.09 13.96
C PHE D 828 30.00 -11.40 14.74
N ILE D 829 29.56 -12.49 14.12
CA ILE D 829 29.69 -13.81 14.74
C ILE D 829 31.11 -14.30 14.53
N PRO D 830 31.82 -14.72 15.59
CA PRO D 830 33.21 -15.17 15.39
C PRO D 830 33.36 -16.28 14.36
N ARG D 831 32.43 -17.22 14.32
CA ARG D 831 32.52 -18.29 13.35
C ARG D 831 32.17 -17.76 11.95
N PRO D 832 33.01 -17.99 10.95
CA PRO D 832 32.70 -17.50 9.59
C PRO D 832 31.81 -18.50 8.86
N VAL D 833 31.43 -18.12 7.64
CA VAL D 833 30.71 -19.01 6.75
C VAL D 833 31.65 -19.41 5.62
N LYS D 834 32.36 -20.51 5.81
CA LYS D 834 33.40 -20.93 4.87
C LYS D 834 32.84 -21.81 3.76
N SER D 835 31.79 -21.32 3.10
CA SER D 835 31.17 -22.04 2.00
C SER D 835 30.48 -21.03 1.09
N SER D 836 30.73 -21.14 -0.21
CA SER D 836 30.09 -20.26 -1.16
C SER D 836 28.73 -20.81 -1.56
N PHE D 837 27.90 -19.92 -2.13
CA PHE D 837 26.57 -20.33 -2.55
C PHE D 837 26.58 -21.26 -3.76
N ARG D 838 27.73 -21.47 -4.38
CA ARG D 838 27.80 -22.45 -5.46
C ARG D 838 27.90 -23.87 -4.89
N GLU D 839 28.85 -24.12 -3.99
CA GLU D 839 29.03 -25.44 -3.43
C GLU D 839 27.97 -25.78 -2.38
N GLY D 840 27.17 -24.81 -1.95
CA GLY D 840 26.06 -25.10 -1.06
C GLY D 840 26.39 -24.91 0.40
N LEU D 841 25.65 -24.03 1.07
CA LEU D 841 25.84 -23.82 2.50
C LEU D 841 25.34 -25.02 3.28
N THR D 842 26.00 -25.30 4.40
CA THR D 842 25.54 -26.33 5.31
C THR D 842 24.37 -25.80 6.15
N VAL D 843 23.69 -26.72 6.83
CA VAL D 843 22.46 -26.35 7.52
C VAL D 843 22.72 -25.27 8.56
N LEU D 844 23.75 -25.46 9.39
CA LEU D 844 24.01 -24.49 10.45
C LEU D 844 24.42 -23.14 9.86
N GLU D 845 25.31 -23.14 8.87
CA GLU D 845 25.76 -21.88 8.29
C GLU D 845 24.62 -21.17 7.59
N TYR D 846 23.62 -21.92 7.12
CA TYR D 846 22.46 -21.29 6.51
C TYR D 846 21.56 -20.66 7.56
N PHE D 847 21.39 -21.32 8.71
CA PHE D 847 20.60 -20.74 9.78
C PHE D 847 21.23 -19.46 10.30
N ILE D 848 22.54 -19.48 10.53
CA ILE D 848 23.24 -18.28 10.99
C ILE D 848 23.11 -17.16 9.98
N ASN D 849 23.14 -17.51 8.69
CA ASN D 849 23.02 -16.50 7.65
C ASN D 849 21.69 -15.76 7.73
N THR D 850 20.64 -16.44 8.22
CA THR D 850 19.31 -15.85 8.17
C THR D 850 19.18 -14.63 9.06
N HIS D 851 20.06 -14.48 10.06
CA HIS D 851 19.95 -13.37 10.99
C HIS D 851 20.07 -12.03 10.26
N GLY D 852 21.08 -11.90 9.41
CA GLY D 852 21.28 -10.65 8.71
C GLY D 852 20.16 -10.32 7.74
N ALA D 853 19.73 -11.32 6.96
CA ALA D 853 18.73 -11.06 5.93
C ALA D 853 17.42 -10.58 6.52
N ARG D 854 16.96 -11.24 7.60
CA ARG D 854 15.72 -10.81 8.24
C ARG D 854 15.86 -9.39 8.78
N LYS D 855 16.99 -9.08 9.41
CA LYS D 855 17.20 -7.73 9.93
C LYS D 855 17.20 -6.71 8.80
N GLY D 856 17.79 -7.05 7.66
CA GLY D 856 17.78 -6.13 6.53
C GLY D 856 16.39 -5.86 5.99
N LEU D 857 15.59 -6.91 5.82
CA LEU D 857 14.23 -6.73 5.32
C LEU D 857 13.39 -5.94 6.31
N ALA D 858 13.48 -6.27 7.60
CA ALA D 858 12.70 -5.55 8.60
C ALA D 858 13.12 -4.09 8.68
N ASP D 859 14.41 -3.83 8.53
CA ASP D 859 14.93 -2.47 8.64
C ASP D 859 14.58 -1.62 7.43
N THR D 860 14.34 -2.23 6.27
CA THR D 860 14.07 -1.45 5.07
C THR D 860 12.82 -0.60 5.22
N ALA D 861 11.75 -1.18 5.79
CA ALA D 861 10.53 -0.42 5.97
C ALA D 861 10.76 0.80 6.87
N LEU D 862 11.54 0.62 7.94
CA LEU D 862 11.84 1.73 8.83
C LEU D 862 12.55 2.86 8.10
N ARG D 863 13.56 2.53 7.29
CA ARG D 863 14.31 3.58 6.60
C ARG D 863 13.40 4.36 5.65
N THR D 864 12.47 3.68 4.98
CA THR D 864 11.55 4.38 4.09
C THR D 864 10.67 5.34 4.88
N ALA D 865 10.19 4.92 6.05
CA ALA D 865 9.35 5.80 6.86
C ALA D 865 10.12 7.02 7.34
N ASP D 866 11.37 6.83 7.77
CA ASP D 866 12.20 7.97 8.17
C ASP D 866 12.44 8.90 7.00
N SER D 867 12.74 8.34 5.82
CA SER D 867 12.98 9.18 4.66
C SER D 867 11.75 10.00 4.31
N GLY D 868 10.57 9.38 4.36
CA GLY D 868 9.35 10.13 4.08
C GLY D 868 9.12 11.24 5.08
N TYR D 869 9.40 10.97 6.36
CA TYR D 869 9.25 12.00 7.38
C TYR D 869 10.23 13.15 7.16
N LEU D 870 11.49 12.83 6.85
CA LEU D 870 12.47 13.87 6.63
C LEU D 870 12.09 14.74 5.43
N THR D 871 11.64 14.12 4.35
CA THR D 871 11.23 14.90 3.18
C THR D 871 10.08 15.82 3.52
N ARG D 872 9.13 15.33 4.31
CA ARG D 872 7.96 16.13 4.64
C ARG D 872 8.34 17.40 5.40
N ARG D 873 9.28 17.28 6.34
CA ARG D 873 9.70 18.44 7.11
C ARG D 873 10.49 19.42 6.24
N LEU D 874 11.38 18.90 5.41
CA LEU D 874 12.17 19.79 4.54
C LEU D 874 11.28 20.55 3.57
N VAL D 875 10.27 19.88 3.02
CA VAL D 875 9.33 20.56 2.14
C VAL D 875 8.54 21.61 2.91
N ASP D 876 8.25 21.33 4.18
CA ASP D 876 7.42 22.24 4.97
C ASP D 876 8.21 23.47 5.40
N VAL D 877 9.53 23.35 5.56
CA VAL D 877 10.33 24.48 6.01
C VAL D 877 10.82 25.36 4.86
N SER D 878 10.90 24.82 3.65
CA SER D 878 11.50 25.53 2.52
C SER D 878 10.49 25.83 1.42
N GLN D 879 9.19 25.73 1.69
CA GLN D 879 8.22 25.99 0.65
C GLN D 879 8.21 27.44 0.20
N ASP D 880 8.72 28.35 1.03
CA ASP D 880 8.70 29.77 0.71
C ASP D 880 9.76 30.17 -0.30
N VAL D 881 10.88 29.46 -0.37
CA VAL D 881 11.99 29.86 -1.23
C VAL D 881 11.54 29.69 -2.67
N ILE D 882 11.32 30.81 -3.36
CA ILE D 882 10.90 30.82 -4.75
C ILE D 882 11.65 31.92 -5.48
N VAL D 883 12.09 31.65 -6.70
CA VAL D 883 12.87 32.62 -7.46
C VAL D 883 11.94 33.77 -7.88
N ARG D 884 12.23 34.97 -7.38
CA ARG D 884 11.40 36.15 -7.65
C ARG D 884 12.07 37.10 -8.63
N GLU D 885 13.27 37.55 -8.35
CA GLU D 885 13.95 38.53 -9.18
C GLU D 885 14.86 37.83 -10.19
N HIS D 886 15.60 38.64 -10.94
CA HIS D 886 16.63 38.12 -11.84
C HIS D 886 18.03 38.45 -11.39
N ASP D 887 18.22 39.53 -10.64
CA ASP D 887 19.53 39.87 -10.08
C ASP D 887 19.32 40.86 -8.96
N CYS D 888 19.79 40.52 -7.77
CA CYS D 888 19.70 41.41 -6.63
C CYS D 888 20.89 42.35 -6.51
N GLN D 889 21.93 42.17 -7.33
CA GLN D 889 23.10 43.03 -7.39
C GLN D 889 23.96 42.94 -6.14
N THR D 890 23.71 41.99 -5.26
CA THR D 890 24.48 41.89 -4.03
C THR D 890 25.95 41.65 -4.33
N GLU D 891 26.82 42.27 -3.55
CA GLU D 891 28.26 42.20 -3.76
C GLU D 891 28.94 41.12 -2.93
N ARG D 892 28.20 40.44 -2.05
CA ARG D 892 28.79 39.51 -1.09
C ARG D 892 28.45 38.09 -1.48
N GLY D 893 29.47 37.25 -1.65
CA GLY D 893 29.28 35.85 -1.95
C GLY D 893 30.33 35.02 -1.25
N ILE D 894 30.01 33.73 -1.09
CA ILE D 894 30.92 32.83 -0.41
C ILE D 894 32.16 32.59 -1.27
N VAL D 895 33.22 32.09 -0.62
CA VAL D 895 34.47 31.74 -1.28
C VAL D 895 34.68 30.24 -1.13
N VAL D 896 34.85 29.56 -2.25
CA VAL D 896 34.90 28.10 -2.30
C VAL D 896 36.20 27.68 -2.95
N GLU D 897 36.93 26.79 -2.29
CA GLU D 897 38.23 26.34 -2.80
C GLU D 897 38.04 25.50 -4.05
N LEU D 898 38.55 25.99 -5.18
CA LEU D 898 38.39 25.29 -6.45
C LEU D 898 39.33 24.09 -6.54
N ALA D 899 40.59 24.25 -6.12
CA ALA D 899 41.57 23.16 -6.21
C ALA D 899 42.72 23.47 -5.28
N GLU D 900 43.05 22.52 -4.41
CA GLU D 900 44.12 22.74 -3.43
C GLU D 900 45.48 22.66 -4.10
N ARG D 901 46.39 23.54 -3.69
CA ARG D 901 47.74 23.62 -4.24
C ARG D 901 48.73 22.94 -3.31
N ALA D 902 49.69 22.24 -3.89
CA ALA D 902 50.72 21.55 -3.15
C ALA D 902 52.10 21.91 -3.70
N PRO D 903 53.14 21.82 -2.89
CA PRO D 903 54.49 22.14 -3.41
C PRO D 903 54.87 21.27 -4.60
N ASP D 904 54.49 20.00 -4.57
CA ASP D 904 54.63 19.11 -5.71
C ASP D 904 53.26 18.79 -6.27
N GLY D 905 53.12 18.85 -7.59
CA GLY D 905 51.80 18.78 -8.19
C GLY D 905 51.04 20.05 -7.91
N THR D 906 51.48 21.15 -8.54
CA THR D 906 51.02 22.48 -8.14
C THR D 906 49.50 22.56 -8.06
N LEU D 907 48.79 21.93 -9.00
CA LEU D 907 47.33 21.94 -9.01
C LEU D 907 46.83 20.50 -8.92
N ILE D 908 46.12 20.18 -7.85
CA ILE D 908 45.45 18.90 -7.68
C ILE D 908 43.96 19.21 -7.59
N ARG D 909 43.19 18.78 -8.59
CA ARG D 909 41.76 19.07 -8.61
C ARG D 909 41.10 18.54 -7.34
N ASP D 910 40.26 19.37 -6.73
CA ASP D 910 39.58 18.96 -5.51
C ASP D 910 38.69 17.76 -5.80
N PRO D 911 38.65 16.75 -4.93
CA PRO D 911 37.86 15.55 -5.23
C PRO D 911 36.37 15.83 -5.37
N TYR D 912 35.88 16.92 -4.77
CA TYR D 912 34.46 17.23 -4.74
C TYR D 912 34.19 18.58 -5.40
N ILE D 913 34.82 18.79 -6.56
CA ILE D 913 34.64 20.05 -7.28
C ILE D 913 33.40 20.03 -8.16
N GLU D 914 32.88 18.84 -8.49
CA GLU D 914 31.73 18.75 -9.39
C GLU D 914 30.41 19.04 -8.69
N THR D 915 30.42 19.19 -7.37
CA THR D 915 29.21 19.53 -6.62
C THR D 915 29.47 20.68 -5.64
N SER D 916 30.54 21.43 -5.83
CA SER D 916 30.86 22.56 -4.97
C SER D 916 30.91 23.88 -5.73
N ALA D 917 31.58 23.91 -6.87
CA ALA D 917 31.75 25.13 -7.65
C ALA D 917 31.63 24.82 -9.14
N TYR D 918 30.59 24.07 -9.51
CA TYR D 918 30.42 23.60 -10.88
C TYR D 918 29.19 24.15 -11.58
N ALA D 919 28.21 24.66 -10.85
CA ALA D 919 27.00 25.22 -11.44
C ALA D 919 26.62 26.51 -10.75
N ARG D 920 27.60 27.31 -10.37
CA ARG D 920 27.38 28.55 -9.64
C ARG D 920 27.78 29.75 -10.48
N THR D 921 27.01 30.83 -10.37
CA THR D 921 27.36 32.07 -11.04
C THR D 921 28.52 32.73 -10.30
N LEU D 922 29.55 33.11 -11.04
CA LEU D 922 30.72 33.70 -10.42
C LEU D 922 30.38 35.02 -9.74
N GLY D 923 31.03 35.28 -8.61
CA GLY D 923 30.74 36.47 -7.83
C GLY D 923 31.64 37.64 -8.15
N THR D 924 32.96 37.39 -8.19
CA THR D 924 33.94 38.42 -8.51
C THR D 924 34.90 37.88 -9.55
N ASP D 925 35.45 38.79 -10.35
CA ASP D 925 36.34 38.38 -11.43
C ASP D 925 37.54 37.62 -10.86
N ALA D 926 37.97 36.60 -11.60
CA ALA D 926 39.10 35.76 -11.19
C ALA D 926 40.38 36.43 -11.65
N VAL D 927 41.06 37.11 -10.73
CA VAL D 927 42.28 37.83 -11.05
C VAL D 927 43.46 36.87 -10.90
N ASP D 928 44.23 36.70 -11.97
CA ASP D 928 45.42 35.89 -11.91
C ASP D 928 46.52 36.63 -11.13
N GLU D 929 47.61 35.91 -10.84
CA GLU D 929 48.74 36.57 -10.20
C GLU D 929 49.24 37.73 -11.02
N ALA D 930 49.02 37.70 -12.34
CA ALA D 930 49.32 38.82 -13.20
C ALA D 930 48.18 39.83 -13.12
N GLY D 931 48.18 40.81 -14.03
CA GLY D 931 47.18 41.85 -14.04
C GLY D 931 45.94 41.57 -14.88
N ASN D 932 45.80 40.36 -15.41
CA ASN D 932 44.67 39.99 -16.26
C ASN D 932 43.73 39.04 -15.52
N VAL D 933 42.59 38.77 -16.14
CA VAL D 933 41.55 37.94 -15.56
C VAL D 933 41.20 36.83 -16.53
N ILE D 934 40.73 35.71 -15.98
CA ILE D 934 40.38 34.53 -16.78
C ILE D 934 38.88 34.50 -17.08
N VAL D 935 38.05 34.68 -16.05
CA VAL D 935 36.61 34.73 -16.21
C VAL D 935 36.10 35.98 -15.50
N GLU D 936 34.99 36.52 -16.00
CA GLU D 936 34.45 37.79 -15.55
C GLU D 936 33.24 37.58 -14.65
N ARG D 937 32.90 38.65 -13.94
CA ARG D 937 31.74 38.60 -13.04
C ARG D 937 30.47 38.32 -13.83
N GLY D 938 29.61 37.48 -13.27
CA GLY D 938 28.36 37.10 -13.90
C GLY D 938 28.45 35.88 -14.79
N GLN D 939 29.65 35.36 -15.03
CA GLN D 939 29.79 34.16 -15.84
C GLN D 939 29.27 32.94 -15.09
N ASP D 940 28.89 31.91 -15.83
CA ASP D 940 28.33 30.68 -15.27
C ASP D 940 29.40 29.59 -15.33
N LEU D 941 29.99 29.28 -14.19
CA LEU D 941 31.08 28.31 -14.14
C LEU D 941 30.62 26.96 -14.66
N GLY D 942 31.22 26.50 -15.75
CA GLY D 942 30.97 25.19 -16.28
C GLY D 942 32.25 24.42 -16.51
N ASP D 943 32.20 23.37 -17.32
CA ASP D 943 33.43 22.61 -17.61
C ASP D 943 34.48 23.46 -18.30
N PRO D 944 34.15 24.30 -19.28
CA PRO D 944 35.21 25.10 -19.93
C PRO D 944 35.83 26.13 -18.99
N GLU D 945 34.99 26.93 -18.33
CA GLU D 945 35.51 27.99 -17.47
C GLU D 945 36.32 27.40 -16.32
N ILE D 946 35.81 26.34 -15.70
CA ILE D 946 36.53 25.73 -14.58
C ILE D 946 37.85 25.15 -15.06
N ASP D 947 37.87 24.60 -16.28
CA ASP D 947 39.12 24.11 -16.84
C ASP D 947 40.10 25.25 -17.07
N ALA D 948 39.61 26.37 -17.60
CA ALA D 948 40.50 27.51 -17.85
C ALA D 948 41.07 28.05 -16.55
N LEU D 949 40.25 28.14 -15.50
CA LEU D 949 40.75 28.62 -14.22
C LEU D 949 41.82 27.68 -13.68
N LEU D 950 41.62 26.38 -13.79
CA LEU D 950 42.64 25.43 -13.34
C LEU D 950 43.93 25.61 -14.12
N ALA D 951 43.84 25.80 -15.43
CA ALA D 951 45.05 26.01 -16.23
C ALA D 951 45.79 27.26 -15.77
N ALA D 952 45.06 28.34 -15.50
CA ALA D 952 45.69 29.57 -15.03
C ALA D 952 46.28 29.42 -13.63
N GLY D 953 45.88 28.40 -12.89
CA GLY D 953 46.41 28.15 -11.56
C GLY D 953 45.60 28.71 -10.41
N ILE D 954 44.41 29.26 -10.68
CA ILE D 954 43.59 29.81 -9.61
C ILE D 954 43.10 28.69 -8.71
N THR D 955 43.16 28.93 -7.40
CA THR D 955 42.67 27.99 -6.41
C THR D 955 41.46 28.53 -5.64
N GLN D 956 41.59 29.72 -5.07
CA GLN D 956 40.50 30.36 -4.35
C GLN D 956 39.72 31.24 -5.30
N VAL D 957 38.41 30.99 -5.44
CA VAL D 957 37.54 31.78 -6.28
C VAL D 957 36.30 32.14 -5.48
N LYS D 958 35.92 33.42 -5.52
CA LYS D 958 34.73 33.91 -4.83
C LYS D 958 33.54 33.77 -5.78
N VAL D 959 32.55 32.98 -5.38
CA VAL D 959 31.43 32.60 -6.23
C VAL D 959 30.13 32.95 -5.52
N ARG D 960 29.21 33.57 -6.25
CA ARG D 960 27.93 33.96 -5.67
C ARG D 960 27.10 32.73 -5.32
N SER D 961 26.37 32.83 -4.21
CA SER D 961 25.62 31.70 -3.68
C SER D 961 24.33 32.19 -3.04
N VAL D 962 23.39 31.26 -2.86
CA VAL D 962 22.11 31.59 -2.28
C VAL D 962 22.21 31.87 -0.79
N LEU D 963 23.31 31.47 -0.15
CA LEU D 963 23.47 31.72 1.28
C LEU D 963 23.55 33.19 1.61
N THR D 964 23.94 34.04 0.66
CA THR D 964 24.13 35.47 0.90
C THR D 964 23.22 36.32 0.02
N CYS D 965 22.13 35.76 -0.49
CA CYS D 965 21.24 36.54 -1.35
C CYS D 965 20.53 37.62 -0.54
N ALA D 966 20.42 38.80 -1.12
CA ALA D 966 19.87 39.97 -0.45
C ALA D 966 18.39 40.18 -0.71
N THR D 967 17.75 39.33 -1.52
CA THR D 967 16.35 39.51 -1.83
C THR D 967 15.50 39.33 -0.57
N SER D 968 14.50 40.20 -0.42
CA SER D 968 13.67 40.17 0.78
C SER D 968 12.87 38.89 0.88
N THR D 969 12.29 38.42 -0.22
CA THR D 969 11.43 37.24 -0.23
C THR D 969 11.87 36.31 -1.35
N GLY D 970 12.06 35.04 -1.01
CA GLY D 970 12.57 34.11 -1.99
C GLY D 970 14.04 34.36 -2.28
N VAL D 971 14.44 34.03 -3.50
CA VAL D 971 15.81 34.23 -3.97
C VAL D 971 15.75 34.83 -5.36
N CYS D 972 16.91 35.24 -5.85
CA CYS D 972 17.05 35.77 -7.20
C CYS D 972 17.67 34.72 -8.11
N ALA D 973 17.39 34.86 -9.41
CA ALA D 973 17.83 33.86 -10.36
C ALA D 973 19.36 33.76 -10.40
N THR D 974 20.05 34.91 -10.38
CA THR D 974 21.49 34.90 -10.54
C THR D 974 22.18 34.21 -9.36
N CYS D 975 21.76 34.53 -8.13
CA CYS D 975 22.41 33.94 -6.97
C CYS D 975 22.23 32.43 -6.95
N TYR D 976 21.01 31.96 -7.23
CA TYR D 976 20.79 30.52 -7.27
C TYR D 976 21.67 29.86 -8.33
N GLY D 977 21.76 30.47 -9.50
CA GLY D 977 22.67 30.00 -10.53
C GLY D 977 22.01 29.05 -11.50
N ARG D 978 22.86 28.35 -12.24
CA ARG D 978 22.39 27.42 -13.25
C ARG D 978 21.48 26.38 -12.63
N SER D 979 20.35 26.12 -13.30
CA SER D 979 19.48 25.02 -12.91
C SER D 979 20.04 23.71 -13.46
N MET D 980 19.77 22.61 -12.75
CA MET D 980 20.37 21.34 -13.12
C MET D 980 19.58 20.66 -14.24
N ALA D 981 18.29 20.46 -14.04
CA ALA D 981 17.49 19.79 -15.06
C ALA D 981 17.47 20.59 -16.36
N THR D 982 17.22 21.90 -16.26
CA THR D 982 17.14 22.72 -17.47
C THR D 982 18.50 22.81 -18.17
N GLY D 983 19.57 22.97 -17.40
CA GLY D 983 20.89 23.16 -17.96
C GLY D 983 21.24 24.61 -18.23
N LYS D 984 20.32 25.54 -18.02
CA LYS D 984 20.55 26.96 -18.22
C LYS D 984 20.13 27.70 -16.95
N LEU D 985 20.27 29.02 -16.97
CA LEU D 985 19.94 29.81 -15.79
C LEU D 985 18.51 29.56 -15.36
N VAL D 986 18.32 29.42 -14.05
CA VAL D 986 17.01 29.08 -13.51
C VAL D 986 15.98 30.13 -13.97
N ASP D 987 14.74 29.68 -14.14
CA ASP D 987 13.68 30.54 -14.64
C ASP D 987 12.94 31.20 -13.49
N ILE D 988 12.59 32.47 -13.68
CA ILE D 988 11.87 33.20 -12.65
C ILE D 988 10.53 32.52 -12.38
N GLY D 989 10.25 32.27 -11.11
CA GLY D 989 9.01 31.67 -10.69
C GLY D 989 9.11 30.22 -10.30
N GLU D 990 10.17 29.52 -10.69
CA GLU D 990 10.31 28.13 -10.34
C GLU D 990 10.46 27.97 -8.83
N ALA D 991 9.89 26.89 -8.30
CA ALA D 991 9.94 26.61 -6.86
C ALA D 991 11.21 25.82 -6.59
N VAL D 992 12.25 26.51 -6.12
CA VAL D 992 13.49 25.84 -5.77
C VAL D 992 13.45 25.25 -4.37
N GLY D 993 12.51 25.68 -3.52
CA GLY D 993 12.40 25.09 -2.21
C GLY D 993 11.99 23.63 -2.26
N ILE D 994 10.98 23.32 -3.07
CA ILE D 994 10.51 21.95 -3.18
C ILE D 994 11.58 21.07 -3.83
N VAL D 995 12.22 21.58 -4.89
CA VAL D 995 13.23 20.79 -5.58
C VAL D 995 14.36 20.42 -4.62
N ALA D 996 14.76 21.36 -3.77
CA ALA D 996 15.80 21.07 -2.79
C ALA D 996 15.34 20.04 -1.77
N ALA D 997 14.08 20.15 -1.33
CA ALA D 997 13.59 19.23 -0.30
C ALA D 997 13.50 17.81 -0.83
N GLN D 998 13.01 17.63 -2.06
CA GLN D 998 12.87 16.29 -2.61
C GLN D 998 14.21 15.71 -3.01
N SER D 999 15.17 16.56 -3.41
CA SER D 999 16.49 16.05 -3.76
C SER D 999 17.18 15.48 -2.54
N ILE D 1000 16.98 16.09 -1.37
CA ILE D 1000 17.55 15.56 -0.13
C ILE D 1000 16.84 14.27 0.26
N GLY D 1001 15.52 14.21 0.06
CA GLY D 1001 14.77 13.07 0.54
C GLY D 1001 14.90 11.84 -0.34
N GLU D 1002 15.10 12.03 -1.64
CA GLU D 1002 15.14 10.90 -2.57
C GLU D 1002 16.16 9.85 -2.16
N PRO D 1003 17.46 10.16 -2.08
CA PRO D 1003 18.43 9.13 -1.68
C PRO D 1003 18.27 8.64 -0.26
N GLY D 1004 17.35 9.21 0.52
CA GLY D 1004 17.21 8.80 1.91
C GLY D 1004 16.89 7.34 2.07
N THR D 1005 16.27 6.73 1.06
CA THR D 1005 15.85 5.34 1.16
C THR D 1005 16.97 4.34 0.84
N GLN D 1006 18.11 4.81 0.34
CA GLN D 1006 19.17 3.92 -0.11
C GLN D 1006 20.48 4.09 0.65
N LEU D 1007 20.50 4.90 1.71
CA LEU D 1007 21.69 5.06 2.54
C LEU D 1007 21.45 4.43 3.91
N THR D 1008 22.49 3.79 4.44
CA THR D 1008 22.39 3.04 5.68
C THR D 1008 23.59 3.35 6.56
N MET D 1009 23.41 3.14 7.86
CA MET D 1009 24.46 3.40 8.84
C MET D 1009 25.59 2.38 8.70
N ILE D 1021 27.85 7.55 18.48
CA ILE D 1021 27.68 8.47 17.36
C ILE D 1021 27.11 7.71 16.17
N THR D 1022 26.14 8.32 15.51
CA THR D 1022 25.46 7.73 14.37
C THR D 1022 25.97 8.34 13.07
N GLY D 1023 25.93 7.56 12.00
CA GLY D 1023 26.43 8.01 10.72
C GLY D 1023 25.58 7.59 9.54
N GLY D 1024 24.31 7.30 9.79
CA GLY D 1024 23.41 6.91 8.72
C GLY D 1024 22.35 7.97 8.46
N LEU D 1025 21.15 7.55 8.05
CA LEU D 1025 20.06 8.51 7.91
C LEU D 1025 19.81 9.29 9.18
N PRO D 1026 19.81 8.69 10.38
CA PRO D 1026 19.62 9.51 11.59
C PRO D 1026 20.62 10.64 11.71
N ARG D 1027 21.85 10.45 11.22
CA ARG D 1027 22.83 11.52 11.28
C ARG D 1027 22.34 12.74 10.51
N VAL D 1028 21.80 12.53 9.31
CA VAL D 1028 21.25 13.65 8.55
C VAL D 1028 20.03 14.23 9.26
N GLN D 1029 19.16 13.36 9.77
CA GLN D 1029 17.98 13.84 10.48
C GLN D 1029 18.37 14.63 11.72
N GLU D 1030 19.36 14.13 12.46
CA GLU D 1030 19.87 14.88 13.62
C GLU D 1030 20.46 16.21 13.19
N LEU D 1031 21.21 16.22 12.09
CA LEU D 1031 21.92 17.42 11.70
C LEU D 1031 20.96 18.52 11.25
N PHE D 1032 19.94 18.17 10.48
CA PHE D 1032 18.99 19.19 10.04
C PHE D 1032 18.12 19.69 11.18
N GLU D 1033 17.73 18.81 12.10
CA GLU D 1033 16.94 19.23 13.25
C GLU D 1033 17.74 20.11 14.21
N ALA D 1034 19.06 20.15 14.07
CA ALA D 1034 19.93 20.98 14.89
C ALA D 1034 19.79 20.60 16.37
N ARG D 1035 20.11 19.34 16.66
CA ARG D 1035 20.12 18.83 18.02
C ARG D 1035 21.55 18.58 18.46
N VAL D 1036 21.73 18.48 19.77
CA VAL D 1036 23.06 18.26 20.35
C VAL D 1036 23.55 16.89 19.90
N PRO D 1037 24.71 16.80 19.24
CA PRO D 1037 25.16 15.50 18.75
C PRO D 1037 25.39 14.52 19.90
N ARG D 1038 25.16 13.24 19.61
CA ARG D 1038 25.36 12.21 20.63
C ARG D 1038 26.80 12.20 21.12
N GLY D 1039 27.76 12.24 20.19
CA GLY D 1039 29.16 12.31 20.53
C GLY D 1039 29.67 13.74 20.57
N LYS D 1040 29.17 14.53 21.51
CA LYS D 1040 29.58 15.92 21.61
C LYS D 1040 31.10 16.02 21.72
N ALA D 1041 31.69 16.90 20.91
CA ALA D 1041 33.13 17.11 20.88
C ALA D 1041 33.43 18.57 21.19
N PRO D 1042 34.25 18.88 22.19
CA PRO D 1042 34.56 20.28 22.47
C PRO D 1042 35.33 20.92 21.34
N ILE D 1043 35.14 22.22 21.18
CA ILE D 1043 35.76 23.00 20.12
C ILE D 1043 36.56 24.12 20.76
N ALA D 1044 37.79 24.32 20.29
CA ALA D 1044 38.64 25.35 20.86
C ALA D 1044 37.98 26.71 20.76
N ASP D 1045 37.96 27.43 21.89
CA ASP D 1045 37.38 28.76 21.93
C ASP D 1045 38.37 29.85 21.56
N VAL D 1046 39.67 29.55 21.59
CA VAL D 1046 40.70 30.52 21.22
C VAL D 1046 42.00 29.74 21.01
N THR D 1047 42.79 30.20 20.05
CA THR D 1047 44.06 29.55 19.75
C THR D 1047 44.93 29.51 21.00
N GLY D 1048 45.56 28.37 21.25
CA GLY D 1048 46.38 28.20 22.43
C GLY D 1048 47.15 26.91 22.37
N ARG D 1049 47.95 26.69 23.41
CA ARG D 1049 48.72 25.46 23.57
C ARG D 1049 47.99 24.54 24.53
N VAL D 1050 47.73 23.32 24.09
CA VAL D 1050 46.91 22.38 24.86
C VAL D 1050 47.76 21.80 25.98
N ARG D 1051 47.43 22.14 27.22
CA ARG D 1051 48.03 21.51 28.39
C ARG D 1051 47.10 20.42 28.94
N LEU D 1052 46.88 19.40 28.10
CA LEU D 1052 45.94 18.35 28.43
C LEU D 1052 46.46 17.48 29.58
N GLU D 1053 45.55 17.13 30.49
CA GLU D 1053 45.82 16.16 31.55
C GLU D 1053 44.81 15.04 31.45
N ASP D 1054 45.28 13.80 31.63
CA ASP D 1054 44.46 12.62 31.48
C ASP D 1054 44.01 12.12 32.84
N GLY D 1055 42.70 11.94 33.00
CA GLY D 1055 42.15 11.43 34.24
C GLY D 1055 41.03 10.44 33.96
N GLU D 1056 40.84 9.54 34.92
CA GLU D 1056 39.87 8.47 34.75
C GLU D 1056 38.46 8.94 35.08
N ARG D 1057 37.50 8.42 34.34
CA ARG D 1057 36.07 8.69 34.51
C ARG D 1057 35.68 10.08 34.00
N PHE D 1058 36.66 10.92 33.70
CA PHE D 1058 36.43 12.24 33.12
C PHE D 1058 37.74 12.79 32.57
N TYR D 1059 37.79 13.10 31.27
CA TYR D 1059 38.94 13.79 30.73
C TYR D 1059 38.88 15.27 31.07
N LYS D 1060 39.99 15.81 31.55
CA LYS D 1060 40.12 17.23 31.85
C LYS D 1060 41.02 17.84 30.78
N ILE D 1061 40.41 18.61 29.88
CA ILE D 1061 41.11 19.23 28.76
C ILE D 1061 41.26 20.71 29.08
N THR D 1062 42.49 21.16 29.25
CA THR D 1062 42.80 22.56 29.51
C THR D 1062 43.73 23.09 28.42
N ILE D 1063 43.46 24.29 27.94
CA ILE D 1063 44.24 24.91 26.88
C ILE D 1063 44.69 26.29 27.36
N VAL D 1064 45.99 26.56 27.21
CA VAL D 1064 46.55 27.85 27.58
C VAL D 1064 46.46 28.77 26.36
N PRO D 1065 45.76 29.90 26.44
CA PRO D 1065 45.60 30.74 25.25
C PRO D 1065 46.93 31.31 24.79
N ASP D 1066 47.03 31.53 23.47
CA ASP D 1066 48.22 32.14 22.88
C ASP D 1066 48.26 33.64 23.07
N ASP D 1067 47.19 34.25 23.58
CA ASP D 1067 47.12 35.70 23.79
C ASP D 1067 46.80 36.08 25.22
N GLY D 1068 46.84 35.12 26.15
CA GLY D 1068 46.53 35.38 27.54
C GLY D 1068 45.05 35.25 27.83
N GLY D 1069 44.73 35.16 29.11
CA GLY D 1069 43.38 35.02 29.60
C GLY D 1069 43.23 33.77 30.41
N GLU D 1070 41.99 33.49 30.83
CA GLU D 1070 41.72 32.34 31.67
C GLU D 1070 41.77 31.06 30.84
N GLU D 1071 42.01 29.95 31.52
CA GLU D 1071 42.08 28.63 30.88
C GLU D 1071 40.69 28.01 30.91
N VAL D 1072 40.08 27.84 29.74
CA VAL D 1072 38.78 27.19 29.67
C VAL D 1072 38.91 25.76 30.13
N VAL D 1073 37.92 25.31 30.89
CA VAL D 1073 37.92 23.97 31.50
C VAL D 1073 36.86 23.13 30.82
N TYR D 1074 37.24 21.90 30.45
CA TYR D 1074 36.32 20.94 29.83
C TYR D 1074 36.43 19.64 30.61
N ASP D 1075 35.41 19.35 31.43
CA ASP D 1075 35.34 18.08 32.16
C ASP D 1075 34.61 17.03 31.32
N LYS D 1076 35.23 16.70 30.19
CA LYS D 1076 34.65 15.75 29.25
C LYS D 1076 34.82 14.32 29.77
N ILE D 1077 34.07 13.41 29.15
CA ILE D 1077 34.13 12.01 29.58
C ILE D 1077 35.43 11.38 29.12
N SER D 1078 35.76 10.24 29.74
CA SER D 1078 37.01 9.53 29.49
C SER D 1078 36.82 8.31 28.60
N LYS D 1079 35.99 8.42 27.56
CA LYS D 1079 35.59 7.25 26.78
C LYS D 1079 36.00 7.32 25.32
N ARG D 1080 35.74 8.43 24.63
CA ARG D 1080 35.64 8.35 23.17
C ARG D 1080 37.00 8.18 22.50
N GLN D 1081 37.81 9.24 22.48
CA GLN D 1081 39.11 9.24 21.81
C GLN D 1081 39.68 10.64 21.90
N ARG D 1082 40.92 10.79 21.43
CA ARG D 1082 41.47 12.08 21.07
C ARG D 1082 41.32 12.25 19.55
N LEU D 1083 41.81 13.39 19.04
CA LEU D 1083 41.74 13.67 17.62
C LEU D 1083 43.05 14.31 17.17
N ARG D 1084 43.31 14.20 15.87
CA ARG D 1084 44.52 14.79 15.30
C ARG D 1084 44.58 16.28 15.59
N VAL D 1085 45.74 16.74 16.01
CA VAL D 1085 45.99 18.16 16.25
C VAL D 1085 46.46 18.80 14.96
N PHE D 1086 46.24 20.11 14.83
CA PHE D 1086 46.55 20.83 13.60
C PHE D 1086 47.97 21.37 13.70
N LYS D 1087 48.93 20.46 13.55
CA LYS D 1087 50.33 20.84 13.43
C LYS D 1087 50.63 21.21 11.99
N HIS D 1088 51.89 21.56 11.72
CA HIS D 1088 52.27 21.90 10.35
C HIS D 1088 52.01 20.76 9.38
N GLU D 1089 52.14 19.51 9.85
CA GLU D 1089 51.86 18.37 8.98
C GLU D 1089 50.36 18.19 8.78
N ASP D 1090 49.57 18.41 9.83
CA ASP D 1090 48.12 18.19 9.78
C ASP D 1090 47.80 16.75 9.37
N GLY D 1091 48.60 15.80 9.84
CA GLY D 1091 48.40 14.41 9.52
C GLY D 1091 47.41 13.73 10.45
N SER D 1092 46.73 12.70 9.93
CA SER D 1092 45.74 11.97 10.72
C SER D 1092 46.38 11.07 11.76
N GLU D 1093 47.65 10.68 11.58
CA GLU D 1093 48.31 9.85 12.56
C GLU D 1093 48.71 10.62 13.81
N ARG D 1094 48.73 11.95 13.74
CA ARG D 1094 49.15 12.75 14.87
C ARG D 1094 48.12 12.70 15.99
N VAL D 1095 48.59 12.95 17.21
CA VAL D 1095 47.75 12.94 18.40
C VAL D 1095 47.74 14.34 19.00
N LEU D 1096 46.84 14.56 19.94
CA LEU D 1096 46.74 15.85 20.62
C LEU D 1096 47.89 16.01 21.60
N SER D 1097 49.10 16.20 21.07
CA SER D 1097 50.28 16.34 21.92
C SER D 1097 50.17 17.60 22.76
N ASP D 1098 50.55 17.48 24.04
CA ASP D 1098 50.50 18.62 24.94
C ASP D 1098 51.41 19.73 24.44
N GLY D 1099 50.91 20.96 24.49
CA GLY D 1099 51.66 22.12 24.06
C GLY D 1099 51.57 22.44 22.59
N ASP D 1100 50.86 21.63 21.81
CA ASP D 1100 50.72 21.88 20.38
C ASP D 1100 49.73 23.02 20.14
N HIS D 1101 50.13 23.98 19.32
CA HIS D 1101 49.27 25.11 19.01
C HIS D 1101 48.07 24.64 18.19
N VAL D 1102 46.91 25.26 18.44
CA VAL D 1102 45.69 24.99 17.70
C VAL D 1102 45.04 26.30 17.32
N GLU D 1103 44.16 26.24 16.33
CA GLU D 1103 43.42 27.40 15.88
C GLU D 1103 42.14 27.57 16.69
N VAL D 1104 41.49 28.71 16.48
CA VAL D 1104 40.20 28.95 17.13
C VAL D 1104 39.13 28.13 16.44
N GLY D 1105 38.16 27.65 17.21
CA GLY D 1105 37.06 26.89 16.67
C GLY D 1105 37.48 25.59 16.01
N GLN D 1106 38.32 24.82 16.70
CA GLN D 1106 38.85 23.56 16.19
C GLN D 1106 38.42 22.41 17.10
N GLN D 1107 38.07 21.29 16.49
CA GLN D 1107 37.59 20.14 17.25
C GLN D 1107 38.75 19.42 17.94
N LEU D 1108 38.58 19.12 19.23
CA LEU D 1108 39.65 18.55 20.03
C LEU D 1108 39.69 17.03 19.98
N MET D 1109 38.52 16.37 20.01
CA MET D 1109 38.46 14.92 20.02
C MET D 1109 37.46 14.44 18.98
N GLU D 1110 37.48 13.14 18.72
CA GLU D 1110 36.60 12.55 17.72
C GLU D 1110 35.14 12.83 18.07
N GLY D 1111 34.27 12.64 17.08
CA GLY D 1111 32.85 12.87 17.26
C GLY D 1111 32.29 13.84 16.23
N SER D 1112 31.61 14.88 16.70
CA SER D 1112 31.04 15.86 15.80
C SER D 1112 30.76 17.13 16.58
N ALA D 1113 31.19 18.27 16.05
CA ALA D 1113 31.02 19.53 16.75
C ALA D 1113 29.55 19.90 16.86
N ASP D 1114 29.22 20.64 17.91
CA ASP D 1114 27.85 21.10 18.09
C ASP D 1114 27.60 22.30 17.18
N PRO D 1115 26.59 22.27 16.32
CA PRO D 1115 26.37 23.42 15.43
C PRO D 1115 26.20 24.74 16.18
N HIS D 1116 25.54 24.73 17.34
CA HIS D 1116 25.38 25.95 18.10
C HIS D 1116 26.72 26.51 18.54
N GLU D 1117 27.61 25.64 19.03
CA GLU D 1117 28.89 26.10 19.55
C GLU D 1117 29.72 26.78 18.47
N VAL D 1118 29.79 26.17 17.28
CA VAL D 1118 30.55 26.78 16.19
C VAL D 1118 29.92 28.11 15.80
N LEU D 1119 28.59 28.19 15.85
CA LEU D 1119 27.93 29.46 15.53
C LEU D 1119 28.36 30.56 16.50
N ARG D 1120 28.44 30.23 17.80
CA ARG D 1120 28.84 31.22 18.79
C ARG D 1120 30.28 31.65 18.59
N VAL D 1121 31.20 30.69 18.64
CA VAL D 1121 32.63 31.02 18.65
C VAL D 1121 33.08 31.55 17.29
N GLN D 1122 32.66 30.89 16.21
CA GLN D 1122 33.15 31.25 14.88
C GLN D 1122 32.30 32.33 14.23
N GLY D 1123 31.02 32.06 14.02
CA GLY D 1123 30.14 32.98 13.35
C GLY D 1123 29.18 32.28 12.41
N PRO D 1124 28.46 33.06 11.59
CA PRO D 1124 27.47 32.44 10.70
C PRO D 1124 28.09 31.71 9.53
N ARG D 1125 29.12 32.27 8.90
CA ARG D 1125 29.70 31.63 7.73
C ARG D 1125 30.29 30.27 8.07
N GLU D 1126 31.01 30.17 9.18
CA GLU D 1126 31.69 28.92 9.50
C GLU D 1126 30.70 27.81 9.81
N VAL D 1127 29.60 28.14 10.49
CA VAL D 1127 28.58 27.11 10.77
C VAL D 1127 27.94 26.65 9.48
N GLN D 1128 27.78 27.55 8.51
CA GLN D 1128 27.25 27.15 7.21
C GLN D 1128 28.19 26.18 6.52
N ILE D 1129 29.49 26.43 6.60
CA ILE D 1129 30.46 25.50 6.02
C ILE D 1129 30.36 24.15 6.72
N HIS D 1130 30.24 24.17 8.05
CA HIS D 1130 30.19 22.93 8.80
C HIS D 1130 28.97 22.09 8.40
N LEU D 1131 27.80 22.71 8.36
CA LEU D 1131 26.57 21.96 8.07
C LEU D 1131 26.61 21.37 6.67
N VAL D 1132 27.02 22.16 5.68
CA VAL D 1132 27.08 21.65 4.31
C VAL D 1132 28.11 20.54 4.21
N ARG D 1133 29.28 20.72 4.83
CA ARG D 1133 30.31 19.70 4.79
C ARG D 1133 29.84 18.41 5.44
N GLU D 1134 29.17 18.52 6.60
CA GLU D 1134 28.75 17.33 7.31
C GLU D 1134 27.69 16.55 6.53
N VAL D 1135 26.66 17.24 6.05
CA VAL D 1135 25.62 16.56 5.29
C VAL D 1135 26.21 15.93 4.04
N GLN D 1136 26.98 16.71 3.28
CA GLN D 1136 27.53 16.20 2.03
C GLN D 1136 28.47 15.02 2.27
N GLU D 1137 29.19 15.04 3.39
CA GLU D 1137 30.05 13.91 3.72
C GLU D 1137 29.23 12.64 3.93
N VAL D 1138 28.05 12.78 4.52
CA VAL D 1138 27.21 11.61 4.78
C VAL D 1138 26.74 11.00 3.46
N TYR D 1139 26.27 11.83 2.54
CA TYR D 1139 25.74 11.31 1.28
C TYR D 1139 26.84 10.70 0.42
N ARG D 1140 27.96 11.41 0.26
CA ARG D 1140 29.02 10.90 -0.60
C ARG D 1140 29.57 9.58 -0.07
N ALA D 1141 29.75 9.47 1.25
CA ALA D 1141 30.22 8.21 1.82
C ALA D 1141 29.29 7.07 1.46
N GLN D 1142 27.99 7.36 1.35
CA GLN D 1142 27.01 6.33 1.01
C GLN D 1142 26.88 6.12 -0.49
N GLY D 1143 27.58 6.90 -1.31
CA GLY D 1143 27.61 6.66 -2.74
C GLY D 1143 26.94 7.73 -3.57
N VAL D 1144 25.83 8.28 -3.08
CA VAL D 1144 25.05 9.23 -3.86
C VAL D 1144 25.73 10.60 -3.84
N SER D 1145 25.31 11.46 -4.76
CA SER D 1145 25.82 12.82 -4.83
C SER D 1145 24.69 13.78 -5.18
N ILE D 1146 24.66 14.92 -4.49
CA ILE D 1146 23.71 15.98 -4.76
C ILE D 1146 24.44 17.31 -4.63
N HIS D 1147 24.08 18.26 -5.49
CA HIS D 1147 24.78 19.54 -5.50
C HIS D 1147 24.52 20.30 -4.20
N ASP D 1148 25.47 21.17 -3.85
CA ASP D 1148 25.41 21.86 -2.57
C ASP D 1148 24.18 22.76 -2.47
N LYS D 1149 23.86 23.48 -3.55
CA LYS D 1149 22.81 24.49 -3.46
C LYS D 1149 21.49 23.88 -2.98
N HIS D 1150 21.28 22.59 -3.21
CA HIS D 1150 20.09 21.93 -2.69
C HIS D 1150 20.12 21.81 -1.17
N ILE D 1151 21.30 21.95 -0.56
CA ILE D 1151 21.42 21.91 0.89
C ILE D 1151 21.46 23.34 1.41
N GLU D 1152 22.09 24.24 0.65
CA GLU D 1152 22.18 25.62 1.08
C GLU D 1152 20.81 26.29 1.11
N VAL D 1153 19.90 25.84 0.23
CA VAL D 1153 18.56 26.40 0.23
C VAL D 1153 17.82 26.05 1.52
N ILE D 1154 18.28 25.03 2.22
CA ILE D 1154 17.65 24.64 3.48
C ILE D 1154 18.29 25.36 4.65
N VAL D 1155 19.63 25.33 4.73
CA VAL D 1155 20.30 25.98 5.86
C VAL D 1155 20.00 27.46 5.86
N ARG D 1156 19.74 28.05 4.69
CA ARG D 1156 19.32 29.44 4.64
C ARG D 1156 18.05 29.65 5.44
N GLN D 1157 17.02 28.84 5.17
CA GLN D 1157 15.78 28.91 5.93
C GLN D 1157 15.98 28.47 7.37
N MET D 1158 17.01 27.67 7.66
CA MET D 1158 17.28 27.23 9.01
C MET D 1158 17.90 28.33 9.87
N LEU D 1159 18.59 29.29 9.25
CA LEU D 1159 19.48 30.19 9.96
C LEU D 1159 19.00 31.63 9.99
N ARG D 1160 17.88 31.97 9.35
CA ARG D 1160 17.45 33.35 9.21
C ARG D 1160 16.60 33.80 10.41
N ARG D 1161 17.25 33.83 11.57
CA ARG D 1161 16.59 34.29 12.80
C ARG D 1161 17.64 34.88 13.73
N VAL D 1162 17.27 35.94 14.44
CA VAL D 1162 18.15 36.64 15.36
C VAL D 1162 17.52 36.60 16.74
N THR D 1163 18.26 36.08 17.72
CA THR D 1163 17.81 36.09 19.11
C THR D 1163 18.19 37.40 19.77
N ILE D 1164 17.41 37.78 20.79
CA ILE D 1164 17.57 39.06 21.47
C ILE D 1164 17.72 38.81 22.96
N ILE D 1165 18.33 39.78 23.64
CA ILE D 1165 18.51 39.76 25.08
C ILE D 1165 17.61 40.78 25.76
N ASP D 1166 17.75 42.05 25.40
CA ASP D 1166 17.00 43.14 26.01
C ASP D 1166 16.23 43.90 24.93
N SER D 1167 15.00 44.30 25.26
CA SER D 1167 14.21 45.11 24.34
C SER D 1167 14.63 46.57 24.41
N GLY D 1168 14.51 47.19 25.58
CA GLY D 1168 14.90 48.58 25.75
C GLY D 1168 13.86 49.52 25.20
N SER D 1169 13.73 49.55 23.87
CA SER D 1169 12.73 50.37 23.20
C SER D 1169 11.87 49.58 22.22
N THR D 1170 12.02 48.27 22.16
CA THR D 1170 11.29 47.43 21.23
C THR D 1170 10.09 46.80 21.93
N GLU D 1171 8.96 46.77 21.24
CA GLU D 1171 7.73 46.26 21.85
C GLU D 1171 7.86 44.78 22.19
N PHE D 1172 8.46 43.99 21.29
CA PHE D 1172 8.53 42.55 21.51
C PHE D 1172 9.33 42.24 22.77
N LEU D 1173 8.88 41.22 23.50
CA LEU D 1173 9.46 40.87 24.78
C LEU D 1173 10.87 40.32 24.60
N PRO D 1174 11.70 40.40 25.64
CA PRO D 1174 13.07 39.90 25.52
C PRO D 1174 13.11 38.39 25.42
N GLY D 1175 14.14 37.88 24.74
CA GLY D 1175 14.29 36.46 24.51
C GLY D 1175 13.48 35.92 23.35
N SER D 1176 12.70 36.76 22.67
CA SER D 1176 11.87 36.32 21.57
C SER D 1176 12.65 36.39 20.27
N LEU D 1177 12.65 35.29 19.51
CA LEU D 1177 13.40 35.22 18.27
C LEU D 1177 12.71 36.04 17.19
N ILE D 1178 13.47 36.88 16.51
CA ILE D 1178 12.97 37.73 15.43
C ILE D 1178 13.91 37.62 14.24
N ASP D 1179 13.33 37.52 13.05
CA ASP D 1179 14.13 37.33 11.84
C ASP D 1179 14.77 38.65 11.41
N ARG D 1180 15.83 38.52 10.59
CA ARG D 1180 16.58 39.70 10.16
C ARG D 1180 15.67 40.72 9.49
N ALA D 1181 14.78 40.26 8.61
CA ALA D 1181 13.93 41.20 7.87
C ALA D 1181 13.15 42.09 8.82
N GLU D 1182 12.52 41.49 9.84
CA GLU D 1182 11.74 42.27 10.80
C GLU D 1182 12.61 42.97 11.82
N PHE D 1183 13.73 42.36 12.21
CA PHE D 1183 14.55 42.93 13.28
C PHE D 1183 15.51 44.00 12.76
N GLU D 1184 16.40 43.62 11.86
CA GLU D 1184 17.51 44.49 11.48
C GLU D 1184 16.99 45.82 10.91
N ALA D 1185 16.08 45.74 9.93
CA ALA D 1185 15.61 46.96 9.28
C ALA D 1185 14.75 47.79 10.23
N GLU D 1186 13.79 47.16 10.91
CA GLU D 1186 12.92 47.91 11.82
C GLU D 1186 13.72 48.53 12.95
N ASN D 1187 14.63 47.77 13.54
CA ASN D 1187 15.45 48.30 14.63
C ASN D 1187 16.29 49.48 14.16
N ARG D 1188 16.87 49.37 12.95
CA ARG D 1188 17.60 50.50 12.39
C ARG D 1188 16.70 51.70 12.19
N ARG D 1189 15.48 51.47 11.69
CA ARG D 1189 14.54 52.58 11.52
C ARG D 1189 14.19 53.21 12.87
N VAL D 1190 13.94 52.38 13.88
CA VAL D 1190 13.62 52.91 15.21
C VAL D 1190 14.80 53.70 15.76
N VAL D 1191 16.02 53.27 15.45
CA VAL D 1191 17.20 54.05 15.84
C VAL D 1191 17.16 55.41 15.17
N ALA D 1192 16.71 55.47 13.91
CA ALA D 1192 16.67 56.74 13.19
C ALA D 1192 15.76 57.73 13.90
N GLU D 1193 14.57 57.28 14.34
CA GLU D 1193 13.66 58.19 15.03
C GLU D 1193 14.22 58.62 16.38
N GLY D 1194 14.98 57.75 17.04
CA GLY D 1194 15.58 58.08 18.32
C GLY D 1194 15.60 56.94 19.31
N GLY D 1195 14.80 55.91 19.06
CA GLY D 1195 14.76 54.78 19.99
C GLY D 1195 16.09 54.06 20.06
N GLU D 1196 16.41 53.58 21.26
CA GLU D 1196 17.66 52.88 21.46
C GLU D 1196 17.63 51.52 20.74
N PRO D 1197 18.73 51.10 20.12
CA PRO D 1197 18.72 49.80 19.45
C PRO D 1197 18.63 48.64 20.43
N ALA D 1198 17.99 47.57 19.97
CA ALA D 1198 17.92 46.34 20.75
C ALA D 1198 19.13 45.46 20.41
N ALA D 1199 19.56 44.68 21.39
CA ALA D 1199 20.72 43.80 21.23
C ALA D 1199 20.25 42.45 20.68
N GLY D 1200 20.77 42.08 19.53
CA GLY D 1200 20.43 40.80 18.93
C GLY D 1200 21.65 40.14 18.34
N ARG D 1201 21.71 38.82 18.47
CA ARG D 1201 22.81 38.02 17.97
C ARG D 1201 22.26 36.85 17.17
N PRO D 1202 23.01 36.34 16.20
CA PRO D 1202 22.49 35.26 15.36
C PRO D 1202 22.17 34.02 16.17
N VAL D 1203 21.11 33.33 15.75
CA VAL D 1203 20.71 32.06 16.35
C VAL D 1203 20.41 31.08 15.22
N LEU D 1204 20.52 29.80 15.55
CA LEU D 1204 20.25 28.72 14.60
C LEU D 1204 19.13 27.85 15.14
N MET D 1205 18.22 27.47 14.25
CA MET D 1205 17.05 26.68 14.60
C MET D 1205 17.08 25.35 13.86
N GLY D 1206 16.06 24.54 14.08
CA GLY D 1206 15.89 23.29 13.38
C GLY D 1206 14.85 23.41 12.28
N ILE D 1207 14.79 22.38 11.43
CA ILE D 1207 13.82 22.37 10.35
C ILE D 1207 12.39 22.32 10.88
N THR D 1208 12.21 21.94 12.14
CA THR D 1208 10.89 21.93 12.75
C THR D 1208 10.54 23.27 13.39
N LYS D 1209 11.43 23.78 14.24
CA LYS D 1209 11.15 25.04 14.93
C LYS D 1209 11.06 26.19 13.94
N ALA D 1210 11.92 26.22 12.93
CA ALA D 1210 11.90 27.30 11.96
C ALA D 1210 10.54 27.39 11.27
N SER D 1211 9.96 26.25 10.91
CA SER D 1211 8.65 26.24 10.28
C SER D 1211 7.57 26.66 11.26
N LEU D 1212 7.56 26.08 12.46
CA LEU D 1212 6.51 26.36 13.43
C LEU D 1212 6.46 27.84 13.76
N ALA D 1213 7.62 28.49 13.86
CA ALA D 1213 7.66 29.88 14.31
C ALA D 1213 6.98 30.80 13.31
N THR D 1214 7.16 30.56 12.01
CA THR D 1214 6.71 31.49 10.99
C THR D 1214 5.56 30.97 10.13
N ASP D 1215 5.22 29.69 10.22
CA ASP D 1215 4.16 29.16 9.39
C ASP D 1215 2.80 29.74 9.83
N SER D 1216 1.86 29.77 8.89
CA SER D 1216 0.54 30.28 9.16
C SER D 1216 -0.34 29.19 9.79
N TRP D 1217 -1.42 29.62 10.44
CA TRP D 1217 -2.22 28.69 11.20
C TRP D 1217 -2.81 27.58 10.32
N LEU D 1218 -3.18 27.91 9.09
CA LEU D 1218 -3.63 26.88 8.17
C LEU D 1218 -2.59 25.77 8.03
N SER D 1219 -1.35 26.15 7.72
CA SER D 1219 -0.30 25.16 7.56
C SER D 1219 0.02 24.47 8.87
N ALA D 1220 0.08 25.23 9.97
CA ALA D 1220 0.45 24.65 11.25
C ALA D 1220 -0.61 23.71 11.80
N ALA D 1221 -1.84 23.77 11.29
CA ALA D 1221 -2.90 22.90 11.79
C ALA D 1221 -2.58 21.44 11.51
N SER D 1222 -2.04 21.15 10.34
CA SER D 1222 -1.72 19.78 9.95
C SER D 1222 -0.35 19.33 10.43
N PHE D 1223 0.40 20.19 11.12
CA PHE D 1223 1.76 19.88 11.54
C PHE D 1223 1.80 19.37 12.98
N GLN D 1224 1.27 20.15 13.91
CA GLN D 1224 1.26 19.80 15.33
C GLN D 1224 -0.19 19.69 15.81
N GLU D 1225 -0.36 19.54 17.11
CA GLU D 1225 -1.70 19.42 17.69
C GLU D 1225 -2.60 20.52 17.18
N THR D 1226 -3.67 20.13 16.47
CA THR D 1226 -4.51 21.09 15.80
C THR D 1226 -5.30 21.94 16.80
N THR D 1227 -5.75 21.33 17.90
CA THR D 1227 -6.54 22.08 18.88
C THR D 1227 -5.74 23.22 19.48
N ARG D 1228 -4.48 22.96 19.83
CA ARG D 1228 -3.66 24.00 20.44
C ARG D 1228 -3.46 25.17 19.49
N VAL D 1229 -3.10 24.89 18.23
CA VAL D 1229 -2.82 25.96 17.29
C VAL D 1229 -4.08 26.75 16.97
N LEU D 1230 -5.20 26.06 16.80
CA LEU D 1230 -6.45 26.76 16.51
C LEU D 1230 -6.85 27.65 17.68
N THR D 1231 -6.68 27.16 18.90
CA THR D 1231 -6.96 27.99 20.07
C THR D 1231 -6.05 29.22 20.09
N ASP D 1232 -4.75 29.01 19.88
CA ASP D 1232 -3.82 30.14 19.90
C ASP D 1232 -4.14 31.15 18.82
N ALA D 1233 -4.43 30.69 17.61
CA ALA D 1233 -4.77 31.60 16.53
C ALA D 1233 -6.03 32.38 16.85
N ALA D 1234 -7.02 31.71 17.43
CA ALA D 1234 -8.27 32.39 17.75
C ALA D 1234 -8.05 33.50 18.78
N ILE D 1235 -7.24 33.22 19.81
CA ILE D 1235 -7.01 34.21 20.86
C ILE D 1235 -6.35 35.45 20.27
N ASN D 1236 -5.31 35.25 19.45
CA ASN D 1236 -4.57 36.37 18.87
C ASN D 1236 -5.24 36.96 17.65
N CYS D 1237 -6.33 36.37 17.16
CA CYS D 1237 -7.02 36.87 15.97
C CYS D 1237 -6.08 36.98 14.79
N ARG D 1238 -5.25 35.95 14.59
CA ARG D 1238 -4.28 35.97 13.50
C ARG D 1238 -5.00 36.15 12.16
N SER D 1239 -4.36 36.90 11.27
CA SER D 1239 -4.92 37.24 9.96
C SER D 1239 -3.90 36.97 8.86
N ASP D 1240 -3.36 35.75 8.84
CA ASP D 1240 -2.34 35.40 7.86
C ASP D 1240 -2.85 35.63 6.44
N LYS D 1241 -1.89 35.78 5.52
CA LYS D 1241 -2.19 35.97 4.11
C LYS D 1241 -2.09 34.64 3.37
N LEU D 1242 -2.80 34.56 2.24
CA LEU D 1242 -2.78 33.36 1.39
C LEU D 1242 -1.81 33.61 0.24
N ASN D 1243 -0.52 33.51 0.55
CA ASN D 1243 0.54 33.73 -0.44
C ASN D 1243 1.62 32.68 -0.29
N GLY D 1244 1.22 31.44 -0.01
CA GLY D 1244 2.17 30.35 0.13
C GLY D 1244 1.68 29.11 -0.60
N LEU D 1245 2.64 28.26 -0.97
CA LEU D 1245 2.31 27.08 -1.75
C LEU D 1245 1.28 26.22 -1.04
N LYS D 1246 1.50 25.93 0.24
CA LYS D 1246 0.60 25.01 0.95
C LYS D 1246 -0.76 25.65 1.21
N GLU D 1247 -0.78 26.94 1.54
CA GLU D 1247 -2.05 27.60 1.82
C GLU D 1247 -2.89 27.75 0.56
N ASN D 1248 -2.28 28.18 -0.55
CA ASN D 1248 -3.04 28.41 -1.78
C ASN D 1248 -3.61 27.10 -2.32
N VAL D 1249 -2.95 25.99 -2.06
CA VAL D 1249 -3.43 24.71 -2.58
C VAL D 1249 -4.75 24.31 -1.92
N ILE D 1250 -4.92 24.64 -0.63
CA ILE D 1250 -6.10 24.17 0.09
C ILE D 1250 -7.36 24.84 -0.44
N ILE D 1251 -7.30 26.15 -0.72
CA ILE D 1251 -8.51 26.86 -1.16
C ILE D 1251 -8.72 26.80 -2.67
N GLY D 1252 -7.82 26.18 -3.41
CA GLY D 1252 -8.04 25.95 -4.83
C GLY D 1252 -7.81 27.14 -5.72
N LYS D 1253 -6.81 27.98 -5.41
CA LYS D 1253 -6.37 29.03 -6.31
C LYS D 1253 -4.94 28.74 -6.75
N LEU D 1254 -4.60 29.22 -7.94
CA LEU D 1254 -3.32 28.88 -8.55
C LEU D 1254 -2.17 29.20 -7.61
N ILE D 1255 -1.25 28.26 -7.49
CA ILE D 1255 -0.12 28.39 -6.56
C ILE D 1255 0.71 29.60 -6.97
N PRO D 1256 1.41 30.25 -6.05
CA PRO D 1256 2.22 31.42 -6.42
C PRO D 1256 3.57 31.07 -7.02
N ALA D 1257 3.76 29.84 -7.45
CA ALA D 1257 5.01 29.39 -8.04
C ALA D 1257 4.74 28.76 -9.40
N GLY D 1258 5.63 29.01 -10.36
CA GLY D 1258 5.50 28.43 -11.68
C GLY D 1258 4.67 29.31 -12.59
N THR D 1259 3.67 28.74 -13.23
CA THR D 1259 2.79 29.49 -14.12
C THR D 1259 1.71 30.24 -13.37
N GLY D 1260 1.78 30.31 -12.05
CA GLY D 1260 0.78 31.03 -11.27
C GLY D 1260 1.16 32.44 -10.88
N ILE D 1261 2.43 32.82 -11.04
CA ILE D 1261 2.83 34.17 -10.65
C ILE D 1261 2.21 35.19 -11.60
N ASN D 1262 2.21 36.45 -11.16
CA ASN D 1262 1.57 37.51 -11.93
C ASN D 1262 2.31 37.78 -13.23
N ARG D 1263 3.62 37.55 -13.28
CA ARG D 1263 4.37 37.85 -14.49
C ARG D 1263 3.88 37.04 -15.68
N TYR D 1264 3.58 35.76 -15.46
CA TYR D 1264 3.25 34.84 -16.55
C TYR D 1264 1.77 34.60 -16.73
N ARG D 1265 0.95 34.78 -15.69
CA ARG D 1265 -0.45 34.41 -15.79
C ARG D 1265 -1.29 35.41 -16.56
N ASN D 1266 -0.80 36.64 -16.75
CA ASN D 1266 -1.57 37.73 -17.34
C ASN D 1266 -0.95 38.23 -18.63
N ILE D 1267 -0.39 37.31 -19.41
CA ILE D 1267 0.17 37.67 -20.71
C ILE D 1267 -0.95 37.69 -21.74
N ALA D 1268 -0.96 38.70 -22.59
CA ALA D 1268 -1.93 38.82 -23.67
C ALA D 1268 -1.24 38.47 -24.97
N VAL D 1269 -1.79 37.49 -25.68
CA VAL D 1269 -1.21 36.98 -26.93
C VAL D 1269 -2.17 37.32 -28.05
N GLN D 1270 -1.67 38.01 -29.07
CA GLN D 1270 -2.46 38.43 -30.21
C GLN D 1270 -1.64 38.23 -31.48
N PRO D 1271 -2.29 38.03 -32.62
CA PRO D 1271 -1.54 37.94 -33.88
C PRO D 1271 -0.80 39.23 -34.18
N THR D 1272 0.41 39.11 -34.71
CA THR D 1272 1.17 40.28 -35.10
C THR D 1272 0.53 40.94 -36.32
N GLU D 1273 0.71 42.25 -36.42
CA GLU D 1273 0.02 43.01 -37.46
C GLU D 1273 0.35 42.48 -38.85
N GLU D 1274 1.60 42.12 -39.09
CA GLU D 1274 1.99 41.63 -40.41
C GLU D 1274 1.24 40.35 -40.76
N ALA D 1275 1.15 39.41 -39.82
CA ALA D 1275 0.48 38.15 -40.09
C ALA D 1275 -1.01 38.35 -40.33
N ARG D 1276 -1.65 39.17 -39.50
CA ARG D 1276 -3.07 39.43 -39.69
C ARG D 1276 -3.33 40.17 -40.99
N ALA D 1277 -2.43 41.12 -41.34
CA ALA D 1277 -2.57 41.81 -42.61
C ALA D 1277 -2.42 40.83 -43.78
N ALA D 1278 -1.49 39.89 -43.67
CA ALA D 1278 -1.25 38.93 -44.75
C ALA D 1278 -2.22 37.77 -44.73
N ALA D 1279 -3.11 37.69 -43.74
CA ALA D 1279 -4.10 36.61 -43.73
C ALA D 1279 -5.29 36.96 -44.62
N TYR D 1280 -5.80 38.19 -44.51
CA TYR D 1280 -6.90 38.62 -45.37
C TYR D 1280 -6.43 39.63 -46.39
N GLY E 28 20.42 20.41 -37.55
CA GLY E 28 21.43 19.31 -37.58
C GLY E 28 20.94 18.06 -36.87
N TYR E 29 19.86 17.48 -37.39
CA TYR E 29 19.26 16.28 -36.80
C TYR E 29 18.13 15.86 -37.73
N ASP E 30 17.66 14.62 -37.52
CA ASP E 30 16.59 14.09 -38.36
C ASP E 30 15.25 14.71 -37.97
N THR E 31 14.27 14.55 -38.86
CA THR E 31 12.98 15.18 -38.67
C THR E 31 12.29 14.61 -37.44
N PRO E 32 11.84 15.45 -36.50
CA PRO E 32 11.08 14.93 -35.35
C PRO E 32 9.68 14.50 -35.75
N LEU E 33 9.13 13.59 -34.96
CA LEU E 33 7.79 13.07 -35.18
C LEU E 33 7.06 12.95 -33.85
N GLY E 34 5.75 13.13 -33.91
CA GLY E 34 4.93 13.02 -32.72
C GLY E 34 4.57 14.37 -32.13
N ILE E 35 4.44 14.44 -30.80
CA ILE E 35 4.14 15.70 -30.13
C ILE E 35 5.41 16.46 -29.77
N THR E 36 6.58 15.96 -30.14
CA THR E 36 7.81 16.71 -29.95
C THR E 36 8.06 17.70 -31.07
N ASN E 37 7.18 17.75 -32.09
CA ASN E 37 7.30 18.70 -33.19
C ASN E 37 6.34 19.86 -33.00
N PRO E 38 6.80 21.11 -33.06
CA PRO E 38 8.17 21.57 -33.31
C PRO E 38 9.08 21.37 -32.12
N PRO E 39 10.39 21.34 -32.33
CA PRO E 39 11.32 21.13 -31.21
C PRO E 39 11.14 22.18 -30.13
N ILE E 40 11.77 21.93 -28.99
CA ILE E 40 11.61 22.81 -27.84
C ILE E 40 12.65 23.93 -27.85
N ASP E 41 13.90 23.60 -28.19
CA ASP E 41 14.94 24.62 -28.18
C ASP E 41 14.61 25.75 -29.15
N GLU E 42 14.00 25.42 -30.30
CA GLU E 42 13.63 26.46 -31.24
C GLU E 42 12.56 27.37 -30.66
N LEU E 43 11.57 26.80 -29.96
CA LEU E 43 10.50 27.61 -29.39
C LEU E 43 11.05 28.54 -28.31
N LEU E 44 11.85 28.00 -27.39
CA LEU E 44 12.33 28.81 -26.26
C LEU E 44 13.19 29.97 -26.72
N ASP E 45 13.75 29.92 -27.92
CA ASP E 45 14.46 31.08 -28.46
C ASP E 45 13.50 32.23 -28.76
N ARG E 46 12.20 31.96 -28.82
CA ARG E 46 11.20 32.99 -29.06
C ARG E 46 10.46 33.41 -27.81
N VAL E 47 10.79 32.84 -26.65
CA VAL E 47 10.16 33.18 -25.39
C VAL E 47 11.23 33.31 -24.31
N SER E 48 10.91 34.08 -23.27
CA SER E 48 11.90 34.34 -22.22
C SER E 48 12.15 33.09 -21.37
N SER E 49 11.09 32.38 -20.99
CA SER E 49 11.24 31.19 -20.17
C SER E 49 10.05 30.28 -20.40
N LYS E 50 10.28 28.98 -20.22
CA LYS E 50 9.26 27.99 -20.59
C LYS E 50 7.96 28.20 -19.84
N TYR E 51 8.01 28.82 -18.65
CA TYR E 51 6.77 29.10 -17.94
C TYR E 51 5.92 30.10 -18.72
N ALA E 52 6.55 31.02 -19.45
CA ALA E 52 5.79 31.95 -20.28
C ALA E 52 5.28 31.28 -21.54
N LEU E 53 6.06 30.35 -22.10
CA LEU E 53 5.65 29.71 -23.35
C LEU E 53 4.35 28.94 -23.18
N VAL E 54 4.19 28.23 -22.07
CA VAL E 54 3.03 27.37 -21.90
C VAL E 54 1.75 28.21 -21.92
N ILE E 55 1.76 29.35 -21.23
CA ILE E 55 0.62 30.27 -21.30
C ILE E 55 0.58 30.93 -22.67
N TYR E 56 1.75 31.27 -23.21
CA TYR E 56 1.81 31.91 -24.52
C TYR E 56 1.20 31.03 -25.60
N ALA E 57 1.17 29.72 -25.38
CA ALA E 57 0.57 28.78 -26.32
C ALA E 57 -0.82 28.34 -25.88
N ALA E 58 -1.09 28.32 -24.58
CA ALA E 58 -2.39 27.90 -24.10
C ALA E 58 -3.46 28.94 -24.40
N LYS E 59 -3.18 30.23 -24.12
CA LYS E 59 -4.17 31.27 -24.40
C LYS E 59 -4.47 31.34 -25.89
N ARG E 60 -3.44 31.27 -26.74
CA ARG E 60 -3.69 31.30 -28.18
C ARG E 60 -4.54 30.12 -28.61
N ALA E 61 -4.35 28.96 -27.99
CA ALA E 61 -5.18 27.82 -28.31
C ALA E 61 -6.64 28.10 -27.98
N ARG E 62 -6.90 28.78 -26.85
CA ARG E 62 -8.27 29.08 -26.49
C ARG E 62 -8.93 30.00 -27.52
N GLN E 63 -8.20 30.99 -28.02
CA GLN E 63 -8.74 31.85 -29.06
C GLN E 63 -9.03 31.05 -30.32
N ILE E 64 -8.13 30.16 -30.70
CA ILE E 64 -8.34 29.35 -31.90
C ILE E 64 -9.58 28.47 -31.74
N ASN E 65 -9.73 27.83 -30.57
CA ASN E 65 -10.88 26.98 -30.34
C ASN E 65 -12.16 27.80 -30.33
N ASP E 66 -12.10 29.01 -29.77
CA ASP E 66 -13.27 29.89 -29.79
C ASP E 66 -13.68 30.23 -31.21
N TYR E 67 -12.71 30.53 -32.07
CA TYR E 67 -13.02 30.88 -33.45
C TYR E 67 -13.69 29.72 -34.17
N TYR E 68 -13.22 28.49 -33.94
CA TYR E 68 -13.84 27.34 -34.59
C TYR E 68 -15.30 27.21 -34.19
N ASN E 69 -15.60 27.41 -32.90
CA ASN E 69 -17.00 27.39 -32.47
C ASN E 69 -17.78 28.55 -33.07
N GLN E 70 -17.18 29.73 -33.13
CA GLN E 70 -17.83 30.90 -33.71
C GLN E 70 -17.81 30.88 -35.24
N LEU E 71 -17.07 29.96 -35.85
CA LEU E 71 -16.98 29.93 -37.31
C LEU E 71 -18.36 29.78 -37.95
N GLY E 72 -19.29 29.13 -37.26
CA GLY E 72 -20.61 28.94 -37.83
C GLY E 72 -21.28 30.25 -38.21
N GLU E 73 -21.23 31.23 -37.31
CA GLU E 73 -21.80 32.54 -37.58
C GLU E 73 -21.36 33.48 -36.47
N GLY E 74 -21.13 34.74 -36.84
CA GLY E 74 -20.74 35.75 -35.88
C GLY E 74 -19.76 36.77 -36.44
N ILE E 75 -18.90 37.29 -35.58
CA ILE E 75 -17.93 38.33 -35.93
C ILE E 75 -16.54 37.72 -35.91
N LEU E 76 -15.73 38.06 -36.91
CA LEU E 76 -14.38 37.53 -37.01
C LEU E 76 -13.43 38.31 -36.11
N GLU E 77 -13.76 38.42 -34.82
CA GLU E 77 -12.91 39.14 -33.89
C GLU E 77 -11.65 38.33 -33.57
N TYR E 78 -11.81 37.04 -33.31
CA TYR E 78 -10.68 36.15 -33.05
C TYR E 78 -10.30 35.49 -34.36
N VAL E 79 -9.23 35.98 -35.00
CA VAL E 79 -8.80 35.43 -36.27
C VAL E 79 -8.49 33.95 -36.10
N GLY E 80 -8.85 33.17 -37.12
CA GLY E 80 -8.58 31.75 -37.12
C GLY E 80 -7.10 31.46 -37.21
N PRO E 81 -6.74 30.19 -37.37
CA PRO E 81 -5.32 29.83 -37.43
C PRO E 81 -4.61 30.57 -38.56
N LEU E 82 -3.39 31.01 -38.28
CA LEU E 82 -2.60 31.71 -39.29
C LEU E 82 -2.05 30.74 -40.32
N VAL E 83 -1.23 29.78 -39.88
CA VAL E 83 -0.76 28.73 -40.76
C VAL E 83 -1.91 27.77 -41.06
N GLU E 84 -1.95 27.27 -42.29
CA GLU E 84 -3.03 26.37 -42.68
C GLU E 84 -2.99 25.10 -41.83
N PRO E 85 -4.07 24.74 -41.15
CA PRO E 85 -4.02 23.55 -40.30
C PRO E 85 -3.97 22.28 -41.11
N GLY E 86 -3.39 21.25 -40.51
CA GLY E 86 -3.37 19.93 -41.10
C GLY E 86 -4.72 19.25 -40.98
N LEU E 87 -4.73 17.96 -41.29
CA LEU E 87 -5.95 17.17 -41.22
C LEU E 87 -6.29 16.92 -39.76
N GLN E 88 -7.22 17.71 -39.22
CA GLN E 88 -7.69 17.55 -37.85
C GLN E 88 -6.55 17.69 -36.85
N GLU E 89 -5.97 18.88 -36.81
CA GLU E 89 -4.90 19.21 -35.89
C GLU E 89 -5.48 19.88 -34.66
N LYS E 90 -5.06 19.44 -33.48
CA LYS E 90 -5.61 19.96 -32.24
C LYS E 90 -5.29 21.46 -32.13
N PRO E 91 -6.17 22.22 -31.46
CA PRO E 91 -5.92 23.67 -31.38
C PRO E 91 -4.58 24.02 -30.76
N LEU E 92 -4.16 23.30 -29.71
CA LEU E 92 -2.86 23.58 -29.11
C LEU E 92 -1.73 23.27 -30.08
N SER E 93 -1.86 22.18 -30.85
CA SER E 93 -0.83 21.84 -31.82
C SER E 93 -0.69 22.94 -32.86
N ILE E 94 -1.80 23.50 -33.32
CA ILE E 94 -1.75 24.62 -34.25
C ILE E 94 -1.12 25.83 -33.58
N ALA E 95 -1.48 26.09 -32.32
CA ALA E 95 -0.95 27.25 -31.62
C ALA E 95 0.57 27.18 -31.55
N LEU E 96 1.13 26.00 -31.29
CA LEU E 96 2.58 25.86 -31.23
C LEU E 96 3.20 26.01 -32.61
N ARG E 97 2.57 25.44 -33.64
CA ARG E 97 3.18 25.47 -34.97
C ARG E 97 3.33 26.90 -35.48
N GLU E 98 2.31 27.74 -35.24
CA GLU E 98 2.40 29.12 -35.70
C GLU E 98 3.32 29.95 -34.82
N ILE E 99 3.48 29.59 -33.55
CA ILE E 99 4.46 30.27 -32.71
C ILE E 99 5.86 30.01 -33.25
N HIS E 100 6.15 28.77 -33.64
CA HIS E 100 7.45 28.45 -34.20
C HIS E 100 7.71 29.20 -35.49
N ALA E 101 6.68 29.70 -36.17
CA ALA E 101 6.82 30.47 -37.39
C ALA E 101 6.91 31.96 -37.14
N ASP E 102 6.92 32.40 -35.88
CA ASP E 102 6.98 33.81 -35.53
C ASP E 102 5.83 34.58 -36.17
N LEU E 103 4.62 34.05 -36.03
CA LEU E 103 3.40 34.71 -36.49
C LEU E 103 2.51 35.09 -35.31
N LEU E 104 3.11 35.44 -34.19
CA LEU E 104 2.37 35.77 -32.98
C LEU E 104 3.25 36.65 -32.11
N GLU E 105 2.60 37.42 -31.22
CA GLU E 105 3.31 38.32 -30.34
C GLU E 105 2.55 38.43 -29.02
N HIS E 106 3.29 38.76 -27.96
CA HIS E 106 2.71 38.84 -26.62
C HIS E 106 3.46 39.88 -25.80
N THR E 107 2.85 40.22 -24.67
CA THR E 107 3.42 41.18 -23.72
C THR E 107 3.37 40.59 -22.32
N GLU E 108 4.51 40.59 -21.64
CA GLU E 108 4.58 40.06 -20.29
C GLU E 108 3.76 40.93 -19.33
N GLY E 109 3.44 40.36 -18.18
CA GLY E 109 2.68 41.07 -17.18
C GLY E 109 3.45 41.39 -15.92
N ALA F 44 -14.33 15.74 39.34
CA ALA F 44 -15.17 15.13 38.28
C ALA F 44 -16.30 14.29 38.91
N ASP F 45 -16.80 13.31 38.16
CA ASP F 45 -17.84 12.40 38.66
C ASP F 45 -19.08 13.17 39.11
N LEU F 46 -19.74 13.76 38.11
CA LEU F 46 -20.92 14.57 38.38
C LEU F 46 -21.97 13.79 39.15
N VAL F 47 -21.99 12.47 39.02
CA VAL F 47 -22.87 11.66 39.85
C VAL F 47 -22.49 11.80 41.31
N ARG F 48 -21.19 11.72 41.62
CA ARG F 48 -20.75 11.77 43.01
C ARG F 48 -21.14 13.08 43.67
N VAL F 49 -20.94 14.20 42.97
CA VAL F 49 -21.23 15.50 43.57
C VAL F 49 -22.72 15.62 43.87
N TYR F 50 -23.57 15.14 42.96
CA TYR F 50 -25.00 15.15 43.22
C TYR F 50 -25.36 14.23 44.38
N LEU F 51 -24.74 13.05 44.44
CA LEU F 51 -25.05 12.12 45.52
C LEU F 51 -24.75 12.73 46.89
N ASN F 52 -23.63 13.45 47.00
CA ASN F 52 -23.33 14.15 48.23
C ASN F 52 -24.37 15.23 48.51
N GLY F 53 -24.80 15.94 47.47
CA GLY F 53 -25.78 17.00 47.68
C GLY F 53 -27.10 16.49 48.24
N ILE F 54 -27.60 15.38 47.67
CA ILE F 54 -28.85 14.81 48.19
C ILE F 54 -28.64 14.26 49.59
N GLY F 55 -27.46 13.69 49.86
CA GLY F 55 -27.17 13.19 51.19
C GLY F 55 -27.04 14.28 52.24
N LYS F 56 -26.90 15.54 51.80
CA LYS F 56 -26.79 16.63 52.76
C LYS F 56 -28.04 16.74 53.62
N THR F 57 -29.22 16.59 53.02
CA THR F 57 -30.46 16.64 53.76
C THR F 57 -30.73 15.30 54.44
N ALA F 58 -31.24 15.37 55.67
CA ALA F 58 -31.57 14.18 56.42
C ALA F 58 -32.98 13.70 56.10
N LEU F 59 -33.26 12.46 56.48
CA LEU F 59 -34.56 11.86 56.18
C LEU F 59 -35.64 12.49 57.04
N LEU F 60 -36.88 12.30 56.60
CA LEU F 60 -38.06 12.82 57.28
C LEU F 60 -38.86 11.68 57.88
N ASN F 61 -39.34 11.89 59.11
CA ASN F 61 -40.14 10.89 59.79
C ASN F 61 -41.62 11.15 59.50
N ALA F 62 -42.47 10.23 59.97
CA ALA F 62 -43.91 10.37 59.72
C ALA F 62 -44.44 11.66 60.33
N ALA F 63 -44.02 11.98 61.56
CA ALA F 63 -44.45 13.22 62.18
C ALA F 63 -43.97 14.43 61.37
N GLY F 64 -42.73 14.38 60.89
CA GLY F 64 -42.24 15.47 60.06
C GLY F 64 -43.00 15.58 58.74
N GLU F 65 -43.25 14.44 58.10
CA GLU F 65 -43.94 14.45 56.81
C GLU F 65 -45.31 15.08 56.92
N VAL F 66 -46.08 14.70 57.95
CA VAL F 66 -47.42 15.26 58.11
C VAL F 66 -47.33 16.75 58.44
N GLU F 67 -46.39 17.13 59.30
CA GLU F 67 -46.23 18.54 59.65
C GLU F 67 -45.90 19.37 58.42
N LEU F 68 -44.94 18.90 57.62
CA LEU F 68 -44.60 19.61 56.39
C LEU F 68 -45.77 19.65 55.43
N ALA F 69 -46.51 18.54 55.32
CA ALA F 69 -47.67 18.51 54.45
C ALA F 69 -48.71 19.53 54.88
N LYS F 70 -48.94 19.66 56.18
CA LYS F 70 -49.88 20.67 56.66
C LYS F 70 -49.37 22.08 56.38
N ARG F 71 -48.07 22.30 56.59
CA ARG F 71 -47.50 23.63 56.35
C ARG F 71 -47.64 24.03 54.88
N ILE F 72 -47.28 23.12 53.97
CA ILE F 72 -47.33 23.44 52.55
C ILE F 72 -48.77 23.67 52.12
N GLU F 73 -49.70 22.85 52.61
CA GLU F 73 -51.10 23.04 52.26
C GLU F 73 -51.59 24.41 52.71
N ALA F 74 -51.22 24.82 53.92
CA ALA F 74 -51.58 26.15 54.40
C ALA F 74 -50.98 27.23 53.50
N GLY F 75 -49.72 27.05 53.09
CA GLY F 75 -49.10 28.01 52.20
C GLY F 75 -49.84 28.12 50.88
N LEU F 76 -50.24 26.99 50.30
CA LEU F 76 -51.03 27.03 49.07
C LEU F 76 -52.38 27.71 49.32
N TYR F 77 -53.03 27.38 50.44
CA TYR F 77 -54.29 28.04 50.77
C TYR F 77 -54.08 29.53 50.99
N ALA F 78 -52.98 29.90 51.66
CA ALA F 78 -52.68 31.32 51.83
C ALA F 78 -52.45 32.00 50.48
N GLU F 79 -51.72 31.35 49.57
CA GLU F 79 -51.51 31.93 48.25
C GLU F 79 -52.82 32.04 47.49
N HIS F 80 -53.69 31.04 47.63
CA HIS F 80 -55.02 31.13 47.03
C HIS F 80 -55.79 32.32 47.59
N LEU F 81 -55.69 32.56 48.90
CA LEU F 81 -56.43 33.66 49.51
C LEU F 81 -55.95 35.01 49.03
N LEU F 82 -54.71 35.09 48.51
CA LEU F 82 -54.18 36.38 48.09
C LEU F 82 -55.04 37.03 47.02
N GLU F 83 -55.52 36.24 46.05
CA GLU F 83 -56.23 36.78 44.90
C GLU F 83 -57.73 36.95 45.13
N THR F 84 -58.25 36.56 46.29
CA THR F 84 -59.67 36.66 46.57
C THR F 84 -60.00 37.61 47.71
N ARG F 85 -59.00 38.14 48.43
CA ARG F 85 -59.25 39.08 49.52
C ARG F 85 -59.40 40.48 48.91
N LYS F 86 -60.60 40.74 48.40
CA LYS F 86 -60.84 42.03 47.74
C LYS F 86 -60.72 43.18 48.73
N ARG F 87 -61.20 42.99 49.95
CA ARG F 87 -61.02 43.98 51.02
C ARG F 87 -59.73 43.67 51.78
N LEU F 88 -58.64 43.61 51.02
CA LEU F 88 -57.35 43.16 51.52
C LEU F 88 -57.03 43.76 52.88
N GLY F 89 -56.66 42.89 53.82
CA GLY F 89 -56.20 43.34 55.11
C GLY F 89 -54.78 43.87 55.04
N GLU F 90 -54.39 44.58 56.09
CA GLU F 90 -53.06 45.21 56.12
C GLU F 90 -52.03 44.33 56.81
N ASN F 91 -52.24 44.03 58.10
CA ASN F 91 -51.28 43.21 58.82
C ASN F 91 -51.38 41.74 58.41
N ARG F 92 -52.61 41.24 58.23
CA ARG F 92 -52.78 39.87 57.77
C ARG F 92 -52.18 39.66 56.40
N LYS F 93 -52.12 40.72 55.58
CA LYS F 93 -51.48 40.60 54.27
C LYS F 93 -50.00 40.24 54.42
N ARG F 94 -49.28 40.94 55.31
CA ARG F 94 -47.90 40.58 55.58
C ARG F 94 -47.81 39.19 56.19
N ASP F 95 -48.71 38.87 57.12
CA ASP F 95 -48.72 37.54 57.71
C ASP F 95 -48.98 36.47 56.66
N LEU F 96 -49.93 36.73 55.75
CA LEU F 96 -50.22 35.78 54.68
C LEU F 96 -49.00 35.60 53.77
N ALA F 97 -48.32 36.70 53.44
CA ALA F 97 -47.11 36.59 52.64
C ALA F 97 -46.04 35.78 53.36
N ALA F 98 -45.88 36.01 54.67
CA ALA F 98 -44.90 35.24 55.42
C ALA F 98 -45.22 33.75 55.40
N VAL F 99 -46.50 33.41 55.55
CA VAL F 99 -46.90 32.00 55.48
C VAL F 99 -46.60 31.44 54.10
N VAL F 100 -46.82 32.24 53.05
CA VAL F 100 -46.53 31.77 51.69
C VAL F 100 -45.05 31.44 51.56
N ARG F 101 -44.17 32.30 52.08
CA ARG F 101 -42.76 31.97 52.07
C ARG F 101 -42.49 30.71 52.89
N ASP F 102 -43.14 30.58 54.04
CA ASP F 102 -42.95 29.38 54.85
C ASP F 102 -43.40 28.13 54.10
N GLY F 103 -44.55 28.20 53.42
CA GLY F 103 -45.01 27.06 52.64
C GLY F 103 -44.05 26.71 51.53
N GLU F 104 -43.52 27.71 50.84
CA GLU F 104 -42.52 27.46 49.81
C GLU F 104 -41.26 26.84 50.40
N ALA F 105 -40.84 27.32 51.57
CA ALA F 105 -39.69 26.72 52.25
C ALA F 105 -39.96 25.26 52.58
N ALA F 106 -41.16 24.96 53.06
CA ALA F 106 -41.51 23.57 53.35
C ALA F 106 -41.48 22.73 52.08
N ARG F 107 -41.99 23.27 50.97
CA ARG F 107 -41.96 22.53 49.72
C ARG F 107 -40.54 22.17 49.33
N ARG F 108 -39.61 23.14 49.42
CA ARG F 108 -38.22 22.85 49.08
C ARG F 108 -37.64 21.80 50.01
N HIS F 109 -37.89 21.93 51.31
CA HIS F 109 -37.32 20.96 52.26
C HIS F 109 -37.86 19.57 52.01
N LEU F 110 -39.17 19.45 51.74
CA LEU F 110 -39.75 18.15 51.45
C LEU F 110 -39.13 17.53 50.21
N LEU F 111 -39.00 18.32 49.14
CA LEU F 111 -38.40 17.81 47.92
C LEU F 111 -36.97 17.36 48.16
N GLU F 112 -36.18 18.18 48.85
CA GLU F 112 -34.78 17.83 49.10
C GLU F 112 -34.68 16.50 49.84
N ALA F 113 -35.50 16.31 50.86
CA ALA F 113 -35.46 15.05 51.62
C ALA F 113 -35.85 13.88 50.73
N ASN F 114 -36.85 14.05 49.87
CA ASN F 114 -37.40 12.95 49.10
C ASN F 114 -36.59 12.62 47.85
N LEU F 115 -35.57 13.41 47.51
CA LEU F 115 -34.78 13.12 46.32
C LEU F 115 -34.17 11.73 46.38
N ARG F 116 -33.90 11.23 47.59
CA ARG F 116 -33.26 9.92 47.71
C ARG F 116 -34.15 8.82 47.15
N LEU F 117 -35.46 8.89 47.37
CA LEU F 117 -36.36 7.92 46.77
C LEU F 117 -36.19 7.90 45.26
N VAL F 118 -36.11 9.08 44.64
CA VAL F 118 -35.99 9.15 43.19
C VAL F 118 -34.75 8.41 42.72
N VAL F 119 -33.62 8.63 43.40
CA VAL F 119 -32.38 7.95 43.02
C VAL F 119 -32.53 6.45 43.23
N SER F 120 -33.18 6.05 44.32
CA SER F 120 -33.37 4.62 44.59
C SER F 120 -34.25 3.96 43.53
N LEU F 121 -35.10 4.74 42.87
CA LEU F 121 -35.94 4.17 41.81
C LEU F 121 -35.27 4.28 40.44
N ALA F 122 -34.53 5.35 40.20
CA ALA F 122 -33.86 5.53 38.92
C ALA F 122 -32.68 4.58 38.72
N LYS F 123 -32.10 4.08 39.80
CA LYS F 123 -30.94 3.20 39.67
C LYS F 123 -31.26 1.94 38.87
N ARG F 124 -32.49 1.44 38.98
CA ARG F 124 -32.83 0.15 38.41
C ARG F 124 -33.01 0.18 36.90
N TYR F 125 -33.11 1.37 36.29
CA TYR F 125 -33.34 1.50 34.86
C TYR F 125 -32.06 1.80 34.08
N THR F 126 -30.92 1.83 34.74
CA THR F 126 -29.68 2.18 34.06
C THR F 126 -29.33 1.14 33.00
N GLY F 127 -28.38 1.51 32.13
CA GLY F 127 -27.90 0.60 31.11
C GLY F 127 -28.89 0.31 30.01
N ARG F 128 -29.91 1.16 29.84
CA ARG F 128 -30.96 0.96 28.86
C ARG F 128 -30.99 2.11 27.85
N GLY F 129 -29.82 2.58 27.46
CA GLY F 129 -29.72 3.65 26.47
C GLY F 129 -29.88 5.05 27.02
N MET F 130 -29.97 5.21 28.34
CA MET F 130 -30.12 6.53 28.96
C MET F 130 -29.12 6.65 30.09
N PRO F 131 -28.34 7.74 30.14
CA PRO F 131 -27.38 7.89 31.24
C PRO F 131 -28.10 7.89 32.59
N LEU F 132 -27.41 7.34 33.60
CA LEU F 132 -28.00 7.26 34.93
C LEU F 132 -28.39 8.64 35.43
N LEU F 133 -27.49 9.61 35.33
CA LEU F 133 -27.78 10.94 35.84
C LEU F 133 -28.96 11.58 35.11
N ASP F 134 -29.11 11.25 33.82
CA ASP F 134 -30.28 11.74 33.09
C ASP F 134 -31.56 11.13 33.65
N LEU F 135 -31.53 9.83 33.98
CA LEU F 135 -32.70 9.19 34.57
C LEU F 135 -33.07 9.87 35.89
N ILE F 136 -32.08 10.19 36.71
CA ILE F 136 -32.35 10.80 38.00
C ILE F 136 -33.06 12.14 37.82
N GLN F 137 -32.63 12.93 36.83
CA GLN F 137 -33.29 14.20 36.57
C GLN F 137 -34.72 14.00 36.11
N GLU F 138 -34.97 13.01 35.26
CA GLU F 138 -36.33 12.72 34.84
C GLU F 138 -37.19 12.31 36.04
N GLY F 139 -36.63 11.47 36.92
CA GLY F 139 -37.35 11.10 38.12
C GLY F 139 -37.66 12.31 39.00
N ASN F 140 -36.69 13.22 39.13
CA ASN F 140 -36.92 14.43 39.91
C ASN F 140 -38.09 15.23 39.35
N LEU F 141 -38.23 15.26 38.03
CA LEU F 141 -39.41 15.87 37.42
C LEU F 141 -40.67 15.15 37.88
N GLY F 142 -40.61 13.81 37.95
CA GLY F 142 -41.75 13.07 38.46
C GLY F 142 -42.04 13.40 39.92
N LEU F 143 -40.99 13.62 40.71
CA LEU F 143 -41.18 13.92 42.12
C LEU F 143 -41.94 15.22 42.31
N ILE F 144 -41.51 16.28 41.63
CA ILE F 144 -42.21 17.56 41.74
C ILE F 144 -43.64 17.42 41.25
N ARG F 145 -43.85 16.66 40.17
CA ARG F 145 -45.21 16.45 39.68
C ARG F 145 -46.06 15.73 40.71
N ALA F 146 -45.51 14.69 41.35
CA ALA F 146 -46.27 13.97 42.36
C ALA F 146 -46.56 14.86 43.56
N MET F 147 -45.55 15.60 44.02
CA MET F 147 -45.75 16.50 45.16
C MET F 147 -46.82 17.53 44.84
N GLU F 148 -46.90 17.98 43.59
CA GLU F 148 -47.92 18.93 43.19
C GLU F 148 -49.33 18.42 43.46
N LYS F 149 -49.51 17.09 43.49
CA LYS F 149 -50.82 16.49 43.69
C LYS F 149 -50.88 15.63 44.95
N PHE F 150 -49.90 15.77 45.84
CA PHE F 150 -49.85 14.94 47.04
C PHE F 150 -50.95 15.35 48.02
N ASP F 151 -51.51 14.37 48.71
CA ASP F 151 -52.52 14.59 49.73
C ASP F 151 -52.14 13.81 50.98
N TYR F 152 -52.22 14.48 52.13
CA TYR F 152 -51.89 13.85 53.41
C TYR F 152 -53.12 13.38 54.17
N THR F 153 -54.33 13.73 53.71
CA THR F 153 -55.53 13.38 54.46
C THR F 153 -55.74 11.87 54.52
N LYS F 154 -55.26 11.14 53.51
CA LYS F 154 -55.43 9.69 53.51
C LYS F 154 -54.57 9.01 54.57
N GLY F 155 -53.58 9.70 55.11
CA GLY F 155 -52.73 9.12 56.14
C GLY F 155 -51.65 8.20 55.62
N PHE F 156 -51.48 8.08 54.31
CA PHE F 156 -50.47 7.21 53.73
C PHE F 156 -49.14 7.96 53.61
N LYS F 157 -48.05 7.20 53.77
CA LYS F 157 -46.73 7.78 53.64
C LYS F 157 -46.51 8.30 52.21
N PHE F 158 -45.77 9.40 52.12
CA PHE F 158 -45.52 10.02 50.81
C PHE F 158 -44.80 9.08 49.87
N SER F 159 -43.99 8.16 50.40
CA SER F 159 -43.21 7.28 49.55
C SER F 159 -44.09 6.40 48.68
N THR F 160 -45.16 5.85 49.27
CA THR F 160 -46.01 4.94 48.52
C THR F 160 -46.68 5.64 47.34
N TYR F 161 -47.16 6.87 47.55
CA TYR F 161 -47.83 7.59 46.47
C TYR F 161 -46.83 8.12 45.45
N ALA F 162 -45.65 8.53 45.89
CA ALA F 162 -44.66 9.09 44.98
C ALA F 162 -44.06 8.04 44.05
N THR F 163 -43.88 6.81 44.56
CA THR F 163 -43.19 5.79 43.77
C THR F 163 -43.87 5.57 42.43
N TRP F 164 -45.21 5.54 42.40
CA TRP F 164 -45.91 5.32 41.15
C TRP F 164 -45.61 6.43 40.15
N TRP F 165 -45.65 7.68 40.59
CA TRP F 165 -45.37 8.79 39.70
C TRP F 165 -43.92 8.78 39.23
N ILE F 166 -43.00 8.60 40.17
CA ILE F 166 -41.55 8.54 39.80
C ILE F 166 -41.44 7.48 38.70
N ARG F 167 -41.95 6.28 38.97
CA ARG F 167 -41.93 5.21 37.93
C ARG F 167 -42.50 5.77 36.63
N GLN F 168 -43.71 6.34 36.67
CA GLN F 168 -44.36 6.82 35.43
C GLN F 168 -43.44 7.81 34.73
N ALA F 169 -42.98 8.84 35.45
CA ALA F 169 -42.17 9.87 34.78
C ALA F 169 -40.94 9.23 34.14
N ILE F 170 -40.20 8.41 34.88
CA ILE F 170 -38.93 7.85 34.32
C ILE F 170 -39.27 7.04 33.06
N THR F 171 -40.28 6.17 33.12
CA THR F 171 -40.56 5.31 31.96
C THR F 171 -40.98 6.16 30.76
N ARG F 172 -41.74 7.23 30.99
CA ARG F 172 -42.13 8.12 29.87
C ARG F 172 -40.86 8.75 29.28
N GLY F 173 -40.05 9.38 30.13
CA GLY F 173 -38.79 9.97 29.67
C GLY F 173 -38.04 8.97 28.82
N MET F 174 -37.79 7.77 29.35
CA MET F 174 -36.98 6.82 28.59
C MET F 174 -37.60 6.55 27.23
N ALA F 175 -38.92 6.42 27.15
CA ALA F 175 -39.57 6.11 25.88
C ALA F 175 -39.36 7.24 24.88
N ASP F 176 -39.50 8.49 25.33
CA ASP F 176 -39.42 9.61 24.40
C ASP F 176 -37.99 9.91 23.97
N GLN F 177 -37.03 9.79 24.89
CA GLN F 177 -35.68 10.29 24.64
C GLN F 177 -34.68 9.20 24.26
N SER F 178 -34.84 7.99 24.79
CA SER F 178 -33.77 6.99 24.65
C SER F 178 -33.43 6.66 23.21
N ARG F 179 -34.35 6.87 22.28
CA ARG F 179 -34.15 6.50 20.88
C ARG F 179 -33.93 7.74 20.03
N THR F 180 -32.95 7.65 19.13
CA THR F 180 -32.64 8.79 18.27
C THR F 180 -33.80 9.11 17.34
N ILE F 181 -34.44 8.09 16.78
CA ILE F 181 -35.63 8.25 15.96
C ILE F 181 -36.82 8.01 16.90
N ARG F 182 -37.42 9.09 17.37
CA ARG F 182 -38.45 9.01 18.42
C ARG F 182 -39.63 8.21 17.90
N LEU F 183 -39.90 7.06 18.53
CA LEU F 183 -41.07 6.27 18.23
C LEU F 183 -42.22 6.63 19.16
N PRO F 184 -43.47 6.39 18.76
CA PRO F 184 -44.58 6.64 19.66
C PRO F 184 -44.50 5.76 20.90
N VAL F 185 -45.06 6.26 21.99
CA VAL F 185 -45.03 5.52 23.25
C VAL F 185 -45.72 4.17 23.07
N HIS F 186 -46.81 4.14 22.29
CA HIS F 186 -47.49 2.87 22.02
C HIS F 186 -46.53 1.84 21.46
N LEU F 187 -45.72 2.23 20.47
CA LEU F 187 -44.75 1.30 19.91
C LEU F 187 -43.72 0.87 20.95
N VAL F 188 -43.28 1.79 21.80
CA VAL F 188 -42.29 1.46 22.81
C VAL F 188 -42.85 0.40 23.76
N GLU F 189 -44.08 0.57 24.20
CA GLU F 189 -44.69 -0.41 25.08
C GLU F 189 -44.82 -1.75 24.39
N GLN F 190 -45.21 -1.74 23.11
CA GLN F 190 -45.35 -3.00 22.38
C GLN F 190 -44.01 -3.68 22.18
N VAL F 191 -42.96 -2.92 21.91
CA VAL F 191 -41.64 -3.50 21.73
C VAL F 191 -41.19 -4.17 23.03
N ASN F 192 -41.36 -3.50 24.15
CA ASN F 192 -40.96 -4.08 25.44
C ASN F 192 -41.76 -5.35 25.73
N LYS F 193 -43.06 -5.33 25.44
CA LYS F 193 -43.88 -6.53 25.61
C LYS F 193 -43.31 -7.68 24.81
N LEU F 194 -43.00 -7.45 23.54
CA LEU F 194 -42.47 -8.52 22.70
C LEU F 194 -41.12 -9.02 23.21
N ALA F 195 -40.24 -8.10 23.64
CA ALA F 195 -38.93 -8.50 24.12
C ALA F 195 -39.05 -9.37 25.37
N ARG F 196 -39.92 -8.98 26.30
CA ARG F 196 -40.13 -9.78 27.50
C ARG F 196 -40.71 -11.14 27.14
N ILE F 197 -41.70 -11.17 26.24
CA ILE F 197 -42.29 -12.44 25.84
C ILE F 197 -41.25 -13.32 25.15
N LYS F 198 -40.44 -12.73 24.28
CA LYS F 198 -39.42 -13.51 23.58
C LYS F 198 -38.45 -14.16 24.56
N ARG F 199 -38.03 -13.42 25.59
CA ARG F 199 -37.12 -13.98 26.58
C ARG F 199 -37.76 -15.16 27.29
N GLU F 200 -39.00 -15.00 27.75
CA GLU F 200 -39.66 -16.07 28.49
C GLU F 200 -39.90 -17.29 27.62
N MET F 201 -40.38 -17.07 26.39
CA MET F 201 -40.63 -18.20 25.49
C MET F 201 -39.35 -18.94 25.16
N HIS F 202 -38.26 -18.21 24.93
CA HIS F 202 -36.99 -18.85 24.62
C HIS F 202 -36.51 -19.71 25.79
N GLN F 203 -36.68 -19.21 27.03
CA GLN F 203 -36.27 -19.99 28.19
C GLN F 203 -37.08 -21.28 28.29
N HIS F 204 -38.40 -21.19 28.07
CA HIS F 204 -39.23 -22.39 28.12
C HIS F 204 -38.89 -23.34 26.98
N LEU F 205 -38.79 -22.82 25.77
CA LEU F 205 -38.47 -23.67 24.62
C LEU F 205 -37.05 -24.21 24.70
N GLY F 206 -36.11 -23.40 25.19
CA GLY F 206 -34.71 -23.72 25.11
C GLY F 206 -34.07 -23.36 23.79
N ARG F 207 -34.84 -22.84 22.84
CA ARG F 207 -34.35 -22.44 21.53
C ARG F 207 -35.13 -21.21 21.09
N GLU F 208 -34.49 -20.38 20.28
CA GLU F 208 -35.14 -19.15 19.82
C GLU F 208 -36.40 -19.50 19.04
N ALA F 209 -37.45 -18.70 19.25
CA ALA F 209 -38.76 -18.93 18.65
C ALA F 209 -38.91 -18.10 17.39
N THR F 210 -39.75 -18.59 16.48
CA THR F 210 -40.02 -17.90 15.24
C THR F 210 -41.08 -16.83 15.45
N ASP F 211 -41.36 -16.07 14.38
CA ASP F 211 -42.40 -15.05 14.45
C ASP F 211 -43.76 -15.66 14.72
N GLU F 212 -44.06 -16.81 14.09
CA GLU F 212 -45.36 -17.44 14.30
C GLU F 212 -45.52 -17.87 15.75
N GLU F 213 -44.48 -18.49 16.34
CA GLU F 213 -44.57 -18.90 17.72
C GLU F 213 -44.74 -17.71 18.65
N LEU F 214 -44.01 -16.63 18.40
CA LEU F 214 -44.17 -15.41 19.19
C LEU F 214 -45.58 -14.84 19.02
N ALA F 215 -46.11 -14.89 17.80
CA ALA F 215 -47.47 -14.40 17.58
C ALA F 215 -48.47 -15.17 18.42
N ALA F 216 -48.34 -16.50 18.47
CA ALA F 216 -49.24 -17.30 19.28
C ALA F 216 -49.10 -16.95 20.76
N GLU F 217 -47.87 -16.74 21.22
CA GLU F 217 -47.65 -16.42 22.63
C GLU F 217 -48.15 -15.01 22.95
N SER F 218 -47.84 -14.04 22.10
CA SER F 218 -48.18 -12.65 22.36
C SER F 218 -49.50 -12.22 21.75
N GLY F 219 -50.13 -13.07 20.93
CA GLY F 219 -51.38 -12.70 20.29
C GLY F 219 -51.24 -11.48 19.40
N ILE F 220 -50.15 -11.39 18.65
CA ILE F 220 -49.89 -10.27 17.75
C ILE F 220 -49.80 -10.80 16.33
N PRO F 221 -50.28 -10.07 15.32
CA PRO F 221 -50.13 -10.54 13.95
C PRO F 221 -48.67 -10.72 13.57
N ILE F 222 -48.41 -11.73 12.74
CA ILE F 222 -47.03 -12.07 12.40
C ILE F 222 -46.36 -10.90 11.68
N ASP F 223 -47.06 -10.29 10.73
CA ASP F 223 -46.49 -9.13 10.03
C ASP F 223 -46.24 -7.98 10.99
N LYS F 224 -47.16 -7.76 11.94
CA LYS F 224 -46.95 -6.72 12.93
C LYS F 224 -45.68 -6.99 13.73
N ILE F 225 -45.43 -8.25 14.08
CA ILE F 225 -44.22 -8.59 14.81
C ILE F 225 -42.98 -8.28 13.98
N ASN F 226 -43.02 -8.61 12.69
CA ASN F 226 -41.87 -8.32 11.83
C ASN F 226 -41.61 -6.82 11.76
N ASP F 227 -42.66 -6.02 11.59
CA ASP F 227 -42.49 -4.57 11.57
C ASP F 227 -42.01 -4.07 12.92
N LEU F 228 -42.55 -4.60 14.02
CA LEU F 228 -42.14 -4.17 15.34
C LEU F 228 -40.67 -4.48 15.60
N LEU F 229 -40.22 -5.66 15.17
CA LEU F 229 -38.81 -6.01 15.33
C LEU F 229 -37.92 -5.02 14.58
N GLU F 230 -38.32 -4.64 13.36
CA GLU F 230 -37.53 -3.69 12.59
C GLU F 230 -37.42 -2.35 13.31
N HIS F 231 -38.52 -1.90 13.93
CA HIS F 231 -38.47 -0.66 14.71
C HIS F 231 -37.51 -0.79 15.88
N SER F 232 -37.46 -1.97 16.51
CA SER F 232 -36.60 -2.16 17.66
C SER F 232 -35.13 -1.97 17.33
N ARG F 233 -34.74 -2.05 16.06
CA ARG F 233 -33.34 -1.91 15.69
C ARG F 233 -32.81 -0.54 16.09
N ASP F 234 -31.63 -0.53 16.70
CA ASP F 234 -30.94 0.73 17.01
C ASP F 234 -30.02 1.10 15.85
N PRO F 235 -30.15 2.30 15.28
CA PRO F 235 -29.40 2.60 14.05
C PRO F 235 -27.91 2.50 14.25
N VAL F 236 -27.22 2.00 13.21
CA VAL F 236 -25.77 1.92 13.24
C VAL F 236 -25.18 3.32 13.12
N SER F 237 -23.92 3.44 13.53
CA SER F 237 -23.19 4.70 13.47
C SER F 237 -22.29 4.73 12.25
N LEU F 238 -22.27 5.88 11.57
CA LEU F 238 -21.47 5.99 10.35
C LEU F 238 -19.98 6.08 10.66
N ASP F 239 -19.63 6.58 11.85
CA ASP F 239 -18.22 6.76 12.18
C ASP F 239 -17.49 5.44 12.44
N MET F 240 -18.22 4.35 12.59
CA MET F 240 -17.59 3.06 12.85
C MET F 240 -16.76 2.63 11.64
N PRO F 241 -15.46 2.37 11.80
CA PRO F 241 -14.68 1.86 10.68
C PRO F 241 -15.22 0.52 10.18
N VAL F 242 -15.17 0.34 8.87
CA VAL F 242 -15.73 -0.85 8.22
C VAL F 242 -14.58 -1.73 7.75
N GLY F 243 -14.60 -2.99 8.17
CA GLY F 243 -13.63 -3.97 7.73
C GLY F 243 -12.19 -3.54 7.86
N SER F 244 -11.93 -2.52 8.68
CA SER F 244 -10.59 -1.97 8.83
C SER F 244 -10.01 -1.59 7.46
N GLU F 245 -10.86 -1.06 6.59
CA GLU F 245 -10.46 -0.68 5.24
C GLU F 245 -9.80 0.69 5.29
N GLU F 246 -8.50 0.69 5.60
CA GLU F 246 -7.74 1.93 5.70
C GLU F 246 -8.38 2.90 6.67
N GLU F 247 -8.87 2.37 7.79
CA GLU F 247 -9.53 3.17 8.82
C GLU F 247 -10.49 4.19 8.21
N ALA F 248 -11.30 3.70 7.26
CA ALA F 248 -12.27 4.55 6.58
C ALA F 248 -13.64 4.39 7.20
N PRO F 249 -14.27 5.44 7.72
CA PRO F 249 -15.60 5.30 8.30
C PRO F 249 -16.62 4.85 7.26
N LEU F 250 -17.63 4.14 7.75
CA LEU F 250 -18.67 3.62 6.86
C LEU F 250 -19.33 4.74 6.07
N GLY F 251 -19.37 5.95 6.64
CA GLY F 251 -20.02 7.06 5.94
C GLY F 251 -19.30 7.48 4.68
N ASP F 252 -18.01 7.18 4.59
CA ASP F 252 -17.25 7.55 3.39
C ASP F 252 -17.77 6.81 2.17
N PHE F 253 -18.13 5.54 2.32
CA PHE F 253 -18.56 4.72 1.19
C PHE F 253 -19.99 4.98 0.78
N ILE F 254 -20.77 5.71 1.59
CA ILE F 254 -22.15 5.99 1.23
C ILE F 254 -22.20 6.79 -0.07
N GLU F 255 -23.03 6.36 -1.00
CA GLU F 255 -23.16 6.99 -2.30
C GLU F 255 -24.31 7.98 -2.29
N ASP F 256 -24.02 9.23 -2.63
CA ASP F 256 -25.07 10.23 -2.75
C ASP F 256 -26.09 9.81 -3.80
N ALA F 257 -25.63 9.52 -5.01
CA ALA F 257 -26.45 8.96 -6.07
C ALA F 257 -27.84 9.58 -6.10
N GLU F 258 -27.87 10.92 -6.12
CA GLU F 258 -29.13 11.66 -6.15
C GLU F 258 -28.79 13.14 -6.31
N ALA F 259 -29.84 13.96 -6.37
CA ALA F 259 -29.71 15.41 -6.45
C ALA F 259 -28.99 15.85 -7.72
N MET F 260 -29.54 15.45 -8.87
CA MET F 260 -29.11 15.97 -10.16
C MET F 260 -30.05 17.13 -10.53
N SER F 261 -29.78 18.28 -9.92
CA SER F 261 -30.68 19.42 -10.04
C SER F 261 -30.80 19.87 -11.49
N ALA F 262 -29.69 19.89 -12.22
CA ALA F 262 -29.72 20.33 -13.62
C ALA F 262 -30.64 19.45 -14.45
N GLU F 263 -30.54 18.14 -14.29
CA GLU F 263 -31.40 17.23 -15.03
C GLU F 263 -32.86 17.41 -14.63
N ASN F 264 -33.13 17.54 -13.34
CA ASN F 264 -34.52 17.64 -12.88
C ASN F 264 -35.19 18.90 -13.44
N ALA F 265 -34.49 20.03 -13.42
CA ALA F 265 -35.10 21.29 -13.84
C ALA F 265 -35.53 21.24 -15.30
N VAL F 266 -34.65 20.75 -16.18
CA VAL F 266 -34.97 20.74 -17.60
C VAL F 266 -36.13 19.80 -17.86
N ILE F 267 -36.12 18.61 -17.25
CA ILE F 267 -37.21 17.66 -17.45
C ILE F 267 -38.52 18.24 -16.93
N ALA F 268 -38.48 18.84 -15.74
CA ALA F 268 -39.69 19.42 -15.17
C ALA F 268 -40.23 20.54 -16.04
N GLU F 269 -39.35 21.42 -16.52
CA GLU F 269 -39.77 22.51 -17.38
C GLU F 269 -40.41 21.97 -18.66
N LEU F 270 -39.73 21.04 -19.32
CA LEU F 270 -40.22 20.54 -20.60
C LEU F 270 -41.56 19.83 -20.45
N LEU F 271 -41.63 18.86 -19.54
CA LEU F 271 -42.83 18.03 -19.43
C LEU F 271 -44.03 18.86 -18.96
N HIS F 272 -43.84 19.65 -17.91
CA HIS F 272 -44.95 20.42 -17.38
C HIS F 272 -45.47 21.43 -18.40
N THR F 273 -44.55 22.13 -19.08
CA THR F 273 -44.97 23.09 -20.09
C THR F 273 -45.66 22.39 -21.26
N ASP F 274 -45.14 21.23 -21.67
CA ASP F 274 -45.73 20.51 -22.80
C ASP F 274 -47.16 20.10 -22.48
N ILE F 275 -47.40 19.53 -21.30
CA ILE F 275 -48.74 19.08 -20.95
C ILE F 275 -49.69 20.27 -20.83
N ARG F 276 -49.22 21.37 -20.23
CA ARG F 276 -50.06 22.55 -20.10
C ARG F 276 -50.44 23.10 -21.47
N SER F 277 -49.47 23.20 -22.37
CA SER F 277 -49.76 23.69 -23.72
C SER F 277 -50.69 22.75 -24.47
N VAL F 278 -50.45 21.44 -24.34
CA VAL F 278 -51.29 20.46 -25.03
C VAL F 278 -52.72 20.53 -24.50
N LEU F 279 -52.87 20.61 -23.17
CA LEU F 279 -54.21 20.75 -22.60
C LEU F 279 -54.86 22.04 -23.06
N ALA F 280 -54.07 23.11 -23.21
CA ALA F 280 -54.62 24.36 -23.72
C ALA F 280 -55.12 24.19 -25.14
N THR F 281 -54.38 23.47 -25.98
CA THR F 281 -54.83 23.23 -27.36
C THR F 281 -56.14 22.46 -27.38
N LEU F 282 -56.39 21.63 -26.38
CA LEU F 282 -57.66 20.94 -26.28
C LEU F 282 -58.76 21.91 -25.89
N ASP F 283 -59.98 21.39 -25.74
CA ASP F 283 -61.09 22.21 -25.30
C ASP F 283 -60.77 22.81 -23.94
N GLU F 284 -61.01 24.11 -23.79
CA GLU F 284 -60.67 24.79 -22.55
C GLU F 284 -61.44 24.21 -21.37
N ARG F 285 -62.73 23.92 -21.57
CA ARG F 285 -63.49 23.28 -20.50
C ARG F 285 -62.90 21.93 -20.14
N GLU F 286 -62.48 21.16 -21.14
CA GLU F 286 -61.80 19.89 -20.85
C GLU F 286 -60.50 20.13 -20.10
N HIS F 287 -59.79 21.23 -20.40
CA HIS F 287 -58.60 21.57 -19.66
C HIS F 287 -58.93 21.78 -18.18
N GLN F 288 -60.03 22.48 -17.91
CA GLN F 288 -60.49 22.63 -16.54
C GLN F 288 -60.87 21.28 -15.94
N VAL F 289 -61.52 20.44 -16.74
CA VAL F 289 -61.89 19.10 -16.27
C VAL F 289 -60.64 18.33 -15.85
N ILE F 290 -59.58 18.39 -16.66
CA ILE F 290 -58.35 17.70 -16.31
C ILE F 290 -57.78 18.25 -15.02
N ARG F 291 -57.79 19.58 -14.87
CA ARG F 291 -57.27 20.19 -13.65
C ARG F 291 -58.06 19.75 -12.43
N LEU F 292 -59.39 19.67 -12.56
CA LEU F 292 -60.22 19.30 -11.41
C LEU F 292 -60.29 17.79 -11.23
N ARG F 293 -60.55 17.05 -12.30
CA ARG F 293 -60.52 15.59 -12.27
C ARG F 293 -59.23 15.11 -11.61
N PHE F 294 -58.16 15.89 -11.75
CA PHE F 294 -56.84 15.49 -11.30
C PHE F 294 -56.32 16.34 -10.15
N GLY F 295 -56.30 17.64 -10.31
CA GLY F 295 -55.68 18.53 -9.35
C GLY F 295 -54.36 19.12 -9.79
N LEU F 296 -54.21 19.42 -11.09
CA LEU F 296 -52.97 20.01 -11.57
C LEU F 296 -52.64 21.29 -10.82
N ASP F 297 -53.66 22.00 -10.34
CA ASP F 297 -53.49 23.24 -9.59
C ASP F 297 -53.71 23.05 -8.09
N ASP F 298 -54.83 22.44 -7.69
CA ASP F 298 -55.23 22.36 -6.29
C ASP F 298 -55.29 20.93 -5.78
N GLY F 299 -54.67 19.98 -6.47
CA GLY F 299 -54.76 18.60 -6.03
C GLY F 299 -56.20 18.13 -5.98
N GLN F 300 -56.47 17.21 -5.06
CA GLN F 300 -57.83 16.73 -4.85
C GLN F 300 -58.41 16.20 -6.15
N PRO F 301 -57.88 15.10 -6.69
CA PRO F 301 -58.43 14.55 -7.94
C PRO F 301 -59.91 14.25 -7.79
N ARG F 302 -60.72 14.98 -8.56
CA ARG F 302 -62.17 14.83 -8.48
C ARG F 302 -62.60 13.53 -9.15
N THR F 303 -63.38 12.72 -8.43
CA THR F 303 -63.86 11.48 -8.98
C THR F 303 -64.93 11.75 -10.04
N LEU F 304 -65.36 10.67 -10.71
CA LEU F 304 -66.33 10.82 -11.80
C LEU F 304 -67.62 11.46 -11.30
N ASP F 305 -68.17 10.96 -10.20
CA ASP F 305 -69.39 11.53 -9.65
C ASP F 305 -69.16 12.94 -9.14
N GLN F 306 -68.06 13.17 -8.43
CA GLN F 306 -67.80 14.48 -7.85
C GLN F 306 -67.64 15.55 -8.93
N ILE F 307 -66.83 15.26 -9.95
CA ILE F 307 -66.62 16.24 -11.01
C ILE F 307 -67.92 16.46 -11.79
N GLY F 308 -68.72 15.41 -11.96
CA GLY F 308 -70.02 15.59 -12.56
C GLY F 308 -70.90 16.52 -11.74
N LYS F 309 -70.84 16.40 -10.41
CA LYS F 309 -71.59 17.31 -9.56
C LYS F 309 -71.11 18.74 -9.72
N LEU F 310 -69.79 18.95 -9.77
CA LEU F 310 -69.26 20.29 -9.94
C LEU F 310 -69.68 20.89 -11.27
N PHE F 311 -69.59 20.10 -12.34
CA PHE F 311 -69.99 20.54 -13.67
C PHE F 311 -71.47 20.31 -13.94
N GLY F 312 -72.20 19.71 -13.01
CA GLY F 312 -73.60 19.42 -13.20
C GLY F 312 -73.89 18.18 -14.03
N LEU F 313 -72.86 17.46 -14.47
CA LEU F 313 -73.03 16.29 -15.31
C LEU F 313 -73.21 15.05 -14.45
N SER F 314 -73.35 13.90 -15.10
CA SER F 314 -73.54 12.63 -14.44
C SER F 314 -72.22 11.89 -14.28
N ARG F 315 -72.24 10.90 -13.39
CA ARG F 315 -71.02 10.12 -13.14
C ARG F 315 -70.59 9.35 -14.38
N GLU F 316 -71.53 8.97 -15.25
CA GLU F 316 -71.21 8.16 -16.41
C GLU F 316 -70.62 8.97 -17.56
N ARG F 317 -70.79 10.30 -17.54
CA ARG F 317 -70.28 11.11 -18.64
C ARG F 317 -68.77 11.28 -18.57
N VAL F 318 -68.18 11.16 -17.37
CA VAL F 318 -66.75 11.45 -17.21
C VAL F 318 -65.92 10.44 -17.98
N ARG F 319 -66.31 9.16 -17.95
CA ARG F 319 -65.55 8.14 -18.67
C ARG F 319 -65.45 8.48 -20.14
N GLN F 320 -66.56 8.85 -20.76
CA GLN F 320 -66.54 9.23 -22.17
C GLN F 320 -65.70 10.48 -22.40
N ILE F 321 -65.78 11.45 -21.48
CA ILE F 321 -64.97 12.66 -21.61
C ILE F 321 -63.49 12.30 -21.60
N GLU F 322 -63.08 11.44 -20.67
CA GLU F 322 -61.69 11.01 -20.63
C GLU F 322 -61.32 10.24 -21.90
N ARG F 323 -62.24 9.41 -22.40
CA ARG F 323 -61.97 8.69 -23.64
C ARG F 323 -61.72 9.66 -24.79
N ASP F 324 -62.48 10.74 -24.85
CA ASP F 324 -62.24 11.76 -25.88
C ASP F 324 -60.88 12.43 -25.68
N VAL F 325 -60.54 12.75 -24.43
CA VAL F 325 -59.29 13.44 -24.17
C VAL F 325 -58.10 12.57 -24.58
N MET F 326 -58.11 11.30 -24.17
CA MET F 326 -57.00 10.42 -24.51
C MET F 326 -56.90 10.22 -26.03
N SER F 327 -58.04 10.10 -26.70
CA SER F 327 -58.01 9.96 -28.15
C SER F 327 -57.42 11.19 -28.81
N LYS F 328 -57.82 12.38 -28.36
CA LYS F 328 -57.28 13.61 -28.93
C LYS F 328 -55.79 13.73 -28.67
N LEU F 329 -55.35 13.36 -27.46
CA LEU F 329 -53.94 13.53 -27.08
C LEU F 329 -53.00 12.65 -27.89
N ARG F 330 -53.51 11.59 -28.51
CA ARG F 330 -52.67 10.66 -29.26
C ARG F 330 -52.63 10.97 -30.76
N HIS F 331 -53.18 12.10 -31.18
CA HIS F 331 -53.20 12.49 -32.58
C HIS F 331 -52.76 13.94 -32.72
N GLY F 332 -52.21 14.26 -33.90
CA GLY F 332 -51.77 15.60 -34.18
C GLY F 332 -50.43 15.94 -33.54
N GLU F 333 -50.16 17.25 -33.47
CA GLU F 333 -48.90 17.71 -32.90
C GLU F 333 -48.77 17.32 -31.43
N ARG F 334 -49.87 16.99 -30.76
CA ARG F 334 -49.79 16.56 -29.36
C ARG F 334 -48.93 15.31 -29.23
N ALA F 335 -49.12 14.35 -30.13
CA ALA F 335 -48.28 13.15 -30.11
C ALA F 335 -46.82 13.49 -30.38
N ASP F 336 -46.57 14.36 -31.35
CA ASP F 336 -45.19 14.71 -31.70
C ASP F 336 -44.46 15.29 -30.50
N ARG F 337 -45.15 16.11 -29.70
CA ARG F 337 -44.52 16.70 -28.52
C ARG F 337 -44.34 15.69 -27.40
N LEU F 338 -45.34 14.84 -27.17
CA LEU F 338 -45.40 14.00 -25.98
C LEU F 338 -45.00 12.55 -26.24
N ARG F 339 -44.46 12.23 -27.42
CA ARG F 339 -44.03 10.87 -27.68
C ARG F 339 -42.94 10.43 -26.71
N SER F 340 -42.13 11.38 -26.23
CA SER F 340 -41.14 11.10 -25.20
C SER F 340 -41.80 11.15 -23.82
N TYR F 341 -40.99 11.15 -22.78
CA TYR F 341 -41.42 11.25 -21.37
C TYR F 341 -42.05 9.96 -20.85
N ALA F 342 -42.00 8.87 -21.62
CA ALA F 342 -42.60 7.63 -21.21
C ALA F 342 -41.54 6.66 -20.69
ZN ZN H . 20.63 37.18 -5.16
ZN ZN I . -45.44 24.94 1.28
MG MG J . 8.50 -3.81 -7.82
#